data_8Z40
#
_entry.id   8Z40
#
_cell.length_a   1.00
_cell.length_b   1.00
_cell.length_c   1.00
_cell.angle_alpha   90.00
_cell.angle_beta   90.00
_cell.angle_gamma   90.00
#
_symmetry.space_group_name_H-M   'P 1'
#
_entity_poly.entity_id   1
_entity_poly.type   'polypeptide(L)'
_entity_poly.pdbx_seq_one_letter_code
;MNVQAHLFVSLGTAPAIVPEAFLLPGARFVSVHVLTTERPDVTLIREFFRRHAPGVNLTITRVAGFQDLKSEEDHFRFEE
VMFRWFLASRTGPEQRFVCLTGGFKTMSAAMQKAATVLGAAEVFHVLADDCCVGPQGRLMPPSTLEEILWARDQGHLHWI
RLGPERGWPQLRRIAPEQFPLQVVEEKGDERRVQAEDRAFGTFLQDLLQRASRIAGAWEMLPELPFADLATWSEGELAWL
REPLDPRAPADQRWVAGLPKIELHCHLGGFATHGELLRRVRNAAENPGKLPPLEEPRLPEGWPLPAQPIPLAEYMKLGNA
NGTALLRDPGCLREQCRLLYRHLVDQGVCYAEVRCSPANYAEVRSPWDVLADIRAAFQECMEGARTAPGGLPACHVNLIL
IATRRASGDYRAAIARHLALAVTAAEHWRDENACRVVGVDLAGYEDEKTRAHYFREEFTAVHRCGLAVTVHAGENDDAEG
IWRAVFDLNARRLGHALSLGQSRELLRSVADRGIGVELCPYANLQIKGFRLDGSDRAGPADPRHEAHAPGPYPLLDYLRE
GVRVTVNTDNIGISAASLTDNLLLAARLCPGLTRLDLLHLQRHALETAFCTATQRLTLLRRISSGIPRPHHHHHH
;
_entity_poly.pdbx_strand_id   A,B,C,D,E,F
#
# COMPACT_ATOMS: atom_id res chain seq x y z
N VAL A 3 -41.21 37.86 -25.91
CA VAL A 3 -41.37 38.45 -27.24
C VAL A 3 -41.53 39.96 -27.12
N GLN A 4 -41.15 40.50 -25.98
CA GLN A 4 -41.23 41.94 -25.74
C GLN A 4 -40.22 42.65 -26.64
N ALA A 5 -40.71 43.30 -27.70
CA ALA A 5 -39.84 43.95 -28.69
C ALA A 5 -39.73 45.43 -28.37
N HIS A 6 -38.83 45.74 -27.44
CA HIS A 6 -38.52 47.14 -27.15
C HIS A 6 -37.82 47.77 -28.35
N LEU A 7 -38.32 48.92 -28.78
CA LEU A 7 -37.83 49.57 -29.99
C LEU A 7 -36.86 50.70 -29.63
N PHE A 8 -35.79 50.79 -30.41
CA PHE A 8 -34.75 51.81 -30.22
C PHE A 8 -34.59 52.55 -31.53
N VAL A 9 -35.20 53.74 -31.62
CA VAL A 9 -35.22 54.51 -32.86
C VAL A 9 -34.63 55.89 -32.60
N SER A 10 -33.68 56.30 -33.43
CA SER A 10 -33.17 57.65 -33.40
C SER A 10 -34.04 58.55 -34.29
N LEU A 11 -34.12 59.83 -33.90
CA LEU A 11 -34.94 60.80 -34.60
C LEU A 11 -34.06 61.91 -35.14
N GLY A 12 -34.33 62.32 -36.37
CA GLY A 12 -33.66 63.45 -37.00
C GLY A 12 -34.58 64.64 -37.11
N THR A 13 -34.29 65.50 -38.08
CA THR A 13 -35.15 66.65 -38.36
C THR A 13 -36.43 66.26 -39.06
N ALA A 14 -36.51 65.04 -39.60
CA ALA A 14 -37.72 64.50 -40.20
C ALA A 14 -38.38 63.54 -39.22
N PRO A 15 -39.56 63.85 -38.68
CA PRO A 15 -40.19 62.97 -37.68
C PRO A 15 -41.07 61.87 -38.26
N ALA A 16 -41.01 61.60 -39.58
CA ALA A 16 -41.84 60.54 -40.15
C ALA A 16 -41.29 59.17 -39.83
N ILE A 17 -39.98 59.07 -39.59
CA ILE A 17 -39.35 57.77 -39.38
C ILE A 17 -39.91 57.11 -38.13
N VAL A 18 -40.24 57.89 -37.09
CA VAL A 18 -40.78 57.30 -35.88
C VAL A 18 -42.07 56.55 -36.19
N PRO A 19 -43.17 57.21 -36.66
CA PRO A 19 -44.40 56.47 -36.93
C PRO A 19 -44.24 55.41 -38.00
N GLU A 20 -43.39 55.67 -38.99
CA GLU A 20 -43.29 54.75 -40.12
C GLU A 20 -42.53 53.48 -39.75
N ALA A 21 -41.41 53.63 -39.04
CA ALA A 21 -40.66 52.47 -38.57
C ALA A 21 -41.39 51.78 -37.43
N PHE A 22 -42.35 52.48 -36.81
CA PHE A 22 -43.26 51.79 -35.91
C PHE A 22 -44.02 50.72 -36.70
N LEU A 23 -44.42 51.03 -37.92
CA LEU A 23 -45.07 50.07 -38.79
C LEU A 23 -44.04 49.02 -39.21
N LEU A 24 -44.37 47.75 -38.99
CA LEU A 24 -43.48 46.64 -39.29
C LEU A 24 -44.32 45.38 -39.37
N PRO A 25 -43.95 44.41 -40.20
CA PRO A 25 -44.68 43.14 -40.23
C PRO A 25 -44.66 42.46 -38.86
N GLY A 26 -45.82 42.38 -38.23
CA GLY A 26 -45.90 41.93 -36.86
C GLY A 26 -45.09 42.83 -35.94
N ALA A 27 -44.21 42.22 -35.14
CA ALA A 27 -43.28 42.96 -34.29
C ALA A 27 -43.99 43.97 -33.40
N ARG A 28 -44.93 43.47 -32.60
CA ARG A 28 -45.61 44.31 -31.63
C ARG A 28 -44.63 44.85 -30.60
N PHE A 29 -44.55 46.16 -30.46
CA PHE A 29 -43.52 46.80 -29.64
C PHE A 29 -44.09 47.16 -28.28
N VAL A 30 -43.49 46.58 -27.23
CA VAL A 30 -43.87 46.96 -25.86
C VAL A 30 -43.46 48.39 -25.55
N SER A 31 -42.32 48.84 -26.10
CA SER A 31 -41.79 50.15 -25.77
C SER A 31 -41.09 50.73 -26.98
N VAL A 32 -40.97 52.07 -26.99
CA VAL A 32 -40.26 52.80 -28.02
C VAL A 32 -39.37 53.83 -27.34
N HIS A 33 -38.08 53.83 -27.69
CA HIS A 33 -37.10 54.73 -27.10
C HIS A 33 -36.48 55.59 -28.20
N VAL A 34 -36.48 56.90 -27.98
CA VAL A 34 -36.02 57.87 -28.97
C VAL A 34 -35.26 58.96 -28.22
N LEU A 35 -34.23 59.52 -28.87
CA LEU A 35 -33.67 60.81 -28.47
C LEU A 35 -33.48 61.72 -29.68
N THR A 36 -33.32 63.01 -29.41
CA THR A 36 -32.99 63.99 -30.43
C THR A 36 -32.18 65.09 -29.75
N THR A 37 -31.97 66.19 -30.46
CA THR A 37 -31.34 67.35 -29.85
C THR A 37 -32.42 68.31 -29.35
N GLU A 38 -32.00 69.49 -28.91
CA GLU A 38 -32.95 70.45 -28.35
C GLU A 38 -33.79 71.09 -29.45
N ARG A 39 -33.27 71.15 -30.67
CA ARG A 39 -33.93 71.91 -31.73
C ARG A 39 -35.30 71.35 -32.13
N PRO A 40 -35.44 70.07 -32.51
CA PRO A 40 -36.72 69.64 -33.09
C PRO A 40 -37.84 69.60 -32.06
N ASP A 41 -39.06 69.80 -32.57
CA ASP A 41 -40.26 69.80 -31.75
C ASP A 41 -40.79 68.39 -31.56
N VAL A 42 -41.67 68.24 -30.57
CA VAL A 42 -42.29 66.96 -30.24
C VAL A 42 -43.80 66.99 -30.39
N THR A 43 -44.38 68.14 -30.76
CA THR A 43 -45.83 68.29 -30.75
C THR A 43 -46.51 67.32 -31.71
N LEU A 44 -45.97 67.17 -32.91
CA LEU A 44 -46.60 66.24 -33.86
C LEU A 44 -46.38 64.79 -33.44
N ILE A 45 -45.25 64.48 -32.78
CA ILE A 45 -45.10 63.15 -32.19
C ILE A 45 -46.08 62.97 -31.03
N ARG A 46 -46.34 64.03 -30.26
CA ARG A 46 -47.39 63.98 -29.24
C ARG A 46 -48.73 63.60 -29.87
N GLU A 47 -49.09 64.28 -30.96
CA GLU A 47 -50.35 63.99 -31.64
C GLU A 47 -50.39 62.56 -32.16
N PHE A 48 -49.29 62.12 -32.76
CA PHE A 48 -49.22 60.75 -33.30
C PHE A 48 -49.40 59.72 -32.19
N PHE A 49 -48.74 59.91 -31.05
CA PHE A 49 -48.81 58.94 -29.98
C PHE A 49 -50.12 58.99 -29.21
N ARG A 50 -50.78 60.14 -29.20
CA ARG A 50 -52.11 60.23 -28.60
C ARG A 50 -53.13 59.36 -29.34
N ARG A 51 -52.89 59.08 -30.61
CA ARG A 51 -53.75 58.25 -31.44
C ARG A 51 -53.55 56.76 -31.18
N HIS A 52 -53.92 55.94 -32.15
CA HIS A 52 -54.24 54.51 -31.98
C HIS A 52 -53.24 53.70 -31.17
N ALA A 53 -52.05 54.25 -30.91
CA ALA A 53 -51.07 53.61 -30.04
C ALA A 53 -50.82 54.45 -28.78
N PRO A 54 -51.82 54.55 -27.88
CA PRO A 54 -51.60 55.28 -26.63
C PRO A 54 -51.03 54.40 -25.52
N GLY A 55 -51.30 53.09 -25.58
CA GLY A 55 -50.90 52.21 -24.49
C GLY A 55 -49.39 52.08 -24.36
N VAL A 56 -48.69 52.02 -25.49
CA VAL A 56 -47.23 51.96 -25.45
C VAL A 56 -46.68 53.24 -24.85
N ASN A 57 -45.50 53.15 -24.26
CA ASN A 57 -44.80 54.32 -23.75
C ASN A 57 -43.84 54.87 -24.79
N LEU A 58 -43.56 56.17 -24.70
CA LEU A 58 -42.68 56.86 -25.64
C LEU A 58 -41.61 57.58 -24.82
N THR A 59 -40.54 56.87 -24.48
CA THR A 59 -39.44 57.45 -23.72
C THR A 59 -38.57 58.26 -24.67
N ILE A 60 -38.80 59.56 -24.71
CA ILE A 60 -38.01 60.47 -25.53
C ILE A 60 -37.02 61.18 -24.60
N THR A 61 -35.76 60.81 -24.72
CA THR A 61 -34.69 61.40 -23.93
C THR A 61 -33.99 62.46 -24.75
N ARG A 62 -33.32 63.38 -24.08
CA ARG A 62 -32.62 64.48 -24.74
C ARG A 62 -31.28 64.70 -24.07
N VAL A 63 -30.35 65.26 -24.83
CA VAL A 63 -29.04 65.59 -24.29
C VAL A 63 -29.12 66.81 -23.39
N ALA A 64 -28.02 67.08 -22.68
CA ALA A 64 -27.91 68.33 -21.95
C ALA A 64 -27.82 69.53 -22.89
N GLY A 65 -27.06 69.41 -23.97
CA GLY A 65 -26.93 70.49 -24.93
C GLY A 65 -26.35 70.01 -26.27
N PHE A 66 -27.00 70.40 -27.36
CA PHE A 66 -26.62 69.91 -28.69
C PHE A 66 -27.39 70.69 -29.74
N GLN A 67 -26.71 71.04 -30.83
CA GLN A 67 -27.38 71.55 -32.02
C GLN A 67 -26.89 70.91 -33.31
N ASP A 68 -25.69 70.35 -33.35
CA ASP A 68 -25.16 69.71 -34.56
C ASP A 68 -24.02 68.79 -34.15
N LEU A 69 -23.72 67.84 -35.02
CA LEU A 69 -22.63 66.88 -34.80
C LEU A 69 -21.57 67.13 -35.86
N LYS A 70 -20.69 68.09 -35.59
CA LYS A 70 -19.58 68.41 -36.48
C LYS A 70 -18.22 68.34 -35.81
N SER A 71 -18.13 68.66 -34.52
CA SER A 71 -16.89 68.50 -33.79
C SER A 71 -16.69 67.05 -33.39
N GLU A 72 -15.42 66.68 -33.19
CA GLU A 72 -15.12 65.34 -32.70
C GLU A 72 -15.66 65.14 -31.28
N GLU A 73 -15.54 66.18 -30.44
CA GLU A 73 -16.11 66.11 -29.10
C GLU A 73 -17.59 65.75 -29.14
N ASP A 74 -18.33 66.33 -30.08
CA ASP A 74 -19.71 65.94 -30.31
C ASP A 74 -19.79 64.44 -30.57
N HIS A 75 -18.85 63.90 -31.33
CA HIS A 75 -18.89 62.48 -31.68
C HIS A 75 -18.70 61.59 -30.46
N PHE A 76 -17.65 61.84 -29.67
CA PHE A 76 -17.45 60.98 -28.49
C PHE A 76 -18.59 61.16 -27.49
N ARG A 77 -19.08 62.39 -27.33
CA ARG A 77 -20.19 62.61 -26.41
C ARG A 77 -21.44 61.85 -26.86
N PHE A 78 -21.74 61.88 -28.16
CA PHE A 78 -22.90 61.17 -28.66
C PHE A 78 -22.75 59.66 -28.49
N GLU A 79 -21.56 59.13 -28.80
CA GLU A 79 -21.35 57.69 -28.61
C GLU A 79 -21.53 57.30 -27.15
N GLU A 80 -20.95 58.08 -26.23
CA GLU A 80 -21.08 57.76 -24.82
C GLU A 80 -22.54 57.79 -24.38
N VAL A 81 -23.25 58.87 -24.72
CA VAL A 81 -24.64 59.01 -24.27
C VAL A 81 -25.50 57.91 -24.87
N MET A 82 -25.23 57.53 -26.12
CA MET A 82 -26.00 56.47 -26.77
C MET A 82 -25.73 55.11 -26.13
N PHE A 83 -24.48 54.84 -25.77
CA PHE A 83 -24.17 53.60 -25.06
C PHE A 83 -24.87 53.55 -23.71
N ARG A 84 -24.86 54.67 -22.98
CA ARG A 84 -25.55 54.69 -21.68
C ARG A 84 -27.06 54.63 -21.84
N TRP A 85 -27.57 55.14 -22.98
CA TRP A 85 -28.94 54.83 -23.37
C TRP A 85 -29.16 53.33 -23.33
N PHE A 86 -28.45 52.62 -24.22
CA PHE A 86 -28.72 51.20 -24.42
C PHE A 86 -28.54 50.44 -23.11
N LEU A 87 -27.64 50.93 -22.28
CA LEU A 87 -27.44 50.34 -20.96
C LEU A 87 -28.67 50.54 -20.07
N ALA A 88 -29.16 51.78 -20.01
CA ALA A 88 -30.26 52.09 -19.10
C ALA A 88 -31.57 51.47 -19.53
N SER A 89 -31.67 50.98 -20.76
CA SER A 89 -32.90 50.35 -21.23
C SER A 89 -33.25 49.09 -20.43
N ARG A 90 -32.25 48.36 -19.93
CA ARG A 90 -32.46 47.18 -19.10
C ARG A 90 -33.34 46.17 -19.82
N THR A 91 -32.84 45.63 -20.94
CA THR A 91 -33.57 44.64 -21.71
C THR A 91 -32.61 43.57 -22.20
N GLY A 92 -33.16 42.41 -22.53
CA GLY A 92 -32.37 41.31 -23.04
C GLY A 92 -31.80 41.60 -24.41
N PRO A 93 -30.62 41.04 -24.70
CA PRO A 93 -30.01 41.26 -26.02
C PRO A 93 -30.89 40.78 -27.18
N GLU A 94 -31.63 39.69 -26.98
CA GLU A 94 -32.51 39.19 -28.02
C GLU A 94 -33.76 40.04 -28.22
N GLN A 95 -34.00 41.02 -27.35
CA GLN A 95 -35.17 41.87 -27.44
C GLN A 95 -34.88 43.23 -28.07
N ARG A 96 -33.63 43.68 -28.06
CA ARG A 96 -33.30 44.99 -28.62
C ARG A 96 -33.44 44.97 -30.14
N PHE A 97 -34.01 46.06 -30.67
CA PHE A 97 -34.15 46.23 -32.11
C PHE A 97 -33.54 47.57 -32.52
N VAL A 98 -33.00 47.61 -33.73
CA VAL A 98 -32.30 48.80 -34.23
C VAL A 98 -33.03 49.29 -35.46
N CYS A 99 -33.02 50.61 -35.69
CA CYS A 99 -33.85 51.23 -36.71
C CYS A 99 -32.96 51.63 -37.89
N LEU A 100 -33.56 52.39 -38.81
CA LEU A 100 -32.89 52.97 -39.96
C LEU A 100 -31.78 53.94 -39.57
N THR A 101 -31.80 54.42 -38.32
CA THR A 101 -30.86 55.41 -37.78
C THR A 101 -30.56 56.53 -38.79
N GLY A 102 -31.62 57.25 -39.14
CA GLY A 102 -31.48 58.44 -39.97
C GLY A 102 -30.76 59.56 -39.25
N GLY A 103 -31.39 60.11 -38.21
CA GLY A 103 -30.75 61.12 -37.38
C GLY A 103 -30.56 62.46 -38.06
N PHE A 104 -30.32 63.51 -37.28
CA PHE A 104 -30.01 64.83 -37.85
C PHE A 104 -28.52 64.84 -38.20
N LYS A 105 -28.16 64.04 -39.19
CA LYS A 105 -26.77 63.74 -39.51
C LYS A 105 -26.04 63.37 -38.21
N THR A 106 -26.53 62.30 -37.58
CA THR A 106 -25.89 61.75 -36.37
C THR A 106 -24.84 60.72 -36.76
N MET A 107 -24.40 60.78 -38.02
CA MET A 107 -23.38 59.94 -38.62
C MET A 107 -23.91 58.54 -38.91
N SER A 108 -25.08 58.21 -38.37
CA SER A 108 -25.80 56.99 -38.69
C SER A 108 -24.99 55.72 -38.43
N ALA A 109 -23.78 55.87 -37.89
CA ALA A 109 -22.89 54.72 -37.76
C ALA A 109 -22.69 54.30 -36.31
N ALA A 110 -22.95 55.20 -35.35
CA ALA A 110 -22.85 54.84 -33.95
C ALA A 110 -23.84 53.74 -33.59
N MET A 111 -25.03 53.79 -34.19
CA MET A 111 -26.03 52.76 -33.92
C MET A 111 -25.56 51.40 -34.44
N GLN A 112 -24.98 51.35 -35.63
CA GLN A 112 -24.44 50.09 -36.14
C GLN A 112 -23.29 49.61 -35.30
N LYS A 113 -22.43 50.52 -34.84
CA LYS A 113 -21.34 50.16 -33.95
C LYS A 113 -21.87 49.54 -32.67
N ALA A 114 -22.91 50.12 -32.10
CA ALA A 114 -23.55 49.59 -30.89
C ALA A 114 -24.15 48.21 -31.16
N ALA A 115 -24.82 48.06 -32.30
CA ALA A 115 -25.42 46.78 -32.64
C ALA A 115 -24.37 45.69 -32.78
N THR A 116 -23.20 46.07 -33.32
CA THR A 116 -22.11 45.11 -33.45
C THR A 116 -21.49 44.77 -32.10
N VAL A 117 -21.18 45.78 -31.28
CA VAL A 117 -20.52 45.53 -30.01
C VAL A 117 -21.51 44.99 -28.97
N LEU A 118 -22.74 45.51 -28.99
CA LEU A 118 -23.78 45.07 -28.07
C LEU A 118 -24.83 44.32 -28.88
N GLY A 119 -25.07 43.07 -28.49
CA GLY A 119 -25.96 42.22 -29.26
C GLY A 119 -27.38 42.76 -29.31
N ALA A 120 -28.03 42.53 -30.45
CA ALA A 120 -29.39 42.97 -30.68
C ALA A 120 -30.17 41.87 -31.39
N ALA A 121 -31.37 42.18 -31.86
CA ALA A 121 -32.19 41.16 -32.52
C ALA A 121 -32.22 41.35 -34.02
N GLU A 122 -32.35 42.60 -34.49
CA GLU A 122 -32.50 42.82 -35.92
C GLU A 122 -32.30 44.30 -36.22
N VAL A 123 -31.93 44.58 -37.47
CA VAL A 123 -31.80 45.94 -37.99
C VAL A 123 -32.65 46.04 -39.25
N PHE A 124 -33.49 47.08 -39.33
CA PHE A 124 -34.37 47.28 -40.47
C PHE A 124 -34.14 48.67 -41.04
N HIS A 125 -34.47 48.81 -42.33
CA HIS A 125 -34.25 50.08 -43.05
C HIS A 125 -35.57 50.46 -43.74
N VAL A 126 -36.18 51.53 -43.26
CA VAL A 126 -37.37 52.10 -43.88
C VAL A 126 -37.01 52.61 -45.28
N LEU A 127 -37.92 52.42 -46.23
CA LEU A 127 -37.74 52.94 -47.58
C LEU A 127 -39.02 53.65 -48.02
N ALA A 128 -38.87 54.68 -48.84
CA ALA A 128 -39.99 55.49 -49.31
C ALA A 128 -40.12 55.32 -50.82
N ASP A 129 -41.19 54.65 -51.25
CA ASP A 129 -41.46 54.40 -52.66
C ASP A 129 -42.91 54.78 -52.95
N ASP A 130 -43.12 55.91 -53.62
CA ASP A 130 -44.45 56.40 -53.95
C ASP A 130 -45.37 56.40 -52.73
N CYS A 131 -44.79 56.62 -51.55
CA CYS A 131 -45.53 56.56 -50.31
C CYS A 131 -45.71 57.97 -49.74
N CYS A 132 -46.92 58.24 -49.25
CA CYS A 132 -47.26 59.55 -48.70
C CYS A 132 -46.95 60.66 -49.69
N VAL A 133 -47.45 60.54 -50.92
CA VAL A 133 -47.22 61.57 -51.93
C VAL A 133 -47.79 62.89 -51.44
N GLY A 134 -46.92 63.88 -51.24
CA GLY A 134 -47.32 65.11 -50.61
C GLY A 134 -47.86 66.11 -51.62
N PRO A 135 -48.28 67.27 -51.09
CA PRO A 135 -48.77 68.35 -51.98
C PRO A 135 -47.72 68.82 -52.97
N GLN A 136 -46.45 68.84 -52.58
CA GLN A 136 -45.39 69.26 -53.49
C GLN A 136 -45.09 68.24 -54.57
N GLY A 137 -45.66 67.03 -54.48
CA GLY A 137 -45.39 65.96 -55.39
C GLY A 137 -44.33 64.98 -54.92
N ARG A 138 -43.41 65.46 -54.07
CA ARG A 138 -42.40 64.58 -53.50
C ARG A 138 -43.02 63.73 -52.40
N LEU A 139 -42.21 62.80 -51.86
CA LEU A 139 -42.69 61.87 -50.84
C LEU A 139 -42.61 62.51 -49.47
N MET A 140 -43.36 63.59 -49.29
CA MET A 140 -43.44 64.39 -48.06
C MET A 140 -44.13 63.53 -47.00
N PRO A 141 -43.74 63.62 -45.73
CA PRO A 141 -44.54 62.98 -44.69
C PRO A 141 -45.94 63.54 -44.64
N PRO A 142 -46.90 62.79 -44.12
CA PRO A 142 -48.30 63.25 -44.10
C PRO A 142 -48.45 64.55 -43.32
N SER A 143 -49.64 65.15 -43.42
CA SER A 143 -49.98 66.28 -42.58
C SER A 143 -49.83 65.88 -41.12
N THR A 144 -50.68 64.95 -40.65
CA THR A 144 -50.44 64.33 -39.36
C THR A 144 -50.21 62.83 -39.48
N LEU A 145 -51.22 62.09 -39.97
CA LEU A 145 -51.04 60.66 -40.20
C LEU A 145 -51.80 60.12 -41.41
N GLU A 146 -52.51 60.95 -42.18
CA GLU A 146 -53.42 60.41 -43.19
C GLU A 146 -52.67 59.72 -44.31
N GLU A 147 -51.54 60.30 -44.74
CA GLU A 147 -50.78 59.68 -45.82
C GLU A 147 -50.03 58.44 -45.34
N ILE A 148 -49.79 58.30 -44.02
CA ILE A 148 -49.28 57.05 -43.49
C ILE A 148 -50.27 55.92 -43.79
N LEU A 149 -51.55 56.14 -43.48
CA LEU A 149 -52.57 55.15 -43.79
C LEU A 149 -52.70 54.96 -45.30
N TRP A 150 -52.63 56.04 -46.06
CA TRP A 150 -52.71 55.93 -47.52
C TRP A 150 -51.60 55.03 -48.06
N ALA A 151 -50.36 55.29 -47.66
CA ALA A 151 -49.22 54.49 -48.13
C ALA A 151 -49.31 53.06 -47.64
N ARG A 152 -49.78 52.85 -46.41
CA ARG A 152 -49.97 51.49 -45.91
C ARG A 152 -51.00 50.74 -46.75
N ASP A 153 -52.01 51.46 -47.25
CA ASP A 153 -53.01 50.82 -48.10
C ASP A 153 -52.40 50.30 -49.40
N GLN A 154 -51.68 51.15 -50.13
CA GLN A 154 -50.98 50.71 -51.34
C GLN A 154 -49.48 50.60 -51.04
N GLY A 155 -49.09 49.35 -50.75
CA GLY A 155 -47.76 49.07 -50.23
C GLY A 155 -46.63 49.09 -51.24
N HIS A 156 -45.79 50.14 -51.16
CA HIS A 156 -44.51 50.17 -51.86
C HIS A 156 -43.36 50.62 -50.97
N LEU A 157 -43.67 51.26 -49.84
CA LEU A 157 -42.66 51.77 -48.92
C LEU A 157 -41.82 50.65 -48.32
N HIS A 158 -42.44 49.72 -47.59
CA HIS A 158 -41.78 48.56 -47.02
C HIS A 158 -40.65 48.92 -46.06
N TRP A 159 -39.96 47.90 -45.57
CA TRP A 159 -38.84 48.08 -44.64
C TRP A 159 -37.77 47.05 -44.96
N ILE A 160 -36.59 47.52 -45.34
CA ILE A 160 -35.49 46.65 -45.74
C ILE A 160 -34.79 46.17 -44.47
N ARG A 161 -34.77 44.86 -44.27
CA ARG A 161 -34.24 44.29 -43.04
C ARG A 161 -32.88 43.64 -43.27
N LEU A 162 -31.93 43.97 -42.39
CA LEU A 162 -30.56 43.47 -42.49
C LEU A 162 -30.40 42.18 -41.70
N GLY A 163 -29.16 41.76 -41.47
CA GLY A 163 -28.89 40.55 -40.73
C GLY A 163 -28.77 40.79 -39.24
N PRO A 164 -29.22 39.83 -38.44
CA PRO A 164 -29.10 39.96 -36.99
C PRO A 164 -27.65 39.86 -36.53
N GLU A 165 -27.39 40.44 -35.37
CA GLU A 165 -26.06 40.44 -34.76
C GLU A 165 -26.14 39.83 -33.36
N ARG A 166 -25.00 39.34 -32.89
CA ARG A 166 -24.92 38.68 -31.60
C ARG A 166 -24.15 39.47 -30.55
N GLY A 167 -23.24 40.35 -30.95
CA GLY A 167 -22.48 41.13 -29.98
C GLY A 167 -21.23 40.42 -29.52
N TRP A 168 -20.33 41.20 -28.93
CA TRP A 168 -19.10 40.66 -28.37
C TRP A 168 -19.40 39.80 -27.14
N PRO A 169 -18.70 38.67 -26.96
CA PRO A 169 -18.96 37.80 -25.80
C PRO A 169 -18.77 38.48 -24.46
N GLN A 170 -17.78 39.39 -24.39
CA GLN A 170 -17.41 40.02 -23.12
C GLN A 170 -18.49 40.95 -22.58
N LEU A 171 -19.01 41.83 -23.43
CA LEU A 171 -19.93 42.85 -22.95
C LEU A 171 -21.38 42.38 -22.99
N ARG A 172 -21.64 41.17 -23.44
CA ARG A 172 -23.02 40.76 -23.68
C ARG A 172 -23.77 40.72 -22.36
N ARG A 173 -23.08 40.31 -21.30
CA ARG A 173 -23.57 40.43 -19.93
C ARG A 173 -22.95 41.67 -19.29
N ILE A 174 -23.81 42.61 -18.88
CA ILE A 174 -23.37 43.83 -18.21
C ILE A 174 -24.58 44.49 -17.56
N ALA A 175 -24.33 45.37 -16.60
CA ALA A 175 -25.39 46.03 -15.86
C ALA A 175 -25.21 47.55 -15.90
N PRO A 176 -26.32 48.31 -15.82
CA PRO A 176 -26.21 49.77 -15.88
C PRO A 176 -25.70 50.41 -14.59
N GLU A 177 -25.61 49.66 -13.49
CA GLU A 177 -25.23 50.26 -12.21
C GLU A 177 -23.83 50.84 -12.25
N GLN A 178 -22.87 50.12 -12.84
CA GLN A 178 -21.51 50.61 -12.93
C GLN A 178 -21.34 51.65 -14.04
N PHE A 179 -22.34 51.83 -14.90
CA PHE A 179 -22.32 52.85 -15.95
C PHE A 179 -23.62 53.63 -15.94
N PRO A 180 -23.87 54.43 -14.89
CA PRO A 180 -25.14 55.14 -14.81
C PRO A 180 -25.10 56.50 -15.52
N LEU A 181 -26.24 57.19 -15.56
CA LEU A 181 -26.33 58.51 -16.14
C LEU A 181 -27.16 59.40 -15.24
N GLN A 182 -26.89 60.71 -15.32
CA GLN A 182 -27.58 61.70 -14.50
C GLN A 182 -28.64 62.40 -15.35
N VAL A 183 -29.87 62.41 -14.85
CA VAL A 183 -30.98 63.04 -15.55
C VAL A 183 -30.99 64.52 -15.20
N VAL A 184 -30.88 65.39 -16.20
CA VAL A 184 -30.94 66.83 -15.96
C VAL A 184 -32.32 67.21 -15.43
N GLU A 185 -33.37 66.75 -16.13
CA GLU A 185 -34.75 66.99 -15.69
C GLU A 185 -35.74 66.20 -16.53
N GLU A 186 -36.77 65.64 -15.90
CA GLU A 186 -37.77 64.85 -16.60
C GLU A 186 -39.09 65.61 -16.64
N LYS A 187 -39.50 66.03 -17.84
CA LYS A 187 -40.80 66.64 -18.06
C LYS A 187 -41.74 65.58 -18.64
N GLY A 188 -42.50 64.96 -17.74
CA GLY A 188 -43.43 63.92 -18.15
C GLY A 188 -42.71 62.77 -18.83
N ASP A 189 -43.21 62.39 -20.01
CA ASP A 189 -42.59 61.31 -20.77
C ASP A 189 -41.29 61.73 -21.43
N GLU A 190 -41.00 63.03 -21.52
CA GLU A 190 -39.75 63.51 -22.07
C GLU A 190 -38.73 63.70 -20.94
N ARG A 191 -37.45 63.47 -21.26
CA ARG A 191 -36.40 63.63 -20.27
C ARG A 191 -35.22 64.35 -20.88
N ARG A 192 -34.39 64.93 -20.02
CA ARG A 192 -33.08 65.47 -20.38
C ARG A 192 -32.04 64.91 -19.43
N VAL A 193 -30.97 64.35 -20.00
CA VAL A 193 -29.91 63.69 -19.25
C VAL A 193 -28.56 64.24 -19.71
N GLN A 194 -27.50 63.79 -19.06
CA GLN A 194 -26.15 64.17 -19.43
C GLN A 194 -25.17 63.09 -18.97
N ALA A 195 -24.01 63.06 -19.61
CA ALA A 195 -22.97 62.09 -19.32
C ALA A 195 -21.85 62.73 -18.50
N GLU A 196 -21.06 61.89 -17.84
CA GLU A 196 -20.03 62.34 -16.92
C GLU A 196 -18.64 62.17 -17.51
N ASP A 197 -18.28 60.96 -17.94
CA ASP A 197 -16.96 60.68 -18.48
C ASP A 197 -17.04 59.54 -19.48
N ARG A 198 -16.02 59.44 -20.33
CA ARG A 198 -15.96 58.40 -21.35
C ARG A 198 -15.37 57.11 -20.77
N ALA A 199 -15.94 56.62 -19.68
CA ALA A 199 -15.45 55.37 -19.08
C ALA A 199 -15.71 54.18 -20.00
N PHE A 200 -16.88 54.16 -20.65
CA PHE A 200 -17.21 53.03 -21.52
C PHE A 200 -16.27 52.97 -22.72
N GLY A 201 -15.93 54.12 -23.30
CA GLY A 201 -14.97 54.14 -24.40
C GLY A 201 -13.61 53.66 -23.96
N THR A 202 -13.18 54.06 -22.76
CA THR A 202 -11.92 53.59 -22.20
C THR A 202 -11.94 52.07 -22.03
N PHE A 203 -13.06 51.54 -21.53
CA PHE A 203 -13.19 50.10 -21.35
C PHE A 203 -13.10 49.36 -22.69
N LEU A 204 -13.79 49.88 -23.71
CA LEU A 204 -13.74 49.26 -25.03
C LEU A 204 -12.34 49.30 -25.60
N GLN A 205 -11.66 50.44 -25.47
CA GLN A 205 -10.30 50.56 -25.98
C GLN A 205 -9.35 49.61 -25.26
N ASP A 206 -9.52 49.47 -23.93
CA ASP A 206 -8.71 48.53 -23.17
C ASP A 206 -8.94 47.11 -23.65
N LEU A 207 -10.22 46.74 -23.84
CA LEU A 207 -10.54 45.39 -24.30
C LEU A 207 -9.91 45.11 -25.66
N LEU A 208 -9.93 46.12 -26.54
CA LEU A 208 -9.26 45.97 -27.83
C LEU A 208 -7.75 45.83 -27.68
N GLN A 209 -7.15 46.64 -26.79
CA GLN A 209 -5.69 46.72 -26.72
C GLN A 209 -5.08 45.49 -26.08
N ARG A 210 -5.69 44.98 -25.01
CA ARG A 210 -5.08 43.85 -24.31
C ARG A 210 -5.08 42.59 -25.17
N ALA A 211 -5.93 42.54 -26.20
CA ALA A 211 -5.92 41.39 -27.10
C ALA A 211 -4.75 41.42 -28.08
N SER A 212 -4.07 42.55 -28.20
CA SER A 212 -2.95 42.65 -29.15
C SER A 212 -1.61 42.46 -28.44
N ARG A 213 -1.34 43.28 -27.42
CA ARG A 213 -0.07 43.19 -26.72
C ARG A 213 -0.15 42.19 -25.57
N ILE A 214 0.99 41.88 -24.97
CA ILE A 214 1.05 40.98 -23.82
C ILE A 214 1.91 41.62 -22.73
N ALA A 215 2.30 42.87 -22.95
CA ALA A 215 3.19 43.58 -22.03
C ALA A 215 2.61 43.65 -20.61
N GLY A 216 1.46 44.30 -20.46
CA GLY A 216 0.84 44.43 -19.16
C GLY A 216 -0.12 43.32 -18.79
N ALA A 217 -0.86 42.78 -19.77
CA ALA A 217 -1.81 41.71 -19.48
C ALA A 217 -1.09 40.38 -19.29
N TRP A 218 0.15 40.28 -19.74
CA TRP A 218 0.92 39.05 -19.67
C TRP A 218 1.16 38.54 -18.26
N GLU A 219 1.38 39.46 -17.33
CA GLU A 219 1.52 39.07 -15.93
C GLU A 219 0.16 38.80 -15.30
N MET A 220 -0.83 39.60 -15.66
CA MET A 220 -2.13 39.57 -15.00
C MET A 220 -2.98 38.37 -15.38
N LEU A 221 -3.33 38.26 -16.66
CA LEU A 221 -4.34 37.31 -17.14
C LEU A 221 -4.00 35.85 -16.89
N PRO A 222 -2.80 35.35 -17.23
CA PRO A 222 -2.55 33.91 -17.13
C PRO A 222 -2.66 33.33 -15.73
N GLU A 223 -2.46 34.16 -14.70
CA GLU A 223 -2.49 33.64 -13.34
C GLU A 223 -3.78 34.02 -12.63
N LEU A 224 -4.89 34.04 -13.38
CA LEU A 224 -6.17 34.35 -12.78
C LEU A 224 -6.92 33.09 -12.39
N PRO A 225 -7.63 33.10 -11.27
CA PRO A 225 -8.29 31.85 -10.82
C PRO A 225 -9.38 31.37 -11.77
N PHE A 226 -10.33 32.25 -12.12
CA PHE A 226 -11.45 31.88 -12.97
C PHE A 226 -11.35 32.59 -14.32
N ALA A 227 -11.86 31.92 -15.34
CA ALA A 227 -11.72 32.40 -16.72
C ALA A 227 -12.60 33.60 -17.04
N ASP A 228 -13.63 33.87 -16.24
CA ASP A 228 -14.53 34.99 -16.49
C ASP A 228 -13.99 36.31 -15.97
N LEU A 229 -12.87 36.29 -15.24
CA LEU A 229 -12.28 37.51 -14.70
C LEU A 229 -11.43 38.24 -15.72
N ALA A 230 -11.23 37.67 -16.91
CA ALA A 230 -10.43 38.31 -17.95
C ALA A 230 -11.22 39.34 -18.75
N THR A 231 -12.51 39.50 -18.47
CA THR A 231 -13.35 40.46 -19.17
C THR A 231 -13.65 41.70 -18.32
N TRP A 232 -12.92 41.90 -17.24
CA TRP A 232 -13.09 43.07 -16.38
C TRP A 232 -12.23 44.23 -16.87
N SER A 233 -12.60 45.43 -16.45
CA SER A 233 -11.85 46.62 -16.83
C SER A 233 -10.50 46.64 -16.11
N GLU A 234 -9.68 47.63 -16.47
CA GLU A 234 -8.38 47.79 -15.83
C GLU A 234 -8.49 48.31 -14.41
N GLY A 235 -9.46 49.18 -14.14
CA GLY A 235 -9.67 49.68 -12.80
C GLY A 235 -10.19 48.63 -11.85
N GLU A 236 -11.14 47.83 -12.32
CA GLU A 236 -11.68 46.76 -11.48
C GLU A 236 -10.62 45.73 -11.15
N LEU A 237 -9.79 45.36 -12.13
CA LEU A 237 -8.70 44.44 -11.85
C LEU A 237 -7.69 45.01 -10.87
N ALA A 238 -7.53 46.33 -10.82
CA ALA A 238 -6.69 46.97 -9.82
C ALA A 238 -7.32 46.94 -8.43
N TRP A 239 -8.64 47.08 -8.36
CA TRP A 239 -9.33 46.95 -7.08
C TRP A 239 -9.16 45.55 -6.50
N LEU A 240 -9.16 44.53 -7.37
CA LEU A 240 -9.05 43.15 -6.92
C LEU A 240 -7.68 42.82 -6.34
N ARG A 241 -6.66 43.63 -6.65
CA ARG A 241 -5.30 43.38 -6.21
C ARG A 241 -4.86 44.31 -5.09
N GLU A 242 -5.77 44.62 -4.17
CA GLU A 242 -5.48 45.49 -3.04
C GLU A 242 -5.83 44.79 -1.75
N PRO A 243 -5.17 45.16 -0.65
CA PRO A 243 -5.45 44.48 0.63
C PRO A 243 -6.91 44.62 1.03
N LEU A 244 -7.45 43.54 1.58
CA LEU A 244 -8.86 43.50 1.96
C LEU A 244 -9.06 44.12 3.33
N ASP A 245 -10.01 45.05 3.43
CA ASP A 245 -10.32 45.69 4.70
C ASP A 245 -11.53 45.01 5.31
N PRO A 246 -11.39 44.30 6.43
CA PRO A 246 -12.51 43.54 6.99
C PRO A 246 -13.52 44.37 7.75
N ARG A 247 -13.28 45.68 7.93
CA ARG A 247 -14.19 46.53 8.68
C ARG A 247 -14.90 47.55 7.81
N ALA A 248 -14.61 47.60 6.51
CA ALA A 248 -15.30 48.53 5.64
C ALA A 248 -16.73 48.07 5.41
N PRO A 249 -17.73 48.94 5.60
CA PRO A 249 -19.12 48.54 5.38
C PRO A 249 -19.44 48.14 3.94
N ALA A 250 -18.50 48.32 3.01
CA ALA A 250 -18.69 47.90 1.63
C ALA A 250 -18.04 46.56 1.31
N ASP A 251 -16.85 46.29 1.86
CA ASP A 251 -16.20 45.00 1.66
C ASP A 251 -16.98 43.86 2.29
N GLN A 252 -17.79 44.13 3.32
CA GLN A 252 -18.56 43.09 3.98
C GLN A 252 -19.73 42.59 3.13
N ARG A 253 -20.33 43.46 2.31
CA ARG A 253 -21.41 43.03 1.44
C ARG A 253 -20.93 42.34 0.18
N TRP A 254 -19.65 42.47 -0.18
CA TRP A 254 -19.11 41.73 -1.30
C TRP A 254 -18.86 40.26 -0.97
N VAL A 255 -18.30 39.99 0.21
CA VAL A 255 -18.10 38.61 0.63
C VAL A 255 -19.41 37.90 0.88
N ALA A 256 -20.48 38.63 1.17
CA ALA A 256 -21.78 38.05 1.46
C ALA A 256 -22.52 37.61 0.21
N GLY A 257 -22.03 37.94 -0.98
CA GLY A 257 -22.70 37.55 -2.20
C GLY A 257 -21.95 36.53 -3.01
N LEU A 258 -20.73 36.21 -2.58
CA LEU A 258 -19.91 35.25 -3.30
C LEU A 258 -20.52 33.86 -3.22
N PRO A 259 -20.50 33.09 -4.31
CA PRO A 259 -20.81 31.65 -4.20
C PRO A 259 -19.69 30.93 -3.47
N LYS A 260 -20.08 30.05 -2.54
CA LYS A 260 -19.12 29.42 -1.64
C LYS A 260 -19.29 27.91 -1.66
N ILE A 261 -18.20 27.22 -1.27
CA ILE A 261 -18.17 25.77 -1.18
C ILE A 261 -17.74 25.40 0.23
N GLU A 262 -18.47 24.48 0.86
CA GLU A 262 -18.27 24.14 2.26
C GLU A 262 -17.92 22.66 2.38
N LEU A 263 -16.88 22.36 3.16
CA LEU A 263 -16.36 21.00 3.24
C LEU A 263 -16.16 20.46 4.65
N HIS A 264 -16.34 21.27 5.70
CA HIS A 264 -16.11 20.81 7.08
C HIS A 264 -17.26 21.33 7.94
N CYS A 265 -18.33 20.55 8.04
CA CYS A 265 -19.49 20.91 8.83
C CYS A 265 -19.95 19.71 9.64
N HIS A 266 -20.49 19.98 10.83
CA HIS A 266 -20.99 18.94 11.72
C HIS A 266 -22.48 19.15 11.94
N LEU A 267 -23.26 18.09 11.75
CA LEU A 267 -24.70 18.17 11.93
C LEU A 267 -25.10 18.26 13.40
N GLY A 268 -24.31 17.67 14.29
CA GLY A 268 -24.63 17.63 15.71
C GLY A 268 -24.21 18.85 16.49
N GLY A 269 -23.83 19.94 15.83
CA GLY A 269 -23.43 21.15 16.53
C GLY A 269 -23.99 22.41 15.90
N PHE A 270 -25.21 22.33 15.36
CA PHE A 270 -25.77 23.45 14.61
C PHE A 270 -26.61 24.37 15.50
N ALA A 271 -27.65 23.84 16.12
CA ALA A 271 -28.59 24.65 16.89
C ALA A 271 -28.46 24.29 18.37
N THR A 272 -27.57 25.00 19.06
CA THR A 272 -27.29 24.71 20.46
C THR A 272 -27.63 25.87 21.39
N HIS A 273 -28.15 26.97 20.87
CA HIS A 273 -28.46 28.13 21.68
C HIS A 273 -29.56 28.96 21.01
N GLY A 274 -30.36 29.63 21.82
CA GLY A 274 -31.31 30.60 21.32
C GLY A 274 -32.60 30.05 20.74
N GLU A 275 -33.19 30.80 19.81
CA GLU A 275 -34.50 30.46 19.26
C GLU A 275 -34.49 29.13 18.52
N LEU A 276 -33.40 28.85 17.80
CA LEU A 276 -33.31 27.60 17.05
C LEU A 276 -33.44 26.39 17.95
N LEU A 277 -32.88 26.47 19.17
CA LEU A 277 -33.06 25.39 20.14
C LEU A 277 -34.53 25.22 20.49
N ARG A 278 -35.26 26.33 20.67
CA ARG A 278 -36.69 26.24 20.92
C ARG A 278 -37.41 25.58 19.76
N ARG A 279 -37.06 25.95 18.53
CA ARG A 279 -37.73 25.38 17.37
C ARG A 279 -37.46 23.89 17.24
N VAL A 280 -36.22 23.45 17.51
CA VAL A 280 -35.92 22.02 17.45
C VAL A 280 -36.68 21.27 18.54
N ARG A 281 -36.72 21.83 19.76
CA ARG A 281 -37.38 21.20 20.88
C ARG A 281 -38.90 21.31 20.82
N ASN A 282 -39.45 21.76 19.69
CA ASN A 282 -40.89 21.89 19.52
C ASN A 282 -41.46 20.81 18.62
N ALA A 283 -40.70 20.35 17.63
CA ALA A 283 -41.16 19.34 16.69
C ALA A 283 -40.85 17.92 17.14
N ALA A 284 -40.65 17.70 18.44
CA ALA A 284 -40.40 16.36 18.94
C ALA A 284 -41.67 15.51 18.85
N GLU A 285 -41.47 14.24 18.48
CA GLU A 285 -42.58 13.30 18.37
C GLU A 285 -43.13 12.90 19.74
N ASN A 286 -42.25 12.67 20.71
CA ASN A 286 -42.65 12.27 22.06
C ASN A 286 -42.22 13.36 23.03
N PRO A 287 -43.08 14.35 23.31
CA PRO A 287 -42.67 15.46 24.18
C PRO A 287 -42.38 15.06 25.61
N GLY A 288 -42.81 13.87 26.04
CA GLY A 288 -42.68 13.49 27.44
C GLY A 288 -41.27 13.19 27.91
N LYS A 289 -40.37 12.81 27.02
CA LYS A 289 -39.01 12.43 27.41
C LYS A 289 -37.95 13.42 26.97
N LEU A 290 -38.32 14.65 26.63
CA LEU A 290 -37.33 15.66 26.32
C LEU A 290 -36.60 16.07 27.60
N PRO A 291 -35.28 16.16 27.58
CA PRO A 291 -34.52 16.52 28.77
C PRO A 291 -34.78 17.96 29.17
N PRO A 292 -34.52 18.32 30.44
CA PRO A 292 -34.79 19.69 30.88
C PRO A 292 -33.96 20.70 30.10
N LEU A 293 -34.53 21.89 29.91
CA LEU A 293 -33.93 22.93 29.09
C LEU A 293 -32.89 23.68 29.93
N GLU A 294 -31.62 23.41 29.67
CA GLU A 294 -30.52 24.13 30.28
C GLU A 294 -29.57 24.58 29.18
N GLU A 295 -29.15 25.84 29.23
CA GLU A 295 -28.25 26.38 28.23
C GLU A 295 -26.90 26.66 28.87
N PRO A 296 -25.80 26.10 28.37
CA PRO A 296 -24.49 26.39 28.95
C PRO A 296 -24.13 27.85 28.79
N ARG A 297 -23.34 28.36 29.75
CA ARG A 297 -22.94 29.75 29.76
C ARG A 297 -21.65 29.93 28.96
N LEU A 298 -21.69 30.81 27.98
CA LEU A 298 -20.52 31.10 27.16
C LEU A 298 -19.53 31.97 27.94
N PRO A 299 -18.23 31.81 27.66
CA PRO A 299 -17.23 32.67 28.32
C PRO A 299 -17.37 34.12 27.91
N GLU A 300 -16.53 34.99 28.49
CA GLU A 300 -16.59 36.41 28.20
C GLU A 300 -16.26 36.67 26.73
N GLY A 301 -17.05 37.55 26.10
CA GLY A 301 -16.91 37.87 24.69
C GLY A 301 -16.67 36.66 23.82
N TRP A 302 -17.64 35.74 23.78
CA TRP A 302 -17.41 34.41 23.23
C TRP A 302 -16.90 34.39 21.80
N PRO A 303 -17.42 35.21 20.86
CA PRO A 303 -16.87 35.15 19.49
C PRO A 303 -15.37 35.35 19.42
N LEU A 304 -14.82 36.22 20.26
CA LEU A 304 -13.38 36.46 20.32
C LEU A 304 -12.91 36.38 21.77
N PRO A 305 -12.72 35.17 22.29
CA PRO A 305 -12.26 35.04 23.68
C PRO A 305 -10.85 35.60 23.86
N ALA A 306 -10.60 36.11 25.07
CA ALA A 306 -9.30 36.69 25.38
C ALA A 306 -8.27 35.65 25.80
N GLN A 307 -8.68 34.42 26.09
CA GLN A 307 -7.77 33.37 26.51
C GLN A 307 -8.24 32.04 25.93
N PRO A 308 -7.33 31.23 25.40
CA PRO A 308 -7.74 29.93 24.84
C PRO A 308 -8.35 29.03 25.91
N ILE A 309 -9.31 28.21 25.48
CA ILE A 309 -9.94 27.23 26.36
C ILE A 309 -9.60 25.83 25.84
N PRO A 310 -9.57 24.81 26.69
CA PRO A 310 -9.23 23.46 26.23
C PRO A 310 -10.34 22.86 25.39
N LEU A 311 -9.98 21.80 24.66
CA LEU A 311 -10.91 21.15 23.75
C LEU A 311 -12.11 20.55 24.48
N ALA A 312 -11.90 19.97 25.66
CA ALA A 312 -12.99 19.33 26.38
C ALA A 312 -14.09 20.32 26.73
N GLU A 313 -13.71 21.51 27.23
CA GLU A 313 -14.71 22.53 27.52
C GLU A 313 -15.42 22.99 26.26
N TYR A 314 -14.69 23.10 25.14
CA TYR A 314 -15.31 23.43 23.87
C TYR A 314 -16.38 22.41 23.50
N MET A 315 -16.09 21.13 23.69
CA MET A 315 -17.06 20.10 23.35
C MET A 315 -18.27 20.16 24.29
N LYS A 316 -18.03 20.33 25.59
CA LYS A 316 -19.13 20.41 26.53
C LYS A 316 -19.95 21.69 26.38
N LEU A 317 -19.42 22.69 25.68
CA LEU A 317 -20.17 23.93 25.47
C LEU A 317 -21.46 23.71 24.68
N GLY A 318 -21.60 22.59 23.98
CA GLY A 318 -22.78 22.33 23.18
C GLY A 318 -23.59 21.14 23.65
N ASN A 319 -23.76 21.01 24.97
CA ASN A 319 -24.42 19.86 25.55
C ASN A 319 -25.93 20.01 25.62
N ALA A 320 -26.52 20.90 24.83
CA ALA A 320 -27.96 21.10 24.83
C ALA A 320 -28.64 20.57 23.56
N ASN A 321 -27.87 20.16 22.57
CA ASN A 321 -28.43 19.62 21.33
C ASN A 321 -27.40 18.68 20.73
N GLY A 322 -27.68 17.38 20.82
CA GLY A 322 -26.73 16.37 20.42
C GLY A 322 -27.29 14.97 20.61
N THR A 323 -26.52 14.10 21.24
CA THR A 323 -27.03 12.78 21.59
C THR A 323 -28.28 12.87 22.45
N ALA A 324 -28.41 13.93 23.24
CA ALA A 324 -29.57 14.08 24.11
C ALA A 324 -30.85 14.29 23.31
N LEU A 325 -30.79 15.10 22.26
CA LEU A 325 -32.01 15.53 21.57
C LEU A 325 -32.29 14.74 20.30
N LEU A 326 -31.27 14.30 19.58
CA LEU A 326 -31.44 13.75 18.25
C LEU A 326 -31.82 12.27 18.25
N ARG A 327 -32.36 11.76 19.36
CA ARG A 327 -32.88 10.41 19.42
C ARG A 327 -34.38 10.37 19.14
N ASP A 328 -34.97 11.50 18.78
CA ASP A 328 -36.36 11.60 18.39
C ASP A 328 -36.44 11.96 16.90
N PRO A 329 -37.16 11.19 16.09
CA PRO A 329 -37.13 11.42 14.63
C PRO A 329 -37.53 12.82 14.19
N GLY A 330 -38.55 13.40 14.84
CA GLY A 330 -38.99 14.73 14.45
C GLY A 330 -37.91 15.77 14.64
N CYS A 331 -37.18 15.68 15.76
CA CYS A 331 -36.07 16.60 15.99
C CYS A 331 -35.00 16.45 14.92
N LEU A 332 -34.70 15.21 14.52
CA LEU A 332 -33.71 14.97 13.48
C LEU A 332 -34.14 15.62 12.17
N ARG A 333 -35.39 15.39 11.75
CA ARG A 333 -35.85 15.96 10.49
C ARG A 333 -35.87 17.49 10.55
N GLU A 334 -36.31 18.06 11.67
CA GLU A 334 -36.36 19.51 11.79
C GLU A 334 -34.97 20.11 11.76
N GLN A 335 -34.00 19.47 12.43
CA GLN A 335 -32.62 19.96 12.38
C GLN A 335 -32.07 19.92 10.97
N CYS A 336 -32.35 18.84 10.23
CA CYS A 336 -31.89 18.76 8.85
C CYS A 336 -32.49 19.89 8.01
N ARG A 337 -33.79 20.13 8.16
CA ARG A 337 -34.44 21.19 7.38
C ARG A 337 -33.85 22.56 7.71
N LEU A 338 -33.67 22.84 9.00
CA LEU A 338 -33.12 24.15 9.39
C LEU A 338 -31.69 24.33 8.89
N LEU A 339 -30.88 23.28 8.96
CA LEU A 339 -29.52 23.37 8.43
C LEU A 339 -29.53 23.65 6.94
N TYR A 340 -30.41 22.97 6.19
CA TYR A 340 -30.49 23.24 4.76
C TYR A 340 -30.90 24.67 4.48
N ARG A 341 -31.87 25.19 5.24
CA ARG A 341 -32.30 26.57 5.02
C ARG A 341 -31.17 27.55 5.30
N HIS A 342 -30.43 27.34 6.38
CA HIS A 342 -29.31 28.23 6.70
C HIS A 342 -28.23 28.16 5.62
N LEU A 343 -27.94 26.96 5.14
CA LEU A 343 -26.94 26.80 4.09
C LEU A 343 -27.36 27.52 2.81
N VAL A 344 -28.64 27.43 2.47
CA VAL A 344 -29.15 28.13 1.28
C VAL A 344 -29.03 29.64 1.47
N ASP A 345 -29.37 30.12 2.67
CA ASP A 345 -29.30 31.56 2.93
C ASP A 345 -27.88 32.08 2.82
N GLN A 346 -26.91 31.32 3.33
CA GLN A 346 -25.51 31.75 3.26
C GLN A 346 -25.02 31.89 1.82
N GLY A 347 -25.68 31.21 0.88
CA GLY A 347 -25.25 31.23 -0.51
C GLY A 347 -24.40 30.05 -0.93
N VAL A 348 -24.27 29.03 -0.09
CA VAL A 348 -23.47 27.87 -0.43
C VAL A 348 -24.11 27.13 -1.60
N CYS A 349 -23.27 26.61 -2.50
CA CYS A 349 -23.76 25.86 -3.65
C CYS A 349 -23.36 24.38 -3.62
N TYR A 350 -22.54 23.96 -2.67
CA TYR A 350 -22.18 22.56 -2.52
C TYR A 350 -21.64 22.36 -1.11
N ALA A 351 -22.20 21.39 -0.40
CA ALA A 351 -21.84 21.13 0.99
C ALA A 351 -21.65 19.64 1.21
N GLU A 352 -20.88 19.30 2.23
CA GLU A 352 -20.64 17.90 2.62
C GLU A 352 -20.75 17.83 4.14
N VAL A 353 -21.89 17.36 4.63
CA VAL A 353 -22.16 17.31 6.06
C VAL A 353 -21.59 16.02 6.63
N ARG A 354 -21.01 16.11 7.82
CA ARG A 354 -20.40 14.96 8.49
C ARG A 354 -21.27 14.55 9.68
N CYS A 355 -21.53 13.25 9.81
CA CYS A 355 -22.37 12.75 10.89
C CYS A 355 -21.96 11.33 11.24
N SER A 356 -22.32 10.92 12.45
CA SER A 356 -22.11 9.54 12.92
C SER A 356 -23.45 8.96 13.31
N PRO A 357 -24.08 8.15 12.46
CA PRO A 357 -25.43 7.66 12.76
C PRO A 357 -25.51 6.78 14.00
N ALA A 358 -24.40 6.19 14.45
CA ALA A 358 -24.45 5.28 15.58
C ALA A 358 -24.85 6.00 16.86
N ASN A 359 -24.42 7.25 17.02
CA ASN A 359 -24.65 7.96 18.27
C ASN A 359 -26.14 8.16 18.54
N TYR A 360 -26.90 8.56 17.52
CA TYR A 360 -28.32 8.85 17.68
C TYR A 360 -29.16 7.60 17.40
N ALA A 361 -28.86 6.53 18.15
CA ALA A 361 -29.58 5.27 17.98
C ALA A 361 -29.51 4.48 19.27
N GLU A 362 -30.65 4.30 19.93
CA GLU A 362 -30.76 3.45 21.11
C GLU A 362 -31.80 2.36 20.95
N VAL A 363 -32.90 2.64 20.25
CA VAL A 363 -33.89 1.64 19.92
C VAL A 363 -33.85 1.27 18.44
N ARG A 364 -33.77 2.27 17.57
CA ARG A 364 -33.63 2.05 16.14
C ARG A 364 -32.19 1.67 15.79
N SER A 365 -32.04 1.07 14.62
CA SER A 365 -30.73 0.68 14.11
C SER A 365 -30.07 1.86 13.42
N PRO A 366 -28.74 1.86 13.30
CA PRO A 366 -28.07 2.95 12.58
C PRO A 366 -28.56 3.14 11.15
N TRP A 367 -28.94 2.05 10.48
CA TRP A 367 -29.41 2.15 9.11
C TRP A 367 -30.68 3.00 9.02
N ASP A 368 -31.58 2.86 9.99
CA ASP A 368 -32.80 3.67 9.97
C ASP A 368 -32.46 5.15 10.13
N VAL A 369 -31.50 5.48 10.99
CA VAL A 369 -31.09 6.87 11.17
C VAL A 369 -30.50 7.42 9.87
N LEU A 370 -29.63 6.65 9.23
CA LEU A 370 -29.04 7.09 7.97
C LEU A 370 -30.11 7.29 6.91
N ALA A 371 -31.08 6.38 6.84
CA ALA A 371 -32.16 6.49 5.86
C ALA A 371 -32.99 7.73 6.11
N ASP A 372 -33.30 8.02 7.38
CA ASP A 372 -34.08 9.21 7.69
C ASP A 372 -33.33 10.48 7.31
N ILE A 373 -32.03 10.54 7.62
CA ILE A 373 -31.25 11.73 7.28
C ILE A 373 -31.23 11.93 5.76
N ARG A 374 -30.95 10.85 5.02
CA ARG A 374 -30.91 10.96 3.56
C ARG A 374 -32.26 11.37 3.00
N ALA A 375 -33.35 10.80 3.53
CA ALA A 375 -34.67 11.13 3.03
C ALA A 375 -35.00 12.59 3.26
N ALA A 376 -34.68 13.11 4.45
CA ALA A 376 -34.95 14.51 4.74
C ALA A 376 -34.17 15.43 3.80
N PHE A 377 -32.88 15.17 3.65
CA PHE A 377 -32.07 16.03 2.78
C PHE A 377 -32.51 15.94 1.32
N GLN A 378 -32.86 14.74 0.84
CA GLN A 378 -33.30 14.61 -0.53
C GLN A 378 -34.64 15.28 -0.76
N GLU A 379 -35.56 15.18 0.21
CA GLU A 379 -36.83 15.88 0.08
C GLU A 379 -36.62 17.38 0.00
N CYS A 380 -35.74 17.92 0.85
CA CYS A 380 -35.45 19.35 0.79
C CYS A 380 -34.85 19.74 -0.56
N MET A 381 -33.90 18.93 -1.06
CA MET A 381 -33.26 19.25 -2.33
C MET A 381 -34.25 19.24 -3.48
N GLU A 382 -35.13 18.24 -3.52
CA GLU A 382 -36.14 18.19 -4.58
C GLU A 382 -37.15 19.32 -4.42
N GLY A 383 -37.44 19.73 -3.18
CA GLY A 383 -38.37 20.82 -2.98
C GLY A 383 -37.83 22.16 -3.47
N ALA A 384 -36.56 22.44 -3.18
CA ALA A 384 -36.00 23.74 -3.54
C ALA A 384 -36.00 23.98 -5.05
N ARG A 385 -35.15 23.24 -5.77
CA ARG A 385 -35.07 23.25 -7.23
C ARG A 385 -35.19 24.64 -7.84
N THR A 386 -34.24 25.51 -7.57
CA THR A 386 -34.20 26.83 -8.21
C THR A 386 -33.73 26.66 -9.65
N ALA A 387 -33.45 27.78 -10.34
CA ALA A 387 -33.21 27.67 -11.78
C ALA A 387 -31.80 28.02 -12.22
N PRO A 388 -30.80 27.17 -11.94
CA PRO A 388 -29.56 27.19 -12.72
C PRO A 388 -29.63 26.34 -13.98
N GLY A 389 -30.82 25.89 -14.36
CA GLY A 389 -30.99 24.92 -15.43
C GLY A 389 -31.81 23.74 -14.95
N GLY A 390 -32.54 23.92 -13.85
CA GLY A 390 -33.35 22.87 -13.26
C GLY A 390 -32.72 22.19 -12.06
N LEU A 391 -31.43 22.40 -11.83
CA LEU A 391 -30.74 21.74 -10.74
C LEU A 391 -31.16 22.33 -9.38
N PRO A 392 -31.00 21.57 -8.30
CA PRO A 392 -31.34 22.10 -6.97
C PRO A 392 -30.40 23.23 -6.55
N ALA A 393 -30.88 24.02 -5.61
CA ALA A 393 -30.15 25.20 -5.16
C ALA A 393 -28.89 24.87 -4.39
N CYS A 394 -28.82 23.69 -3.75
CA CYS A 394 -27.65 23.35 -2.94
C CYS A 394 -27.55 21.82 -2.87
N HIS A 395 -26.55 21.26 -3.54
CA HIS A 395 -26.29 19.84 -3.42
C HIS A 395 -25.69 19.51 -2.06
N VAL A 396 -26.12 18.40 -1.47
CA VAL A 396 -25.66 17.96 -0.16
C VAL A 396 -25.27 16.50 -0.24
N ASN A 397 -24.02 16.19 0.10
CA ASN A 397 -23.54 14.83 0.21
C ASN A 397 -23.30 14.50 1.67
N LEU A 398 -22.79 13.29 1.93
CA LEU A 398 -22.66 12.81 3.30
C LEU A 398 -21.31 12.16 3.51
N ILE A 399 -20.73 12.39 4.69
CA ILE A 399 -19.47 11.80 5.11
C ILE A 399 -19.69 11.18 6.49
N LEU A 400 -19.22 9.95 6.68
CA LEU A 400 -19.47 9.20 7.91
C LEU A 400 -18.21 9.24 8.77
N ILE A 401 -18.30 9.94 9.90
CA ILE A 401 -17.22 9.97 10.88
C ILE A 401 -17.44 8.87 11.91
N ALA A 402 -16.40 8.55 12.68
CA ALA A 402 -16.49 7.48 13.66
C ALA A 402 -17.38 7.91 14.83
N THR A 403 -17.60 6.96 15.75
CA THR A 403 -18.46 7.19 16.91
C THR A 403 -17.61 7.61 18.11
N ARG A 404 -18.29 7.98 19.20
CA ARG A 404 -17.65 8.51 20.40
C ARG A 404 -17.54 7.49 21.52
N ARG A 405 -18.57 6.68 21.74
CA ARG A 405 -18.56 5.75 22.87
C ARG A 405 -17.62 4.59 22.56
N ALA A 406 -16.32 4.78 22.81
CA ALA A 406 -15.31 3.79 22.47
C ALA A 406 -14.94 2.94 23.70
N SER A 407 -15.96 2.29 24.27
CA SER A 407 -15.77 1.33 25.34
C SER A 407 -15.84 -0.10 24.86
N GLY A 408 -16.77 -0.41 23.96
CA GLY A 408 -16.80 -1.72 23.35
C GLY A 408 -15.56 -1.98 22.51
N ASP A 409 -15.44 -3.23 22.05
CA ASP A 409 -14.29 -3.65 21.27
C ASP A 409 -14.03 -2.70 20.11
N TYR A 410 -12.87 -2.05 20.11
CA TYR A 410 -12.57 -1.02 19.13
C TYR A 410 -12.66 -1.57 17.71
N ARG A 411 -12.14 -2.78 17.51
CA ARG A 411 -12.20 -3.40 16.18
C ARG A 411 -13.64 -3.57 15.72
N ALA A 412 -14.53 -3.95 16.63
CA ALA A 412 -15.94 -4.10 16.27
C ALA A 412 -16.54 -2.76 15.83
N ALA A 413 -16.24 -1.69 16.56
CA ALA A 413 -16.76 -0.38 16.19
C ALA A 413 -16.24 0.05 14.83
N ILE A 414 -14.95 -0.14 14.57
CA ILE A 414 -14.37 0.25 13.30
C ILE A 414 -14.99 -0.55 12.16
N ALA A 415 -15.15 -1.87 12.36
CA ALA A 415 -15.73 -2.73 11.34
C ALA A 415 -17.16 -2.32 11.03
N ARG A 416 -17.96 -2.07 12.07
CA ARG A 416 -19.33 -1.64 11.85
C ARG A 416 -19.38 -0.31 11.11
N HIS A 417 -18.49 0.61 11.49
CA HIS A 417 -18.44 1.93 10.87
C HIS A 417 -18.14 1.83 9.38
N LEU A 418 -17.19 0.97 9.00
CA LEU A 418 -16.83 0.85 7.59
C LEU A 418 -17.87 0.07 6.81
N ALA A 419 -18.44 -0.98 7.43
CA ALA A 419 -19.46 -1.77 6.76
C ALA A 419 -20.71 -0.98 6.49
N LEU A 420 -21.10 -0.09 7.40
CA LEU A 420 -22.24 0.78 7.14
C LEU A 420 -21.98 1.69 5.96
N ALA A 421 -20.74 2.14 5.79
CA ALA A 421 -20.42 3.05 4.70
C ALA A 421 -20.46 2.33 3.35
N VAL A 422 -19.89 1.12 3.30
CA VAL A 422 -19.81 0.41 2.01
C VAL A 422 -21.20 0.09 1.48
N THR A 423 -22.07 -0.43 2.34
CA THR A 423 -23.41 -0.79 1.92
C THR A 423 -24.20 0.44 1.48
N ALA A 424 -24.08 1.54 2.22
CA ALA A 424 -24.76 2.77 1.83
C ALA A 424 -24.26 3.30 0.51
N ALA A 425 -22.96 3.16 0.24
CA ALA A 425 -22.41 3.55 -1.05
C ALA A 425 -23.01 2.70 -2.16
N GLU A 426 -23.17 1.39 -1.92
CA GLU A 426 -23.75 0.53 -2.94
C GLU A 426 -25.22 0.82 -3.16
N HIS A 427 -25.94 1.22 -2.11
CA HIS A 427 -27.40 1.34 -2.21
C HIS A 427 -27.82 2.50 -3.10
N TRP A 428 -27.43 3.71 -2.73
CA TRP A 428 -27.81 4.92 -3.46
C TRP A 428 -26.74 5.21 -4.51
N ARG A 429 -27.06 4.93 -5.78
CA ARG A 429 -26.10 5.09 -6.86
C ARG A 429 -26.45 6.19 -7.84
N ASP A 430 -27.59 6.86 -7.67
CA ASP A 430 -27.91 7.98 -8.54
C ASP A 430 -26.96 9.15 -8.29
N GLU A 431 -26.66 9.89 -9.35
CA GLU A 431 -25.65 10.94 -9.31
C GLU A 431 -26.27 12.33 -9.26
N ASN A 432 -27.56 12.42 -8.90
CA ASN A 432 -28.21 13.71 -8.71
C ASN A 432 -29.00 13.69 -7.41
N ALA A 433 -28.42 13.10 -6.36
CA ALA A 433 -29.10 12.96 -5.09
C ALA A 433 -28.05 12.77 -4.00
N CYS A 434 -28.51 12.83 -2.75
CA CYS A 434 -27.60 12.61 -1.63
C CYS A 434 -27.03 11.20 -1.68
N ARG A 435 -25.74 11.09 -1.36
CA ARG A 435 -25.06 9.81 -1.38
C ARG A 435 -23.81 9.87 -0.52
N VAL A 436 -23.54 8.81 0.25
CA VAL A 436 -22.34 8.77 1.06
C VAL A 436 -21.13 8.76 0.14
N VAL A 437 -20.22 9.71 0.35
CA VAL A 437 -19.10 9.89 -0.57
C VAL A 437 -17.76 9.55 0.06
N GLY A 438 -17.63 9.57 1.37
CA GLY A 438 -16.35 9.31 2.00
C GLY A 438 -16.50 9.04 3.47
N VAL A 439 -15.41 8.53 4.06
CA VAL A 439 -15.37 8.20 5.47
C VAL A 439 -14.25 9.00 6.13
N ASP A 440 -14.30 9.07 7.45
CA ASP A 440 -13.32 9.79 8.25
C ASP A 440 -12.64 8.82 9.20
N LEU A 441 -11.34 9.01 9.41
CA LEU A 441 -10.56 8.12 10.28
C LEU A 441 -10.01 8.91 11.46
N ALA A 442 -10.84 9.77 12.06
CA ALA A 442 -10.40 10.58 13.18
C ALA A 442 -10.04 9.71 14.37
N GLY A 443 -8.91 10.04 15.01
CA GLY A 443 -8.45 9.31 16.18
C GLY A 443 -7.01 8.87 16.03
N TYR A 444 -6.30 8.82 17.16
CA TYR A 444 -4.89 8.49 17.18
C TYR A 444 -4.64 7.59 18.39
N GLU A 445 -3.37 7.43 18.76
CA GLU A 445 -2.95 6.57 19.86
C GLU A 445 -3.49 5.17 19.69
N ASP A 446 -4.63 4.88 20.31
CA ASP A 446 -5.28 3.58 20.14
C ASP A 446 -5.58 3.31 18.68
N GLU A 447 -6.19 4.27 17.99
CA GLU A 447 -6.44 4.11 16.56
C GLU A 447 -5.12 4.11 15.78
N LYS A 448 -4.12 4.84 16.27
CA LYS A 448 -2.79 4.76 15.67
C LYS A 448 -2.27 3.34 15.73
N THR A 449 -2.40 2.69 16.88
CA THR A 449 -2.00 1.29 17.01
C THR A 449 -2.88 0.35 16.21
N ARG A 450 -4.11 0.74 15.91
CA ARG A 450 -5.03 -0.14 15.19
C ARG A 450 -5.11 0.20 13.71
N ALA A 451 -5.52 1.42 13.38
CA ALA A 451 -5.81 1.79 12.00
C ALA A 451 -4.57 1.72 11.10
N HIS A 452 -3.48 2.37 11.51
CA HIS A 452 -2.31 2.47 10.66
C HIS A 452 -1.66 1.10 10.45
N TYR A 453 -1.58 0.29 11.51
CA TYR A 453 -1.01 -1.05 11.37
C TYR A 453 -1.85 -1.94 10.46
N PHE A 454 -3.18 -1.89 10.62
CA PHE A 454 -4.06 -2.74 9.81
C PHE A 454 -4.43 -2.01 8.52
N ARG A 455 -3.43 -1.85 7.66
CA ARG A 455 -3.67 -1.25 6.35
C ARG A 455 -4.60 -2.12 5.51
N GLU A 456 -4.51 -3.45 5.68
CA GLU A 456 -5.37 -4.34 4.91
C GLU A 456 -6.84 -4.17 5.26
N GLU A 457 -7.14 -3.63 6.44
CA GLU A 457 -8.52 -3.35 6.78
C GLU A 457 -9.09 -2.26 5.88
N PHE A 458 -8.34 -1.18 5.68
CA PHE A 458 -8.77 -0.11 4.80
C PHE A 458 -8.20 -0.28 3.39
N THR A 459 -8.39 -1.46 2.80
CA THR A 459 -8.13 -1.65 1.39
C THR A 459 -9.40 -2.00 0.62
N ALA A 460 -10.43 -2.52 1.29
CA ALA A 460 -11.71 -2.74 0.64
C ALA A 460 -12.37 -1.44 0.23
N VAL A 461 -12.37 -0.44 1.12
CA VAL A 461 -13.02 0.84 0.84
C VAL A 461 -12.44 1.47 -0.42
N HIS A 462 -11.11 1.40 -0.57
CA HIS A 462 -10.47 1.96 -1.76
C HIS A 462 -11.02 1.33 -3.02
N ARG A 463 -11.30 0.03 -2.99
CA ARG A 463 -11.81 -0.64 -4.18
C ARG A 463 -13.28 -0.32 -4.43
N CYS A 464 -13.99 0.16 -3.41
CA CYS A 464 -15.43 0.42 -3.56
C CYS A 464 -15.74 1.84 -3.99
N GLY A 465 -14.74 2.69 -4.16
CA GLY A 465 -14.97 4.03 -4.64
C GLY A 465 -15.40 5.00 -3.56
N LEU A 466 -14.60 5.12 -2.51
CA LEU A 466 -14.85 6.05 -1.42
C LEU A 466 -13.56 6.80 -1.09
N ALA A 467 -13.69 8.06 -0.72
CA ALA A 467 -12.55 8.88 -0.35
C ALA A 467 -12.32 8.82 1.15
N VAL A 468 -11.09 9.15 1.56
CA VAL A 468 -10.69 9.08 2.96
C VAL A 468 -10.09 10.42 3.36
N THR A 469 -10.58 10.98 4.47
CA THR A 469 -10.03 12.20 5.06
C THR A 469 -9.61 11.91 6.48
N VAL A 470 -8.48 12.48 6.89
CA VAL A 470 -7.87 12.23 8.19
C VAL A 470 -7.80 13.53 8.96
N HIS A 471 -8.33 13.54 10.19
CA HIS A 471 -8.31 14.71 11.04
C HIS A 471 -7.06 14.67 11.91
N ALA A 472 -6.01 15.36 11.45
CA ALA A 472 -4.79 15.50 12.24
C ALA A 472 -4.98 16.65 13.21
N GLY A 473 -5.39 16.34 14.43
CA GLY A 473 -5.72 17.35 15.41
C GLY A 473 -4.59 17.68 16.37
N GLU A 474 -4.70 17.19 17.60
CA GLU A 474 -3.70 17.46 18.62
C GLU A 474 -2.37 16.80 18.24
N ASN A 475 -1.34 17.14 19.02
CA ASN A 475 0.04 16.70 18.78
C ASN A 475 0.55 17.21 17.43
N ASP A 476 -0.04 16.73 16.34
CA ASP A 476 0.29 17.19 14.99
C ASP A 476 1.76 16.93 14.66
N ASP A 477 2.22 15.72 14.96
CA ASP A 477 3.58 15.33 14.62
C ASP A 477 3.70 15.01 13.13
N ALA A 478 4.94 14.92 12.65
CA ALA A 478 5.22 14.70 11.24
C ALA A 478 5.01 13.25 10.83
N GLU A 479 5.36 12.31 11.71
CA GLU A 479 5.28 10.90 11.35
C GLU A 479 3.85 10.47 11.07
N GLY A 480 2.90 10.98 11.86
CA GLY A 480 1.50 10.70 11.64
C GLY A 480 1.03 11.19 10.29
N ILE A 481 1.47 12.39 9.90
CA ILE A 481 1.09 12.93 8.59
C ILE A 481 1.71 12.09 7.47
N TRP A 482 2.97 11.69 7.63
CA TRP A 482 3.60 10.83 6.64
C TRP A 482 2.82 9.53 6.46
N ARG A 483 2.46 8.90 7.58
CA ARG A 483 1.72 7.64 7.52
C ARG A 483 0.35 7.84 6.88
N ALA A 484 -0.34 8.92 7.25
CA ALA A 484 -1.66 9.18 6.68
C ALA A 484 -1.59 9.41 5.18
N VAL A 485 -0.58 10.15 4.73
CA VAL A 485 -0.46 10.45 3.31
C VAL A 485 -0.08 9.22 2.50
N PHE A 486 0.86 8.42 2.98
CA PHE A 486 1.43 7.39 2.12
C PHE A 486 0.88 5.99 2.36
N ASP A 487 0.32 5.70 3.53
CA ASP A 487 -0.20 4.36 3.78
C ASP A 487 -1.72 4.30 3.70
N LEU A 488 -2.42 5.28 4.30
CA LEU A 488 -3.87 5.33 4.23
C LEU A 488 -4.37 5.91 2.92
N ASN A 489 -3.51 6.54 2.14
CA ASN A 489 -3.88 7.14 0.85
C ASN A 489 -5.01 8.16 1.01
N ALA A 490 -4.95 8.96 2.06
CA ALA A 490 -5.94 10.01 2.25
C ALA A 490 -5.77 11.10 1.21
N ARG A 491 -6.83 11.88 1.02
CA ARG A 491 -6.84 12.94 0.02
C ARG A 491 -7.10 14.32 0.61
N ARG A 492 -7.45 14.41 1.88
CA ARG A 492 -7.64 15.70 2.54
C ARG A 492 -7.15 15.58 3.99
N LEU A 493 -6.57 16.66 4.49
CA LEU A 493 -6.06 16.71 5.86
C LEU A 493 -6.88 17.69 6.69
N GLY A 494 -7.06 17.35 7.97
CA GLY A 494 -7.82 18.18 8.87
C GLY A 494 -6.92 19.07 9.69
N HIS A 495 -7.19 20.37 9.63
CA HIS A 495 -6.42 21.38 10.36
C HIS A 495 -4.94 21.31 9.99
N ALA A 496 -4.15 20.63 10.81
CA ALA A 496 -2.72 20.44 10.55
C ALA A 496 -2.01 21.79 10.35
N LEU A 497 -1.99 22.58 11.42
CA LEU A 497 -1.51 23.95 11.35
C LEU A 497 0.01 24.07 11.39
N SER A 498 0.74 22.96 11.55
CA SER A 498 2.20 23.01 11.64
C SER A 498 2.79 22.08 10.58
N LEU A 499 3.01 22.63 9.38
CA LEU A 499 3.70 21.92 8.31
C LEU A 499 4.97 22.63 7.85
N GLY A 500 5.20 23.86 8.28
CA GLY A 500 6.38 24.62 7.89
C GLY A 500 7.62 24.33 8.69
N GLN A 501 7.58 23.35 9.57
CA GLN A 501 8.72 22.97 10.40
C GLN A 501 9.43 21.75 9.80
N SER A 502 9.02 21.35 8.60
CA SER A 502 9.66 20.26 7.88
C SER A 502 9.47 20.46 6.39
N ARG A 503 10.54 20.90 5.70
CA ARG A 503 10.41 21.32 4.31
C ARG A 503 10.02 20.16 3.40
N GLU A 504 10.56 18.97 3.67
CA GLU A 504 10.26 17.81 2.82
C GLU A 504 8.78 17.49 2.82
N LEU A 505 8.16 17.49 4.01
CA LEU A 505 6.74 17.21 4.11
C LEU A 505 5.92 18.26 3.38
N LEU A 506 6.27 19.53 3.53
CA LEU A 506 5.54 20.59 2.86
C LEU A 506 5.64 20.45 1.34
N ARG A 507 6.85 20.18 0.85
CA ARG A 507 7.04 20.02 -0.60
C ARG A 507 6.24 18.83 -1.12
N SER A 508 6.28 17.71 -0.39
CA SER A 508 5.54 16.53 -0.83
C SER A 508 4.04 16.81 -0.86
N VAL A 509 3.51 17.45 0.19
CA VAL A 509 2.08 17.74 0.24
C VAL A 509 1.68 18.66 -0.89
N ALA A 510 2.52 19.67 -1.16
CA ALA A 510 2.26 20.59 -2.25
C ALA A 510 2.26 19.89 -3.60
N ASP A 511 3.23 18.99 -3.82
CA ASP A 511 3.37 18.36 -5.12
C ASP A 511 2.26 17.36 -5.39
N ARG A 512 1.95 16.49 -4.42
CA ARG A 512 0.97 15.43 -4.67
C ARG A 512 -0.42 15.99 -4.89
N GLY A 513 -0.76 17.09 -4.23
CA GLY A 513 -2.06 17.72 -4.40
C GLY A 513 -3.02 17.53 -3.25
N ILE A 514 -2.57 17.08 -2.08
CA ILE A 514 -3.47 16.90 -0.95
C ILE A 514 -4.02 18.26 -0.51
N GLY A 515 -5.24 18.24 0.03
CA GLY A 515 -5.91 19.45 0.46
C GLY A 515 -5.79 19.65 1.96
N VAL A 516 -5.94 20.89 2.39
CA VAL A 516 -5.87 21.27 3.80
C VAL A 516 -7.13 22.06 4.16
N GLU A 517 -7.68 21.76 5.32
CA GLU A 517 -8.91 22.38 5.79
C GLU A 517 -8.61 23.19 7.05
N LEU A 518 -8.84 24.50 7.00
CA LEU A 518 -8.57 25.37 8.13
C LEU A 518 -9.86 26.07 8.57
N CYS A 519 -10.03 26.20 9.89
CA CYS A 519 -11.18 26.86 10.48
C CYS A 519 -10.67 27.98 11.37
N PRO A 520 -10.80 29.24 10.95
CA PRO A 520 -10.20 30.35 11.71
C PRO A 520 -10.76 30.52 13.11
N TYR A 521 -12.08 30.59 13.24
CA TYR A 521 -12.69 30.87 14.53
C TYR A 521 -12.38 29.77 15.54
N ALA A 522 -12.56 28.52 15.14
CA ALA A 522 -12.30 27.41 16.05
C ALA A 522 -10.83 27.36 16.45
N ASN A 523 -9.93 27.57 15.48
CA ASN A 523 -8.50 27.56 15.80
C ASN A 523 -8.16 28.68 16.77
N LEU A 524 -8.70 29.88 16.57
CA LEU A 524 -8.43 30.98 17.49
C LEU A 524 -8.96 30.68 18.88
N GLN A 525 -10.16 30.13 18.97
CA GLN A 525 -10.77 29.89 20.28
C GLN A 525 -10.21 28.68 20.99
N ILE A 526 -9.54 27.75 20.29
CA ILE A 526 -9.08 26.53 20.94
C ILE A 526 -7.58 26.57 21.16
N LYS A 527 -6.82 27.03 20.16
CA LYS A 527 -5.37 27.01 20.22
C LYS A 527 -4.75 28.36 20.54
N GLY A 528 -5.44 29.46 20.28
CA GLY A 528 -4.89 30.77 20.57
C GLY A 528 -4.00 31.27 19.45
N PHE A 529 -4.20 32.52 19.03
CA PHE A 529 -3.41 33.12 17.98
C PHE A 529 -3.45 34.64 18.12
N ARG A 530 -2.38 35.29 17.67
CA ARG A 530 -2.36 36.74 17.66
C ARG A 530 -3.39 37.26 16.66
N LEU A 531 -3.97 38.41 16.98
CA LEU A 531 -5.00 39.02 16.15
C LEU A 531 -4.55 40.42 15.77
N ASP A 532 -4.96 40.85 14.57
CA ASP A 532 -4.54 42.12 14.00
C ASP A 532 -3.02 42.17 13.87
N GLY A 533 -2.45 43.36 13.88
CA GLY A 533 -1.01 43.49 13.71
C GLY A 533 -0.23 42.79 14.81
N SER A 534 -0.66 42.96 16.06
CA SER A 534 0.03 42.34 17.19
C SER A 534 -0.73 41.12 17.69
N ALA A 548 3.70 30.02 23.45
CA ALA A 548 3.23 31.12 22.62
C ALA A 548 3.17 30.69 21.15
N PRO A 549 2.02 30.94 20.51
CA PRO A 549 1.87 30.57 19.10
C PRO A 549 2.37 31.66 18.17
N GLY A 550 2.70 31.27 16.93
CA GLY A 550 3.21 32.21 15.97
C GLY A 550 2.10 32.77 15.09
N PRO A 551 2.48 33.27 13.91
CA PRO A 551 1.47 33.80 12.98
C PRO A 551 0.61 32.69 12.41
N TYR A 552 -0.58 33.07 11.96
CA TYR A 552 -1.47 32.09 11.34
C TYR A 552 -0.85 31.60 10.03
N PRO A 553 -0.66 30.29 9.88
CA PRO A 553 -0.06 29.76 8.63
C PRO A 553 -1.07 29.59 7.50
N LEU A 554 -1.57 30.73 7.01
CA LEU A 554 -2.46 30.73 5.85
C LEU A 554 -1.80 31.38 4.64
N LEU A 555 -1.19 32.55 4.82
CA LEU A 555 -0.52 33.22 3.71
C LEU A 555 0.66 32.38 3.19
N ASP A 556 1.44 31.80 4.10
CA ASP A 556 2.59 31.01 3.68
C ASP A 556 2.15 29.80 2.88
N TYR A 557 1.13 29.08 3.37
CA TYR A 557 0.62 27.93 2.64
C TYR A 557 0.10 28.33 1.28
N LEU A 558 -0.61 29.46 1.20
CA LEU A 558 -1.12 29.93 -0.08
C LEU A 558 0.01 30.28 -1.04
N ARG A 559 1.11 30.82 -0.53
CA ARG A 559 2.23 31.20 -1.38
C ARG A 559 3.05 30.00 -1.86
N GLU A 560 3.24 28.98 -1.01
CA GLU A 560 4.01 27.83 -1.44
C GLU A 560 3.32 27.07 -2.56
N GLY A 561 1.99 26.94 -2.49
CA GLY A 561 1.26 26.22 -3.52
C GLY A 561 0.34 25.16 -2.96
N VAL A 562 0.16 25.15 -1.65
CA VAL A 562 -0.74 24.21 -1.01
C VAL A 562 -2.17 24.60 -1.31
N ARG A 563 -3.07 23.61 -1.29
CA ARG A 563 -4.48 23.85 -1.58
C ARG A 563 -5.22 24.04 -0.26
N VAL A 564 -5.34 25.30 0.14
CA VAL A 564 -5.92 25.67 1.43
C VAL A 564 -7.38 26.06 1.25
N THR A 565 -8.21 25.70 2.23
CA THR A 565 -9.62 26.05 2.24
C THR A 565 -9.98 26.65 3.60
N VAL A 566 -11.12 27.32 3.64
CA VAL A 566 -11.64 27.92 4.86
C VAL A 566 -13.06 27.39 5.06
N ASN A 567 -13.33 26.87 6.25
CA ASN A 567 -14.59 26.20 6.54
C ASN A 567 -15.20 26.75 7.83
N THR A 568 -16.32 26.17 8.24
CA THR A 568 -17.11 26.65 9.37
C THR A 568 -16.87 25.83 10.64
N ASP A 569 -16.71 24.52 10.49
CA ASP A 569 -16.56 23.57 11.59
C ASP A 569 -17.89 23.40 12.32
N ASN A 570 -18.02 24.01 13.49
CA ASN A 570 -19.25 23.93 14.29
C ASN A 570 -19.92 25.29 14.28
N ILE A 571 -21.09 25.36 13.62
CA ILE A 571 -21.80 26.62 13.49
C ILE A 571 -22.40 27.10 14.81
N GLY A 572 -22.93 26.20 15.62
CA GLY A 572 -23.60 26.60 16.84
C GLY A 572 -22.68 26.88 18.01
N ILE A 573 -21.69 26.00 18.21
CA ILE A 573 -20.75 26.18 19.31
C ILE A 573 -19.89 27.42 19.10
N SER A 574 -19.45 27.68 17.87
CA SER A 574 -18.58 28.81 17.59
C SER A 574 -19.33 30.10 17.30
N ALA A 575 -20.62 30.02 16.95
CA ALA A 575 -21.46 31.19 16.70
C ALA A 575 -20.86 32.07 15.60
N ALA A 576 -20.60 31.45 14.46
CA ALA A 576 -20.05 32.17 13.31
C ALA A 576 -20.37 31.40 12.03
N SER A 577 -20.57 32.14 10.96
CA SER A 577 -20.87 31.58 9.65
C SER A 577 -19.62 31.61 8.77
N LEU A 578 -19.80 31.22 7.51
CA LEU A 578 -18.68 31.20 6.57
C LEU A 578 -18.17 32.61 6.28
N THR A 579 -19.08 33.58 6.13
CA THR A 579 -18.65 34.95 5.83
C THR A 579 -17.81 35.52 6.96
N ASP A 580 -18.26 35.33 8.21
CA ASP A 580 -17.49 35.80 9.35
C ASP A 580 -16.15 35.10 9.44
N ASN A 581 -16.12 33.81 9.09
CA ASN A 581 -14.85 33.09 9.08
C ASN A 581 -13.88 33.67 8.07
N LEU A 582 -14.38 34.00 6.86
CA LEU A 582 -13.51 34.61 5.86
C LEU A 582 -13.00 35.98 6.32
N LEU A 583 -13.88 36.79 6.90
CA LEU A 583 -13.45 38.11 7.38
C LEU A 583 -12.43 37.98 8.51
N LEU A 584 -12.64 37.05 9.44
CA LEU A 584 -11.67 36.85 10.51
C LEU A 584 -10.35 36.31 9.97
N ALA A 585 -10.40 35.47 8.93
CA ALA A 585 -9.17 35.00 8.28
C ALA A 585 -8.42 36.18 7.67
N ALA A 586 -9.16 37.13 7.10
CA ALA A 586 -8.56 38.35 6.60
C ALA A 586 -7.89 39.11 7.75
N ARG A 587 -8.55 39.14 8.91
CA ARG A 587 -7.97 39.85 10.06
C ARG A 587 -6.70 39.18 10.55
N LEU A 588 -6.68 37.85 10.60
CA LEU A 588 -5.56 37.14 11.22
C LEU A 588 -4.28 37.31 10.41
N CYS A 589 -4.37 37.25 9.09
CA CYS A 589 -3.19 37.38 8.26
C CYS A 589 -3.22 38.73 7.53
N PRO A 590 -2.48 39.72 8.01
CA PRO A 590 -2.50 41.05 7.37
C PRO A 590 -1.84 41.01 6.00
N GLY A 591 -2.58 41.45 4.99
CA GLY A 591 -2.04 41.48 3.64
C GLY A 591 -2.86 40.66 2.66
N LEU A 592 -3.84 39.91 3.16
CA LEU A 592 -4.68 39.08 2.30
C LEU A 592 -5.47 39.95 1.34
N THR A 593 -5.50 39.52 0.07
CA THR A 593 -6.24 40.21 -0.96
C THR A 593 -7.47 39.40 -1.38
N ARG A 594 -8.38 40.05 -2.09
CA ARG A 594 -9.60 39.41 -2.54
C ARG A 594 -9.32 38.31 -3.56
N LEU A 595 -8.33 38.52 -4.43
CA LEU A 595 -7.89 37.47 -5.33
C LEU A 595 -7.50 36.22 -4.57
N ASP A 596 -6.97 36.37 -3.35
CA ASP A 596 -6.68 35.20 -2.53
C ASP A 596 -7.95 34.49 -2.08
N LEU A 597 -9.02 35.25 -1.82
CA LEU A 597 -10.30 34.62 -1.51
C LEU A 597 -10.81 33.79 -2.69
N LEU A 598 -10.70 34.34 -3.90
CA LEU A 598 -11.09 33.57 -5.08
C LEU A 598 -10.20 32.35 -5.27
N HIS A 599 -8.91 32.49 -4.96
CA HIS A 599 -8.01 31.34 -5.00
C HIS A 599 -8.46 30.26 -4.03
N LEU A 600 -8.88 30.67 -2.83
CA LEU A 600 -9.37 29.71 -1.84
C LEU A 600 -10.59 28.97 -2.36
N GLN A 601 -11.52 29.70 -2.98
CA GLN A 601 -12.70 29.06 -3.55
C GLN A 601 -12.33 28.07 -4.65
N ARG A 602 -11.39 28.46 -5.52
CA ARG A 602 -10.96 27.55 -6.58
C ARG A 602 -10.32 26.28 -6.03
N HIS A 603 -9.48 26.43 -5.01
CA HIS A 603 -8.87 25.25 -4.37
C HIS A 603 -9.93 24.35 -3.75
N ALA A 604 -10.91 24.96 -3.06
CA ALA A 604 -11.98 24.17 -2.46
C ALA A 604 -12.77 23.41 -3.52
N LEU A 605 -13.01 24.05 -4.66
CA LEU A 605 -13.67 23.35 -5.77
C LEU A 605 -12.82 22.19 -6.26
N GLU A 606 -11.51 22.39 -6.38
CA GLU A 606 -10.64 21.35 -6.91
C GLU A 606 -10.57 20.14 -6.00
N THR A 607 -10.54 20.34 -4.69
CA THR A 607 -10.32 19.24 -3.77
C THR A 607 -11.60 18.56 -3.29
N ALA A 608 -12.74 18.83 -3.91
CA ALA A 608 -13.99 18.22 -3.49
C ALA A 608 -14.02 16.74 -3.89
N PHE A 609 -15.11 16.07 -3.50
CA PHE A 609 -15.29 14.65 -3.73
C PHE A 609 -16.40 14.35 -4.73
N CYS A 610 -16.75 15.32 -5.57
CA CYS A 610 -17.83 15.13 -6.55
C CYS A 610 -17.27 14.40 -7.78
N THR A 611 -18.07 14.36 -8.85
CA THR A 611 -17.66 13.75 -10.10
C THR A 611 -17.32 14.84 -11.11
N ALA A 612 -16.83 14.42 -12.28
CA ALA A 612 -16.37 15.37 -13.29
C ALA A 612 -17.50 16.26 -13.79
N THR A 613 -18.68 15.68 -14.05
CA THR A 613 -19.80 16.48 -14.51
C THR A 613 -20.22 17.49 -13.45
N GLN A 614 -20.28 17.07 -12.19
CA GLN A 614 -20.58 18.00 -11.11
C GLN A 614 -19.51 19.08 -10.99
N ARG A 615 -18.25 18.71 -11.20
CA ARG A 615 -17.18 19.70 -11.15
C ARG A 615 -17.35 20.76 -12.24
N LEU A 616 -17.68 20.32 -13.46
CA LEU A 616 -17.88 21.27 -14.54
C LEU A 616 -19.09 22.18 -14.26
N THR A 617 -20.18 21.59 -13.76
CA THR A 617 -21.35 22.40 -13.44
C THR A 617 -21.05 23.42 -12.35
N LEU A 618 -20.32 22.99 -11.32
CA LEU A 618 -19.96 23.92 -10.24
C LEU A 618 -19.04 25.02 -10.74
N LEU A 619 -18.10 24.68 -11.61
CA LEU A 619 -17.22 25.69 -12.18
C LEU A 619 -18.02 26.72 -12.97
N ARG A 620 -18.98 26.25 -13.78
CA ARG A 620 -19.81 27.18 -14.53
C ARG A 620 -20.63 28.07 -13.59
N ARG A 621 -21.20 27.47 -12.54
CA ARG A 621 -22.03 28.23 -11.61
C ARG A 621 -21.22 29.29 -10.87
N ILE A 622 -20.02 28.92 -10.42
CA ILE A 622 -19.20 29.84 -9.64
C ILE A 622 -18.66 30.96 -10.53
N SER A 623 -18.15 30.61 -11.71
CA SER A 623 -17.49 31.59 -12.56
C SER A 623 -18.45 32.65 -13.08
N SER A 624 -19.75 32.39 -13.06
CA SER A 624 -20.71 33.35 -13.58
C SER A 624 -21.56 33.94 -12.46
N GLY A 625 -21.02 33.99 -11.25
CA GLY A 625 -21.76 34.49 -10.11
C GLY A 625 -21.02 35.51 -9.28
N ILE A 626 -19.74 35.71 -9.56
CA ILE A 626 -18.91 36.64 -8.81
C ILE A 626 -19.43 38.06 -9.00
N PRO A 627 -19.76 38.78 -7.93
CA PRO A 627 -20.31 40.13 -8.10
C PRO A 627 -19.22 41.14 -8.44
N ARG A 628 -19.52 41.98 -9.42
CA ARG A 628 -18.60 43.04 -9.80
C ARG A 628 -18.58 44.12 -8.71
N PRO A 629 -17.43 44.79 -8.53
CA PRO A 629 -17.31 45.89 -7.56
C PRO A 629 -18.27 47.03 -7.83
N VAL B 3 4.02 47.82 -47.32
CA VAL B 3 3.19 48.88 -46.77
C VAL B 3 2.36 49.52 -47.87
N GLN B 4 2.20 48.81 -48.98
CA GLN B 4 1.39 49.30 -50.09
C GLN B 4 -0.06 49.47 -49.63
N ALA B 5 -0.64 50.62 -49.95
CA ALA B 5 -1.99 50.97 -49.50
C ALA B 5 -2.93 50.91 -50.69
N HIS B 6 -3.53 49.74 -50.90
CA HIS B 6 -4.59 49.59 -51.88
C HIS B 6 -5.91 50.05 -51.25
N LEU B 7 -6.44 51.17 -51.73
CA LEU B 7 -7.52 51.87 -51.07
C LEU B 7 -8.81 51.76 -51.86
N PHE B 8 -9.91 51.62 -51.12
CA PHE B 8 -11.27 51.67 -51.66
C PHE B 8 -11.91 52.96 -51.17
N VAL B 9 -12.38 53.80 -52.10
CA VAL B 9 -12.84 55.11 -51.67
C VAL B 9 -14.28 55.08 -51.24
N SER B 10 -15.18 55.00 -52.22
CA SER B 10 -16.62 55.12 -52.01
C SER B 10 -17.28 55.13 -53.38
N LEU B 11 -18.61 55.20 -53.36
CA LEU B 11 -19.36 55.69 -54.51
C LEU B 11 -19.92 57.06 -54.19
N GLY B 12 -20.61 57.65 -55.16
CA GLY B 12 -21.28 58.91 -54.92
C GLY B 12 -21.97 59.51 -56.13
N THR B 13 -23.20 59.96 -55.95
CA THR B 13 -23.89 60.72 -56.99
C THR B 13 -23.18 62.04 -57.21
N ALA B 14 -22.98 62.79 -56.13
CA ALA B 14 -22.13 63.97 -56.19
C ALA B 14 -20.66 63.54 -56.23
N PRO B 15 -19.89 63.99 -57.23
CA PRO B 15 -18.51 63.50 -57.37
C PRO B 15 -17.61 63.82 -56.18
N ALA B 16 -17.89 64.89 -55.43
CA ALA B 16 -17.04 65.41 -54.37
C ALA B 16 -16.54 64.36 -53.38
N ILE B 17 -17.28 63.25 -53.26
CA ILE B 17 -16.96 62.22 -52.28
C ILE B 17 -15.55 61.69 -52.53
N VAL B 18 -15.22 61.42 -53.79
CA VAL B 18 -13.91 60.90 -54.15
C VAL B 18 -12.80 61.91 -53.89
N PRO B 19 -12.90 63.19 -54.37
CA PRO B 19 -11.84 64.16 -54.06
C PRO B 19 -11.65 64.41 -52.57
N GLU B 20 -12.73 64.48 -51.81
CA GLU B 20 -12.58 64.74 -50.38
C GLU B 20 -12.17 63.51 -49.60
N ALA B 21 -12.37 62.31 -50.15
CA ALA B 21 -11.95 61.10 -49.46
C ALA B 21 -10.48 60.79 -49.72
N PHE B 22 -9.98 61.15 -50.91
CA PHE B 22 -8.56 61.04 -51.18
C PHE B 22 -7.72 61.94 -50.29
N LEU B 23 -8.32 62.98 -49.70
CA LEU B 23 -7.62 63.87 -48.77
C LEU B 23 -7.59 63.18 -47.42
N LEU B 24 -6.45 62.59 -47.09
CA LEU B 24 -6.26 61.94 -45.79
C LEU B 24 -4.92 62.39 -45.21
N PRO B 25 -4.86 62.71 -43.92
CA PRO B 25 -3.61 63.22 -43.34
C PRO B 25 -2.58 62.11 -43.18
N GLY B 26 -1.45 62.27 -43.88
CA GLY B 26 -0.34 61.35 -43.75
C GLY B 26 -0.67 59.92 -44.14
N ALA B 27 -1.36 59.75 -45.28
CA ALA B 27 -1.76 58.42 -45.74
C ALA B 27 -1.65 58.40 -47.26
N ARG B 28 -0.58 57.78 -47.77
CA ARG B 28 -0.35 57.68 -49.20
C ARG B 28 -0.96 56.38 -49.73
N PHE B 29 -1.69 56.48 -50.83
CA PHE B 29 -2.38 55.34 -51.41
C PHE B 29 -1.81 55.07 -52.81
N VAL B 30 -1.38 53.84 -53.03
CA VAL B 30 -0.86 53.45 -54.34
C VAL B 30 -1.96 53.07 -55.32
N SER B 31 -3.18 52.84 -54.84
CA SER B 31 -4.28 52.45 -55.70
C SER B 31 -5.58 53.01 -55.17
N VAL B 32 -6.48 53.32 -56.09
CA VAL B 32 -7.82 53.82 -55.76
C VAL B 32 -8.83 53.06 -56.61
N HIS B 33 -9.83 52.48 -55.95
CA HIS B 33 -10.85 51.69 -56.62
C HIS B 33 -12.23 52.23 -56.27
N VAL B 34 -13.06 52.44 -57.30
CA VAL B 34 -14.38 53.05 -57.14
C VAL B 34 -15.40 52.17 -57.84
N LEU B 35 -16.51 51.89 -57.16
CA LEU B 35 -17.62 51.11 -57.69
C LEU B 35 -18.88 51.94 -57.54
N THR B 36 -19.62 52.16 -58.65
CA THR B 36 -20.81 52.99 -58.60
C THR B 36 -21.76 52.58 -59.73
N THR B 37 -22.84 53.36 -59.87
CA THR B 37 -23.94 53.06 -60.78
C THR B 37 -23.78 53.69 -62.16
N GLU B 38 -24.86 53.69 -62.94
CA GLU B 38 -24.89 54.26 -64.28
C GLU B 38 -24.83 55.78 -64.28
N ARG B 39 -25.58 56.42 -63.38
CA ARG B 39 -25.78 57.88 -63.42
C ARG B 39 -24.52 58.73 -63.29
N PRO B 40 -23.58 58.46 -62.35
CA PRO B 40 -22.67 59.53 -61.90
C PRO B 40 -21.83 60.13 -63.02
N ASP B 41 -21.55 61.43 -62.87
CA ASP B 41 -20.88 62.23 -63.88
C ASP B 41 -19.40 61.85 -63.91
N VAL B 42 -19.10 60.87 -64.76
CA VAL B 42 -17.76 60.30 -64.89
C VAL B 42 -16.80 61.38 -65.37
N THR B 43 -17.33 62.47 -65.91
CA THR B 43 -16.49 63.57 -66.37
C THR B 43 -15.73 64.21 -65.21
N LEU B 44 -16.36 64.32 -64.05
CA LEU B 44 -15.68 64.92 -62.91
C LEU B 44 -14.62 64.00 -62.31
N ILE B 45 -14.84 62.69 -62.32
CA ILE B 45 -13.75 61.80 -61.91
C ILE B 45 -12.65 61.77 -62.97
N ARG B 46 -13.01 62.03 -64.23
CA ARG B 46 -11.97 62.25 -65.25
C ARG B 46 -11.17 63.52 -64.94
N GLU B 47 -11.85 64.56 -64.45
CA GLU B 47 -11.14 65.75 -63.99
C GLU B 47 -10.20 65.42 -62.84
N PHE B 48 -10.67 64.61 -61.89
CA PHE B 48 -9.83 64.18 -60.77
C PHE B 48 -8.71 63.25 -61.24
N PHE B 49 -8.87 62.61 -62.41
CA PHE B 49 -7.89 61.64 -62.89
C PHE B 49 -6.49 62.23 -62.93
N ARG B 50 -6.37 63.47 -63.42
CA ARG B 50 -5.10 64.18 -63.37
C ARG B 50 -5.16 65.45 -62.55
N ARG B 51 -6.29 65.76 -61.91
CA ARG B 51 -6.38 66.93 -61.04
C ARG B 51 -5.44 66.79 -59.85
N HIS B 52 -5.36 65.59 -59.28
CA HIS B 52 -4.50 65.37 -58.11
C HIS B 52 -3.04 65.62 -58.45
N ALA B 53 -2.57 65.08 -59.61
CA ALA B 53 -1.28 65.21 -60.29
C ALA B 53 -0.36 64.00 -60.15
N PRO B 54 0.07 63.59 -58.92
CA PRO B 54 1.24 62.70 -58.82
C PRO B 54 1.07 61.36 -59.51
N GLY B 55 -0.05 60.68 -59.27
CA GLY B 55 -0.32 59.43 -59.94
C GLY B 55 -0.87 58.34 -59.04
N VAL B 56 -1.99 57.76 -59.46
CA VAL B 56 -2.64 56.66 -58.75
C VAL B 56 -3.68 56.06 -59.69
N ASN B 57 -3.93 54.76 -59.57
CA ASN B 57 -4.95 54.13 -60.39
C ASN B 57 -6.34 54.62 -59.98
N LEU B 58 -7.21 54.80 -60.97
CA LEU B 58 -8.58 55.28 -60.76
C LEU B 58 -9.57 54.39 -61.50
N THR B 59 -9.45 53.07 -61.28
CA THR B 59 -10.41 52.14 -61.85
C THR B 59 -11.82 52.45 -61.34
N ILE B 60 -12.69 52.91 -62.23
CA ILE B 60 -14.07 53.23 -61.89
C ILE B 60 -14.93 52.05 -62.33
N THR B 61 -15.40 51.27 -61.36
CA THR B 61 -16.23 50.13 -61.66
C THR B 61 -17.70 50.55 -61.77
N ARG B 62 -18.43 49.90 -62.67
CA ARG B 62 -19.83 50.21 -62.90
C ARG B 62 -20.64 48.93 -63.01
N VAL B 63 -21.89 48.99 -62.53
CA VAL B 63 -22.80 47.87 -62.65
C VAL B 63 -23.46 47.88 -64.03
N ALA B 64 -23.93 46.71 -64.46
CA ALA B 64 -24.53 46.59 -65.79
C ALA B 64 -25.80 47.42 -65.90
N GLY B 65 -26.56 47.55 -64.80
CA GLY B 65 -27.73 48.41 -64.81
C GLY B 65 -28.19 48.83 -63.44
N PHE B 66 -28.31 50.14 -63.22
CA PHE B 66 -28.77 50.68 -61.95
C PHE B 66 -29.03 52.18 -62.06
N GLN B 67 -30.07 52.67 -61.38
CA GLN B 67 -30.32 54.10 -61.30
C GLN B 67 -30.72 54.57 -59.92
N ASP B 68 -31.13 53.69 -59.01
CA ASP B 68 -31.50 54.08 -57.66
C ASP B 68 -31.56 52.84 -56.78
N LEU B 69 -31.37 53.04 -55.48
CA LEU B 69 -31.49 51.99 -54.47
C LEU B 69 -32.85 52.14 -53.80
N LYS B 70 -33.86 51.53 -54.41
CA LYS B 70 -35.23 51.67 -53.93
C LYS B 70 -35.93 50.32 -53.82
N SER B 71 -35.35 49.29 -54.44
CA SER B 71 -35.95 47.96 -54.38
C SER B 71 -35.24 47.09 -53.35
N GLU B 72 -35.97 46.11 -52.83
CA GLU B 72 -35.37 45.15 -51.90
C GLU B 72 -34.27 44.34 -52.56
N GLU B 73 -34.51 43.89 -53.80
CA GLU B 73 -33.48 43.17 -54.53
C GLU B 73 -32.30 44.06 -54.91
N ASP B 74 -32.51 45.38 -54.97
CA ASP B 74 -31.41 46.29 -55.29
C ASP B 74 -30.31 46.20 -54.24
N HIS B 75 -30.69 46.13 -52.97
CA HIS B 75 -29.71 46.00 -51.90
C HIS B 75 -28.89 44.73 -52.05
N PHE B 76 -29.56 43.60 -52.31
CA PHE B 76 -28.85 42.33 -52.48
C PHE B 76 -27.92 42.38 -53.69
N ARG B 77 -28.41 42.95 -54.80
CA ARG B 77 -27.60 43.04 -56.01
C ARG B 77 -26.33 43.85 -55.75
N PHE B 78 -26.48 45.03 -55.17
CA PHE B 78 -25.29 45.86 -54.94
C PHE B 78 -24.39 45.26 -53.88
N GLU B 79 -24.97 44.58 -52.88
CA GLU B 79 -24.17 43.92 -51.87
C GLU B 79 -23.29 42.85 -52.51
N GLU B 80 -23.87 42.01 -53.37
CA GLU B 80 -23.07 40.99 -54.04
C GLU B 80 -22.02 41.60 -54.95
N VAL B 81 -22.40 42.65 -55.70
CA VAL B 81 -21.46 43.26 -56.64
C VAL B 81 -20.25 43.84 -55.90
N MET B 82 -20.50 44.65 -54.88
CA MET B 82 -19.41 45.26 -54.13
C MET B 82 -18.63 44.23 -53.33
N PHE B 83 -19.32 43.16 -52.90
CA PHE B 83 -18.65 42.09 -52.16
C PHE B 83 -17.63 41.39 -53.05
N ARG B 84 -18.05 40.97 -54.24
CA ARG B 84 -17.14 40.36 -55.19
C ARG B 84 -16.13 41.37 -55.72
N TRP B 85 -16.42 42.66 -55.64
CA TRP B 85 -15.42 43.68 -55.96
C TRP B 85 -14.28 43.64 -54.95
N PHE B 86 -14.62 43.58 -53.65
CA PHE B 86 -13.62 43.31 -52.62
C PHE B 86 -12.85 42.03 -52.91
N LEU B 87 -13.56 40.97 -53.28
CA LEU B 87 -12.90 39.70 -53.56
C LEU B 87 -11.88 39.84 -54.70
N ALA B 88 -12.31 40.40 -55.83
CA ALA B 88 -11.46 40.55 -57.00
C ALA B 88 -10.39 41.60 -56.83
N SER B 89 -10.43 42.39 -55.75
CA SER B 89 -9.37 43.38 -55.52
C SER B 89 -7.99 42.72 -55.48
N ARG B 90 -7.88 41.55 -54.85
CA ARG B 90 -6.61 40.83 -54.69
C ARG B 90 -5.58 41.69 -53.95
N THR B 91 -5.91 42.01 -52.69
CA THR B 91 -5.01 42.76 -51.82
C THR B 91 -5.06 42.18 -50.42
N GLY B 92 -4.03 42.47 -49.64
CA GLY B 92 -3.93 41.96 -48.29
C GLY B 92 -4.96 42.55 -47.36
N PRO B 93 -5.35 41.79 -46.33
CA PRO B 93 -6.34 42.30 -45.37
C PRO B 93 -5.89 43.56 -44.65
N GLU B 94 -4.59 43.70 -44.38
CA GLU B 94 -4.08 44.87 -43.67
C GLU B 94 -3.84 46.07 -44.58
N GLN B 95 -3.96 45.90 -45.90
CA GLN B 95 -3.78 47.00 -46.82
C GLN B 95 -5.08 47.68 -47.22
N ARG B 96 -6.23 47.05 -47.00
CA ARG B 96 -7.50 47.63 -47.40
C ARG B 96 -7.82 48.86 -46.57
N PHE B 97 -8.36 49.88 -47.23
CA PHE B 97 -8.82 51.09 -46.57
C PHE B 97 -10.26 51.37 -46.98
N VAL B 98 -11.08 51.76 -46.01
CA VAL B 98 -12.53 51.77 -46.16
C VAL B 98 -13.07 53.11 -45.68
N CYS B 99 -14.05 53.65 -46.42
CA CYS B 99 -14.63 54.95 -46.07
C CYS B 99 -16.07 54.99 -46.58
N LEU B 100 -16.99 55.41 -45.72
CA LEU B 100 -18.41 55.54 -46.05
C LEU B 100 -18.91 56.97 -45.87
N THR B 101 -18.12 57.94 -46.35
CA THR B 101 -18.50 59.35 -46.19
C THR B 101 -19.78 59.67 -46.96
N GLY B 102 -19.91 59.15 -48.17
CA GLY B 102 -21.04 59.51 -49.01
C GLY B 102 -21.94 58.35 -49.41
N GLY B 103 -22.61 58.49 -50.55
CA GLY B 103 -23.57 57.50 -50.99
C GLY B 103 -24.87 57.59 -50.22
N PHE B 104 -25.82 56.73 -50.61
CA PHE B 104 -27.04 56.64 -49.83
C PHE B 104 -26.80 55.85 -48.55
N LYS B 105 -27.90 55.57 -47.85
CA LYS B 105 -27.83 54.99 -46.52
C LYS B 105 -27.58 53.48 -46.59
N THR B 106 -28.34 52.78 -47.45
CA THR B 106 -28.29 51.33 -47.46
C THR B 106 -26.93 50.79 -47.91
N MET B 107 -26.33 51.38 -48.96
CA MET B 107 -25.04 50.86 -49.38
C MET B 107 -23.95 51.24 -48.40
N SER B 108 -24.11 52.37 -47.71
CA SER B 108 -23.17 52.71 -46.64
C SER B 108 -23.20 51.66 -45.54
N ALA B 109 -24.40 51.25 -45.12
CA ALA B 109 -24.53 50.20 -44.12
C ALA B 109 -23.96 48.89 -44.63
N ALA B 110 -24.26 48.54 -45.88
CA ALA B 110 -23.75 47.29 -46.45
C ALA B 110 -22.23 47.30 -46.51
N MET B 111 -21.63 48.43 -46.86
CA MET B 111 -20.19 48.49 -47.03
C MET B 111 -19.47 48.53 -45.69
N GLN B 112 -20.07 49.15 -44.67
CA GLN B 112 -19.47 49.04 -43.33
C GLN B 112 -19.61 47.63 -42.78
N LYS B 113 -20.72 46.95 -43.09
CA LYS B 113 -20.86 45.54 -42.73
C LYS B 113 -19.81 44.70 -43.43
N ALA B 114 -19.50 45.02 -44.69
CA ALA B 114 -18.40 44.38 -45.38
C ALA B 114 -17.07 44.66 -44.69
N ALA B 115 -16.88 45.90 -44.22
CA ALA B 115 -15.65 46.24 -43.51
C ALA B 115 -15.48 45.39 -42.26
N THR B 116 -16.54 45.21 -41.49
CA THR B 116 -16.41 44.46 -40.25
C THR B 116 -16.28 42.96 -40.52
N VAL B 117 -17.06 42.42 -41.46
CA VAL B 117 -17.06 40.98 -41.68
C VAL B 117 -15.81 40.56 -42.45
N LEU B 118 -15.59 41.15 -43.63
CA LEU B 118 -14.43 40.77 -44.44
C LEU B 118 -13.13 41.17 -43.77
N GLY B 119 -13.09 42.34 -43.15
CA GLY B 119 -11.88 42.82 -42.51
C GLY B 119 -11.33 44.04 -43.23
N ALA B 120 -10.71 44.92 -42.45
CA ALA B 120 -10.15 46.16 -42.97
C ALA B 120 -9.06 46.62 -42.04
N ALA B 121 -8.40 47.72 -42.40
CA ALA B 121 -7.30 48.28 -41.62
C ALA B 121 -7.63 49.61 -40.96
N GLU B 122 -8.57 50.37 -41.52
CA GLU B 122 -8.93 51.67 -40.97
C GLU B 122 -10.20 52.16 -41.65
N VAL B 123 -11.11 52.73 -40.86
CA VAL B 123 -12.33 53.35 -41.37
C VAL B 123 -12.33 54.81 -40.95
N PHE B 124 -12.53 55.70 -41.93
CA PHE B 124 -12.48 57.13 -41.68
C PHE B 124 -13.67 57.81 -42.35
N HIS B 125 -14.05 58.96 -41.79
CA HIS B 125 -15.17 59.76 -42.31
C HIS B 125 -14.65 61.15 -42.63
N VAL B 126 -14.95 61.63 -43.83
CA VAL B 126 -14.59 63.00 -44.21
C VAL B 126 -15.76 63.93 -43.87
N LEU B 127 -15.47 64.98 -43.10
CA LEU B 127 -16.48 65.94 -42.70
C LEU B 127 -15.95 67.35 -42.93
N ALA B 128 -16.81 68.23 -43.41
CA ALA B 128 -16.44 69.60 -43.75
C ALA B 128 -17.00 70.57 -42.71
N ASP B 129 -16.14 71.45 -42.22
CA ASP B 129 -16.53 72.49 -41.27
C ASP B 129 -16.09 73.83 -41.83
N ASP B 130 -17.05 74.63 -42.30
CA ASP B 130 -16.78 75.91 -42.97
C ASP B 130 -15.80 75.71 -44.13
N CYS B 131 -15.98 74.62 -44.86
CA CYS B 131 -15.06 74.21 -45.92
C CYS B 131 -15.63 74.58 -47.28
N CYS B 132 -14.84 75.29 -48.08
CA CYS B 132 -15.17 75.63 -49.47
C CYS B 132 -16.48 76.40 -49.53
N VAL B 133 -16.46 77.59 -48.93
CA VAL B 133 -17.63 78.46 -48.93
C VAL B 133 -17.90 78.94 -50.35
N GLY B 134 -19.15 78.83 -50.78
CA GLY B 134 -19.55 79.23 -52.10
C GLY B 134 -20.63 80.30 -52.10
N PRO B 135 -21.46 80.30 -53.14
CA PRO B 135 -22.55 81.28 -53.21
C PRO B 135 -23.52 81.13 -52.05
N GLN B 136 -24.04 82.27 -51.58
CA GLN B 136 -24.99 82.32 -50.47
C GLN B 136 -24.41 81.69 -49.20
N GLY B 137 -23.09 81.72 -49.07
CA GLY B 137 -22.44 81.11 -47.92
C GLY B 137 -22.70 79.63 -47.77
N ARG B 138 -22.69 78.89 -48.88
CA ARG B 138 -23.02 77.47 -48.85
C ARG B 138 -21.76 76.63 -48.73
N LEU B 139 -21.72 75.77 -47.72
CA LEU B 139 -20.65 74.77 -47.61
C LEU B 139 -20.87 73.72 -48.69
N MET B 140 -20.07 73.78 -49.76
CA MET B 140 -20.31 72.96 -50.94
C MET B 140 -18.98 72.76 -51.65
N PRO B 141 -18.79 71.62 -52.33
CA PRO B 141 -17.45 71.23 -52.82
C PRO B 141 -16.80 72.31 -53.67
N PRO B 142 -15.47 72.27 -53.81
CA PRO B 142 -14.77 73.32 -54.55
C PRO B 142 -15.14 73.31 -56.03
N SER B 143 -14.67 74.34 -56.73
CA SER B 143 -14.88 74.43 -58.17
C SER B 143 -14.20 73.26 -58.85
N THR B 144 -12.87 73.22 -58.83
CA THR B 144 -12.13 72.02 -59.21
C THR B 144 -11.28 71.50 -58.06
N LEU B 145 -10.30 72.28 -57.59
CA LEU B 145 -9.51 71.88 -56.43
C LEU B 145 -9.07 73.08 -55.59
N GLU B 146 -9.47 74.28 -55.99
CA GLU B 146 -8.87 75.50 -55.42
C GLU B 146 -9.46 75.88 -54.07
N GLU B 147 -10.77 75.69 -53.88
CA GLU B 147 -11.32 75.92 -52.54
C GLU B 147 -10.81 74.89 -51.55
N ILE B 148 -10.43 73.70 -52.02
CA ILE B 148 -9.71 72.76 -51.17
C ILE B 148 -8.36 73.35 -50.76
N LEU B 149 -7.67 74.01 -51.70
CA LEU B 149 -6.41 74.65 -51.36
C LEU B 149 -6.60 75.74 -50.31
N TRP B 150 -7.64 76.56 -50.48
CA TRP B 150 -7.93 77.60 -49.49
C TRP B 150 -8.26 76.99 -48.13
N ALA B 151 -9.06 75.91 -48.12
CA ALA B 151 -9.40 75.25 -46.87
C ALA B 151 -8.16 74.68 -46.19
N ARG B 152 -7.25 74.08 -46.97
CA ARG B 152 -6.00 73.59 -46.42
C ARG B 152 -5.18 74.73 -45.84
N ASP B 153 -5.18 75.88 -46.53
CA ASP B 153 -4.55 77.07 -45.96
C ASP B 153 -5.23 77.51 -44.66
N GLN B 154 -6.51 77.18 -44.49
CA GLN B 154 -7.24 77.54 -43.28
C GLN B 154 -7.59 76.36 -42.39
N GLY B 155 -7.27 75.13 -42.79
CA GLY B 155 -7.56 73.96 -41.99
C GLY B 155 -9.04 73.71 -41.77
N HIS B 156 -9.83 73.78 -42.85
CA HIS B 156 -11.28 73.67 -42.77
C HIS B 156 -11.78 72.24 -42.97
N LEU B 157 -10.89 71.26 -43.09
CA LEU B 157 -11.27 69.87 -43.29
C LEU B 157 -11.07 69.08 -42.01
N HIS B 158 -12.05 68.23 -41.69
CA HIS B 158 -12.03 67.41 -40.48
C HIS B 158 -12.34 65.96 -40.87
N TRP B 159 -11.31 65.13 -40.87
CA TRP B 159 -11.46 63.71 -41.16
C TRP B 159 -11.68 62.95 -39.86
N ILE B 160 -12.78 62.21 -39.77
CA ILE B 160 -13.16 61.49 -38.56
C ILE B 160 -12.78 60.03 -38.74
N ARG B 161 -11.76 59.59 -38.01
CA ARG B 161 -11.27 58.23 -38.09
C ARG B 161 -11.90 57.39 -36.98
N LEU B 162 -12.42 56.21 -37.34
CA LEU B 162 -13.04 55.30 -36.37
C LEU B 162 -12.04 54.31 -35.80
N GLY B 163 -11.42 53.50 -36.65
CA GLY B 163 -10.46 52.53 -36.18
C GLY B 163 -10.22 51.40 -37.17
N PRO B 164 -9.44 50.42 -36.76
CA PRO B 164 -9.15 49.26 -37.61
C PRO B 164 -10.26 48.22 -37.51
N GLU B 165 -10.03 47.09 -38.18
CA GLU B 165 -10.97 45.97 -38.16
C GLU B 165 -10.19 44.67 -38.13
N ARG B 166 -10.90 43.57 -37.91
CA ARG B 166 -10.25 42.27 -37.81
C ARG B 166 -10.73 41.28 -38.85
N GLY B 167 -12.03 41.18 -39.09
CA GLY B 167 -12.57 40.23 -40.04
C GLY B 167 -12.57 38.81 -39.50
N TRP B 168 -13.48 38.00 -40.05
CA TRP B 168 -13.61 36.63 -39.62
C TRP B 168 -12.41 35.79 -40.11
N PRO B 169 -12.03 34.77 -39.35
CA PRO B 169 -10.81 34.01 -39.71
C PRO B 169 -10.91 33.27 -41.03
N GLN B 170 -12.02 32.57 -41.27
CA GLN B 170 -12.15 31.78 -42.50
C GLN B 170 -12.14 32.69 -43.73
N LEU B 171 -12.84 33.83 -43.65
CA LEU B 171 -12.93 34.74 -44.78
C LEU B 171 -11.68 35.61 -44.93
N ARG B 172 -10.74 35.53 -44.00
CA ARG B 172 -9.53 36.35 -44.08
C ARG B 172 -8.73 36.01 -45.33
N ARG B 173 -8.59 34.72 -45.64
CA ARG B 173 -7.84 34.25 -46.80
C ARG B 173 -8.82 33.69 -47.82
N ILE B 174 -8.85 34.29 -49.01
CA ILE B 174 -9.77 33.88 -50.06
C ILE B 174 -9.21 34.35 -51.39
N ALA B 175 -9.69 33.75 -52.48
CA ALA B 175 -9.23 34.07 -53.82
C ALA B 175 -10.41 34.39 -54.72
N PRO B 176 -10.20 35.23 -55.75
CA PRO B 176 -11.31 35.58 -56.65
C PRO B 176 -11.57 34.56 -57.74
N GLU B 177 -10.71 33.55 -57.90
CA GLU B 177 -10.88 32.59 -58.98
C GLU B 177 -12.19 31.82 -58.85
N GLN B 178 -12.52 31.39 -57.63
CA GLN B 178 -13.77 30.67 -57.40
C GLN B 178 -14.97 31.60 -57.27
N PHE B 179 -14.76 32.91 -57.16
CA PHE B 179 -15.83 33.89 -57.05
C PHE B 179 -15.60 34.99 -58.07
N PRO B 180 -15.88 34.71 -59.35
CA PRO B 180 -15.60 35.72 -60.39
C PRO B 180 -16.75 36.69 -60.61
N LEU B 181 -16.59 37.59 -61.58
CA LEU B 181 -17.64 38.51 -61.96
C LEU B 181 -17.80 38.52 -63.48
N GLN B 182 -18.64 39.41 -63.99
CA GLN B 182 -18.81 39.53 -65.43
C GLN B 182 -18.52 40.98 -65.84
N VAL B 183 -17.38 41.20 -66.49
CA VAL B 183 -16.99 42.52 -66.93
C VAL B 183 -17.82 42.92 -68.15
N VAL B 184 -18.69 43.91 -67.97
CA VAL B 184 -19.47 44.41 -69.11
C VAL B 184 -18.55 45.08 -70.11
N GLU B 185 -17.81 46.10 -69.68
CA GLU B 185 -16.80 46.74 -70.50
C GLU B 185 -15.90 47.62 -69.66
N GLU B 186 -14.59 47.41 -69.73
CA GLU B 186 -13.62 48.29 -69.07
C GLU B 186 -13.28 49.43 -70.03
N LYS B 187 -13.83 50.62 -69.76
CA LYS B 187 -13.61 51.79 -70.61
C LYS B 187 -12.31 52.44 -70.19
N GLY B 188 -11.20 51.75 -70.48
CA GLY B 188 -9.89 52.20 -70.07
C GLY B 188 -9.76 52.27 -68.56
N ASP B 189 -9.67 53.49 -68.03
CA ASP B 189 -9.70 53.66 -66.58
C ASP B 189 -11.09 53.39 -66.02
N GLU B 190 -12.14 53.66 -66.80
CA GLU B 190 -13.49 53.28 -66.41
C GLU B 190 -13.70 51.78 -66.65
N ARG B 191 -14.66 51.21 -65.92
CA ARG B 191 -14.87 49.77 -65.95
C ARG B 191 -16.33 49.49 -65.63
N ARG B 192 -16.90 48.50 -66.31
CA ARG B 192 -18.28 48.11 -66.10
C ARG B 192 -18.33 46.62 -65.80
N VAL B 193 -19.13 46.21 -64.81
CA VAL B 193 -19.22 44.82 -64.39
C VAL B 193 -20.67 44.40 -64.18
N GLN B 194 -20.84 43.11 -63.94
CA GLN B 194 -22.10 42.50 -63.52
C GLN B 194 -21.75 41.17 -62.85
N ALA B 195 -22.74 40.56 -62.19
CA ALA B 195 -22.51 39.31 -61.47
C ALA B 195 -23.30 38.17 -62.10
N GLU B 196 -23.24 36.99 -61.47
CA GLU B 196 -23.92 35.82 -62.02
C GLU B 196 -24.88 35.23 -61.00
N ASP B 197 -24.53 35.30 -59.73
CA ASP B 197 -25.37 34.77 -58.65
C ASP B 197 -24.95 35.45 -57.35
N ARG B 198 -25.51 34.99 -56.24
CA ARG B 198 -25.24 35.53 -54.92
C ARG B 198 -24.65 34.48 -54.00
N ALA B 199 -23.80 33.61 -54.55
CA ALA B 199 -23.31 32.45 -53.80
C ALA B 199 -22.49 32.87 -52.59
N PHE B 200 -21.73 33.96 -52.71
CA PHE B 200 -20.83 34.33 -51.61
C PHE B 200 -21.64 34.87 -50.42
N GLY B 201 -22.74 35.58 -50.70
CA GLY B 201 -23.65 35.96 -49.64
C GLY B 201 -24.29 34.76 -48.96
N THR B 202 -24.65 33.75 -49.74
CA THR B 202 -25.13 32.50 -49.14
C THR B 202 -24.06 31.87 -48.27
N PHE B 203 -22.80 31.90 -48.72
CA PHE B 203 -21.70 31.36 -47.91
C PHE B 203 -21.60 32.10 -46.58
N LEU B 204 -21.70 33.43 -46.61
CA LEU B 204 -21.61 34.20 -45.37
C LEU B 204 -22.78 33.89 -44.46
N GLN B 205 -23.99 33.80 -45.02
CA GLN B 205 -25.16 33.49 -44.21
C GLN B 205 -25.01 32.11 -43.56
N ASP B 206 -24.57 31.12 -44.34
CA ASP B 206 -24.39 29.78 -43.80
C ASP B 206 -23.32 29.76 -42.71
N LEU B 207 -22.21 30.46 -42.93
CA LEU B 207 -21.15 30.48 -41.94
C LEU B 207 -21.63 31.11 -40.63
N LEU B 208 -22.29 32.26 -40.72
CA LEU B 208 -22.76 32.94 -39.52
C LEU B 208 -23.83 32.12 -38.79
N GLN B 209 -24.75 31.52 -39.54
CA GLN B 209 -25.82 30.75 -38.89
C GLN B 209 -25.26 29.47 -38.27
N ARG B 210 -24.27 28.84 -38.90
CA ARG B 210 -23.66 27.66 -38.32
C ARG B 210 -22.86 28.01 -37.06
N ALA B 211 -22.17 29.15 -37.09
CA ALA B 211 -21.47 29.61 -35.89
C ALA B 211 -22.46 29.89 -34.76
N SER B 212 -23.59 30.52 -35.09
CA SER B 212 -24.60 30.80 -34.08
C SER B 212 -25.18 29.51 -33.50
N ARG B 213 -25.48 28.54 -34.36
CA ARG B 213 -26.05 27.28 -33.90
C ARG B 213 -25.05 26.51 -33.03
N ILE B 214 -23.79 26.50 -33.44
CA ILE B 214 -22.76 25.82 -32.64
C ILE B 214 -22.58 26.51 -31.30
N ALA B 215 -22.53 27.84 -31.30
CA ALA B 215 -22.39 28.62 -30.07
C ALA B 215 -23.74 28.68 -29.37
N GLY B 216 -23.98 27.70 -28.51
CA GLY B 216 -25.23 27.63 -27.75
C GLY B 216 -25.13 28.41 -26.46
N ALA B 217 -25.37 27.75 -25.33
CA ALA B 217 -25.15 28.37 -24.04
C ALA B 217 -23.68 28.76 -23.91
N TRP B 218 -23.43 29.90 -23.23
CA TRP B 218 -22.10 30.50 -23.28
C TRP B 218 -21.07 29.80 -22.43
N GLU B 219 -21.34 28.54 -22.09
CA GLU B 219 -20.47 27.69 -21.30
C GLU B 219 -19.01 27.76 -21.77
N MET B 220 -18.79 28.10 -23.03
CA MET B 220 -17.43 28.27 -23.54
C MET B 220 -16.58 29.20 -22.67
N LEU B 221 -17.08 30.38 -22.32
CA LEU B 221 -16.23 31.30 -21.57
C LEU B 221 -15.84 30.77 -20.19
N PRO B 222 -16.78 30.22 -19.39
CA PRO B 222 -16.38 29.73 -18.06
C PRO B 222 -15.40 28.56 -18.06
N GLU B 223 -15.33 27.77 -19.13
CA GLU B 223 -14.57 26.52 -19.06
C GLU B 223 -13.42 26.48 -20.06
N LEU B 224 -12.89 27.64 -20.47
CA LEU B 224 -11.72 27.65 -21.33
C LEU B 224 -10.49 27.13 -20.57
N PRO B 225 -9.59 26.44 -21.26
CA PRO B 225 -8.40 25.91 -20.60
C PRO B 225 -7.47 26.99 -20.07
N PHE B 226 -7.12 27.95 -20.92
CA PHE B 226 -6.20 29.02 -20.57
C PHE B 226 -6.96 30.34 -20.55
N ALA B 227 -6.70 31.16 -19.51
CA ALA B 227 -7.42 32.40 -19.34
C ALA B 227 -7.16 33.41 -20.45
N ASP B 228 -6.03 33.30 -21.15
CA ASP B 228 -5.71 34.26 -22.20
C ASP B 228 -6.66 34.14 -23.38
N LEU B 229 -7.28 32.98 -23.59
CA LEU B 229 -8.20 32.78 -24.70
C LEU B 229 -9.53 33.51 -24.52
N ALA B 230 -9.81 34.03 -23.33
CA ALA B 230 -11.09 34.67 -23.07
C ALA B 230 -11.24 36.00 -23.79
N THR B 231 -10.17 36.55 -24.35
CA THR B 231 -10.23 37.85 -25.03
C THR B 231 -10.29 37.71 -26.55
N TRP B 232 -10.50 36.51 -27.06
CA TRP B 232 -10.56 36.31 -28.50
C TRP B 232 -11.92 36.73 -29.05
N SER B 233 -11.95 36.98 -30.36
CA SER B 233 -13.19 37.35 -31.01
C SER B 233 -14.11 36.15 -31.17
N GLU B 234 -15.37 36.43 -31.53
CA GLU B 234 -16.36 35.36 -31.67
C GLU B 234 -15.98 34.38 -32.78
N GLY B 235 -15.51 34.91 -33.92
CA GLY B 235 -15.15 34.04 -35.03
C GLY B 235 -14.01 33.10 -34.70
N GLU B 236 -13.01 33.59 -33.97
CA GLU B 236 -11.88 32.74 -33.60
C GLU B 236 -12.33 31.60 -32.68
N LEU B 237 -13.20 31.90 -31.72
CA LEU B 237 -13.73 30.84 -30.87
C LEU B 237 -14.55 29.83 -31.69
N ALA B 238 -15.38 30.32 -32.61
CA ALA B 238 -16.15 29.43 -33.47
C ALA B 238 -15.22 28.53 -34.27
N TRP B 239 -14.09 29.07 -34.74
CA TRP B 239 -13.08 28.28 -35.42
C TRP B 239 -12.50 27.23 -34.49
N LEU B 240 -12.23 27.62 -33.25
CA LEU B 240 -11.68 26.68 -32.27
C LEU B 240 -12.65 25.55 -31.96
N ARG B 241 -13.94 25.77 -32.18
CA ARG B 241 -14.95 24.74 -31.90
C ARG B 241 -15.38 24.01 -33.16
N GLU B 242 -14.44 23.73 -34.05
CA GLU B 242 -14.67 22.95 -35.25
C GLU B 242 -13.73 21.75 -35.29
N PRO B 243 -14.10 20.69 -36.01
CA PRO B 243 -13.20 19.54 -36.15
C PRO B 243 -11.89 19.95 -36.83
N LEU B 244 -10.81 19.31 -36.42
CA LEU B 244 -9.48 19.61 -36.93
C LEU B 244 -9.21 18.80 -38.19
N ASP B 245 -8.88 19.49 -39.28
CA ASP B 245 -8.56 18.83 -40.54
C ASP B 245 -7.05 18.60 -40.58
N PRO B 246 -6.58 17.35 -40.57
CA PRO B 246 -5.14 17.09 -40.49
C PRO B 246 -4.40 17.18 -41.81
N ARG B 247 -5.09 17.43 -42.92
CA ARG B 247 -4.44 17.50 -44.22
C ARG B 247 -4.37 18.90 -44.81
N ALA B 248 -5.12 19.85 -44.27
CA ALA B 248 -5.09 21.20 -44.80
C ALA B 248 -3.72 21.84 -44.56
N PRO B 249 -3.20 22.64 -45.49
CA PRO B 249 -1.91 23.28 -45.30
C PRO B 249 -1.94 24.49 -44.37
N ALA B 250 -3.06 24.73 -43.70
CA ALA B 250 -3.19 25.85 -42.77
C ALA B 250 -3.13 25.41 -41.32
N ASP B 251 -3.78 24.30 -40.98
CA ASP B 251 -3.73 23.76 -39.62
C ASP B 251 -2.34 23.30 -39.22
N GLN B 252 -1.55 22.79 -40.16
CA GLN B 252 -0.23 22.25 -39.84
C GLN B 252 0.69 23.32 -39.29
N ARG B 253 0.70 24.51 -39.89
CA ARG B 253 1.52 25.58 -39.36
C ARG B 253 1.05 26.02 -37.97
N TRP B 254 -0.27 26.03 -37.74
CA TRP B 254 -0.77 26.36 -36.41
C TRP B 254 -0.27 25.35 -35.38
N VAL B 255 -0.32 24.07 -35.72
CA VAL B 255 0.18 23.04 -34.80
C VAL B 255 1.67 23.20 -34.58
N ALA B 256 2.40 23.59 -35.64
CA ALA B 256 3.83 23.79 -35.51
C ALA B 256 4.15 24.95 -34.57
N GLY B 257 3.35 26.00 -34.61
CA GLY B 257 3.61 27.18 -33.79
C GLY B 257 3.37 27.00 -32.31
N LEU B 258 2.52 26.03 -31.95
CA LEU B 258 2.11 25.81 -30.57
C LEU B 258 3.27 25.48 -29.64
N PRO B 259 3.37 26.13 -28.48
CA PRO B 259 4.28 25.65 -27.44
C PRO B 259 3.86 24.26 -26.97
N LYS B 260 4.84 23.42 -26.67
CA LYS B 260 4.59 22.02 -26.39
C LYS B 260 5.39 21.57 -25.16
N ILE B 261 4.95 20.47 -24.57
CA ILE B 261 5.59 19.86 -23.41
C ILE B 261 5.79 18.38 -23.69
N GLU B 262 7.00 17.89 -23.44
CA GLU B 262 7.37 16.51 -23.72
C GLU B 262 7.67 15.78 -22.43
N LEU B 263 7.12 14.58 -22.27
CA LEU B 263 7.28 13.82 -21.04
C LEU B 263 7.71 12.37 -21.24
N HIS B 264 7.81 11.89 -22.47
CA HIS B 264 8.21 10.51 -22.75
C HIS B 264 9.18 10.53 -23.93
N CYS B 265 10.47 10.61 -23.64
CA CYS B 265 11.51 10.61 -24.66
C CYS B 265 12.66 9.75 -24.19
N HIS B 266 13.35 9.14 -25.16
CA HIS B 266 14.47 8.26 -24.89
C HIS B 266 15.72 8.83 -25.54
N LEU B 267 16.83 8.88 -24.78
CA LEU B 267 18.09 9.38 -25.33
C LEU B 267 18.76 8.38 -26.25
N GLY B 268 18.57 7.08 -26.01
CA GLY B 268 19.24 6.06 -26.78
C GLY B 268 18.61 5.69 -28.10
N GLY B 269 17.62 6.46 -28.55
CA GLY B 269 16.96 6.18 -29.81
C GLY B 269 16.71 7.41 -30.64
N PHE B 270 17.60 8.40 -30.58
CA PHE B 270 17.39 9.67 -31.26
C PHE B 270 17.91 9.65 -32.70
N ALA B 271 19.21 9.42 -32.88
CA ALA B 271 19.85 9.51 -34.18
C ALA B 271 20.33 8.12 -34.57
N THR B 272 19.50 7.38 -35.30
CA THR B 272 19.81 6.01 -35.68
C THR B 272 19.83 5.77 -37.19
N HIS B 273 19.68 6.82 -38.00
CA HIS B 273 19.64 6.65 -39.45
C HIS B 273 20.08 7.95 -40.13
N GLY B 274 20.62 7.82 -41.33
CA GLY B 274 20.86 8.97 -42.18
C GLY B 274 22.02 9.85 -41.71
N GLU B 275 21.87 11.15 -42.00
CA GLU B 275 22.96 12.10 -41.78
C GLU B 275 23.35 12.22 -40.32
N LEU B 276 22.35 12.19 -39.42
CA LEU B 276 22.63 12.37 -38.01
C LEU B 276 23.54 11.28 -37.47
N LEU B 277 23.38 10.05 -37.96
CA LEU B 277 24.28 8.97 -37.55
C LEU B 277 25.72 9.28 -37.94
N ARG B 278 25.93 9.79 -39.16
CA ARG B 278 27.28 10.15 -39.58
C ARG B 278 27.83 11.30 -38.76
N ARG B 279 26.99 12.28 -38.42
CA ARG B 279 27.44 13.39 -37.60
C ARG B 279 27.86 12.91 -36.22
N VAL B 280 27.11 11.97 -35.64
CA VAL B 280 27.47 11.44 -34.32
C VAL B 280 28.75 10.63 -34.40
N ARG B 281 28.86 9.75 -35.40
CA ARG B 281 30.03 8.88 -35.52
C ARG B 281 31.30 9.63 -35.86
N ASN B 282 31.21 10.88 -36.31
CA ASN B 282 32.38 11.65 -36.70
C ASN B 282 33.01 12.41 -35.53
N ALA B 283 32.46 12.29 -34.33
CA ALA B 283 32.98 12.98 -33.15
C ALA B 283 33.53 12.02 -32.11
N ALA B 284 33.77 10.77 -32.49
CA ALA B 284 34.28 9.79 -31.54
C ALA B 284 35.72 10.12 -31.14
N GLU B 285 36.04 9.83 -29.88
CA GLU B 285 37.38 10.09 -29.37
C GLU B 285 38.39 9.07 -29.88
N ASN B 286 37.97 7.81 -30.04
CA ASN B 286 38.84 6.73 -30.50
C ASN B 286 38.23 6.13 -31.76
N PRO B 287 38.54 6.67 -32.94
CA PRO B 287 37.93 6.14 -34.17
C PRO B 287 38.28 4.69 -34.46
N GLY B 288 39.36 4.17 -33.88
CA GLY B 288 39.77 2.80 -34.18
C GLY B 288 38.94 1.73 -33.52
N LYS B 289 38.03 2.09 -32.62
CA LYS B 289 37.21 1.13 -31.91
C LYS B 289 35.73 1.21 -32.30
N LEU B 290 35.40 1.98 -33.33
CA LEU B 290 34.01 2.11 -33.75
C LEU B 290 33.59 0.89 -34.55
N PRO B 291 32.47 0.25 -34.21
CA PRO B 291 31.99 -0.87 -35.01
C PRO B 291 31.65 -0.41 -36.42
N PRO B 292 31.76 -1.30 -37.41
CA PRO B 292 31.48 -0.90 -38.79
C PRO B 292 30.05 -0.42 -38.97
N LEU B 293 29.89 0.55 -39.86
CA LEU B 293 28.58 1.16 -40.11
C LEU B 293 27.70 0.16 -40.85
N GLU B 294 26.53 -0.13 -40.27
CA GLU B 294 25.57 -1.08 -40.87
C GLU B 294 24.17 -0.61 -40.48
N GLU B 295 23.53 0.13 -41.37
CA GLU B 295 22.19 0.64 -41.11
C GLU B 295 21.15 -0.47 -41.35
N PRO B 296 20.28 -0.75 -40.39
CA PRO B 296 19.24 -1.75 -40.61
C PRO B 296 18.24 -1.28 -41.65
N ARG B 297 17.54 -2.25 -42.26
CA ARG B 297 16.59 -1.99 -43.32
C ARG B 297 15.19 -1.87 -42.72
N LEU B 298 14.49 -0.79 -43.06
CA LEU B 298 13.18 -0.51 -42.52
C LEU B 298 12.10 -1.26 -43.29
N PRO B 299 10.97 -1.57 -42.65
CA PRO B 299 9.89 -2.28 -43.35
C PRO B 299 9.22 -1.40 -44.41
N GLU B 300 8.21 -1.95 -45.09
CA GLU B 300 7.57 -1.25 -46.19
C GLU B 300 6.70 -0.11 -45.68
N GLY B 301 6.92 1.09 -46.23
CA GLY B 301 6.15 2.25 -45.84
C GLY B 301 6.24 2.52 -44.35
N TRP B 302 7.46 2.58 -43.83
CA TRP B 302 7.73 2.51 -42.40
C TRP B 302 6.92 3.48 -41.54
N PRO B 303 6.77 4.76 -41.92
CA PRO B 303 5.99 5.67 -41.07
C PRO B 303 4.58 5.17 -40.79
N LEU B 304 3.97 4.53 -41.78
CA LEU B 304 2.63 3.94 -41.63
C LEU B 304 2.64 2.52 -42.19
N PRO B 305 3.16 1.55 -41.43
CA PRO B 305 3.19 0.17 -41.91
C PRO B 305 1.79 -0.40 -42.06
N ALA B 306 1.67 -1.35 -42.99
CA ALA B 306 0.39 -1.98 -43.27
C ALA B 306 0.06 -3.12 -42.33
N GLN B 307 1.02 -3.56 -41.49
CA GLN B 307 0.81 -4.65 -40.56
C GLN B 307 1.64 -4.41 -39.32
N PRO B 308 1.12 -4.74 -38.14
CA PRO B 308 1.90 -4.57 -36.90
C PRO B 308 3.09 -5.52 -36.87
N ILE B 309 4.13 -5.09 -36.16
CA ILE B 309 5.34 -5.89 -36.01
C ILE B 309 5.59 -6.14 -34.53
N PRO B 310 6.26 -7.22 -34.16
CA PRO B 310 6.52 -7.48 -32.73
C PRO B 310 7.46 -6.47 -32.13
N LEU B 311 7.42 -6.38 -30.80
CA LEU B 311 8.24 -5.39 -30.08
C LEU B 311 9.73 -5.65 -30.29
N ALA B 312 10.12 -6.93 -30.36
CA ALA B 312 11.54 -7.26 -30.51
C ALA B 312 12.12 -6.70 -31.80
N GLU B 313 11.38 -6.80 -32.91
CA GLU B 313 11.86 -6.23 -34.16
C GLU B 313 11.94 -4.71 -34.07
N TYR B 314 10.97 -4.08 -33.41
CA TYR B 314 11.02 -2.65 -33.17
C TYR B 314 12.31 -2.27 -32.45
N MET B 315 12.67 -3.04 -31.42
CA MET B 315 13.91 -2.76 -30.70
C MET B 315 15.14 -2.99 -31.58
N LYS B 316 15.14 -4.08 -32.36
CA LYS B 316 16.31 -4.38 -33.18
C LYS B 316 16.49 -3.35 -34.29
N LEU B 317 15.43 -2.62 -34.63
CA LEU B 317 15.54 -1.61 -35.67
C LEU B 317 16.60 -0.58 -35.33
N GLY B 318 16.66 -0.15 -34.08
CA GLY B 318 17.68 0.78 -33.64
C GLY B 318 18.92 0.11 -33.09
N ASN B 319 19.71 -0.52 -33.95
CA ASN B 319 20.93 -1.23 -33.53
C ASN B 319 22.16 -0.60 -34.15
N ALA B 320 22.13 0.72 -34.35
CA ALA B 320 23.29 1.45 -34.83
C ALA B 320 23.70 2.59 -33.91
N ASN B 321 22.84 2.99 -32.97
CA ASN B 321 23.16 4.07 -32.05
C ASN B 321 22.71 3.71 -30.64
N GLY B 322 22.91 2.44 -30.25
CA GLY B 322 22.53 2.00 -28.94
C GLY B 322 23.69 1.98 -27.97
N THR B 323 23.92 0.83 -27.34
CA THR B 323 25.04 0.66 -26.43
C THR B 323 26.37 0.74 -27.19
N ALA B 324 26.38 0.27 -28.43
CA ALA B 324 27.59 0.18 -29.24
C ALA B 324 28.30 1.51 -29.41
N LEU B 325 27.58 2.55 -29.82
CA LEU B 325 28.23 3.82 -30.15
C LEU B 325 28.42 4.71 -28.93
N LEU B 326 27.61 4.54 -27.89
CA LEU B 326 27.56 5.53 -26.83
C LEU B 326 28.58 5.28 -25.73
N ARG B 327 29.44 4.28 -25.87
CA ARG B 327 30.48 4.06 -24.87
C ARG B 327 31.75 4.84 -25.23
N ASP B 328 31.58 6.14 -25.50
CA ASP B 328 32.68 7.00 -25.89
C ASP B 328 32.21 8.41 -25.56
N PRO B 329 32.96 9.16 -24.73
CA PRO B 329 32.46 10.47 -24.28
C PRO B 329 32.06 11.43 -25.39
N GLY B 330 32.82 11.47 -26.48
CA GLY B 330 32.51 12.40 -27.55
C GLY B 330 31.15 12.12 -28.17
N CYS B 331 30.86 10.85 -28.41
CA CYS B 331 29.56 10.48 -28.98
C CYS B 331 28.43 10.87 -28.04
N LEU B 332 28.61 10.66 -26.74
CA LEU B 332 27.59 11.03 -25.76
C LEU B 332 27.33 12.53 -25.79
N ARG B 333 28.40 13.33 -25.76
CA ARG B 333 28.24 14.78 -25.77
C ARG B 333 27.55 15.24 -27.05
N GLU B 334 27.96 14.70 -28.20
CA GLU B 334 27.39 15.12 -29.47
C GLU B 334 25.91 14.74 -29.54
N GLN B 335 25.55 13.54 -29.09
CA GLN B 335 24.15 13.13 -29.10
C GLN B 335 23.31 14.04 -28.21
N CYS B 336 23.82 14.36 -27.02
CA CYS B 336 23.07 15.24 -26.13
C CYS B 336 22.86 16.61 -26.75
N ARG B 337 23.91 17.16 -27.36
CA ARG B 337 23.81 18.50 -27.95
C ARG B 337 22.84 18.51 -29.13
N LEU B 338 22.92 17.49 -29.99
CA LEU B 338 22.00 17.42 -31.12
C LEU B 338 20.56 17.27 -30.66
N LEU B 339 20.33 16.44 -29.64
CA LEU B 339 18.98 16.28 -29.11
C LEU B 339 18.44 17.59 -28.57
N TYR B 340 19.28 18.33 -27.83
CA TYR B 340 18.84 19.62 -27.32
C TYR B 340 18.48 20.58 -28.45
N ARG B 341 19.32 20.64 -29.48
CA ARG B 341 19.03 21.56 -30.58
C ARG B 341 17.74 21.19 -31.31
N HIS B 342 17.53 19.88 -31.53
CA HIS B 342 16.31 19.44 -32.18
C HIS B 342 15.08 19.78 -31.33
N LEU B 343 15.19 19.58 -30.02
CA LEU B 343 14.08 19.90 -29.12
C LEU B 343 13.77 21.39 -29.16
N VAL B 344 14.82 22.23 -29.20
CA VAL B 344 14.61 23.67 -29.27
C VAL B 344 13.92 24.04 -30.58
N ASP B 345 14.35 23.44 -31.68
CA ASP B 345 13.74 23.73 -32.97
C ASP B 345 12.28 23.31 -33.02
N GLN B 346 11.94 22.18 -32.39
CA GLN B 346 10.56 21.71 -32.41
C GLN B 346 9.61 22.62 -31.65
N GLY B 347 10.13 23.51 -30.81
CA GLY B 347 9.29 24.40 -30.04
C GLY B 347 8.98 23.95 -28.63
N VAL B 348 9.64 22.91 -28.14
CA VAL B 348 9.40 22.43 -26.78
C VAL B 348 9.92 23.45 -25.77
N CYS B 349 9.21 23.59 -24.66
CA CYS B 349 9.62 24.48 -23.59
C CYS B 349 9.95 23.76 -22.29
N TYR B 350 9.71 22.45 -22.21
CA TYR B 350 10.06 21.67 -21.04
C TYR B 350 10.04 20.19 -21.42
N ALA B 351 11.13 19.50 -21.13
CA ALA B 351 11.27 18.10 -21.51
C ALA B 351 11.88 17.32 -20.36
N GLU B 352 11.61 16.01 -20.35
CA GLU B 352 12.15 15.09 -19.35
C GLU B 352 12.69 13.87 -20.10
N VAL B 353 14.00 13.80 -20.24
CA VAL B 353 14.65 12.75 -21.01
C VAL B 353 14.98 11.58 -20.10
N ARG B 354 14.58 10.37 -20.51
CA ARG B 354 14.93 9.16 -19.79
C ARG B 354 16.24 8.60 -20.30
N CYS B 355 17.02 8.02 -19.39
CA CYS B 355 18.30 7.41 -19.74
C CYS B 355 18.66 6.35 -18.72
N SER B 356 19.56 5.45 -19.12
CA SER B 356 20.08 4.41 -18.24
C SER B 356 21.61 4.49 -18.22
N PRO B 357 22.21 5.17 -17.25
CA PRO B 357 23.67 5.34 -17.26
C PRO B 357 24.45 4.03 -17.19
N ALA B 358 23.89 2.99 -16.59
CA ALA B 358 24.63 1.75 -16.42
C ALA B 358 24.91 1.06 -17.74
N ASN B 359 24.08 1.27 -18.75
CA ASN B 359 24.25 0.58 -20.03
C ASN B 359 25.53 1.01 -20.74
N TYR B 360 25.84 2.30 -20.68
CA TYR B 360 26.97 2.86 -21.43
C TYR B 360 28.23 2.93 -20.59
N ALA B 361 28.41 2.03 -19.63
CA ALA B 361 29.57 2.03 -18.76
C ALA B 361 30.26 0.68 -18.83
N GLU B 362 31.47 0.65 -19.40
CA GLU B 362 32.26 -0.57 -19.42
C GLU B 362 33.50 -0.42 -18.56
N VAL B 363 34.31 0.61 -18.84
CA VAL B 363 35.47 0.90 -18.03
C VAL B 363 35.17 2.00 -17.03
N ARG B 364 34.47 3.05 -17.47
CA ARG B 364 34.04 4.11 -16.58
C ARG B 364 32.89 3.63 -15.70
N SER B 365 32.72 4.31 -14.58
CA SER B 365 31.66 4.01 -13.64
C SER B 365 30.37 4.70 -14.06
N PRO B 366 29.22 4.22 -13.58
CA PRO B 366 27.95 4.89 -13.93
C PRO B 366 27.90 6.36 -13.53
N TRP B 367 28.53 6.71 -12.41
CA TRP B 367 28.52 8.09 -11.96
C TRP B 367 29.19 9.02 -12.96
N ASP B 368 30.28 8.56 -13.59
CA ASP B 368 30.93 9.38 -14.60
C ASP B 368 30.01 9.61 -15.79
N VAL B 369 29.28 8.59 -16.21
CA VAL B 369 28.34 8.74 -17.32
C VAL B 369 27.25 9.75 -16.97
N LEU B 370 26.69 9.62 -15.77
CA LEU B 370 25.66 10.56 -15.34
C LEU B 370 26.20 11.98 -15.29
N ALA B 371 27.40 12.16 -14.76
CA ALA B 371 28.00 13.48 -14.68
C ALA B 371 28.23 14.07 -16.06
N ASP B 372 28.69 13.24 -17.00
CA ASP B 372 28.91 13.72 -18.37
C ASP B 372 27.60 14.18 -19.00
N ILE B 373 26.53 13.39 -18.84
CA ILE B 373 25.24 13.74 -19.41
C ILE B 373 24.74 15.05 -18.83
N ARG B 374 24.80 15.17 -17.50
CA ARG B 374 24.33 16.38 -16.83
C ARG B 374 25.14 17.59 -17.26
N ALA B 375 26.47 17.44 -17.36
CA ALA B 375 27.31 18.56 -17.73
C ALA B 375 27.01 19.02 -19.14
N ALA B 376 26.83 18.08 -20.08
CA ALA B 376 26.52 18.46 -21.46
C ALA B 376 25.19 19.20 -21.53
N PHE B 377 24.15 18.66 -20.89
CA PHE B 377 22.85 19.31 -20.95
C PHE B 377 22.87 20.68 -20.29
N GLN B 378 23.57 20.81 -19.16
CA GLN B 378 23.64 22.11 -18.48
C GLN B 378 24.42 23.12 -19.30
N GLU B 379 25.50 22.68 -19.96
CA GLU B 379 26.25 23.59 -20.82
C GLU B 379 25.37 24.11 -21.95
N CYS B 380 24.61 23.22 -22.59
CA CYS B 380 23.70 23.67 -23.65
C CYS B 380 22.64 24.61 -23.10
N MET B 381 22.08 24.29 -21.93
CA MET B 381 21.04 25.14 -21.34
C MET B 381 21.56 26.54 -21.05
N GLU B 382 22.74 26.64 -20.42
CA GLU B 382 23.31 27.95 -20.17
C GLU B 382 23.74 28.64 -21.46
N GLY B 383 23.99 27.88 -22.52
CA GLY B 383 24.27 28.47 -23.80
C GLY B 383 23.07 29.17 -24.43
N ALA B 384 21.92 28.50 -24.45
CA ALA B 384 20.79 29.05 -25.20
C ALA B 384 20.27 30.36 -24.64
N ARG B 385 19.62 30.31 -23.47
CA ARG B 385 19.16 31.46 -22.68
C ARG B 385 18.74 32.65 -23.55
N THR B 386 17.78 32.46 -24.46
CA THR B 386 17.51 33.51 -25.43
C THR B 386 16.93 34.79 -24.82
N ALA B 387 15.62 34.80 -24.50
CA ALA B 387 15.00 35.83 -23.68
C ALA B 387 13.56 35.53 -23.28
N PRO B 388 13.26 34.44 -22.57
CA PRO B 388 11.90 34.34 -22.01
C PRO B 388 11.64 35.39 -20.94
N GLY B 389 12.43 35.37 -19.88
CA GLY B 389 12.48 36.43 -18.89
C GLY B 389 13.91 36.57 -18.41
N GLY B 390 14.84 36.05 -19.20
CA GLY B 390 16.21 35.84 -18.77
C GLY B 390 16.53 34.38 -18.48
N LEU B 391 15.64 33.47 -18.80
CA LEU B 391 15.74 32.05 -18.49
C LEU B 391 16.13 31.27 -19.75
N PRO B 392 16.54 30.01 -19.60
CA PRO B 392 16.88 29.21 -20.79
C PRO B 392 15.67 28.97 -21.68
N ALA B 393 15.95 28.81 -22.97
CA ALA B 393 14.89 28.60 -23.95
C ALA B 393 14.25 27.22 -23.83
N CYS B 394 14.88 26.29 -23.13
CA CYS B 394 14.32 24.97 -22.91
C CYS B 394 14.93 24.37 -21.65
N HIS B 395 14.08 23.77 -20.82
CA HIS B 395 14.50 23.18 -19.56
C HIS B 395 14.47 21.66 -19.68
N VAL B 396 15.54 21.01 -19.26
CA VAL B 396 15.70 19.56 -19.41
C VAL B 396 16.01 18.98 -18.03
N ASN B 397 15.17 18.07 -17.58
CA ASN B 397 15.42 17.28 -16.38
C ASN B 397 15.50 15.80 -16.75
N LEU B 398 16.02 15.00 -15.84
CA LEU B 398 16.38 13.61 -16.14
C LEU B 398 15.56 12.64 -15.31
N ILE B 399 15.26 11.49 -15.92
CA ILE B 399 14.59 10.37 -15.28
C ILE B 399 15.41 9.12 -15.54
N LEU B 400 15.67 8.34 -14.49
CA LEU B 400 16.54 7.17 -14.57
C LEU B 400 15.69 5.92 -14.71
N ILE B 401 15.72 5.29 -15.88
CA ILE B 401 15.06 4.02 -16.11
C ILE B 401 15.99 2.88 -15.71
N ALA B 402 15.45 1.66 -15.60
CA ALA B 402 16.25 0.50 -15.25
C ALA B 402 17.09 0.06 -16.46
N THR B 403 17.84 -1.02 -16.28
CA THR B 403 18.72 -1.54 -17.31
C THR B 403 18.09 -2.74 -18.01
N ARG B 404 18.78 -3.23 -19.03
CA ARG B 404 18.31 -4.35 -19.85
C ARG B 404 18.94 -5.67 -19.48
N ARG B 405 20.23 -5.68 -19.13
CA ARG B 405 20.96 -6.93 -18.95
C ARG B 405 20.56 -7.62 -17.65
N ALA B 406 19.51 -8.44 -17.70
CA ALA B 406 19.08 -9.22 -16.55
C ALA B 406 19.84 -10.53 -16.46
N SER B 407 21.18 -10.44 -16.48
CA SER B 407 22.04 -11.61 -16.41
C SER B 407 22.48 -11.90 -14.98
N GLY B 408 22.98 -10.90 -14.28
CA GLY B 408 23.37 -11.04 -12.89
C GLY B 408 22.19 -10.98 -11.96
N ASP B 409 22.48 -10.79 -10.68
CA ASP B 409 21.43 -10.69 -9.68
C ASP B 409 20.61 -9.42 -9.90
N TYR B 410 19.36 -9.60 -10.32
CA TYR B 410 18.51 -8.46 -10.65
C TYR B 410 18.24 -7.57 -9.44
N ARG B 411 18.20 -8.16 -8.24
CA ARG B 411 18.00 -7.37 -7.03
C ARG B 411 19.15 -6.39 -6.83
N ALA B 412 20.38 -6.84 -7.10
CA ALA B 412 21.52 -5.93 -7.02
C ALA B 412 21.40 -4.78 -8.01
N ALA B 413 20.92 -5.08 -9.22
CA ALA B 413 20.72 -4.02 -10.21
C ALA B 413 19.68 -3.01 -9.74
N ILE B 414 18.58 -3.49 -9.15
CA ILE B 414 17.55 -2.59 -8.65
C ILE B 414 18.12 -1.71 -7.52
N ALA B 415 18.87 -2.33 -6.61
CA ALA B 415 19.45 -1.59 -5.49
C ALA B 415 20.40 -0.52 -5.99
N ARG B 416 21.27 -0.86 -6.95
CA ARG B 416 22.21 0.11 -7.49
C ARG B 416 21.47 1.23 -8.22
N HIS B 417 20.42 0.88 -8.96
CA HIS B 417 19.60 1.88 -9.63
C HIS B 417 19.06 2.90 -8.63
N LEU B 418 18.42 2.42 -7.57
CA LEU B 418 17.80 3.33 -6.61
C LEU B 418 18.85 4.12 -5.83
N ALA B 419 19.97 3.49 -5.48
CA ALA B 419 21.03 4.21 -4.78
C ALA B 419 21.59 5.33 -5.64
N LEU B 420 21.85 5.06 -6.92
CA LEU B 420 22.31 6.10 -7.83
C LEU B 420 21.30 7.22 -7.92
N ALA B 421 20.02 6.87 -8.02
CA ALA B 421 18.97 7.88 -8.11
C ALA B 421 18.98 8.80 -6.89
N VAL B 422 19.03 8.21 -5.69
CA VAL B 422 18.97 8.98 -4.45
C VAL B 422 20.19 9.88 -4.33
N THR B 423 21.38 9.32 -4.60
CA THR B 423 22.61 10.11 -4.48
C THR B 423 22.62 11.26 -5.47
N ALA B 424 22.21 11.01 -6.72
CA ALA B 424 22.16 12.08 -7.70
C ALA B 424 21.15 13.14 -7.32
N ALA B 425 20.01 12.72 -6.75
CA ALA B 425 19.00 13.68 -6.32
C ALA B 425 19.55 14.57 -5.22
N GLU B 426 20.31 14.01 -4.28
CA GLU B 426 20.84 14.83 -3.21
C GLU B 426 22.00 15.71 -3.67
N HIS B 427 22.77 15.26 -4.66
CA HIS B 427 23.98 15.99 -5.04
C HIS B 427 23.65 17.33 -5.68
N TRP B 428 22.78 17.34 -6.69
CA TRP B 428 22.40 18.56 -7.39
C TRP B 428 21.06 19.04 -6.85
N ARG B 429 21.04 20.26 -6.29
CA ARG B 429 19.86 20.76 -5.60
C ARG B 429 19.41 22.13 -6.10
N ASP B 430 20.15 22.77 -7.01
CA ASP B 430 19.71 24.03 -7.56
C ASP B 430 18.47 23.83 -8.41
N GLU B 431 17.57 24.82 -8.38
CA GLU B 431 16.27 24.72 -9.02
C GLU B 431 16.21 25.39 -10.38
N ASN B 432 17.36 25.68 -10.98
CA ASN B 432 17.45 26.26 -12.31
C ASN B 432 18.50 25.56 -13.12
N ALA B 433 18.57 24.24 -13.00
CA ALA B 433 19.59 23.45 -13.68
C ALA B 433 19.08 22.02 -13.81
N CYS B 434 19.74 21.25 -14.68
CA CYS B 434 19.39 19.84 -14.84
C CYS B 434 19.54 19.10 -13.52
N ARG B 435 18.58 18.22 -13.23
CA ARG B 435 18.56 17.50 -11.98
C ARG B 435 17.67 16.27 -12.14
N VAL B 436 18.07 15.17 -11.50
CA VAL B 436 17.26 13.96 -11.54
C VAL B 436 15.97 14.21 -10.78
N VAL B 437 14.84 14.00 -11.45
CA VAL B 437 13.54 14.33 -10.87
C VAL B 437 12.72 13.10 -10.53
N GLY B 438 13.03 11.93 -11.08
CA GLY B 438 12.21 10.76 -10.78
C GLY B 438 12.85 9.51 -11.34
N VAL B 439 12.26 8.37 -10.95
CA VAL B 439 12.70 7.07 -11.40
C VAL B 439 11.55 6.39 -12.13
N ASP B 440 11.89 5.36 -12.90
CA ASP B 440 10.92 4.59 -13.67
C ASP B 440 11.12 3.13 -13.28
N LEU B 441 10.17 2.60 -12.51
CA LEU B 441 10.20 1.18 -12.14
C LEU B 441 9.70 0.37 -13.32
N ALA B 442 10.39 0.47 -14.46
CA ALA B 442 9.96 -0.16 -15.70
C ALA B 442 10.26 -1.66 -15.68
N GLY B 443 9.72 -2.38 -16.66
CA GLY B 443 9.83 -3.82 -16.68
C GLY B 443 9.14 -4.44 -15.48
N TYR B 444 8.20 -3.71 -14.90
CA TYR B 444 7.53 -4.10 -13.66
C TYR B 444 8.55 -4.47 -12.59
N GLU B 445 9.41 -3.48 -12.28
CA GLU B 445 10.62 -3.70 -11.49
C GLU B 445 11.50 -4.66 -12.26
N ASP B 446 11.31 -5.96 -12.00
CA ASP B 446 11.86 -7.00 -12.87
C ASP B 446 10.79 -8.04 -13.15
N GLU B 447 9.55 -7.57 -13.36
CA GLU B 447 8.36 -8.38 -13.53
C GLU B 447 8.00 -9.13 -12.25
N LYS B 448 6.72 -9.42 -12.06
CA LYS B 448 6.24 -10.14 -10.89
C LYS B 448 6.70 -11.60 -10.95
N THR B 449 7.27 -12.00 -12.08
CA THR B 449 7.79 -13.36 -12.22
C THR B 449 8.89 -13.62 -11.21
N ARG B 450 9.77 -12.64 -10.98
CA ARG B 450 10.88 -12.81 -10.05
C ARG B 450 10.97 -11.73 -8.99
N ALA B 451 10.25 -10.61 -9.12
CA ALA B 451 10.43 -9.51 -8.18
C ALA B 451 9.15 -9.04 -7.49
N HIS B 452 7.97 -9.30 -8.06
CA HIS B 452 6.72 -8.69 -7.63
C HIS B 452 6.93 -7.24 -7.18
N TYR B 453 6.40 -6.87 -6.02
CA TYR B 453 6.48 -5.50 -5.51
C TYR B 453 7.04 -5.53 -4.09
N PHE B 454 8.34 -5.22 -3.96
CA PHE B 454 8.91 -5.01 -2.63
C PHE B 454 8.52 -3.64 -2.11
N ARG B 455 7.27 -3.51 -1.63
CA ARG B 455 6.76 -2.23 -1.17
C ARG B 455 7.66 -1.61 -0.11
N GLU B 456 8.08 -2.43 0.86
CA GLU B 456 8.91 -1.93 1.95
C GLU B 456 10.27 -1.45 1.44
N GLU B 457 10.65 -1.85 0.22
CA GLU B 457 11.88 -1.32 -0.36
C GLU B 457 11.66 0.12 -0.86
N PHE B 458 10.52 0.37 -1.50
CA PHE B 458 10.25 1.69 -2.08
C PHE B 458 9.51 2.59 -1.09
N THR B 459 10.14 2.83 0.05
CA THR B 459 9.67 3.83 0.99
C THR B 459 10.74 4.87 1.29
N ALA B 460 11.90 4.76 0.67
CA ALA B 460 12.99 5.71 0.85
C ALA B 460 12.98 6.79 -0.24
N VAL B 461 12.63 6.40 -1.46
CA VAL B 461 12.57 7.35 -2.57
C VAL B 461 11.49 8.38 -2.31
N HIS B 462 10.39 7.96 -1.69
CA HIS B 462 9.32 8.89 -1.37
C HIS B 462 9.77 9.95 -0.38
N ARG B 463 10.53 9.55 0.64
CA ARG B 463 10.98 10.51 1.64
C ARG B 463 12.06 11.44 1.09
N CYS B 464 12.85 10.98 0.13
CA CYS B 464 13.89 11.81 -0.46
C CYS B 464 13.38 12.77 -1.53
N GLY B 465 12.12 12.66 -1.91
CA GLY B 465 11.54 13.58 -2.87
C GLY B 465 11.73 13.18 -4.31
N LEU B 466 11.34 11.95 -4.65
CA LEU B 466 11.42 11.44 -6.01
C LEU B 466 10.06 10.91 -6.44
N ALA B 467 9.67 11.23 -7.66
CA ALA B 467 8.43 10.72 -8.22
C ALA B 467 8.66 9.38 -8.90
N VAL B 468 7.58 8.61 -9.04
CA VAL B 468 7.65 7.25 -9.55
C VAL B 468 6.73 7.15 -10.76
N THR B 469 7.26 6.60 -11.85
CA THR B 469 6.50 6.34 -13.06
C THR B 469 6.54 4.84 -13.35
N VAL B 470 5.39 4.27 -13.70
CA VAL B 470 5.26 2.84 -13.93
C VAL B 470 4.82 2.62 -15.37
N HIS B 471 5.56 1.80 -16.09
CA HIS B 471 5.25 1.46 -17.48
C HIS B 471 4.32 0.26 -17.53
N ALA B 472 3.22 0.41 -18.25
CA ALA B 472 2.29 -0.69 -18.53
C ALA B 472 2.64 -1.21 -19.93
N GLY B 473 3.16 -2.43 -19.98
CA GLY B 473 3.65 -2.99 -21.22
C GLY B 473 2.68 -3.93 -21.90
N GLU B 474 2.91 -5.24 -21.75
CA GLU B 474 2.04 -6.24 -22.33
C GLU B 474 0.96 -6.68 -21.35
N ASN B 475 -0.06 -7.36 -21.89
CA ASN B 475 -1.19 -7.89 -21.12
C ASN B 475 -2.03 -6.75 -20.53
N ASP B 476 -1.46 -5.99 -19.59
CA ASP B 476 -2.15 -4.89 -18.92
C ASP B 476 -3.42 -5.37 -18.20
N ASP B 477 -3.22 -6.26 -17.24
CA ASP B 477 -4.32 -6.67 -16.38
C ASP B 477 -4.63 -5.56 -15.37
N ALA B 478 -5.90 -5.47 -14.99
CA ALA B 478 -6.32 -4.43 -14.05
C ALA B 478 -5.65 -4.59 -12.69
N GLU B 479 -5.28 -5.81 -12.32
CA GLU B 479 -4.64 -6.04 -11.03
C GLU B 479 -3.32 -5.29 -10.93
N GLY B 480 -2.54 -5.30 -12.01
CA GLY B 480 -1.27 -4.60 -12.02
C GLY B 480 -1.42 -3.11 -11.80
N ILE B 481 -2.40 -2.51 -12.48
CA ILE B 481 -2.63 -1.07 -12.32
C ILE B 481 -3.11 -0.77 -10.91
N TRP B 482 -4.03 -1.59 -10.39
CA TRP B 482 -4.49 -1.42 -9.01
C TRP B 482 -3.33 -1.43 -8.03
N ARG B 483 -2.49 -2.46 -8.13
CA ARG B 483 -1.33 -2.61 -7.26
C ARG B 483 -0.38 -1.43 -7.39
N ALA B 484 -0.08 -1.03 -8.62
CA ALA B 484 0.83 0.10 -8.84
C ALA B 484 0.32 1.35 -8.16
N VAL B 485 -0.93 1.71 -8.44
CA VAL B 485 -1.51 2.96 -7.94
C VAL B 485 -1.57 2.94 -6.42
N PHE B 486 -2.04 1.84 -5.83
CA PHE B 486 -2.30 1.88 -4.39
C PHE B 486 -1.19 1.26 -3.55
N ASP B 487 -0.06 0.86 -4.13
CA ASP B 487 1.06 0.39 -3.35
C ASP B 487 2.38 1.08 -3.69
N LEU B 488 2.64 1.35 -4.97
CA LEU B 488 3.87 2.06 -5.34
C LEU B 488 3.70 3.56 -5.34
N ASN B 489 2.46 4.05 -5.15
CA ASN B 489 2.16 5.47 -5.13
C ASN B 489 2.65 6.15 -6.41
N ALA B 490 2.49 5.48 -7.54
CA ALA B 490 2.89 6.05 -8.81
C ALA B 490 2.02 7.25 -9.16
N ARG B 491 2.61 8.19 -9.89
CA ARG B 491 1.90 9.40 -10.29
C ARG B 491 1.69 9.51 -11.79
N ARG B 492 2.25 8.62 -12.59
CA ARG B 492 2.02 8.59 -14.03
C ARG B 492 2.00 7.15 -14.50
N LEU B 493 1.25 6.90 -15.56
CA LEU B 493 1.13 5.57 -16.15
C LEU B 493 1.55 5.61 -17.61
N GLY B 494 2.30 4.60 -18.04
CA GLY B 494 2.79 4.52 -19.41
C GLY B 494 1.84 3.72 -20.28
N HIS B 495 1.47 4.32 -21.41
CA HIS B 495 0.57 3.68 -22.37
C HIS B 495 -0.76 3.32 -21.73
N ALA B 496 -0.92 2.06 -21.34
CA ALA B 496 -2.13 1.58 -20.66
C ALA B 496 -3.39 1.90 -21.48
N LEU B 497 -3.46 1.27 -22.66
CA LEU B 497 -4.53 1.57 -23.60
C LEU B 497 -5.84 0.87 -23.28
N SER B 498 -5.87 -0.02 -22.29
CA SER B 498 -7.07 -0.80 -21.96
C SER B 498 -7.49 -0.46 -20.53
N LEU B 499 -8.34 0.56 -20.41
CA LEU B 499 -8.87 0.95 -19.11
C LEU B 499 -10.40 1.04 -19.15
N GLY B 500 -10.96 1.06 -20.36
CA GLY B 500 -12.40 1.21 -20.52
C GLY B 500 -13.18 -0.06 -20.24
N GLN B 501 -12.47 -1.13 -19.92
CA GLN B 501 -13.10 -2.42 -19.64
C GLN B 501 -13.41 -2.62 -18.16
N SER B 502 -13.23 -1.60 -17.34
CA SER B 502 -13.55 -1.69 -15.91
C SER B 502 -13.86 -0.27 -15.44
N ARG B 503 -15.13 -0.04 -15.08
CA ARG B 503 -15.57 1.29 -14.72
C ARG B 503 -14.89 1.79 -13.45
N GLU B 504 -14.68 0.90 -12.49
CA GLU B 504 -14.12 1.31 -11.20
C GLU B 504 -12.70 1.85 -11.37
N LEU B 505 -11.88 1.17 -12.17
CA LEU B 505 -10.52 1.64 -12.41
C LEU B 505 -10.52 3.00 -13.10
N LEU B 506 -11.35 3.18 -14.12
CA LEU B 506 -11.42 4.46 -14.81
C LEU B 506 -11.84 5.57 -13.86
N ARG B 507 -12.86 5.31 -13.03
CA ARG B 507 -13.33 6.31 -12.10
C ARG B 507 -12.25 6.68 -11.09
N SER B 508 -11.55 5.68 -10.55
CA SER B 508 -10.50 5.95 -9.57
C SER B 508 -9.36 6.74 -10.20
N VAL B 509 -8.93 6.35 -11.40
CA VAL B 509 -7.83 7.02 -12.07
C VAL B 509 -8.20 8.47 -12.37
N ALA B 510 -9.44 8.68 -12.83
CA ALA B 510 -9.92 10.03 -13.10
C ALA B 510 -9.96 10.89 -11.84
N ASP B 511 -10.44 10.31 -10.73
CA ASP B 511 -10.60 11.09 -9.51
C ASP B 511 -9.26 11.46 -8.89
N ARG B 512 -8.35 10.48 -8.75
CA ARG B 512 -7.10 10.75 -8.05
C ARG B 512 -6.23 11.73 -8.80
N GLY B 513 -6.19 11.62 -10.13
CA GLY B 513 -5.48 12.61 -10.94
C GLY B 513 -4.20 12.10 -11.55
N ILE B 514 -4.11 10.79 -11.74
CA ILE B 514 -2.91 10.18 -12.33
C ILE B 514 -2.95 10.39 -13.84
N GLY B 515 -1.85 10.89 -14.39
CA GLY B 515 -1.78 11.12 -15.82
C GLY B 515 -1.54 9.86 -16.63
N VAL B 516 -1.84 9.95 -17.91
CA VAL B 516 -1.67 8.84 -18.85
C VAL B 516 -0.90 9.36 -20.06
N GLU B 517 0.08 8.57 -20.51
CA GLU B 517 0.96 8.95 -21.61
C GLU B 517 0.67 8.05 -22.80
N LEU B 518 0.40 8.65 -23.95
CA LEU B 518 0.11 7.91 -25.18
C LEU B 518 1.05 8.35 -26.28
N CYS B 519 1.47 7.37 -27.10
CA CYS B 519 2.36 7.62 -28.23
C CYS B 519 1.72 7.08 -29.50
N PRO B 520 1.10 7.94 -30.32
CA PRO B 520 0.31 7.44 -31.46
C PRO B 520 1.08 6.59 -32.46
N TYR B 521 2.23 7.09 -32.92
CA TYR B 521 2.98 6.39 -33.96
C TYR B 521 3.47 5.03 -33.47
N ALA B 522 4.07 5.00 -32.27
CA ALA B 522 4.57 3.75 -31.72
C ALA B 522 3.42 2.77 -31.46
N ASN B 523 2.31 3.28 -30.93
CA ASN B 523 1.16 2.41 -30.67
C ASN B 523 0.63 1.80 -31.96
N LEU B 524 0.53 2.60 -33.02
CA LEU B 524 0.07 2.09 -34.30
C LEU B 524 1.04 1.05 -34.86
N GLN B 525 2.33 1.32 -34.78
CA GLN B 525 3.31 0.43 -35.39
C GLN B 525 3.50 -0.86 -34.61
N ILE B 526 3.21 -0.87 -33.31
CA ILE B 526 3.46 -2.04 -32.49
C ILE B 526 2.18 -2.84 -32.20
N LYS B 527 1.03 -2.18 -32.01
CA LYS B 527 -0.19 -2.87 -31.63
C LYS B 527 -1.21 -2.99 -32.74
N GLY B 528 -1.21 -2.09 -33.73
CA GLY B 528 -2.16 -2.16 -34.81
C GLY B 528 -3.44 -1.43 -34.49
N PHE B 529 -3.85 -0.52 -35.37
CA PHE B 529 -5.05 0.27 -35.14
C PHE B 529 -5.63 0.69 -36.48
N ARG B 530 -6.91 1.03 -36.48
CA ARG B 530 -7.61 1.43 -37.70
C ARG B 530 -7.47 2.93 -37.91
N LEU B 531 -7.10 3.31 -39.13
CA LEU B 531 -6.80 4.68 -39.48
C LEU B 531 -7.89 5.26 -40.37
N ASP B 532 -8.20 6.54 -40.15
CA ASP B 532 -9.20 7.27 -40.93
C ASP B 532 -10.57 6.61 -40.87
N GLY B 533 -10.88 6.05 -39.70
CA GLY B 533 -12.17 5.44 -39.46
C GLY B 533 -12.52 4.30 -40.39
N SER B 534 -11.77 3.21 -40.31
CA SER B 534 -12.02 2.05 -41.16
C SER B 534 -11.92 0.75 -40.36
N PRO B 549 -8.41 -5.17 -33.00
CA PRO B 549 -8.13 -3.86 -32.41
C PRO B 549 -9.33 -2.91 -32.49
N GLY B 550 -9.74 -2.36 -31.35
CA GLY B 550 -10.85 -1.44 -31.30
C GLY B 550 -10.43 -0.02 -31.65
N PRO B 551 -11.35 0.93 -31.44
CA PRO B 551 -11.01 2.33 -31.71
C PRO B 551 -9.98 2.85 -30.70
N TYR B 552 -9.26 3.88 -31.13
CA TYR B 552 -8.21 4.45 -30.28
C TYR B 552 -8.85 5.07 -29.04
N PRO B 553 -8.41 4.71 -27.83
CA PRO B 553 -9.03 5.24 -26.60
C PRO B 553 -8.43 6.57 -26.16
N LEU B 554 -8.59 7.59 -26.99
CA LEU B 554 -8.16 8.94 -26.66
C LEU B 554 -9.33 9.88 -26.43
N LEU B 555 -10.31 9.88 -27.34
CA LEU B 555 -11.49 10.73 -27.15
C LEU B 555 -12.27 10.30 -25.93
N ASP B 556 -12.40 8.99 -25.70
CA ASP B 556 -13.13 8.51 -24.53
C ASP B 556 -12.49 8.98 -23.24
N TYR B 557 -11.16 8.90 -23.16
CA TYR B 557 -10.45 9.35 -21.96
C TYR B 557 -10.67 10.85 -21.74
N LEU B 558 -10.59 11.63 -22.82
CA LEU B 558 -10.79 13.08 -22.69
C LEU B 558 -12.20 13.41 -22.22
N ARG B 559 -13.20 12.71 -22.76
CA ARG B 559 -14.59 12.95 -22.36
C ARG B 559 -14.89 12.42 -20.97
N GLU B 560 -14.10 11.47 -20.47
CA GLU B 560 -14.32 10.93 -19.14
C GLU B 560 -13.60 11.71 -18.04
N GLY B 561 -12.78 12.70 -18.41
CA GLY B 561 -12.09 13.52 -17.44
C GLY B 561 -10.68 13.09 -17.11
N VAL B 562 -10.19 12.00 -17.71
CA VAL B 562 -8.82 11.56 -17.46
C VAL B 562 -7.84 12.57 -18.05
N ARG B 563 -6.65 12.64 -17.47
CA ARG B 563 -5.61 13.55 -17.93
C ARG B 563 -4.69 12.80 -18.89
N VAL B 564 -4.78 13.13 -20.18
CA VAL B 564 -4.09 12.40 -21.23
C VAL B 564 -3.04 13.32 -21.85
N THR B 565 -1.96 12.71 -22.35
CA THR B 565 -0.87 13.42 -22.98
C THR B 565 -0.44 12.71 -24.25
N VAL B 566 0.22 13.44 -25.13
CA VAL B 566 0.73 12.92 -26.39
C VAL B 566 2.24 13.13 -26.41
N ASN B 567 2.99 12.07 -26.67
CA ASN B 567 4.45 12.10 -26.63
C ASN B 567 5.00 11.46 -27.90
N THR B 568 6.33 11.46 -28.01
CA THR B 568 7.02 10.93 -29.18
C THR B 568 7.65 9.56 -28.96
N ASP B 569 7.92 9.20 -27.71
CA ASP B 569 8.61 7.96 -27.37
C ASP B 569 10.01 7.94 -27.99
N ASN B 570 10.16 7.25 -29.11
CA ASN B 570 11.44 7.16 -29.81
C ASN B 570 11.39 8.04 -31.05
N ILE B 571 12.38 8.92 -31.19
CA ILE B 571 12.41 9.84 -32.31
C ILE B 571 13.07 9.22 -33.54
N GLY B 572 14.11 8.41 -33.36
CA GLY B 572 14.82 7.85 -34.48
C GLY B 572 14.20 6.58 -35.03
N ILE B 573 13.80 5.67 -34.15
CA ILE B 573 13.19 4.43 -34.60
C ILE B 573 11.86 4.69 -35.28
N SER B 574 11.00 5.52 -34.66
CA SER B 574 9.69 5.80 -35.21
C SER B 574 9.70 6.79 -36.36
N ALA B 575 10.75 7.60 -36.46
CA ALA B 575 10.90 8.59 -37.53
C ALA B 575 9.70 9.55 -37.57
N ALA B 576 9.45 10.18 -36.43
CA ALA B 576 8.35 11.14 -36.32
C ALA B 576 8.64 12.09 -35.17
N SER B 577 8.00 13.24 -35.21
CA SER B 577 8.17 14.29 -34.21
C SER B 577 6.86 14.50 -33.44
N LEU B 578 6.88 15.48 -32.55
CA LEU B 578 5.70 15.79 -31.75
C LEU B 578 4.55 16.31 -32.63
N THR B 579 4.86 17.18 -33.59
CA THR B 579 3.82 17.70 -34.47
C THR B 579 3.17 16.58 -35.29
N ASP B 580 3.99 15.69 -35.84
CA ASP B 580 3.45 14.58 -36.61
C ASP B 580 2.63 13.65 -35.72
N ASN B 581 3.07 13.46 -34.48
CA ASN B 581 2.30 12.63 -33.55
C ASN B 581 0.94 13.25 -33.24
N LEU B 582 0.91 14.58 -33.06
CA LEU B 582 -0.37 15.25 -32.81
C LEU B 582 -1.29 15.12 -34.02
N LEU B 583 -0.76 15.31 -35.22
CA LEU B 583 -1.59 15.20 -36.42
C LEU B 583 -2.10 13.78 -36.61
N LEU B 584 -1.25 12.78 -36.36
CA LEU B 584 -1.71 11.40 -36.46
C LEU B 584 -2.73 11.07 -35.38
N ALA B 585 -2.59 11.65 -34.19
CA ALA B 585 -3.62 11.46 -33.16
C ALA B 585 -4.94 12.07 -33.62
N ALA B 586 -4.88 13.21 -34.30
CA ALA B 586 -6.08 13.76 -34.90
C ALA B 586 -6.68 12.82 -35.93
N ARG B 587 -5.83 12.18 -36.74
CA ARG B 587 -6.34 11.26 -37.75
C ARG B 587 -6.96 10.01 -37.13
N LEU B 588 -6.37 9.51 -36.04
CA LEU B 588 -6.82 8.25 -35.46
C LEU B 588 -8.23 8.35 -34.89
N CYS B 589 -8.51 9.41 -34.15
CA CYS B 589 -9.82 9.60 -33.54
C CYS B 589 -10.57 10.69 -34.27
N PRO B 590 -11.52 10.35 -35.14
CA PRO B 590 -12.25 11.38 -35.88
C PRO B 590 -13.08 12.25 -34.96
N GLY B 591 -13.26 13.50 -35.37
CA GLY B 591 -14.03 14.45 -34.60
C GLY B 591 -13.24 15.25 -33.57
N LEU B 592 -11.94 15.01 -33.45
CA LEU B 592 -11.13 15.77 -32.50
C LEU B 592 -11.07 17.23 -32.93
N THR B 593 -11.35 18.13 -31.99
CA THR B 593 -11.38 19.56 -32.26
C THR B 593 -10.02 20.18 -31.92
N ARG B 594 -9.86 21.45 -32.30
CA ARG B 594 -8.63 22.17 -32.00
C ARG B 594 -8.54 22.61 -30.55
N LEU B 595 -9.64 22.55 -29.80
CA LEU B 595 -9.58 22.82 -28.36
C LEU B 595 -8.95 21.67 -27.60
N ASP B 596 -9.11 20.44 -28.11
CA ASP B 596 -8.57 19.27 -27.43
C ASP B 596 -7.05 19.31 -27.36
N LEU B 597 -6.39 19.93 -28.34
CA LEU B 597 -4.93 20.05 -28.28
C LEU B 597 -4.51 20.90 -27.08
N LEU B 598 -5.18 22.03 -26.86
CA LEU B 598 -4.89 22.84 -25.70
C LEU B 598 -5.27 22.14 -24.40
N HIS B 599 -6.34 21.34 -24.43
CA HIS B 599 -6.66 20.51 -23.27
C HIS B 599 -5.52 19.55 -22.95
N LEU B 600 -4.96 18.91 -23.98
CA LEU B 600 -3.84 18.00 -23.78
C LEU B 600 -2.63 18.73 -23.22
N GLN B 601 -2.34 19.93 -23.74
CA GLN B 601 -1.23 20.71 -23.22
C GLN B 601 -1.43 21.07 -21.76
N ARG B 602 -2.65 21.46 -21.38
CA ARG B 602 -2.94 21.78 -19.99
C ARG B 602 -2.76 20.56 -19.09
N HIS B 603 -3.24 19.39 -19.54
CA HIS B 603 -3.07 18.17 -18.77
C HIS B 603 -1.59 17.84 -18.59
N ALA B 604 -0.81 17.97 -19.67
CA ALA B 604 0.62 17.70 -19.59
C ALA B 604 1.31 18.65 -18.63
N LEU B 605 0.93 19.93 -18.65
CA LEU B 605 1.50 20.88 -17.71
C LEU B 605 1.14 20.51 -16.27
N GLU B 606 -0.10 20.11 -16.03
CA GLU B 606 -0.51 19.74 -14.68
C GLU B 606 0.14 18.47 -14.18
N THR B 607 0.53 17.55 -15.07
CA THR B 607 1.05 16.27 -14.64
C THR B 607 2.57 16.24 -14.53
N ALA B 608 3.25 17.33 -14.85
CA ALA B 608 4.71 17.35 -14.85
C ALA B 608 5.26 17.21 -13.43
N PHE B 609 6.59 17.02 -13.35
CA PHE B 609 7.29 16.79 -12.10
C PHE B 609 8.09 18.02 -11.63
N CYS B 610 7.76 19.20 -12.12
CA CYS B 610 8.50 20.41 -11.78
C CYS B 610 8.06 20.93 -10.42
N THR B 611 8.52 22.13 -10.06
CA THR B 611 8.16 22.78 -8.82
C THR B 611 7.10 23.85 -9.09
N ALA B 612 6.58 24.44 -8.00
CA ALA B 612 5.49 25.39 -8.13
C ALA B 612 5.91 26.63 -8.92
N THR B 613 7.10 27.17 -8.63
CA THR B 613 7.58 28.32 -9.38
C THR B 613 7.75 28.00 -10.85
N GLN B 614 8.33 26.83 -11.14
CA GLN B 614 8.45 26.40 -12.53
C GLN B 614 7.07 26.21 -13.17
N ARG B 615 6.10 25.71 -12.41
CA ARG B 615 4.75 25.56 -12.95
C ARG B 615 4.14 26.90 -13.32
N LEU B 616 4.30 27.90 -12.45
CA LEU B 616 3.78 29.24 -12.75
C LEU B 616 4.47 29.84 -13.97
N THR B 617 5.80 29.69 -14.05
CA THR B 617 6.53 30.21 -15.20
C THR B 617 6.08 29.52 -16.49
N LEU B 618 5.90 28.19 -16.43
CA LEU B 618 5.44 27.46 -17.59
C LEU B 618 4.04 27.90 -18.01
N LEU B 619 3.15 28.12 -17.04
CA LEU B 619 1.81 28.61 -17.37
C LEU B 619 1.88 29.96 -18.06
N ARG B 620 2.72 30.86 -17.53
CA ARG B 620 2.87 32.18 -18.16
C ARG B 620 3.40 32.06 -19.57
N ARG B 621 4.39 31.20 -19.78
CA ARG B 621 5.01 31.09 -21.10
C ARG B 621 4.05 30.46 -22.11
N ILE B 622 3.33 29.41 -21.70
CA ILE B 622 2.42 28.72 -22.61
C ILE B 622 1.22 29.60 -22.94
N SER B 623 0.64 30.23 -21.92
CA SER B 623 -0.59 31.00 -22.14
C SER B 623 -0.36 32.22 -23.02
N SER B 624 0.87 32.70 -23.10
CA SER B 624 1.20 33.89 -23.87
C SER B 624 1.89 33.56 -25.19
N GLY B 625 1.77 32.31 -25.65
CA GLY B 625 2.46 31.91 -26.86
C GLY B 625 1.56 31.29 -27.91
N ILE B 626 0.31 31.01 -27.55
CA ILE B 626 -0.64 30.38 -28.45
C ILE B 626 -0.87 31.29 -29.65
N PRO B 627 -0.68 30.80 -30.87
CA PRO B 627 -0.83 31.66 -32.04
C PRO B 627 -2.28 31.81 -32.47
N ARG B 628 -2.68 33.06 -32.74
CA ARG B 628 -4.01 33.35 -33.25
C ARG B 628 -4.06 33.01 -34.74
N PRO B 629 -5.22 32.59 -35.27
CA PRO B 629 -5.34 32.17 -36.68
C PRO B 629 -5.01 33.30 -37.66
N GLU C 223 -26.50 -43.75 27.31
CA GLU C 223 -25.95 -43.61 25.97
C GLU C 223 -27.04 -43.48 24.93
N LEU C 224 -28.15 -42.85 25.32
CA LEU C 224 -29.27 -42.63 24.41
C LEU C 224 -29.32 -41.16 24.03
N PRO C 225 -29.61 -40.85 22.76
CA PRO C 225 -29.58 -39.45 22.30
C PRO C 225 -30.53 -38.55 23.08
N PHE C 226 -31.68 -39.08 23.48
CA PHE C 226 -32.66 -38.30 24.22
C PHE C 226 -33.01 -38.99 25.53
N ALA C 227 -33.63 -38.24 26.45
CA ALA C 227 -33.99 -38.73 27.77
C ALA C 227 -35.39 -39.32 27.83
N ASP C 228 -36.29 -38.87 26.94
CA ASP C 228 -37.66 -39.38 26.90
C ASP C 228 -37.66 -40.86 26.55
N LEU C 229 -36.67 -41.30 25.77
CA LEU C 229 -36.59 -42.69 25.33
C LEU C 229 -36.45 -43.66 26.49
N ALA C 230 -36.05 -43.19 27.67
CA ALA C 230 -35.97 -44.04 28.85
C ALA C 230 -37.33 -44.43 29.40
N THR C 231 -38.41 -43.83 28.90
CA THR C 231 -39.76 -44.13 29.37
C THR C 231 -40.49 -45.10 28.44
N TRP C 232 -39.80 -45.65 27.44
CA TRP C 232 -40.44 -46.60 26.54
C TRP C 232 -40.32 -48.03 27.06
N SER C 233 -41.16 -48.91 26.52
CA SER C 233 -41.14 -50.30 26.91
C SER C 233 -39.89 -50.99 26.35
N GLU C 234 -39.56 -52.14 26.93
CA GLU C 234 -38.35 -52.85 26.54
C GLU C 234 -38.43 -53.33 25.10
N GLY C 235 -39.60 -53.82 24.67
CA GLY C 235 -39.77 -54.24 23.29
C GLY C 235 -39.60 -53.11 22.31
N GLU C 236 -40.07 -51.92 22.65
CA GLU C 236 -39.89 -50.76 21.77
C GLU C 236 -38.41 -50.43 21.59
N LEU C 237 -37.64 -50.46 22.68
CA LEU C 237 -36.20 -50.25 22.57
C LEU C 237 -35.53 -51.36 21.75
N ALA C 238 -35.95 -52.61 21.96
CA ALA C 238 -35.39 -53.70 21.17
C ALA C 238 -35.66 -53.50 19.68
N TRP C 239 -36.86 -53.05 19.34
CA TRP C 239 -37.15 -52.71 17.95
C TRP C 239 -36.28 -51.56 17.47
N LEU C 240 -36.10 -50.54 18.30
CA LEU C 240 -35.27 -49.40 17.94
C LEU C 240 -33.81 -49.78 17.74
N ARG C 241 -33.36 -50.89 18.31
CA ARG C 241 -32.00 -51.37 18.16
C ARG C 241 -31.87 -52.40 17.05
N GLU C 242 -32.68 -52.29 15.99
CA GLU C 242 -32.64 -53.21 14.87
C GLU C 242 -32.29 -52.46 13.59
N PRO C 243 -31.72 -53.14 12.61
CA PRO C 243 -31.44 -52.50 11.32
C PRO C 243 -32.72 -52.01 10.67
N LEU C 244 -32.63 -50.83 10.04
CA LEU C 244 -33.79 -50.21 9.42
C LEU C 244 -33.98 -50.73 8.01
N ASP C 245 -35.22 -51.13 7.69
CA ASP C 245 -35.54 -51.59 6.35
C ASP C 245 -36.01 -50.42 5.51
N PRO C 246 -35.29 -50.05 4.45
CA PRO C 246 -35.69 -48.86 3.67
C PRO C 246 -36.84 -49.09 2.71
N ARG C 247 -37.28 -50.34 2.52
CA ARG C 247 -38.33 -50.65 1.56
C ARG C 247 -39.64 -51.12 2.20
N ALA C 248 -39.66 -51.38 3.50
CA ALA C 248 -40.91 -51.78 4.14
C ALA C 248 -41.86 -50.59 4.21
N PRO C 249 -43.13 -50.75 3.83
CA PRO C 249 -44.07 -49.63 3.92
C PRO C 249 -44.30 -49.15 5.33
N ALA C 250 -44.01 -49.96 6.35
CA ALA C 250 -44.20 -49.54 7.73
C ALA C 250 -43.21 -48.45 8.12
N ASP C 251 -41.93 -48.64 7.79
CA ASP C 251 -40.90 -47.68 8.19
C ASP C 251 -41.04 -46.36 7.43
N GLN C 252 -41.57 -46.39 6.21
CA GLN C 252 -41.69 -45.18 5.42
C GLN C 252 -42.65 -44.19 6.07
N ARG C 253 -43.72 -44.69 6.70
CA ARG C 253 -44.63 -43.83 7.44
C ARG C 253 -44.08 -43.38 8.78
N TRP C 254 -43.23 -44.20 9.42
CA TRP C 254 -42.59 -43.77 10.65
C TRP C 254 -41.62 -42.62 10.41
N VAL C 255 -40.82 -42.70 9.34
CA VAL C 255 -39.86 -41.65 9.05
C VAL C 255 -40.57 -40.33 8.74
N ALA C 256 -41.71 -40.39 8.03
CA ALA C 256 -42.39 -39.17 7.61
C ALA C 256 -42.98 -38.38 8.77
N GLY C 257 -43.10 -38.97 9.95
CA GLY C 257 -43.69 -38.26 11.08
C GLY C 257 -42.67 -37.67 12.04
N LEU C 258 -41.40 -37.95 11.80
CA LEU C 258 -40.35 -37.47 12.69
C LEU C 258 -40.16 -35.96 12.52
N PRO C 259 -40.01 -35.22 13.62
CA PRO C 259 -39.53 -33.84 13.49
C PRO C 259 -38.11 -33.83 12.93
N LYS C 260 -37.83 -32.85 12.07
CA LYS C 260 -36.57 -32.81 11.34
C LYS C 260 -35.96 -31.41 11.38
N ILE C 261 -34.65 -31.36 11.16
CA ILE C 261 -33.89 -30.13 11.13
C ILE C 261 -33.08 -30.09 9.84
N GLU C 262 -33.17 -28.98 9.12
CA GLU C 262 -32.50 -28.81 7.83
C GLU C 262 -31.43 -27.75 7.97
N LEU C 263 -30.22 -28.02 7.46
CA LEU C 263 -29.11 -27.10 7.59
C LEU C 263 -28.40 -26.78 6.27
N HIS C 264 -28.80 -27.39 5.16
CA HIS C 264 -28.17 -27.16 3.86
C HIS C 264 -29.27 -27.14 2.81
N CYS C 265 -29.77 -25.94 2.51
CA CYS C 265 -30.82 -25.76 1.52
C CYS C 265 -30.55 -24.49 0.73
N HIS C 266 -30.86 -24.54 -0.57
CA HIS C 266 -30.66 -23.42 -1.46
C HIS C 266 -32.00 -22.89 -1.95
N LEU C 267 -32.17 -21.57 -1.88
CA LEU C 267 -33.43 -20.97 -2.33
C LEU C 267 -33.54 -20.94 -3.84
N GLY C 268 -32.40 -20.87 -4.55
CA GLY C 268 -32.40 -20.76 -5.99
C GLY C 268 -32.54 -22.05 -6.76
N GLY C 269 -32.85 -23.16 -6.08
CA GLY C 269 -33.02 -24.43 -6.76
C GLY C 269 -34.20 -25.23 -6.27
N PHE C 270 -35.28 -24.56 -5.87
CA PHE C 270 -36.41 -25.24 -5.26
C PHE C 270 -37.39 -25.77 -6.31
N ALA C 271 -37.96 -24.88 -7.11
CA ALA C 271 -38.97 -25.23 -8.10
C ALA C 271 -38.36 -25.04 -9.49
N THR C 272 -37.95 -26.15 -10.11
CA THR C 272 -37.29 -26.11 -11.40
C THR C 272 -37.94 -26.97 -12.46
N HIS C 273 -38.98 -27.74 -12.13
CA HIS C 273 -39.62 -28.62 -13.09
C HIS C 273 -41.06 -28.88 -12.66
N GLY C 274 -41.98 -28.82 -13.60
CA GLY C 274 -43.34 -29.26 -13.40
C GLY C 274 -44.29 -28.14 -13.01
N GLU C 275 -45.32 -28.54 -12.25
CA GLU C 275 -46.41 -27.62 -11.91
C GLU C 275 -45.93 -26.45 -11.07
N LEU C 276 -44.97 -26.68 -10.18
CA LEU C 276 -44.50 -25.60 -9.30
C LEU C 276 -43.88 -24.47 -10.11
N LEU C 277 -43.14 -24.80 -11.17
CA LEU C 277 -42.59 -23.78 -12.04
C LEU C 277 -43.69 -22.94 -12.67
N ARG C 278 -44.77 -23.60 -13.12
CA ARG C 278 -45.90 -22.88 -13.69
C ARG C 278 -46.52 -21.96 -12.65
N ARG C 279 -46.68 -22.44 -11.42
CA ARG C 279 -47.29 -21.63 -10.37
C ARG C 279 -46.44 -20.40 -10.07
N VAL C 280 -45.13 -20.58 -10.04
CA VAL C 280 -44.23 -19.44 -9.79
C VAL C 280 -44.31 -18.45 -10.95
N ARG C 281 -44.33 -18.95 -12.18
CA ARG C 281 -44.34 -18.06 -13.34
C ARG C 281 -45.64 -17.29 -13.49
N ASN C 282 -46.77 -17.89 -13.11
CA ASN C 282 -48.04 -17.19 -13.22
C ASN C 282 -48.22 -16.10 -12.18
N ALA C 283 -47.25 -15.90 -11.29
CA ALA C 283 -47.34 -14.88 -10.25
C ALA C 283 -46.38 -13.72 -10.50
N ALA C 284 -45.91 -13.55 -11.73
CA ALA C 284 -45.00 -12.45 -12.04
C ALA C 284 -45.75 -11.12 -12.05
N GLU C 285 -44.98 -10.04 -11.99
CA GLU C 285 -45.55 -8.70 -11.96
C GLU C 285 -45.55 -8.02 -13.32
N ASN C 286 -44.56 -8.30 -14.16
CA ASN C 286 -44.49 -7.76 -15.53
C ASN C 286 -44.30 -8.92 -16.50
N PRO C 287 -45.40 -9.60 -16.86
CA PRO C 287 -45.28 -10.81 -17.69
C PRO C 287 -44.68 -10.59 -19.06
N GLY C 288 -44.64 -9.35 -19.56
CA GLY C 288 -44.14 -9.09 -20.88
C GLY C 288 -42.66 -9.38 -21.08
N LYS C 289 -41.91 -9.56 -19.99
CA LYS C 289 -40.48 -9.84 -20.08
C LYS C 289 -40.11 -11.17 -19.44
N LEU C 290 -41.08 -12.05 -19.23
CA LEU C 290 -40.79 -13.37 -18.68
C LEU C 290 -40.09 -14.22 -19.72
N PRO C 291 -38.94 -14.82 -19.41
CA PRO C 291 -38.24 -15.68 -20.38
C PRO C 291 -39.11 -16.85 -20.79
N PRO C 292 -39.01 -17.29 -22.05
CA PRO C 292 -39.91 -18.34 -22.54
C PRO C 292 -39.67 -19.67 -21.85
N LEU C 293 -40.73 -20.47 -21.80
CA LEU C 293 -40.68 -21.78 -21.15
C LEU C 293 -39.70 -22.71 -21.87
N GLU C 294 -38.80 -23.30 -21.09
CA GLU C 294 -37.93 -24.36 -21.57
C GLU C 294 -37.46 -25.23 -20.41
N GLU C 295 -38.08 -26.39 -20.23
CA GLU C 295 -37.68 -27.29 -19.16
C GLU C 295 -36.60 -28.24 -19.64
N PRO C 296 -35.42 -28.24 -19.04
CA PRO C 296 -34.35 -29.14 -19.49
C PRO C 296 -34.74 -30.60 -19.31
N ARG C 297 -34.22 -31.45 -20.20
CA ARG C 297 -34.53 -32.87 -20.18
C ARG C 297 -33.61 -33.57 -19.19
N LEU C 298 -34.21 -34.33 -18.27
CA LEU C 298 -33.44 -35.05 -17.27
C LEU C 298 -32.78 -36.27 -17.89
N PRO C 299 -31.61 -36.67 -17.39
CA PRO C 299 -30.95 -37.87 -17.92
C PRO C 299 -31.65 -39.15 -17.51
N GLU C 300 -31.07 -40.29 -17.88
CA GLU C 300 -31.71 -41.60 -17.71
C GLU C 300 -31.92 -41.90 -16.24
N GLY C 301 -33.18 -42.05 -15.83
CA GLY C 301 -33.47 -42.44 -14.46
C GLY C 301 -32.92 -41.48 -13.43
N TRP C 302 -33.26 -40.19 -13.54
CA TRP C 302 -32.59 -39.13 -12.79
C TRP C 302 -32.52 -39.34 -11.29
N PRO C 303 -33.60 -39.78 -10.59
CA PRO C 303 -33.48 -39.99 -9.15
C PRO C 303 -32.34 -40.92 -8.77
N LEU C 304 -32.15 -41.99 -9.54
CA LEU C 304 -31.05 -42.92 -9.31
C LEU C 304 -30.37 -43.23 -10.64
N PRO C 305 -29.40 -42.44 -11.05
CA PRO C 305 -28.75 -42.68 -12.35
C PRO C 305 -27.78 -43.84 -12.30
N ALA C 306 -27.43 -44.32 -13.48
CA ALA C 306 -26.47 -45.41 -13.62
C ALA C 306 -25.03 -44.92 -13.79
N GLN C 307 -24.83 -43.63 -14.05
CA GLN C 307 -23.50 -43.08 -14.29
C GLN C 307 -23.49 -41.68 -13.70
N PRO C 308 -22.51 -41.35 -12.85
CA PRO C 308 -22.43 -39.98 -12.33
C PRO C 308 -22.15 -38.98 -13.43
N ILE C 309 -22.65 -37.76 -13.24
CA ILE C 309 -22.51 -36.69 -14.23
C ILE C 309 -21.61 -35.60 -13.65
N PRO C 310 -20.96 -34.79 -14.49
CA PRO C 310 -20.11 -33.71 -13.96
C PRO C 310 -20.93 -32.63 -13.27
N LEU C 311 -20.26 -31.90 -12.39
CA LEU C 311 -20.93 -30.89 -11.58
C LEU C 311 -21.52 -29.78 -12.43
N ALA C 312 -20.80 -29.37 -13.47
CA ALA C 312 -21.31 -28.32 -14.36
C ALA C 312 -22.65 -28.71 -14.95
N GLU C 313 -22.74 -29.91 -15.53
CA GLU C 313 -24.00 -30.38 -16.10
C GLU C 313 -25.08 -30.46 -15.03
N TYR C 314 -24.71 -30.80 -13.80
CA TYR C 314 -25.65 -30.76 -12.68
C TYR C 314 -26.21 -29.35 -12.52
N MET C 315 -25.35 -28.35 -12.61
CA MET C 315 -25.82 -26.97 -12.48
C MET C 315 -26.72 -26.57 -13.63
N LYS C 316 -26.39 -26.99 -14.85
CA LYS C 316 -27.17 -26.59 -16.02
C LYS C 316 -28.60 -27.13 -15.98
N LEU C 317 -28.82 -28.19 -15.21
CA LEU C 317 -30.11 -28.90 -15.23
C LEU C 317 -31.24 -28.02 -14.70
N GLY C 318 -30.90 -27.01 -13.90
CA GLY C 318 -31.93 -26.18 -13.29
C GLY C 318 -31.95 -24.75 -13.80
N ASN C 319 -31.80 -24.57 -15.11
CA ASN C 319 -31.78 -23.24 -15.71
C ASN C 319 -33.18 -22.66 -15.89
N ALA C 320 -34.23 -23.46 -15.71
CA ALA C 320 -35.59 -22.96 -15.77
C ALA C 320 -35.93 -22.01 -14.63
N ASN C 321 -35.23 -22.13 -13.50
CA ASN C 321 -35.38 -21.24 -12.37
C ASN C 321 -34.02 -20.67 -11.99
N GLY C 322 -34.04 -19.64 -11.14
CA GLY C 322 -32.82 -18.97 -10.76
C GLY C 322 -32.86 -17.49 -11.06
N THR C 323 -31.75 -16.94 -11.54
CA THR C 323 -31.66 -15.50 -11.77
C THR C 323 -32.76 -14.99 -12.68
N ALA C 324 -32.95 -15.63 -13.83
CA ALA C 324 -33.85 -15.17 -14.87
C ALA C 324 -35.28 -14.99 -14.36
N LEU C 325 -35.79 -15.98 -13.64
CA LEU C 325 -37.16 -15.88 -13.15
C LEU C 325 -37.26 -15.15 -11.82
N LEU C 326 -36.17 -15.07 -11.04
CA LEU C 326 -36.22 -14.45 -9.72
C LEU C 326 -35.83 -12.98 -9.73
N ARG C 327 -35.47 -12.41 -10.88
CA ARG C 327 -35.31 -10.96 -10.93
C ARG C 327 -36.64 -10.21 -10.85
N ASP C 328 -37.77 -10.93 -10.74
CA ASP C 328 -39.11 -10.39 -10.55
C ASP C 328 -39.49 -10.45 -9.08
N PRO C 329 -39.96 -9.34 -8.49
CA PRO C 329 -40.31 -9.37 -7.06
C PRO C 329 -41.39 -10.37 -6.70
N GLY C 330 -42.50 -10.38 -7.45
CA GLY C 330 -43.58 -11.30 -7.14
C GLY C 330 -43.18 -12.75 -7.25
N CYS C 331 -42.33 -13.08 -8.22
CA CYS C 331 -41.81 -14.44 -8.34
C CYS C 331 -41.01 -14.82 -7.09
N LEU C 332 -40.19 -13.89 -6.60
CA LEU C 332 -39.44 -14.14 -5.38
C LEU C 332 -40.37 -14.38 -4.20
N ARG C 333 -41.41 -13.56 -4.06
CA ARG C 333 -42.36 -13.73 -2.97
C ARG C 333 -43.03 -15.10 -3.03
N GLU C 334 -43.50 -15.47 -4.22
CA GLU C 334 -44.22 -16.74 -4.36
C GLU C 334 -43.28 -17.92 -4.13
N GLN C 335 -42.03 -17.82 -4.58
CA GLN C 335 -41.06 -18.88 -4.32
C GLN C 335 -40.82 -19.05 -2.83
N CYS C 336 -40.68 -17.93 -2.11
CA CYS C 336 -40.48 -18.02 -0.66
C CYS C 336 -41.66 -18.67 0.02
N ARG C 337 -42.88 -18.26 -0.35
CA ARG C 337 -44.07 -18.81 0.29
C ARG C 337 -44.23 -20.31 0.00
N LEU C 338 -43.97 -20.72 -1.25
CA LEU C 338 -44.07 -22.13 -1.59
C LEU C 338 -43.02 -22.95 -0.87
N LEU C 339 -41.80 -22.42 -0.74
CA LEU C 339 -40.77 -23.14 0.01
C LEU C 339 -41.17 -23.30 1.46
N TYR C 340 -41.75 -22.26 2.06
CA TYR C 340 -42.22 -22.38 3.44
C TYR C 340 -43.32 -23.43 3.56
N ARG C 341 -44.24 -23.47 2.60
CA ARG C 341 -45.31 -24.46 2.62
C ARG C 341 -44.74 -25.87 2.56
N HIS C 342 -43.76 -26.08 1.67
CA HIS C 342 -43.14 -27.39 1.53
C HIS C 342 -42.41 -27.79 2.82
N LEU C 343 -41.69 -26.83 3.42
CA LEU C 343 -40.97 -27.12 4.65
C LEU C 343 -41.92 -27.50 5.77
N VAL C 344 -43.05 -26.80 5.87
CA VAL C 344 -44.05 -27.15 6.88
C VAL C 344 -44.62 -28.53 6.60
N ASP C 345 -44.88 -28.84 5.33
CA ASP C 345 -45.44 -30.15 4.99
C ASP C 345 -44.49 -31.29 5.36
N GLN C 346 -43.20 -31.10 5.10
CA GLN C 346 -42.23 -32.16 5.39
C GLN C 346 -42.09 -32.44 6.88
N GLY C 347 -42.59 -31.56 7.74
CA GLY C 347 -42.44 -31.71 9.17
C GLY C 347 -41.20 -31.07 9.75
N VAL C 348 -40.49 -30.25 8.98
CA VAL C 348 -39.30 -29.57 9.48
C VAL C 348 -39.68 -28.60 10.58
N CYS C 349 -38.82 -28.48 11.58
CA CYS C 349 -39.06 -27.57 12.70
C CYS C 349 -38.08 -26.41 12.75
N TYR C 350 -36.98 -26.47 12.02
CA TYR C 350 -35.99 -25.39 11.98
C TYR C 350 -35.13 -25.57 10.75
N ALA C 351 -35.07 -24.55 9.90
CA ALA C 351 -34.30 -24.61 8.66
C ALA C 351 -33.47 -23.34 8.50
N GLU C 352 -32.39 -23.46 7.74
CA GLU C 352 -31.48 -22.35 7.49
C GLU C 352 -31.24 -22.27 5.99
N VAL C 353 -31.96 -21.38 5.31
CA VAL C 353 -31.88 -21.25 3.86
C VAL C 353 -30.66 -20.44 3.49
N ARG C 354 -29.94 -20.88 2.46
CA ARG C 354 -28.82 -20.15 1.90
C ARG C 354 -29.28 -19.38 0.66
N CYS C 355 -28.77 -18.16 0.52
CA CYS C 355 -29.13 -17.32 -0.62
C CYS C 355 -28.01 -16.36 -0.93
N SER C 356 -28.02 -15.85 -2.16
CA SER C 356 -27.03 -14.86 -2.63
C SER C 356 -27.80 -13.69 -3.22
N PRO C 357 -28.11 -12.67 -2.41
CA PRO C 357 -28.93 -11.55 -2.91
C PRO C 357 -28.29 -10.77 -4.03
N ALA C 358 -26.96 -10.84 -4.19
CA ALA C 358 -26.30 -10.09 -5.25
C ALA C 358 -26.66 -10.62 -6.63
N ASN C 359 -27.11 -11.88 -6.71
CA ASN C 359 -27.45 -12.46 -8.01
C ASN C 359 -28.70 -11.82 -8.59
N TYR C 360 -29.75 -11.69 -7.78
CA TYR C 360 -31.04 -11.19 -8.27
C TYR C 360 -31.14 -9.67 -8.13
N ALA C 361 -30.13 -8.95 -8.63
CA ALA C 361 -30.10 -7.50 -8.50
C ALA C 361 -29.51 -6.91 -9.77
N GLU C 362 -30.38 -6.54 -10.71
CA GLU C 362 -29.96 -5.85 -11.92
C GLU C 362 -30.31 -4.37 -11.93
N VAL C 363 -31.38 -3.98 -11.23
CA VAL C 363 -31.74 -2.58 -11.05
C VAL C 363 -31.86 -2.22 -9.58
N ARG C 364 -32.57 -3.03 -8.80
CA ARG C 364 -32.64 -2.85 -7.37
C ARG C 364 -31.31 -3.22 -6.72
N SER C 365 -31.00 -2.55 -5.62
CA SER C 365 -29.80 -2.86 -4.87
C SER C 365 -29.96 -4.19 -4.13
N PRO C 366 -28.85 -4.83 -3.77
CA PRO C 366 -28.96 -6.09 -3.00
C PRO C 366 -29.72 -5.93 -1.69
N TRP C 367 -29.66 -4.74 -1.07
CA TRP C 367 -30.38 -4.52 0.18
C TRP C 367 -31.88 -4.69 -0.01
N ASP C 368 -32.41 -4.19 -1.12
CA ASP C 368 -33.84 -4.37 -1.39
C ASP C 368 -34.21 -5.83 -1.52
N VAL C 369 -33.36 -6.63 -2.20
CA VAL C 369 -33.62 -8.05 -2.36
C VAL C 369 -33.63 -8.74 -0.99
N LEU C 370 -32.63 -8.44 -0.16
CA LEU C 370 -32.58 -9.04 1.16
C LEU C 370 -33.79 -8.66 2.00
N ALA C 371 -34.19 -7.39 1.94
CA ALA C 371 -35.35 -6.94 2.69
C ALA C 371 -36.61 -7.64 2.22
N ASP C 372 -36.77 -7.82 0.91
CA ASP C 372 -37.95 -8.51 0.39
C ASP C 372 -37.98 -9.96 0.86
N ILE C 373 -36.84 -10.65 0.80
CA ILE C 373 -36.80 -12.03 1.24
C ILE C 373 -37.16 -12.14 2.72
N ARG C 374 -36.55 -11.29 3.54
CA ARG C 374 -36.83 -11.33 4.97
C ARG C 374 -38.29 -11.02 5.27
N ALA C 375 -38.85 -10.02 4.58
CA ALA C 375 -40.24 -9.65 4.80
C ALA C 375 -41.18 -10.79 4.44
N ALA C 376 -40.94 -11.45 3.31
CA ALA C 376 -41.79 -12.56 2.91
C ALA C 376 -41.72 -13.69 3.92
N PHE C 377 -40.51 -14.06 4.35
CA PHE C 377 -40.38 -15.16 5.30
C PHE C 377 -41.02 -14.82 6.64
N GLN C 378 -40.84 -13.59 7.12
CA GLN C 378 -41.44 -13.20 8.39
C GLN C 378 -42.96 -13.15 8.29
N GLU C 379 -43.49 -12.69 7.16
CA GLU C 379 -44.93 -12.71 6.97
C GLU C 379 -45.48 -14.12 7.03
N CYS C 380 -44.81 -15.06 6.36
CA CYS C 380 -45.26 -16.45 6.42
C CYS C 380 -45.18 -17.00 7.84
N MET C 381 -44.08 -16.70 8.55
CA MET C 381 -43.91 -17.20 9.91
C MET C 381 -45.01 -16.68 10.84
N GLU C 382 -45.33 -15.39 10.74
CA GLU C 382 -46.39 -14.85 11.57
C GLU C 382 -47.76 -15.38 11.14
N GLY C 383 -47.93 -15.64 9.84
CA GLY C 383 -49.20 -16.18 9.37
C GLY C 383 -49.48 -17.59 9.86
N ALA C 384 -48.46 -18.43 9.94
CA ALA C 384 -48.69 -19.82 10.35
C ALA C 384 -49.07 -19.90 11.82
N ARG C 385 -48.13 -19.56 12.71
CA ARG C 385 -48.35 -19.42 14.14
C ARG C 385 -49.23 -20.52 14.72
N THR C 386 -48.73 -21.75 14.64
CA THR C 386 -49.40 -22.87 15.30
C THR C 386 -49.14 -22.77 16.80
N ALA C 387 -49.54 -23.80 17.56
CA ALA C 387 -49.54 -23.74 19.02
C ALA C 387 -48.73 -24.88 19.63
N PRO C 388 -47.39 -24.80 19.56
CA PRO C 388 -46.54 -25.57 20.48
C PRO C 388 -46.23 -24.84 21.77
N GLY C 389 -46.97 -23.79 22.10
CA GLY C 389 -46.64 -22.87 23.17
C GLY C 389 -46.57 -21.44 22.65
N GLY C 390 -47.29 -21.19 21.54
CA GLY C 390 -47.34 -19.88 20.93
C GLY C 390 -46.30 -19.63 19.86
N LEU C 391 -45.34 -20.54 19.68
CA LEU C 391 -44.26 -20.35 18.72
C LEU C 391 -44.72 -20.71 17.31
N PRO C 392 -44.03 -20.20 16.29
CA PRO C 392 -44.39 -20.55 14.91
C PRO C 392 -44.07 -22.00 14.59
N ALA C 393 -44.71 -22.49 13.53
CA ALA C 393 -44.54 -23.88 13.13
C ALA C 393 -43.11 -24.18 12.70
N CYS C 394 -42.49 -23.28 11.94
CA CYS C 394 -41.14 -23.50 11.43
C CYS C 394 -40.35 -22.21 11.55
N HIS C 395 -39.23 -22.25 12.26
CA HIS C 395 -38.34 -21.11 12.35
C HIS C 395 -37.34 -21.15 11.21
N VAL C 396 -37.11 -20.00 10.57
CA VAL C 396 -36.25 -19.91 9.39
C VAL C 396 -35.25 -18.79 9.61
N ASN C 397 -33.99 -19.06 9.31
CA ASN C 397 -32.92 -18.07 9.38
C ASN C 397 -32.30 -17.93 7.99
N LEU C 398 -31.23 -17.14 7.89
CA LEU C 398 -30.62 -16.86 6.61
C LEU C 398 -29.10 -16.92 6.69
N ILE C 399 -28.49 -17.48 5.65
CA ILE C 399 -27.04 -17.56 5.50
C ILE C 399 -26.69 -17.01 4.14
N LEU C 400 -25.69 -16.13 4.08
CA LEU C 400 -25.33 -15.44 2.85
C LEU C 400 -24.26 -16.20 2.09
N ILE C 401 -24.47 -16.36 0.79
CA ILE C 401 -23.56 -17.07 -0.10
C ILE C 401 -22.82 -16.07 -0.97
N ALA C 402 -21.59 -16.41 -1.33
CA ALA C 402 -20.84 -15.59 -2.27
C ALA C 402 -21.51 -15.61 -3.64
N THR C 403 -21.35 -14.52 -4.38
CA THR C 403 -22.00 -14.37 -5.68
C THR C 403 -21.34 -15.30 -6.70
N ARG C 404 -21.85 -15.24 -7.94
CA ARG C 404 -21.40 -16.15 -8.99
C ARG C 404 -20.74 -15.47 -10.18
N ARG C 405 -21.04 -14.19 -10.44
CA ARG C 405 -20.47 -13.48 -11.58
C ARG C 405 -19.01 -13.14 -11.27
N ALA C 406 -18.15 -14.14 -11.46
CA ALA C 406 -16.72 -14.00 -11.19
C ALA C 406 -16.00 -13.39 -12.40
N SER C 407 -16.41 -12.17 -12.72
CA SER C 407 -15.82 -11.42 -13.83
C SER C 407 -15.12 -10.14 -13.38
N GLY C 408 -15.71 -9.38 -12.48
CA GLY C 408 -15.10 -8.17 -11.99
C GLY C 408 -14.04 -8.45 -10.94
N ASP C 409 -13.65 -7.39 -10.24
CA ASP C 409 -12.64 -7.50 -9.19
C ASP C 409 -13.12 -8.43 -8.09
N TYR C 410 -12.22 -9.31 -7.66
CA TYR C 410 -12.58 -10.35 -6.69
C TYR C 410 -12.80 -9.71 -5.31
N ARG C 411 -11.88 -8.83 -4.93
CA ARG C 411 -11.85 -8.16 -3.63
C ARG C 411 -13.10 -7.33 -3.40
N ALA C 412 -13.56 -6.63 -4.44
CA ALA C 412 -14.75 -5.80 -4.33
C ALA C 412 -15.97 -6.66 -3.97
N ALA C 413 -16.12 -7.78 -4.67
CA ALA C 413 -17.24 -8.67 -4.40
C ALA C 413 -17.19 -9.23 -2.99
N ILE C 414 -16.00 -9.69 -2.58
CA ILE C 414 -15.87 -10.24 -1.22
C ILE C 414 -16.19 -9.19 -0.18
N ALA C 415 -15.66 -7.98 -0.35
CA ALA C 415 -15.88 -6.91 0.62
C ALA C 415 -17.34 -6.53 0.70
N ARG C 416 -18.01 -6.39 -0.46
CA ARG C 416 -19.43 -6.04 -0.43
C ARG C 416 -20.24 -7.14 0.23
N HIS C 417 -19.90 -8.39 -0.04
CA HIS C 417 -20.60 -9.51 0.61
C HIS C 417 -20.48 -9.44 2.12
N LEU C 418 -19.26 -9.29 2.63
CA LEU C 418 -19.06 -9.25 4.07
C LEU C 418 -19.72 -8.03 4.71
N ALA C 419 -19.61 -6.86 4.05
CA ALA C 419 -20.22 -5.66 4.60
C ALA C 419 -21.74 -5.78 4.66
N LEU C 420 -22.36 -6.32 3.61
CA LEU C 420 -23.80 -6.54 3.64
C LEU C 420 -24.17 -7.49 4.75
N ALA C 421 -23.40 -8.56 4.94
CA ALA C 421 -23.69 -9.51 6.02
C ALA C 421 -23.64 -8.81 7.38
N VAL C 422 -22.60 -8.02 7.62
CA VAL C 422 -22.46 -7.35 8.91
C VAL C 422 -23.60 -6.38 9.16
N THR C 423 -23.92 -5.57 8.15
CA THR C 423 -24.99 -4.58 8.30
C THR C 423 -26.33 -5.27 8.54
N ALA C 424 -26.61 -6.35 7.82
CA ALA C 424 -27.86 -7.08 8.03
C ALA C 424 -27.91 -7.68 9.42
N ALA C 425 -26.78 -8.18 9.92
CA ALA C 425 -26.75 -8.71 11.27
C ALA C 425 -27.05 -7.62 12.29
N GLU C 426 -26.51 -6.43 12.08
CA GLU C 426 -26.76 -5.34 13.03
C GLU C 426 -28.19 -4.83 12.96
N HIS C 427 -28.79 -4.84 11.77
CA HIS C 427 -30.10 -4.20 11.60
C HIS C 427 -31.19 -4.97 12.34
N TRP C 428 -31.24 -6.29 12.18
CA TRP C 428 -32.26 -7.12 12.80
C TRP C 428 -31.68 -7.83 14.01
N ARG C 429 -32.30 -7.63 15.17
CA ARG C 429 -31.80 -8.19 16.42
C ARG C 429 -32.86 -8.94 17.23
N ASP C 430 -34.14 -8.84 16.89
CA ASP C 430 -35.17 -9.55 17.64
C ASP C 430 -34.97 -11.05 17.51
N GLU C 431 -34.99 -11.75 18.64
CA GLU C 431 -34.64 -13.16 18.71
C GLU C 431 -35.82 -14.08 18.40
N ASN C 432 -36.87 -13.55 17.79
CA ASN C 432 -38.04 -14.33 17.41
C ASN C 432 -38.46 -14.00 15.99
N ALA C 433 -37.48 -13.77 15.12
CA ALA C 433 -37.74 -13.40 13.74
C ALA C 433 -36.54 -13.80 12.90
N CYS C 434 -36.72 -13.77 11.58
CA CYS C 434 -35.64 -14.13 10.67
C CYS C 434 -34.46 -13.20 10.87
N ARG C 435 -33.26 -13.78 10.97
CA ARG C 435 -32.03 -13.02 11.14
C ARG C 435 -30.94 -13.65 10.29
N VAL C 436 -30.01 -12.81 9.86
CA VAL C 436 -28.83 -13.30 9.15
C VAL C 436 -27.87 -13.86 10.19
N VAL C 437 -27.68 -15.18 10.18
CA VAL C 437 -26.97 -15.84 11.26
C VAL C 437 -25.51 -16.16 10.94
N GLY C 438 -25.12 -16.14 9.68
CA GLY C 438 -23.74 -16.46 9.34
C GLY C 438 -23.51 -16.28 7.85
N VAL C 439 -22.24 -16.43 7.48
CA VAL C 439 -21.83 -16.28 6.10
C VAL C 439 -21.20 -17.60 5.63
N ASP C 440 -21.16 -17.78 4.31
CA ASP C 440 -20.52 -18.92 3.68
C ASP C 440 -19.31 -18.39 2.93
N LEU C 441 -18.14 -18.94 3.24
CA LEU C 441 -16.89 -18.43 2.69
C LEU C 441 -16.43 -19.35 1.56
N ALA C 442 -17.39 -20.03 0.93
CA ALA C 442 -17.27 -21.05 -0.11
C ALA C 442 -15.87 -21.31 -0.65
N GLY C 443 -15.68 -21.07 -1.95
CA GLY C 443 -14.46 -21.45 -2.63
C GLY C 443 -14.00 -20.39 -3.61
N TYR C 444 -14.32 -19.13 -3.31
CA TYR C 444 -13.99 -17.98 -4.14
C TYR C 444 -12.47 -17.78 -4.12
N GLU C 445 -11.81 -18.49 -3.21
CA GLU C 445 -10.36 -18.40 -3.01
C GLU C 445 -9.66 -19.44 -3.87
N ASP C 446 -8.98 -19.02 -4.93
CA ASP C 446 -8.45 -20.02 -5.87
C ASP C 446 -6.99 -20.41 -5.67
N GLU C 447 -6.04 -19.52 -5.95
CA GLU C 447 -4.63 -19.93 -5.89
C GLU C 447 -3.79 -19.08 -4.94
N LYS C 448 -3.78 -17.77 -5.17
CA LYS C 448 -3.14 -16.84 -4.26
C LYS C 448 -4.16 -15.96 -3.56
N THR C 449 -5.32 -15.76 -4.20
CA THR C 449 -6.50 -15.30 -3.48
C THR C 449 -6.78 -16.22 -2.30
N ARG C 450 -6.51 -17.51 -2.46
CA ARG C 450 -6.68 -18.46 -1.36
C ARG C 450 -5.75 -18.12 -0.20
N ALA C 451 -4.49 -17.78 -0.50
CA ALA C 451 -3.53 -17.46 0.53
C ALA C 451 -3.88 -16.13 1.21
N HIS C 452 -4.17 -15.09 0.42
CA HIS C 452 -4.35 -13.77 0.98
C HIS C 452 -5.70 -13.62 1.70
N TYR C 453 -6.77 -14.16 1.12
CA TYR C 453 -8.10 -13.96 1.69
C TYR C 453 -8.24 -14.65 3.04
N PHE C 454 -7.36 -15.61 3.32
CA PHE C 454 -7.52 -16.50 4.46
C PHE C 454 -7.03 -15.81 5.74
N ARG C 455 -7.10 -14.49 5.76
CA ARG C 455 -6.45 -13.67 6.77
C ARG C 455 -7.39 -12.56 7.27
N GLU C 456 -6.80 -11.53 7.89
CA GLU C 456 -7.49 -10.64 8.84
C GLU C 456 -8.90 -10.25 8.41
N GLU C 457 -9.14 -10.10 7.10
CA GLU C 457 -10.46 -9.68 6.65
C GLU C 457 -11.55 -10.66 7.07
N PHE C 458 -11.22 -11.94 7.23
CA PHE C 458 -12.18 -12.87 7.83
C PHE C 458 -12.06 -12.89 9.34
N THR C 459 -11.01 -12.30 9.90
CA THR C 459 -10.88 -12.24 11.35
C THR C 459 -11.79 -11.17 11.94
N ALA C 460 -12.08 -10.13 11.15
CA ALA C 460 -12.97 -9.07 11.64
C ALA C 460 -14.38 -9.59 11.92
N VAL C 461 -14.92 -10.44 11.05
CA VAL C 461 -16.32 -10.86 11.17
C VAL C 461 -16.55 -11.65 12.44
N HIS C 462 -15.52 -12.32 12.96
CA HIS C 462 -15.65 -13.02 14.23
C HIS C 462 -15.98 -12.05 15.35
N ARG C 463 -15.27 -10.92 15.39
CA ARG C 463 -15.57 -9.88 16.36
C ARG C 463 -16.94 -9.26 16.10
N CYS C 464 -17.30 -9.12 14.82
CA CYS C 464 -18.61 -8.56 14.50
C CYS C 464 -19.74 -9.40 15.07
N GLY C 465 -19.55 -10.71 15.15
CA GLY C 465 -20.53 -11.57 15.81
C GLY C 465 -21.25 -12.54 14.92
N LEU C 466 -20.59 -13.05 13.89
CA LEU C 466 -21.20 -13.97 12.95
C LEU C 466 -20.46 -15.30 12.96
N ALA C 467 -21.10 -16.32 12.39
CA ALA C 467 -20.54 -17.65 12.25
C ALA C 467 -20.09 -17.87 10.81
N VAL C 468 -19.17 -18.81 10.63
CA VAL C 468 -18.54 -19.07 9.35
C VAL C 468 -18.68 -20.55 9.01
N THR C 469 -19.14 -20.84 7.80
CA THR C 469 -19.19 -22.19 7.26
C THR C 469 -18.43 -22.23 5.94
N VAL C 470 -17.69 -23.31 5.72
CA VAL C 470 -16.81 -23.45 4.56
C VAL C 470 -17.25 -24.65 3.74
N HIS C 471 -17.39 -24.45 2.44
CA HIS C 471 -17.73 -25.53 1.51
C HIS C 471 -16.45 -26.07 0.90
N ALA C 472 -16.18 -27.35 1.16
CA ALA C 472 -15.03 -28.05 0.59
C ALA C 472 -15.56 -29.04 -0.44
N GLY C 473 -15.42 -28.68 -1.71
CA GLY C 473 -16.00 -29.48 -2.78
C GLY C 473 -15.00 -30.37 -3.50
N GLU C 474 -14.57 -29.93 -4.69
CA GLU C 474 -13.68 -30.74 -5.51
C GLU C 474 -12.30 -30.86 -4.87
N ASN C 475 -11.51 -31.78 -5.41
CA ASN C 475 -10.15 -32.05 -4.93
C ASN C 475 -10.16 -32.55 -3.50
N ASP C 476 -10.51 -31.67 -2.56
CA ASP C 476 -10.63 -32.00 -1.14
C ASP C 476 -9.29 -32.56 -0.64
N ASP C 477 -8.32 -31.66 -0.63
CA ASP C 477 -7.02 -31.97 -0.04
C ASP C 477 -7.03 -31.65 1.45
N ALA C 478 -6.24 -32.40 2.21
CA ALA C 478 -6.21 -32.22 3.65
C ALA C 478 -5.71 -30.83 4.04
N GLU C 479 -4.85 -30.23 3.22
CA GLU C 479 -4.31 -28.91 3.54
C GLU C 479 -5.41 -27.86 3.60
N GLY C 480 -6.36 -27.92 2.67
CA GLY C 480 -7.46 -26.97 2.69
C GLY C 480 -8.31 -27.09 3.93
N ILE C 481 -8.59 -28.32 4.36
CA ILE C 481 -9.39 -28.52 5.57
C ILE C 481 -8.63 -28.06 6.79
N TRP C 482 -7.32 -28.33 6.86
CA TRP C 482 -6.50 -27.84 7.96
C TRP C 482 -6.56 -26.31 8.04
N ARG C 483 -6.38 -25.65 6.90
CA ARG C 483 -6.39 -24.20 6.88
C ARG C 483 -7.76 -23.66 7.26
N ALA C 484 -8.84 -24.27 6.77
CA ALA C 484 -10.17 -23.80 7.09
C ALA C 484 -10.47 -23.95 8.58
N VAL C 485 -10.07 -25.07 9.17
CA VAL C 485 -10.36 -25.31 10.58
C VAL C 485 -9.54 -24.39 11.48
N PHE C 486 -8.24 -24.28 11.19
CA PHE C 486 -7.32 -23.62 12.12
C PHE C 486 -6.97 -22.19 11.73
N ASP C 487 -7.46 -21.69 10.61
CA ASP C 487 -7.16 -20.30 10.28
C ASP C 487 -8.41 -19.47 10.03
N LEU C 488 -9.44 -20.04 9.44
CA LEU C 488 -10.71 -19.36 9.27
C LEU C 488 -11.65 -19.56 10.46
N ASN C 489 -11.29 -20.44 11.40
CA ASN C 489 -12.08 -20.68 12.60
C ASN C 489 -13.52 -21.09 12.25
N ALA C 490 -13.65 -21.93 11.22
CA ALA C 490 -14.97 -22.39 10.80
C ALA C 490 -15.59 -23.31 11.84
N ARG C 491 -16.92 -23.42 11.78
CA ARG C 491 -17.67 -24.28 12.68
C ARG C 491 -18.47 -25.35 11.96
N ARG C 492 -18.52 -25.34 10.63
CA ARG C 492 -19.18 -26.37 9.85
C ARG C 492 -18.43 -26.56 8.55
N LEU C 493 -18.37 -27.81 8.08
CA LEU C 493 -17.70 -28.15 6.84
C LEU C 493 -18.70 -28.77 5.88
N GLY C 494 -18.64 -28.33 4.62
CA GLY C 494 -19.54 -28.84 3.59
C GLY C 494 -18.95 -30.05 2.90
N HIS C 495 -19.76 -31.11 2.79
CA HIS C 495 -19.35 -32.36 2.16
C HIS C 495 -18.11 -32.93 2.83
N ALA C 496 -16.96 -32.79 2.17
CA ALA C 496 -15.67 -33.28 2.70
C ALA C 496 -15.76 -34.76 3.06
N LEU C 497 -15.98 -35.57 2.02
CA LEU C 497 -16.23 -37.00 2.19
C LEU C 497 -14.95 -37.80 2.35
N SER C 498 -13.77 -37.19 2.27
CA SER C 498 -12.51 -37.90 2.39
C SER C 498 -11.78 -37.35 3.61
N LEU C 499 -12.04 -37.95 4.77
CA LEU C 499 -11.37 -37.59 6.01
C LEU C 499 -10.65 -38.74 6.70
N GLY C 500 -10.92 -39.99 6.32
CA GLY C 500 -10.27 -41.13 6.92
C GLY C 500 -8.86 -41.39 6.45
N GLN C 501 -8.39 -40.64 5.45
CA GLN C 501 -7.04 -40.82 4.93
C GLN C 501 -5.98 -40.17 5.81
N SER C 502 -6.38 -39.36 6.78
CA SER C 502 -5.44 -38.71 7.70
C SER C 502 -6.02 -38.80 9.11
N ARG C 503 -5.47 -39.71 9.92
CA ARG C 503 -6.06 -40.00 11.22
C ARG C 503 -6.01 -38.78 12.14
N GLU C 504 -4.90 -38.02 12.10
CA GLU C 504 -4.78 -36.86 12.97
C GLU C 504 -5.85 -35.82 12.68
N LEU C 505 -6.11 -35.57 11.39
CA LEU C 505 -7.16 -34.60 11.03
C LEU C 505 -8.52 -35.05 11.53
N LEU C 506 -8.83 -36.34 11.36
CA LEU C 506 -10.12 -36.86 11.82
C LEU C 506 -10.24 -36.73 13.34
N ARG C 507 -9.17 -37.05 14.06
CA ARG C 507 -9.21 -36.95 15.52
C ARG C 507 -9.40 -35.50 15.96
N SER C 508 -8.69 -34.57 15.31
CA SER C 508 -8.85 -33.15 15.67
C SER C 508 -10.26 -32.66 15.38
N VAL C 509 -10.82 -33.04 14.23
CA VAL C 509 -12.17 -32.61 13.88
C VAL C 509 -13.19 -33.17 14.87
N ALA C 510 -13.03 -34.45 15.23
CA ALA C 510 -13.94 -35.06 16.20
C ALA C 510 -13.83 -34.40 17.57
N ASP C 511 -12.60 -34.08 17.99
CA ASP C 511 -12.40 -33.54 19.33
C ASP C 511 -12.90 -32.11 19.44
N ARG C 512 -12.62 -31.27 18.44
CA ARG C 512 -13.00 -29.86 18.56
C ARG C 512 -14.51 -29.67 18.52
N GLY C 513 -15.22 -30.51 17.79
CA GLY C 513 -16.65 -30.44 17.70
C GLY C 513 -17.22 -29.79 16.45
N ILE C 514 -16.54 -29.88 15.32
CA ILE C 514 -17.00 -29.26 14.08
C ILE C 514 -17.89 -30.23 13.33
N GLY C 515 -19.08 -29.77 12.95
CA GLY C 515 -20.01 -30.63 12.25
C GLY C 515 -19.67 -30.80 10.78
N VAL C 516 -20.22 -31.86 10.19
CA VAL C 516 -20.02 -32.19 8.80
C VAL C 516 -21.38 -32.43 8.16
N GLU C 517 -21.58 -31.87 6.98
CA GLU C 517 -22.86 -31.95 6.27
C GLU C 517 -22.73 -32.90 5.08
N LEU C 518 -23.65 -33.84 4.96
CA LEU C 518 -23.64 -34.82 3.89
C LEU C 518 -25.01 -34.85 3.21
N CYS C 519 -25.00 -34.82 1.88
CA CYS C 519 -26.21 -34.91 1.08
C CYS C 519 -26.17 -36.19 0.25
N PRO C 520 -26.91 -37.24 0.64
CA PRO C 520 -26.80 -38.53 -0.04
C PRO C 520 -27.08 -38.49 -1.54
N TYR C 521 -28.25 -37.97 -1.91
CA TYR C 521 -28.66 -37.98 -3.31
C TYR C 521 -27.67 -37.21 -4.18
N ALA C 522 -27.27 -36.02 -3.74
CA ALA C 522 -26.34 -35.21 -4.53
C ALA C 522 -24.97 -35.88 -4.62
N ASN C 523 -24.50 -36.46 -3.53
CA ASN C 523 -23.21 -37.15 -3.57
C ASN C 523 -23.24 -38.32 -4.53
N LEU C 524 -24.32 -39.11 -4.51
CA LEU C 524 -24.43 -40.23 -5.42
C LEU C 524 -24.51 -39.76 -6.87
N GLN C 525 -25.25 -38.69 -7.13
CA GLN C 525 -25.43 -38.24 -8.51
C GLN C 525 -24.21 -37.51 -9.06
N ILE C 526 -23.35 -36.99 -8.18
CA ILE C 526 -22.18 -36.25 -8.64
C ILE C 526 -20.95 -37.16 -8.67
N LYS C 527 -20.57 -37.69 -7.52
CA LYS C 527 -19.32 -38.44 -7.42
C LYS C 527 -19.49 -39.92 -7.72
N GLY C 528 -20.71 -40.44 -7.68
CA GLY C 528 -20.93 -41.85 -7.91
C GLY C 528 -20.59 -42.68 -6.69
N PHE C 529 -21.40 -43.69 -6.39
CA PHE C 529 -21.15 -44.48 -5.18
C PHE C 529 -21.80 -45.85 -5.33
N ARG C 530 -21.32 -46.80 -4.53
CA ARG C 530 -21.94 -48.11 -4.48
C ARG C 530 -23.32 -48.01 -3.83
N LEU C 531 -24.22 -48.88 -4.27
CA LEU C 531 -25.60 -48.84 -3.80
C LEU C 531 -26.07 -50.24 -3.44
N ASP C 532 -26.85 -50.32 -2.37
CA ASP C 532 -27.46 -51.58 -1.91
C ASP C 532 -26.42 -52.65 -1.62
N GLY C 533 -25.23 -52.24 -1.18
CA GLY C 533 -24.15 -53.16 -0.89
C GLY C 533 -23.43 -53.72 -2.09
N SER C 534 -24.00 -53.59 -3.29
CA SER C 534 -23.37 -54.09 -4.50
C SER C 534 -22.38 -53.07 -5.06
N ASP C 535 -21.84 -53.36 -6.23
CA ASP C 535 -20.88 -52.48 -6.89
C ASP C 535 -21.61 -51.32 -7.58
N ALA C 548 -13.47 -45.82 -9.22
CA ALA C 548 -13.93 -46.81 -8.27
C ALA C 548 -14.04 -46.22 -6.86
N PRO C 549 -15.14 -45.50 -6.62
CA PRO C 549 -15.33 -44.91 -5.28
C PRO C 549 -15.56 -45.98 -4.23
N GLY C 550 -15.14 -45.68 -3.01
CA GLY C 550 -15.28 -46.59 -1.90
C GLY C 550 -16.65 -46.52 -1.27
N PRO C 551 -16.81 -47.18 -0.12
CA PRO C 551 -18.10 -47.13 0.58
C PRO C 551 -18.38 -45.74 1.12
N TYR C 552 -19.66 -45.46 1.33
CA TYR C 552 -20.07 -44.15 1.83
C TYR C 552 -19.53 -43.94 3.23
N PRO C 553 -18.80 -42.85 3.49
CA PRO C 553 -18.21 -42.63 4.83
C PRO C 553 -19.19 -41.96 5.78
N LEU C 554 -20.32 -42.62 6.03
CA LEU C 554 -21.32 -42.14 6.98
C LEU C 554 -21.31 -42.92 8.28
N LEU C 555 -21.33 -44.26 8.20
CA LEU C 555 -21.27 -45.06 9.42
C LEU C 555 -19.94 -44.90 10.13
N ASP C 556 -18.84 -44.83 9.38
CA ASP C 556 -17.53 -44.67 10.00
C ASP C 556 -17.43 -43.36 10.75
N TYR C 557 -17.93 -42.27 10.17
CA TYR C 557 -17.91 -40.98 10.84
C TYR C 557 -18.74 -41.01 12.11
N LEU C 558 -19.89 -41.70 12.08
CA LEU C 558 -20.71 -41.84 13.27
C LEU C 558 -19.97 -42.62 14.35
N ARG C 559 -19.28 -43.69 13.97
CA ARG C 559 -18.57 -44.50 14.95
C ARG C 559 -17.39 -43.74 15.57
N GLU C 560 -16.67 -42.96 14.76
CA GLU C 560 -15.50 -42.26 15.27
C GLU C 560 -15.86 -41.06 16.14
N GLY C 561 -17.13 -40.66 16.20
CA GLY C 561 -17.57 -39.59 17.06
C GLY C 561 -17.76 -38.25 16.39
N VAL C 562 -17.59 -38.17 15.07
CA VAL C 562 -17.81 -36.90 14.37
C VAL C 562 -19.29 -36.56 14.37
N ARG C 563 -19.59 -35.27 14.21
CA ARG C 563 -20.97 -34.80 14.15
C ARG C 563 -21.39 -34.77 12.69
N VAL C 564 -22.31 -35.68 12.32
CA VAL C 564 -22.71 -35.85 10.94
C VAL C 564 -24.19 -35.47 10.80
N THR C 565 -24.54 -34.93 9.63
CA THR C 565 -25.90 -34.49 9.37
C THR C 565 -26.30 -34.93 7.96
N VAL C 566 -27.60 -35.05 7.75
CA VAL C 566 -28.17 -35.43 6.45
C VAL C 566 -29.06 -34.28 5.99
N ASN C 567 -28.82 -33.80 4.77
CA ASN C 567 -29.55 -32.64 4.26
C ASN C 567 -30.11 -32.93 2.87
N THR C 568 -30.64 -31.89 2.22
CA THR C 568 -31.25 -32.03 0.90
C THR C 568 -30.50 -31.32 -0.21
N ASP C 569 -29.62 -30.38 0.11
CA ASP C 569 -28.88 -29.60 -0.88
C ASP C 569 -29.84 -28.86 -1.80
N ASN C 570 -30.14 -29.44 -2.95
CA ASN C 570 -31.07 -28.86 -3.91
C ASN C 570 -32.31 -29.73 -4.01
N ILE C 571 -33.47 -29.12 -3.77
CA ILE C 571 -34.72 -29.88 -3.78
C ILE C 571 -35.30 -30.03 -5.18
N GLY C 572 -34.96 -29.15 -6.11
CA GLY C 572 -35.52 -29.21 -7.44
C GLY C 572 -34.66 -30.00 -8.41
N ILE C 573 -33.35 -29.81 -8.36
CA ILE C 573 -32.45 -30.51 -9.26
C ILE C 573 -32.39 -31.99 -8.92
N SER C 574 -32.28 -32.34 -7.64
CA SER C 574 -32.19 -33.74 -7.24
C SER C 574 -33.54 -34.42 -7.14
N ALA C 575 -34.63 -33.65 -7.06
CA ALA C 575 -35.99 -34.18 -7.02
C ALA C 575 -36.17 -35.18 -5.87
N ALA C 576 -35.79 -34.74 -4.68
CA ALA C 576 -35.95 -35.57 -3.49
C ALA C 576 -36.08 -34.68 -2.28
N SER C 577 -36.73 -35.21 -1.24
CA SER C 577 -36.97 -34.49 0.00
C SER C 577 -36.08 -35.06 1.11
N LEU C 578 -36.28 -34.54 2.33
CA LEU C 578 -35.49 -35.00 3.47
C LEU C 578 -35.74 -36.47 3.76
N THR C 579 -36.99 -36.92 3.70
CA THR C 579 -37.31 -38.30 3.99
C THR C 579 -36.66 -39.24 2.99
N ASP C 580 -36.74 -38.89 1.70
CA ASP C 580 -36.11 -39.71 0.68
C ASP C 580 -34.60 -39.74 0.86
N ASN C 581 -34.02 -38.60 1.24
CA ASN C 581 -32.58 -38.56 1.49
C ASN C 581 -32.20 -39.47 2.65
N LEU C 582 -32.99 -39.46 3.72
CA LEU C 582 -32.71 -40.37 4.84
C LEU C 582 -32.84 -41.82 4.44
N LEU C 583 -33.86 -42.15 3.66
CA LEU C 583 -34.04 -43.54 3.24
C LEU C 583 -32.90 -44.01 2.35
N LEU C 584 -32.46 -43.16 1.40
CA LEU C 584 -31.34 -43.56 0.56
C LEU C 584 -30.04 -43.58 1.35
N ALA C 585 -29.91 -42.74 2.38
CA ALA C 585 -28.75 -42.84 3.27
C ALA C 585 -28.74 -44.18 3.98
N ALA C 586 -29.92 -44.65 4.39
CA ALA C 586 -30.03 -46.00 4.95
C ALA C 586 -29.62 -47.05 3.93
N ARG C 587 -30.02 -46.87 2.67
CA ARG C 587 -29.66 -47.83 1.63
C ARG C 587 -28.16 -47.85 1.37
N LEU C 588 -27.51 -46.68 1.44
CA LEU C 588 -26.10 -46.59 1.08
C LEU C 588 -25.22 -47.41 2.02
N CYS C 589 -25.48 -47.33 3.33
CA CYS C 589 -24.68 -48.03 4.31
C CYS C 589 -25.52 -49.11 4.98
N PRO C 590 -25.40 -50.37 4.57
CA PRO C 590 -26.19 -51.43 5.19
C PRO C 590 -25.86 -51.59 6.66
N GLY C 591 -26.89 -51.92 7.44
CA GLY C 591 -26.75 -52.08 8.87
C GLY C 591 -27.06 -50.85 9.69
N LEU C 592 -27.54 -49.78 9.06
CA LEU C 592 -27.87 -48.56 9.78
C LEU C 592 -29.16 -48.76 10.57
N THR C 593 -29.08 -48.60 11.89
CA THR C 593 -30.23 -48.85 12.76
C THR C 593 -31.11 -47.60 12.85
N ARG C 594 -32.25 -47.74 13.52
CA ARG C 594 -33.17 -46.63 13.68
C ARG C 594 -32.73 -45.64 14.76
N LEU C 595 -31.75 -46.01 15.59
CA LEU C 595 -31.22 -45.09 16.59
C LEU C 595 -30.31 -44.04 15.97
N ASP C 596 -29.61 -44.39 14.89
CA ASP C 596 -28.69 -43.44 14.29
C ASP C 596 -29.42 -42.26 13.65
N LEU C 597 -30.68 -42.45 13.25
CA LEU C 597 -31.45 -41.32 12.76
C LEU C 597 -31.65 -40.26 13.84
N LEU C 598 -32.03 -40.70 15.04
CA LEU C 598 -32.16 -39.77 16.15
C LEU C 598 -30.81 -39.21 16.56
N HIS C 599 -29.75 -40.00 16.44
CA HIS C 599 -28.41 -39.47 16.69
C HIS C 599 -28.07 -38.34 15.72
N LEU C 600 -28.42 -38.52 14.44
CA LEU C 600 -28.19 -37.49 13.45
C LEU C 600 -29.00 -36.24 13.76
N GLN C 601 -30.25 -36.41 14.20
CA GLN C 601 -31.06 -35.27 14.58
C GLN C 601 -30.45 -34.53 15.77
N ARG C 602 -29.95 -35.27 16.76
CA ARG C 602 -29.30 -34.62 17.90
C ARG C 602 -28.06 -33.87 17.47
N HIS C 603 -27.26 -34.44 16.57
CA HIS C 603 -26.09 -33.74 16.07
C HIS C 603 -26.48 -32.47 15.34
N ALA C 604 -27.54 -32.53 14.52
CA ALA C 604 -28.02 -31.35 13.82
C ALA C 604 -28.47 -30.27 14.81
N LEU C 605 -29.16 -30.67 15.87
CA LEU C 605 -29.59 -29.70 16.87
C LEU C 605 -28.39 -29.06 17.56
N GLU C 606 -27.40 -29.87 17.93
CA GLU C 606 -26.23 -29.36 18.63
C GLU C 606 -25.33 -28.50 17.75
N THR C 607 -25.43 -28.64 16.43
CA THR C 607 -24.51 -27.96 15.52
C THR C 607 -25.10 -26.66 14.97
N ALA C 608 -26.41 -26.43 15.12
CA ALA C 608 -27.08 -25.30 14.49
C ALA C 608 -26.57 -23.97 15.08
N PHE C 609 -27.05 -22.87 14.50
CA PHE C 609 -26.56 -21.53 14.81
C PHE C 609 -27.58 -20.72 15.61
N CYS C 610 -28.47 -21.37 16.34
CA CYS C 610 -29.45 -20.66 17.16
C CYS C 610 -28.80 -20.24 18.47
N THR C 611 -29.62 -19.77 19.41
CA THR C 611 -29.17 -19.36 20.73
C THR C 611 -29.60 -20.38 21.77
N ALA C 612 -29.19 -20.15 23.02
CA ALA C 612 -29.41 -21.13 24.08
C ALA C 612 -30.90 -21.34 24.34
N THR C 613 -31.68 -20.26 24.39
CA THR C 613 -33.12 -20.40 24.61
C THR C 613 -33.77 -21.19 23.49
N GLN C 614 -33.40 -20.86 22.25
CA GLN C 614 -33.92 -21.61 21.11
C GLN C 614 -33.46 -23.06 21.16
N ARG C 615 -32.22 -23.29 21.58
CA ARG C 615 -31.73 -24.67 21.68
C ARG C 615 -32.55 -25.48 22.67
N LEU C 616 -32.83 -24.90 23.84
CA LEU C 616 -33.63 -25.61 24.83
C LEU C 616 -35.05 -25.85 24.33
N THR C 617 -35.65 -24.83 23.69
CA THR C 617 -37.01 -24.99 23.18
C THR C 617 -37.07 -26.08 22.12
N LEU C 618 -36.11 -26.10 21.20
CA LEU C 618 -36.09 -27.13 20.16
C LEU C 618 -35.82 -28.51 20.73
N LEU C 619 -34.96 -28.62 21.75
CA LEU C 619 -34.73 -29.90 22.40
C LEU C 619 -36.01 -30.42 23.03
N ARG C 620 -36.74 -29.54 23.73
CA ARG C 620 -38.00 -29.95 24.33
C ARG C 620 -39.01 -30.37 23.26
N ARG C 621 -39.07 -29.61 22.16
CA ARG C 621 -40.01 -29.93 21.08
C ARG C 621 -39.70 -31.27 20.45
N ILE C 622 -38.43 -31.55 20.19
CA ILE C 622 -38.06 -32.78 19.51
C ILE C 622 -38.24 -33.98 20.44
N SER C 623 -37.83 -33.84 21.71
CA SER C 623 -37.89 -34.97 22.63
C SER C 623 -39.32 -35.41 22.92
N SER C 624 -40.32 -34.58 22.61
CA SER C 624 -41.72 -34.89 22.88
C SER C 624 -42.53 -35.07 21.59
N GLY C 625 -41.88 -35.54 20.53
CA GLY C 625 -42.57 -35.68 19.26
C GLY C 625 -42.29 -36.97 18.52
N ILE C 626 -41.40 -37.81 19.06
CA ILE C 626 -41.02 -39.04 18.38
C ILE C 626 -42.20 -40.01 18.40
N PRO C 627 -42.65 -40.50 17.24
CA PRO C 627 -43.78 -41.43 17.22
C PRO C 627 -43.37 -42.81 17.71
N ARG C 628 -44.21 -43.38 18.57
CA ARG C 628 -43.98 -44.74 19.02
C ARG C 628 -44.38 -45.74 17.95
N PRO C 629 -43.69 -46.87 17.85
CA PRO C 629 -44.00 -47.90 16.84
C PRO C 629 -45.37 -48.53 17.05
N LEU D 221 -37.80 -32.50 32.18
CA LEU D 221 -36.95 -33.67 32.45
C LEU D 221 -35.88 -33.99 31.39
N PRO D 222 -36.04 -33.53 30.12
CA PRO D 222 -34.91 -33.66 29.17
C PRO D 222 -33.67 -32.92 29.63
N GLU D 223 -33.84 -31.93 30.50
CA GLU D 223 -32.72 -31.14 31.00
C GLU D 223 -31.82 -31.93 31.94
N LEU D 224 -32.17 -33.18 32.24
CA LEU D 224 -31.40 -33.97 33.18
C LEU D 224 -29.99 -34.22 32.62
N PRO D 225 -28.94 -34.03 33.43
CA PRO D 225 -27.58 -34.22 32.89
C PRO D 225 -27.29 -35.65 32.46
N PHE D 226 -27.87 -36.64 33.12
CA PHE D 226 -27.60 -38.04 32.83
C PHE D 226 -28.91 -38.80 32.65
N ALA D 227 -28.84 -39.85 31.83
CA ALA D 227 -30.02 -40.68 31.56
C ALA D 227 -30.44 -41.48 32.78
N ASP D 228 -29.48 -41.97 33.57
CA ASP D 228 -29.78 -42.79 34.75
C ASP D 228 -30.72 -42.08 35.72
N LEU D 229 -30.66 -40.76 35.79
CA LEU D 229 -31.52 -39.99 36.69
C LEU D 229 -33.00 -40.04 36.30
N ALA D 230 -33.32 -40.55 35.12
CA ALA D 230 -34.71 -40.62 34.67
C ALA D 230 -35.53 -41.67 35.41
N THR D 231 -34.88 -42.61 36.10
CA THR D 231 -35.57 -43.63 36.88
C THR D 231 -35.50 -43.35 38.37
N TRP D 232 -35.31 -42.10 38.76
CA TRP D 232 -34.90 -41.73 40.11
C TRP D 232 -36.08 -41.17 40.92
N SER D 233 -37.26 -41.06 40.32
CA SER D 233 -38.56 -40.84 40.97
C SER D 233 -38.72 -39.50 41.69
N GLU D 234 -39.94 -39.29 42.22
CA GLU D 234 -40.35 -37.99 42.75
C GLU D 234 -39.61 -37.59 44.02
N GLY D 235 -39.33 -38.54 44.91
CA GLY D 235 -38.63 -38.20 46.13
C GLY D 235 -37.27 -37.59 45.87
N GLU D 236 -36.46 -38.30 45.08
CA GLU D 236 -35.13 -37.80 44.75
C GLU D 236 -35.20 -36.57 43.86
N LEU D 237 -36.18 -36.51 42.96
CA LEU D 237 -36.36 -35.32 42.14
C LEU D 237 -36.60 -34.09 43.01
N ALA D 238 -37.50 -34.21 43.98
CA ALA D 238 -37.78 -33.10 44.89
C ALA D 238 -36.56 -32.77 45.73
N TRP D 239 -35.86 -33.81 46.23
CA TRP D 239 -34.67 -33.58 47.04
C TRP D 239 -33.54 -32.93 46.26
N LEU D 240 -33.57 -33.00 44.93
CA LEU D 240 -32.50 -32.46 44.12
C LEU D 240 -32.66 -30.96 43.85
N ARG D 241 -33.88 -30.51 43.57
CA ARG D 241 -34.09 -29.13 43.14
C ARG D 241 -34.06 -28.13 44.31
N GLU D 242 -33.84 -28.62 45.53
CA GLU D 242 -33.75 -27.72 46.66
C GLU D 242 -32.34 -27.15 46.79
N PRO D 243 -32.20 -25.94 47.33
CA PRO D 243 -30.86 -25.40 47.59
C PRO D 243 -30.08 -26.30 48.53
N LEU D 244 -28.78 -26.40 48.29
CA LEU D 244 -27.92 -27.28 49.08
C LEU D 244 -27.50 -26.59 50.36
N ASP D 245 -27.61 -27.29 51.48
CA ASP D 245 -27.18 -26.77 52.77
C ASP D 245 -25.74 -27.18 53.01
N PRO D 246 -24.79 -26.24 53.06
CA PRO D 246 -23.38 -26.62 53.24
C PRO D 246 -23.03 -27.06 54.65
N ARG D 247 -23.83 -26.71 55.64
CA ARG D 247 -23.54 -27.04 57.03
C ARG D 247 -24.30 -28.26 57.53
N ALA D 248 -25.05 -28.94 56.65
CA ALA D 248 -25.76 -30.15 57.03
C ALA D 248 -24.86 -31.35 56.82
N PRO D 249 -24.63 -32.16 57.86
CA PRO D 249 -23.74 -33.33 57.69
C PRO D 249 -24.18 -34.29 56.60
N ALA D 250 -25.50 -34.45 56.42
CA ALA D 250 -25.99 -35.33 55.37
C ALA D 250 -25.57 -34.83 53.99
N ASP D 251 -25.67 -33.52 53.77
CA ASP D 251 -25.24 -32.96 52.49
C ASP D 251 -23.75 -33.14 52.28
N GLN D 252 -22.96 -32.96 53.34
CA GLN D 252 -21.52 -33.17 53.24
C GLN D 252 -21.20 -34.60 52.87
N ARG D 253 -21.89 -35.56 53.52
CA ARG D 253 -21.68 -36.97 53.21
C ARG D 253 -22.07 -37.27 51.77
N TRP D 254 -23.17 -36.68 51.30
CA TRP D 254 -23.59 -36.88 49.91
C TRP D 254 -22.54 -36.37 48.94
N VAL D 255 -21.98 -35.18 49.23
CA VAL D 255 -20.97 -34.60 48.35
C VAL D 255 -19.71 -35.46 48.35
N ALA D 256 -19.35 -35.99 49.53
CA ALA D 256 -18.13 -36.77 49.67
C ALA D 256 -18.12 -38.00 48.77
N GLY D 257 -19.24 -38.70 48.69
CA GLY D 257 -19.31 -39.93 47.91
C GLY D 257 -19.49 -39.75 46.42
N LEU D 258 -19.66 -38.51 45.95
CA LEU D 258 -19.86 -38.23 44.54
C LEU D 258 -18.57 -38.52 43.76
N PRO D 259 -18.66 -39.19 42.62
CA PRO D 259 -17.51 -39.28 41.72
C PRO D 259 -17.09 -37.91 41.24
N LYS D 260 -15.78 -37.70 41.11
CA LYS D 260 -15.24 -36.37 40.82
C LYS D 260 -14.21 -36.43 39.70
N ILE D 261 -14.02 -35.29 39.05
CA ILE D 261 -13.02 -35.10 38.00
C ILE D 261 -12.24 -33.84 38.33
N GLU D 262 -10.91 -33.94 38.28
CA GLU D 262 -10.02 -32.82 38.59
C GLU D 262 -9.25 -32.43 37.34
N LEU D 263 -9.16 -31.12 37.08
CA LEU D 263 -8.50 -30.63 35.89
C LEU D 263 -7.45 -29.54 36.14
N HIS D 264 -7.30 -29.07 37.39
CA HIS D 264 -6.35 -28.00 37.71
C HIS D 264 -5.65 -28.39 39.01
N CYS D 265 -4.51 -29.06 38.89
CA CYS D 265 -3.73 -29.48 40.04
C CYS D 265 -2.25 -29.31 39.73
N HIS D 266 -1.48 -28.91 40.74
CA HIS D 266 -0.04 -28.70 40.60
C HIS D 266 0.70 -29.72 41.44
N LEU D 267 1.74 -30.32 40.86
CA LEU D 267 2.52 -31.33 41.59
C LEU D 267 3.43 -30.69 42.62
N GLY D 268 3.83 -29.44 42.42
CA GLY D 268 4.77 -28.78 43.29
C GLY D 268 4.21 -28.21 44.56
N GLY D 269 2.92 -28.38 44.81
CA GLY D 269 2.31 -27.82 46.01
C GLY D 269 1.35 -28.77 46.70
N PHE D 270 1.65 -30.07 46.65
CA PHE D 270 0.76 -31.05 47.28
C PHE D 270 1.03 -31.15 48.78
N ALA D 271 2.23 -31.53 49.16
CA ALA D 271 2.60 -31.72 50.56
C ALA D 271 3.58 -30.61 50.95
N THR D 272 3.09 -29.62 51.69
CA THR D 272 3.91 -28.49 52.09
C THR D 272 3.95 -28.27 53.60
N HIS D 273 3.09 -28.93 54.37
CA HIS D 273 3.05 -28.72 55.82
C HIS D 273 2.55 -30.00 56.48
N GLY D 274 3.04 -30.24 57.70
CA GLY D 274 2.55 -31.34 58.50
C GLY D 274 3.32 -32.63 58.30
N GLU D 275 2.64 -33.73 58.63
CA GLU D 275 3.25 -35.05 58.59
C GLU D 275 3.66 -35.44 57.18
N LEU D 276 2.92 -34.98 56.17
CA LEU D 276 3.25 -35.33 54.79
C LEU D 276 4.62 -34.81 54.41
N LEU D 277 4.93 -33.57 54.79
CA LEU D 277 6.26 -33.02 54.55
C LEU D 277 7.33 -33.83 55.26
N ARG D 278 7.04 -34.25 56.50
CA ARG D 278 7.97 -35.11 57.23
C ARG D 278 8.26 -36.39 56.45
N ARG D 279 7.20 -37.06 55.98
CA ARG D 279 7.38 -38.32 55.26
C ARG D 279 8.16 -38.10 53.97
N VAL D 280 7.86 -37.02 53.24
CA VAL D 280 8.56 -36.76 51.99
C VAL D 280 10.04 -36.49 52.25
N ARG D 281 10.35 -35.71 53.29
CA ARG D 281 11.74 -35.43 53.63
C ARG D 281 12.47 -36.70 54.06
N ASN D 282 11.82 -37.54 54.85
CA ASN D 282 12.47 -38.76 55.33
C ASN D 282 12.81 -39.71 54.19
N ALA D 283 11.91 -39.84 53.21
CA ALA D 283 12.11 -40.77 52.12
C ALA D 283 13.01 -40.19 51.04
N ALA D 284 14.19 -39.72 51.43
CA ALA D 284 15.17 -39.21 50.48
C ALA D 284 16.30 -40.22 50.29
N GLU D 285 17.13 -39.95 49.27
CA GLU D 285 18.28 -40.79 48.99
C GLU D 285 19.61 -40.12 49.28
N ASN D 286 19.65 -38.80 49.41
CA ASN D 286 20.86 -38.05 49.76
C ASN D 286 20.57 -37.10 50.90
N PRO D 287 20.39 -37.60 52.12
CA PRO D 287 20.00 -36.73 53.25
C PRO D 287 21.04 -35.68 53.59
N GLY D 288 22.30 -35.86 53.18
CA GLY D 288 23.36 -34.95 53.55
C GLY D 288 23.17 -33.51 53.09
N LYS D 289 22.43 -33.30 52.00
CA LYS D 289 22.21 -31.95 51.47
C LYS D 289 20.73 -31.55 51.50
N LEU D 290 19.96 -32.12 52.40
CA LEU D 290 18.58 -31.68 52.56
C LEU D 290 18.54 -30.32 53.25
N PRO D 291 17.87 -29.32 52.67
CA PRO D 291 17.82 -28.02 53.32
C PRO D 291 17.16 -28.12 54.68
N PRO D 292 17.54 -27.26 55.63
CA PRO D 292 16.97 -27.34 56.98
C PRO D 292 15.46 -27.12 56.97
N LEU D 293 14.79 -27.83 57.86
CA LEU D 293 13.33 -27.77 57.97
C LEU D 293 12.92 -26.40 58.49
N GLU D 294 12.10 -25.69 57.73
CA GLU D 294 11.58 -24.38 58.12
C GLU D 294 10.23 -24.18 57.47
N GLU D 295 9.19 -24.01 58.30
CA GLU D 295 7.84 -23.86 57.80
C GLU D 295 7.41 -22.40 57.90
N PRO D 296 7.20 -21.70 56.79
CA PRO D 296 6.65 -20.34 56.88
C PRO D 296 5.30 -20.36 57.58
N ARG D 297 5.07 -19.33 58.40
CA ARG D 297 3.87 -19.29 59.23
C ARG D 297 2.67 -18.81 58.40
N LEU D 298 1.58 -19.55 58.51
CA LEU D 298 0.37 -19.22 57.77
C LEU D 298 -0.23 -17.91 58.30
N PRO D 299 -0.89 -17.14 57.43
CA PRO D 299 -1.56 -15.92 57.90
C PRO D 299 -2.71 -16.21 58.84
N GLU D 300 -3.35 -15.16 59.35
CA GLU D 300 -4.44 -15.33 60.31
C GLU D 300 -5.58 -16.11 59.69
N GLY D 301 -6.08 -17.10 60.42
CA GLY D 301 -7.16 -17.97 59.98
C GLY D 301 -7.05 -18.38 58.53
N TRP D 302 -5.92 -19.00 58.17
CA TRP D 302 -5.52 -19.18 56.77
C TRP D 302 -6.57 -19.86 55.89
N PRO D 303 -7.27 -20.92 56.35
CA PRO D 303 -8.30 -21.53 55.48
C PRO D 303 -9.30 -20.53 54.94
N LEU D 304 -9.72 -19.58 55.77
CA LEU D 304 -10.60 -18.50 55.34
C LEU D 304 -10.05 -17.18 55.85
N PRO D 305 -9.10 -16.57 55.15
CA PRO D 305 -8.51 -15.31 55.61
C PRO D 305 -9.52 -14.17 55.59
N ALA D 306 -9.33 -13.23 56.50
CA ALA D 306 -10.19 -12.06 56.60
C ALA D 306 -9.81 -10.94 55.65
N GLN D 307 -8.65 -11.03 55.00
CA GLN D 307 -8.18 -10.00 54.09
C GLN D 307 -7.38 -10.67 52.98
N PRO D 308 -7.60 -10.28 51.72
CA PRO D 308 -6.83 -10.88 50.62
C PRO D 308 -5.34 -10.59 50.74
N ILE D 309 -4.54 -11.52 50.24
CA ILE D 309 -3.08 -11.38 50.23
C ILE D 309 -2.60 -11.41 48.78
N PRO D 310 -1.46 -10.81 48.46
CA PRO D 310 -0.99 -10.79 47.08
C PRO D 310 -0.49 -12.17 46.64
N LEU D 311 -0.41 -12.32 45.32
CA LEU D 311 0.01 -13.60 44.74
C LEU D 311 1.45 -13.94 45.13
N ALA D 312 2.31 -12.92 45.24
CA ALA D 312 3.69 -13.17 45.64
C ALA D 312 3.75 -13.80 47.02
N GLU D 313 2.95 -13.30 47.96
CA GLU D 313 2.89 -13.90 49.29
C GLU D 313 2.40 -15.34 49.23
N TYR D 314 1.40 -15.59 48.38
CA TYR D 314 0.90 -16.95 48.18
C TYR D 314 2.02 -17.87 47.74
N MET D 315 2.85 -17.42 46.79
CA MET D 315 3.97 -18.23 46.36
C MET D 315 4.99 -18.40 47.48
N LYS D 316 5.24 -17.35 48.26
CA LYS D 316 6.18 -17.41 49.37
C LYS D 316 5.75 -18.43 50.41
N LEU D 317 4.44 -18.63 50.58
CA LEU D 317 3.94 -19.52 51.61
C LEU D 317 4.43 -20.96 51.43
N GLY D 318 4.44 -21.44 50.19
CA GLY D 318 4.79 -22.83 49.92
C GLY D 318 6.24 -23.06 49.56
N ASN D 319 7.17 -22.45 50.29
CA ASN D 319 8.59 -22.59 50.01
C ASN D 319 9.22 -23.79 50.70
N ALA D 320 8.45 -24.55 51.47
CA ALA D 320 8.99 -25.73 52.15
C ALA D 320 9.08 -26.96 51.26
N ASN D 321 8.40 -26.94 50.10
CA ASN D 321 8.43 -28.06 49.17
C ASN D 321 8.36 -27.49 47.76
N GLY D 322 9.38 -27.77 46.95
CA GLY D 322 9.46 -27.21 45.62
C GLY D 322 10.77 -27.55 44.93
N THR D 323 11.42 -26.53 44.37
CA THR D 323 12.72 -26.72 43.72
C THR D 323 13.77 -27.29 44.66
N ALA D 324 13.63 -27.09 45.97
CA ALA D 324 14.64 -27.53 46.92
C ALA D 324 14.56 -29.03 47.19
N LEU D 325 13.40 -29.48 47.69
CA LEU D 325 13.29 -30.86 48.15
C LEU D 325 13.20 -31.87 47.03
N LEU D 326 12.68 -31.48 45.86
CA LEU D 326 12.36 -32.44 44.81
C LEU D 326 13.52 -32.70 43.86
N ARG D 327 14.71 -32.16 44.14
CA ARG D 327 15.90 -32.52 43.36
C ARG D 327 16.56 -33.79 43.88
N ASP D 328 15.78 -34.86 44.02
CA ASP D 328 16.22 -36.14 44.57
C ASP D 328 15.17 -37.15 44.14
N PRO D 329 15.56 -38.24 43.46
CA PRO D 329 14.55 -39.17 42.93
C PRO D 329 13.59 -39.74 43.97
N GLY D 330 14.09 -40.06 45.17
CA GLY D 330 13.23 -40.64 46.19
C GLY D 330 12.10 -39.71 46.59
N CYS D 331 12.43 -38.44 46.78
CA CYS D 331 11.41 -37.45 47.15
C CYS D 331 10.34 -37.34 46.07
N LEU D 332 10.77 -37.31 44.81
CA LEU D 332 9.83 -37.22 43.70
C LEU D 332 8.91 -38.43 43.65
N ARG D 333 9.47 -39.63 43.80
CA ARG D 333 8.66 -40.84 43.77
C ARG D 333 7.66 -40.86 44.93
N GLU D 334 8.12 -40.49 46.12
CA GLU D 334 7.21 -40.46 47.27
C GLU D 334 6.11 -39.43 47.07
N GLN D 335 6.44 -38.26 46.52
CA GLN D 335 5.42 -37.25 46.25
C GLN D 335 4.37 -37.76 45.27
N CYS D 336 4.82 -38.42 44.20
CA CYS D 336 3.87 -38.95 43.23
C CYS D 336 2.97 -40.01 43.86
N ARG D 337 3.54 -40.91 44.65
CA ARG D 337 2.75 -41.96 45.29
C ARG D 337 1.73 -41.36 46.24
N LEU D 338 2.15 -40.37 47.04
CA LEU D 338 1.24 -39.75 48.01
C LEU D 338 0.11 -39.02 47.30
N LEU D 339 0.43 -38.32 46.22
CA LEU D 339 -0.61 -37.63 45.47
C LEU D 339 -1.62 -38.61 44.89
N TYR D 340 -1.14 -39.71 44.33
CA TYR D 340 -2.05 -40.72 43.80
C TYR D 340 -2.94 -41.29 44.90
N ARG D 341 -2.35 -41.58 46.06
CA ARG D 341 -3.13 -42.15 47.16
C ARG D 341 -4.21 -41.18 47.62
N HIS D 342 -3.86 -39.90 47.77
CA HIS D 342 -4.85 -38.91 48.19
C HIS D 342 -5.96 -38.78 47.16
N LEU D 343 -5.60 -38.75 45.88
CA LEU D 343 -6.60 -38.62 44.83
C LEU D 343 -7.56 -39.81 44.82
N VAL D 344 -7.02 -41.01 45.05
CA VAL D 344 -7.85 -42.21 45.15
C VAL D 344 -8.78 -42.08 46.36
N ASP D 345 -8.24 -41.59 47.48
CA ASP D 345 -9.02 -41.46 48.70
C ASP D 345 -10.20 -40.50 48.53
N GLN D 346 -9.98 -39.37 47.86
CA GLN D 346 -11.06 -38.41 47.66
C GLN D 346 -12.19 -39.00 46.82
N GLY D 347 -11.85 -39.73 45.77
CA GLY D 347 -12.86 -40.33 44.93
C GLY D 347 -12.80 -39.86 43.49
N VAL D 348 -11.74 -39.14 43.15
CA VAL D 348 -11.55 -38.65 41.79
C VAL D 348 -11.28 -39.82 40.87
N CYS D 349 -11.92 -39.83 39.71
CA CYS D 349 -11.75 -40.91 38.74
C CYS D 349 -10.90 -40.51 37.54
N TYR D 350 -10.52 -39.24 37.41
CA TYR D 350 -9.69 -38.80 36.31
C TYR D 350 -9.10 -37.44 36.67
N ALA D 351 -7.77 -37.32 36.57
CA ALA D 351 -7.08 -36.10 36.94
C ALA D 351 -5.99 -35.79 35.91
N GLU D 352 -5.64 -34.51 35.82
CA GLU D 352 -4.58 -34.04 34.95
C GLU D 352 -3.62 -33.21 35.78
N VAL D 353 -2.42 -33.73 36.01
CA VAL D 353 -1.45 -33.08 36.87
C VAL D 353 -0.49 -32.24 36.03
N ARG D 354 -0.33 -30.98 36.40
CA ARG D 354 0.62 -30.09 35.75
C ARG D 354 1.96 -30.16 36.46
N CYS D 355 3.03 -30.24 35.67
CA CYS D 355 4.38 -30.30 36.22
C CYS D 355 5.35 -29.63 35.27
N SER D 356 6.48 -29.18 35.81
CA SER D 356 7.52 -28.50 35.06
C SER D 356 8.83 -29.26 35.27
N PRO D 357 9.16 -30.21 34.40
CA PRO D 357 10.36 -31.02 34.60
C PRO D 357 11.65 -30.22 34.54
N ALA D 358 11.65 -29.04 33.91
CA ALA D 358 12.89 -28.26 33.80
C ALA D 358 13.36 -27.77 35.17
N ASN D 359 12.42 -27.42 36.05
CA ASN D 359 12.81 -26.89 37.36
C ASN D 359 13.54 -27.92 38.20
N TYR D 360 13.06 -29.15 38.20
CA TYR D 360 13.61 -30.20 39.07
C TYR D 360 14.74 -30.94 38.38
N ALA D 361 15.74 -30.20 37.88
CA ALA D 361 16.82 -30.80 37.12
C ALA D 361 18.02 -29.87 37.13
N GLU D 362 19.06 -30.25 37.86
CA GLU D 362 20.32 -29.52 37.86
C GLU D 362 21.48 -30.38 37.34
N VAL D 363 21.58 -31.62 37.78
CA VAL D 363 22.58 -32.55 37.26
C VAL D 363 21.98 -33.58 36.33
N ARG D 364 20.67 -33.64 36.22
CA ARG D 364 19.97 -34.56 35.33
C ARG D 364 19.26 -33.78 34.23
N SER D 365 19.10 -34.41 33.08
CA SER D 365 18.36 -33.82 31.99
C SER D 365 16.87 -33.85 32.29
N PRO D 366 16.09 -32.94 31.69
CA PRO D 366 14.63 -32.96 31.92
C PRO D 366 13.98 -34.27 31.50
N TRP D 367 14.53 -34.95 30.50
CA TRP D 367 13.96 -36.22 30.06
C TRP D 367 13.98 -37.26 31.17
N ASP D 368 15.06 -37.29 31.96
CA ASP D 368 15.12 -38.23 33.08
C ASP D 368 14.03 -37.94 34.11
N VAL D 369 13.79 -36.66 34.41
CA VAL D 369 12.75 -36.29 35.36
C VAL D 369 11.38 -36.71 34.84
N LEU D 370 11.11 -36.44 33.56
CA LEU D 370 9.83 -36.83 32.98
C LEU D 370 9.65 -38.34 33.01
N ALA D 371 10.71 -39.08 32.68
CA ALA D 371 10.63 -40.54 32.70
C ALA D 371 10.36 -41.05 34.12
N ASP D 372 11.01 -40.47 35.12
CA ASP D 372 10.78 -40.88 36.50
C ASP D 372 9.33 -40.64 36.90
N ILE D 373 8.81 -39.45 36.58
CA ILE D 373 7.43 -39.13 36.95
C ILE D 373 6.46 -40.11 36.28
N ARG D 374 6.62 -40.32 34.97
CA ARG D 374 5.73 -41.21 34.25
C ARG D 374 5.82 -42.63 34.77
N ALA D 375 7.03 -43.12 35.05
CA ALA D 375 7.19 -44.47 35.55
C ALA D 375 6.52 -44.65 36.90
N ALA D 376 6.69 -43.68 37.80
CA ALA D 376 6.05 -43.77 39.11
C ALA D 376 4.53 -43.81 38.98
N PHE D 377 3.96 -42.90 38.18
CA PHE D 377 2.51 -42.86 38.04
C PHE D 377 1.98 -44.14 37.38
N GLN D 378 2.69 -44.65 36.37
CA GLN D 378 2.23 -45.87 35.71
C GLN D 378 2.31 -47.07 36.64
N GLU D 379 3.36 -47.13 37.47
CA GLU D 379 3.48 -48.21 38.45
C GLU D 379 2.31 -48.17 39.42
N CYS D 380 1.98 -46.98 39.92
CA CYS D 380 0.83 -46.86 40.83
C CYS D 380 -0.47 -47.26 40.12
N MET D 381 -0.62 -46.85 38.87
CA MET D 381 -1.78 -47.24 38.07
C MET D 381 -1.94 -48.75 38.03
N GLU D 382 -0.86 -49.45 37.64
CA GLU D 382 -0.95 -50.90 37.46
C GLU D 382 -1.13 -51.59 38.80
N GLY D 383 -0.59 -51.00 39.87
CA GLY D 383 -0.78 -51.54 41.19
C GLY D 383 -2.22 -51.48 41.68
N ALA D 384 -2.88 -50.35 41.47
CA ALA D 384 -4.25 -50.21 41.98
C ALA D 384 -5.20 -51.23 41.34
N ARG D 385 -5.43 -51.10 40.04
CA ARG D 385 -6.23 -52.02 39.23
C ARG D 385 -7.47 -52.54 39.95
N THR D 386 -8.40 -51.64 40.28
CA THR D 386 -9.63 -52.05 40.95
C THR D 386 -10.60 -52.71 39.98
N PRO D 388 -13.71 -51.80 38.19
CA PRO D 388 -14.89 -51.51 37.38
C PRO D 388 -14.87 -52.20 36.03
N GLY D 389 -14.18 -53.33 35.95
CA GLY D 389 -14.07 -54.06 34.70
C GLY D 389 -12.64 -54.23 34.25
N GLY D 390 -11.70 -54.16 35.18
CA GLY D 390 -10.29 -54.27 34.89
C GLY D 390 -9.57 -52.95 34.74
N LEU D 391 -10.30 -51.85 34.61
CA LEU D 391 -9.68 -50.54 34.50
C LEU D 391 -9.12 -50.10 35.85
N PRO D 392 -8.11 -49.24 35.85
CA PRO D 392 -7.53 -48.78 37.12
C PRO D 392 -8.50 -47.89 37.88
N ALA D 393 -8.19 -47.70 39.17
CA ALA D 393 -9.06 -46.93 40.05
C ALA D 393 -9.18 -45.48 39.59
N CYS D 394 -8.06 -44.88 39.18
CA CYS D 394 -8.06 -43.47 38.79
C CYS D 394 -7.08 -43.29 37.64
N HIS D 395 -7.55 -42.68 36.54
CA HIS D 395 -6.67 -42.37 35.42
C HIS D 395 -6.06 -40.99 35.63
N VAL D 396 -4.76 -40.88 35.33
CA VAL D 396 -4.00 -39.64 35.50
C VAL D 396 -3.21 -39.38 34.23
N ASN D 397 -3.27 -38.17 33.73
CA ASN D 397 -2.48 -37.74 32.58
C ASN D 397 -1.54 -36.61 33.02
N LEU D 398 -0.77 -36.10 32.06
CA LEU D 398 0.24 -35.09 32.36
C LEU D 398 0.10 -33.90 31.43
N ILE D 399 0.39 -32.73 31.97
CA ILE D 399 0.39 -31.46 31.24
C ILE D 399 1.67 -30.72 31.60
N LEU D 400 2.38 -30.24 30.60
CA LEU D 400 3.68 -29.60 30.81
C LEU D 400 3.49 -28.09 30.89
N ILE D 401 3.72 -27.53 32.08
CA ILE D 401 3.62 -26.10 32.30
C ILE D 401 5.01 -25.49 32.20
N ALA D 402 5.08 -24.25 31.73
CA ALA D 402 6.35 -23.56 31.55
C ALA D 402 7.05 -23.37 32.91
N THR D 403 8.31 -22.95 32.84
CA THR D 403 9.16 -22.82 34.01
C THR D 403 9.03 -21.42 34.62
N ARG D 404 9.86 -21.13 35.61
CA ARG D 404 9.81 -19.88 36.35
C ARG D 404 11.03 -18.99 36.13
N ARG D 405 12.20 -19.58 35.88
CA ARG D 405 13.44 -18.81 35.83
C ARG D 405 13.51 -17.95 34.58
N ALA D 406 13.13 -16.68 34.71
CA ALA D 406 13.18 -15.72 33.61
C ALA D 406 14.51 -14.96 33.58
N SER D 407 15.61 -15.70 33.61
CA SER D 407 16.93 -15.10 33.58
C SER D 407 17.58 -15.22 32.21
N GLY D 408 17.67 -16.44 31.68
CA GLY D 408 18.17 -16.65 30.34
C GLY D 408 17.15 -16.25 29.30
N ASP D 409 17.57 -16.36 28.04
CA ASP D 409 16.68 -16.04 26.93
C ASP D 409 15.43 -16.90 26.98
N TYR D 410 14.27 -16.24 27.11
CA TYR D 410 13.01 -16.97 27.20
C TYR D 410 12.75 -17.81 25.95
N ARG D 411 13.35 -17.43 24.82
CA ARG D 411 13.18 -18.20 23.59
C ARG D 411 13.69 -19.62 23.76
N ALA D 412 14.84 -19.78 24.40
CA ALA D 412 15.37 -21.11 24.65
C ALA D 412 14.43 -21.92 25.54
N ALA D 413 13.87 -21.29 26.57
CA ALA D 413 12.97 -22.00 27.48
C ALA D 413 11.71 -22.47 26.75
N ILE D 414 11.12 -21.59 25.93
CA ILE D 414 9.91 -21.97 25.21
C ILE D 414 10.21 -23.05 24.19
N ALA D 415 11.35 -22.95 23.51
CA ALA D 415 11.72 -23.96 22.53
C ALA D 415 11.91 -25.32 23.19
N ARG D 416 12.62 -25.35 24.32
CA ARG D 416 12.85 -26.61 25.03
C ARG D 416 11.53 -27.19 25.53
N HIS D 417 10.66 -26.34 26.06
CA HIS D 417 9.37 -26.79 26.55
C HIS D 417 8.56 -27.44 25.44
N LEU D 418 8.42 -26.75 24.30
CA LEU D 418 7.61 -27.28 23.21
C LEU D 418 8.22 -28.55 22.63
N ALA D 419 9.54 -28.57 22.45
CA ALA D 419 10.19 -29.76 21.91
C ALA D 419 10.03 -30.96 22.82
N LEU D 420 10.20 -30.74 24.14
CA LEU D 420 9.98 -31.83 25.09
C LEU D 420 8.56 -32.33 25.04
N ALA D 421 7.59 -31.42 24.96
CA ALA D 421 6.19 -31.83 24.88
C ALA D 421 5.94 -32.69 23.65
N VAL D 422 6.45 -32.26 22.49
CA VAL D 422 6.23 -32.98 21.24
C VAL D 422 6.86 -34.35 21.30
N THR D 423 8.12 -34.42 21.75
CA THR D 423 8.82 -35.70 21.81
C THR D 423 8.17 -36.66 22.81
N ALA D 424 7.74 -36.14 23.96
CA ALA D 424 7.07 -36.99 24.94
C ALA D 424 5.75 -37.51 24.40
N ALA D 425 5.01 -36.67 23.68
CA ALA D 425 3.77 -37.12 23.07
C ALA D 425 4.03 -38.21 22.05
N GLU D 426 5.11 -38.07 21.27
CA GLU D 426 5.42 -39.10 20.27
C GLU D 426 5.88 -40.40 20.90
N HIS D 427 6.64 -40.34 21.99
CA HIS D 427 7.25 -41.53 22.56
C HIS D 427 6.21 -42.50 23.11
N TRP D 428 5.44 -42.07 24.10
CA TRP D 428 4.42 -42.92 24.71
C TRP D 428 3.10 -42.71 23.98
N ARG D 429 2.68 -43.71 23.21
CA ARG D 429 1.47 -43.62 22.41
C ARG D 429 0.35 -44.55 22.88
N ASP D 430 0.56 -45.32 23.95
CA ASP D 430 -0.48 -46.21 24.44
C ASP D 430 -1.68 -45.40 24.92
N GLU D 431 -2.87 -45.89 24.59
CA GLU D 431 -4.12 -45.22 24.93
C GLU D 431 -4.58 -45.54 26.35
N ASN D 432 -3.99 -46.55 26.98
CA ASN D 432 -4.41 -47.00 28.30
C ASN D 432 -3.28 -46.87 29.30
N ALA D 433 -2.57 -45.73 29.27
CA ALA D 433 -1.46 -45.50 30.17
C ALA D 433 -1.25 -43.99 30.29
N CYS D 434 -0.35 -43.62 31.21
CA CYS D 434 0.01 -42.22 31.39
C CYS D 434 0.61 -41.66 30.11
N ARG D 435 0.25 -40.42 29.78
CA ARG D 435 0.70 -39.81 28.55
C ARG D 435 0.56 -38.29 28.66
N VAL D 436 1.49 -37.58 28.03
CA VAL D 436 1.42 -36.12 27.98
C VAL D 436 0.29 -35.74 27.04
N VAL D 437 -0.77 -35.15 27.58
CA VAL D 437 -1.98 -34.88 26.80
C VAL D 437 -2.06 -33.45 26.26
N GLY D 438 -1.39 -32.50 26.89
CA GLY D 438 -1.46 -31.13 26.44
C GLY D 438 -0.45 -30.21 27.09
N VAL D 439 -0.18 -29.08 26.46
CA VAL D 439 0.76 -28.10 26.96
C VAL D 439 0.00 -26.88 27.46
N ASP D 440 0.52 -26.26 28.52
CA ASP D 440 -0.05 -25.04 29.07
C ASP D 440 0.71 -23.87 28.45
N LEU D 441 0.04 -23.11 27.59
CA LEU D 441 0.69 -22.09 26.78
C LEU D 441 0.60 -20.73 27.50
N ALA D 442 1.03 -20.74 28.76
CA ALA D 442 0.91 -19.55 29.58
C ALA D 442 2.01 -19.47 30.63
N GLY D 443 1.83 -18.60 31.62
CA GLY D 443 2.84 -18.37 32.64
C GLY D 443 3.94 -17.43 32.24
N TYR D 444 3.90 -16.89 31.02
CA TYR D 444 4.92 -15.97 30.54
C TYR D 444 4.28 -15.03 29.53
N GLU D 445 3.93 -13.82 29.97
CA GLU D 445 3.37 -12.84 29.05
C GLU D 445 3.98 -11.46 29.24
N ASP D 446 5.31 -11.36 29.40
CA ASP D 446 5.99 -10.08 29.59
C ASP D 446 5.66 -9.12 28.44
N GLU D 447 5.81 -9.59 27.21
CA GLU D 447 5.36 -8.87 26.02
C GLU D 447 4.57 -9.86 25.18
N LYS D 448 3.37 -9.48 24.78
CA LYS D 448 2.49 -10.38 24.04
C LYS D 448 3.00 -10.60 22.62
N THR D 449 4.01 -9.83 22.21
CA THR D 449 4.71 -10.14 20.98
C THR D 449 5.40 -11.51 21.04
N ARG D 450 5.79 -11.94 22.24
CA ARG D 450 6.21 -13.33 22.42
C ARG D 450 5.09 -14.27 22.01
N ALA D 451 3.86 -13.98 22.46
CA ALA D 451 2.72 -14.77 22.03
C ALA D 451 2.48 -14.63 20.53
N HIS D 452 2.91 -13.52 19.92
CA HIS D 452 2.81 -13.41 18.47
C HIS D 452 3.77 -14.37 17.78
N TYR D 453 5.02 -14.46 18.25
CA TYR D 453 5.92 -15.48 17.74
C TYR D 453 5.37 -16.88 17.99
N PHE D 454 4.66 -17.06 19.11
CA PHE D 454 3.98 -18.32 19.35
C PHE D 454 2.91 -18.58 18.30
N ARG D 455 2.20 -17.52 17.90
CA ARG D 455 1.23 -17.65 16.81
C ARG D 455 1.93 -18.12 15.55
N GLU D 456 3.15 -17.61 15.32
CA GLU D 456 3.92 -18.07 14.16
C GLU D 456 4.32 -19.54 14.26
N GLU D 457 4.71 -20.04 15.44
CA GLU D 457 5.29 -21.37 15.51
C GLU D 457 4.43 -22.46 16.17
N PHE D 458 3.19 -22.17 16.56
CA PHE D 458 2.40 -23.17 17.28
C PHE D 458 1.66 -24.12 16.35
N THR D 459 1.79 -23.92 15.04
CA THR D 459 1.25 -24.88 14.09
C THR D 459 1.84 -26.26 14.35
N ALA D 460 3.10 -26.31 14.77
CA ALA D 460 3.74 -27.59 15.07
C ALA D 460 3.00 -28.35 16.16
N VAL D 461 2.73 -27.69 17.28
CA VAL D 461 2.10 -28.37 18.41
C VAL D 461 0.65 -28.72 18.08
N HIS D 462 0.01 -27.92 17.22
CA HIS D 462 -1.34 -28.31 16.80
C HIS D 462 -1.34 -29.53 15.89
N ARG D 463 -0.46 -29.54 14.88
CA ARG D 463 -0.45 -30.64 13.93
C ARG D 463 0.03 -31.94 14.59
N CYS D 464 0.89 -31.82 15.61
CA CYS D 464 1.37 -33.01 16.31
C CYS D 464 0.24 -33.66 17.10
N GLY D 465 -0.80 -32.90 17.42
CA GLY D 465 -1.96 -33.46 18.10
C GLY D 465 -1.96 -33.24 19.59
N LEU D 466 -1.62 -32.02 20.04
CA LEU D 466 -1.60 -31.71 21.46
C LEU D 466 -2.62 -30.62 21.74
N ALA D 467 -3.20 -30.67 22.94
CA ALA D 467 -4.17 -29.67 23.38
C ALA D 467 -3.46 -28.43 23.91
N VAL D 468 -4.22 -27.35 24.05
CA VAL D 468 -3.69 -26.05 24.47
C VAL D 468 -4.56 -25.52 25.60
N THR D 469 -3.91 -25.08 26.69
CA THR D 469 -4.58 -24.43 27.80
C THR D 469 -3.86 -23.13 28.12
N VAL D 470 -4.64 -22.08 28.37
CA VAL D 470 -4.10 -20.74 28.62
C VAL D 470 -4.54 -20.28 30.00
N HIS D 471 -3.60 -19.78 30.78
CA HIS D 471 -3.86 -19.23 32.11
C HIS D 471 -3.93 -17.72 32.01
N ALA D 472 -5.07 -17.15 32.39
CA ALA D 472 -5.29 -15.71 32.39
C ALA D 472 -5.50 -15.27 33.83
N GLY D 473 -4.52 -14.57 34.39
CA GLY D 473 -4.55 -14.18 35.78
C GLY D 473 -4.75 -12.69 36.02
N GLU D 474 -3.65 -11.99 36.28
CA GLU D 474 -3.71 -10.58 36.65
C GLU D 474 -4.28 -9.76 35.51
N ASN D 475 -4.95 -8.65 35.87
CA ASN D 475 -5.53 -7.70 34.94
C ASN D 475 -6.73 -8.30 34.20
N ASP D 476 -6.49 -9.34 33.42
CA ASP D 476 -7.54 -10.08 32.71
C ASP D 476 -8.30 -9.17 31.75
N ASP D 477 -7.56 -8.57 30.82
CA ASP D 477 -8.18 -7.74 29.80
C ASP D 477 -8.86 -8.61 28.76
N ALA D 478 -9.93 -8.06 28.17
CA ALA D 478 -10.69 -8.81 27.17
C ALA D 478 -9.89 -9.05 25.90
N GLU D 479 -8.96 -8.14 25.58
CA GLU D 479 -8.15 -8.31 24.38
C GLU D 479 -7.31 -9.59 24.46
N GLY D 480 -6.72 -9.86 25.62
CA GLY D 480 -5.97 -11.09 25.79
C GLY D 480 -6.81 -12.33 25.60
N ILE D 481 -8.06 -12.30 26.10
CA ILE D 481 -8.95 -13.43 25.92
C ILE D 481 -9.32 -13.62 24.46
N TRP D 482 -9.60 -12.51 23.75
CA TRP D 482 -9.88 -12.60 22.32
C TRP D 482 -8.70 -13.22 21.58
N ARG D 483 -7.49 -12.75 21.87
CA ARG D 483 -6.31 -13.27 21.20
C ARG D 483 -6.09 -14.74 21.51
N ALA D 484 -6.28 -15.13 22.77
CA ALA D 484 -6.09 -16.53 23.14
C ALA D 484 -7.11 -17.43 22.46
N VAL D 485 -8.37 -16.98 22.38
CA VAL D 485 -9.40 -17.82 21.80
C VAL D 485 -9.24 -17.94 20.29
N PHE D 486 -8.97 -16.83 19.62
CA PHE D 486 -9.03 -16.81 18.16
C PHE D 486 -7.67 -16.85 17.48
N ASP D 487 -6.58 -16.67 18.21
CA ASP D 487 -5.25 -16.75 17.61
C ASP D 487 -4.43 -17.92 18.11
N LEU D 488 -4.55 -18.29 19.38
CA LEU D 488 -3.85 -19.43 19.94
C LEU D 488 -4.68 -20.71 19.91
N ASN D 489 -5.95 -20.61 19.52
CA ASN D 489 -6.86 -21.76 19.43
C ASN D 489 -6.91 -22.54 20.73
N ALA D 490 -7.01 -21.84 21.86
CA ALA D 490 -7.11 -22.50 23.15
C ALA D 490 -8.45 -23.22 23.29
N ARG D 491 -8.44 -24.28 24.11
CA ARG D 491 -9.65 -25.03 24.40
C ARG D 491 -10.11 -24.90 25.84
N ARG D 492 -9.28 -24.34 26.73
CA ARG D 492 -9.65 -24.10 28.11
C ARG D 492 -9.03 -22.79 28.56
N LEU D 493 -9.67 -22.12 29.52
CA LEU D 493 -9.20 -20.85 30.05
C LEU D 493 -9.03 -20.97 31.56
N GLY D 494 -7.92 -20.45 32.07
CA GLY D 494 -7.66 -20.48 33.50
C GLY D 494 -8.23 -19.25 34.19
N HIS D 495 -8.95 -19.49 35.27
CA HIS D 495 -9.58 -18.43 36.06
C HIS D 495 -10.50 -17.58 35.20
N ALA D 496 -10.03 -16.43 34.77
CA ALA D 496 -10.79 -15.52 33.90
C ALA D 496 -12.13 -15.17 34.53
N LEU D 497 -12.06 -14.49 35.68
CA LEU D 497 -13.24 -14.20 36.48
C LEU D 497 -14.03 -13.00 35.99
N SER D 498 -13.54 -12.29 34.97
CA SER D 498 -14.22 -11.11 34.44
C SER D 498 -14.56 -11.38 32.98
N LEU D 499 -15.72 -11.98 32.74
CA LEU D 499 -16.20 -12.23 31.39
C LEU D 499 -17.59 -11.67 31.13
N GLY D 500 -18.35 -11.31 32.16
CA GLY D 500 -19.66 -10.71 31.99
C GLY D 500 -19.64 -9.26 31.61
N GLN D 501 -18.47 -8.64 31.54
CA GLN D 501 -18.33 -7.24 31.20
C GLN D 501 -18.33 -7.00 29.69
N SER D 502 -18.36 -8.06 28.89
CA SER D 502 -18.42 -7.96 27.43
C SER D 502 -19.33 -9.08 26.94
N ARG D 503 -20.54 -8.71 26.52
CA ARG D 503 -21.54 -9.71 26.17
C ARG D 503 -21.15 -10.49 24.92
N GLU D 504 -20.48 -9.83 23.97
CA GLU D 504 -20.07 -10.52 22.75
C GLU D 504 -19.06 -11.63 23.05
N LEU D 505 -18.09 -11.35 23.93
CA LEU D 505 -17.11 -12.37 24.31
C LEU D 505 -17.78 -13.54 25.01
N LEU D 506 -18.73 -13.25 25.91
CA LEU D 506 -19.45 -14.31 26.60
C LEU D 506 -20.24 -15.16 25.62
N ARG D 507 -20.90 -14.51 24.66
CA ARG D 507 -21.65 -15.24 23.65
C ARG D 507 -20.74 -16.15 22.83
N SER D 508 -19.59 -15.62 22.41
CA SER D 508 -18.65 -16.40 21.61
C SER D 508 -18.15 -17.61 22.39
N VAL D 509 -17.75 -17.38 23.65
CA VAL D 509 -17.21 -18.46 24.48
C VAL D 509 -18.27 -19.54 24.69
N ALA D 510 -19.51 -19.11 24.95
CA ALA D 510 -20.61 -20.06 25.13
C ALA D 510 -20.88 -20.87 23.87
N ASP D 511 -20.88 -20.21 22.71
CA ASP D 511 -21.19 -20.89 21.46
C ASP D 511 -20.11 -21.89 21.05
N ARG D 512 -18.85 -21.46 21.07
CA ARG D 512 -17.79 -22.35 20.57
C ARG D 512 -17.64 -23.59 21.44
N GLY D 513 -17.75 -23.43 22.76
CA GLY D 513 -17.72 -24.58 23.64
C GLY D 513 -16.48 -24.64 24.51
N ILE D 514 -15.79 -23.53 24.67
CA ILE D 514 -14.58 -23.46 25.47
C ILE D 514 -14.94 -23.55 26.95
N GLY D 515 -14.10 -24.25 27.71
CA GLY D 515 -14.32 -24.42 29.13
C GLY D 515 -13.59 -23.38 29.97
N VAL D 516 -14.10 -23.15 31.17
CA VAL D 516 -13.54 -22.19 32.11
C VAL D 516 -13.29 -22.90 33.43
N GLU D 517 -12.10 -22.70 34.00
CA GLU D 517 -11.71 -23.34 35.24
C GLU D 517 -11.76 -22.32 36.38
N LEU D 518 -12.39 -22.70 37.49
CA LEU D 518 -12.53 -21.83 38.65
C LEU D 518 -12.08 -22.57 39.90
N CYS D 519 -11.36 -21.86 40.77
CA CYS D 519 -10.85 -22.40 42.03
C CYS D 519 -11.36 -21.53 43.18
N PRO D 520 -12.41 -21.94 43.86
CA PRO D 520 -13.06 -21.06 44.86
C PRO D 520 -12.15 -20.61 45.99
N TYR D 521 -11.49 -21.55 46.66
CA TYR D 521 -10.65 -21.19 47.80
C TYR D 521 -9.52 -20.26 47.38
N ALA D 522 -8.86 -20.57 46.27
CA ALA D 522 -7.74 -19.74 45.82
C ALA D 522 -8.21 -18.34 45.44
N ASN D 523 -9.33 -18.24 44.72
CA ASN D 523 -9.84 -16.93 44.35
C ASN D 523 -10.23 -16.12 45.57
N LEU D 524 -10.87 -16.77 46.55
CA LEU D 524 -11.23 -16.06 47.78
C LEU D 524 -9.99 -15.59 48.53
N GLN D 525 -8.96 -16.43 48.58
CA GLN D 525 -7.76 -16.07 49.35
C GLN D 525 -6.98 -14.95 48.67
N ILE D 526 -6.88 -14.98 47.35
CA ILE D 526 -6.05 -14.00 46.64
C ILE D 526 -6.85 -12.77 46.25
N LYS D 527 -7.89 -12.93 45.43
CA LYS D 527 -8.66 -11.78 44.97
C LYS D 527 -9.56 -11.23 46.06
N GLY D 528 -10.18 -12.12 46.84
CA GLY D 528 -11.08 -11.69 47.91
C GLY D 528 -12.51 -11.54 47.45
N PHE D 529 -13.42 -12.27 48.09
CA PHE D 529 -14.83 -12.21 47.73
C PHE D 529 -15.66 -12.28 49.02
N ARG D 530 -16.89 -11.79 48.93
CA ARG D 530 -17.75 -11.65 50.10
C ARG D 530 -18.53 -12.94 50.32
N LEU D 531 -18.42 -13.52 51.51
CA LEU D 531 -19.03 -14.79 51.81
C LEU D 531 -20.39 -14.59 52.47
N ASP D 532 -21.28 -15.56 52.27
CA ASP D 532 -22.64 -15.55 52.81
C ASP D 532 -23.46 -14.38 52.28
N GLY D 533 -23.00 -13.80 51.17
CA GLY D 533 -23.69 -12.69 50.55
C GLY D 533 -23.84 -11.49 51.47
N SER D 534 -22.78 -11.16 52.21
CA SER D 534 -22.81 -10.05 53.16
C SER D 534 -22.44 -8.72 52.52
N ASP D 535 -22.12 -8.71 51.23
CA ASP D 535 -21.79 -7.49 50.50
C ASP D 535 -20.67 -6.71 51.17
N ALA D 548 -15.81 -2.99 46.76
CA ALA D 548 -16.06 -4.41 46.93
C ALA D 548 -16.22 -5.12 45.58
N PRO D 549 -15.40 -6.14 45.34
CA PRO D 549 -15.55 -6.92 44.09
C PRO D 549 -16.93 -7.55 43.99
N GLY D 550 -17.45 -7.67 42.77
CA GLY D 550 -18.78 -8.19 42.54
C GLY D 550 -18.93 -9.62 43.02
N PRO D 551 -20.17 -10.12 43.02
CA PRO D 551 -20.43 -11.49 43.48
C PRO D 551 -19.71 -12.52 42.63
N TYR D 552 -19.60 -13.75 43.14
CA TYR D 552 -18.90 -14.80 42.41
C TYR D 552 -19.65 -15.11 41.12
N PRO D 553 -19.00 -15.04 39.95
CA PRO D 553 -19.72 -15.17 38.68
C PRO D 553 -20.05 -16.61 38.30
N LEU D 554 -19.96 -17.56 39.23
CA LEU D 554 -20.23 -18.97 38.90
C LEU D 554 -21.66 -19.17 38.44
N LEU D 555 -22.62 -18.67 39.22
CA LEU D 555 -24.03 -18.90 38.90
C LEU D 555 -24.41 -18.24 37.58
N ASP D 556 -23.94 -17.01 37.35
CA ASP D 556 -24.26 -16.32 36.10
C ASP D 556 -23.67 -17.07 34.92
N TYR D 557 -22.41 -17.54 35.05
CA TYR D 557 -21.78 -18.30 33.99
C TYR D 557 -22.58 -19.56 33.68
N LEU D 558 -23.02 -20.26 34.73
CA LEU D 558 -23.77 -21.49 34.53
C LEU D 558 -25.12 -21.20 33.87
N ARG D 559 -25.77 -20.11 34.26
CA ARG D 559 -27.08 -19.78 33.71
C ARG D 559 -26.97 -19.40 32.23
N GLU D 560 -25.94 -18.63 31.88
CA GLU D 560 -25.80 -18.19 30.49
C GLU D 560 -25.54 -19.35 29.55
N GLY D 561 -24.86 -20.40 30.03
CA GLY D 561 -24.61 -21.56 29.21
C GLY D 561 -23.13 -21.93 29.13
N VAL D 562 -22.29 -21.14 29.78
CA VAL D 562 -20.86 -21.41 29.77
C VAL D 562 -20.57 -22.73 30.48
N ARG D 563 -19.45 -23.35 30.13
CA ARG D 563 -19.01 -24.60 30.73
C ARG D 563 -17.96 -24.26 31.80
N VAL D 564 -18.38 -24.25 33.05
CA VAL D 564 -17.51 -23.90 34.17
C VAL D 564 -17.28 -25.15 35.02
N THR D 565 -16.06 -25.27 35.55
CA THR D 565 -15.70 -26.38 36.41
C THR D 565 -15.13 -25.85 37.72
N VAL D 566 -15.04 -26.74 38.70
CA VAL D 566 -14.52 -26.41 40.03
C VAL D 566 -13.30 -27.28 40.30
N ASN D 567 -12.20 -26.64 40.68
CA ASN D 567 -10.92 -27.30 40.90
C ASN D 567 -10.29 -26.82 42.19
N THR D 568 -9.22 -27.50 42.59
CA THR D 568 -8.54 -27.22 43.85
C THR D 568 -7.30 -26.35 43.69
N ASP D 569 -6.76 -26.24 42.48
CA ASP D 569 -5.54 -25.47 42.23
C ASP D 569 -4.38 -26.01 43.04
N ASN D 570 -4.03 -25.32 44.13
CA ASN D 570 -2.95 -25.74 45.02
C ASN D 570 -3.55 -26.41 46.24
N ILE D 571 -3.48 -27.74 46.27
CA ILE D 571 -4.10 -28.51 47.36
C ILE D 571 -3.42 -28.22 48.70
N GLY D 572 -2.09 -28.17 48.72
CA GLY D 572 -1.37 -28.02 49.96
C GLY D 572 -1.35 -26.61 50.50
N ILE D 573 -1.01 -25.64 49.64
CA ILE D 573 -0.89 -24.25 50.09
C ILE D 573 -2.23 -23.73 50.58
N SER D 574 -3.30 -23.98 49.82
CA SER D 574 -4.63 -23.53 50.23
C SER D 574 -5.24 -24.42 51.29
N ALA D 575 -4.73 -25.63 51.46
CA ALA D 575 -5.21 -26.57 52.48
C ALA D 575 -6.72 -26.79 52.38
N ALA D 576 -7.14 -27.30 51.22
CA ALA D 576 -8.55 -27.59 50.98
C ALA D 576 -8.66 -28.61 49.86
N SER D 577 -9.51 -29.61 50.08
CA SER D 577 -9.72 -30.67 49.10
C SER D 577 -10.82 -30.26 48.12
N LEU D 578 -11.17 -31.19 47.22
CA LEU D 578 -12.22 -30.91 46.25
C LEU D 578 -13.57 -30.75 46.92
N THR D 579 -13.86 -31.58 47.92
CA THR D 579 -15.12 -31.46 48.65
C THR D 579 -15.24 -30.10 49.34
N ASP D 580 -14.15 -29.66 49.99
CA ASP D 580 -14.15 -28.34 50.61
C ASP D 580 -14.36 -27.25 49.58
N ASN D 581 -13.74 -27.39 48.41
CA ASN D 581 -13.91 -26.40 47.35
C ASN D 581 -15.36 -26.33 46.88
N LEU D 582 -16.00 -27.48 46.71
CA LEU D 582 -17.41 -27.49 46.29
C LEU D 582 -18.30 -26.88 47.36
N LEU D 583 -18.06 -27.20 48.62
CA LEU D 583 -18.87 -26.63 49.70
C LEU D 583 -18.69 -25.12 49.78
N LEU D 584 -17.45 -24.64 49.64
CA LEU D 584 -17.22 -23.20 49.66
C LEU D 584 -17.86 -22.53 48.44
N ALA D 585 -17.84 -23.20 47.29
CA ALA D 585 -18.51 -22.65 46.12
C ALA D 585 -20.00 -22.53 46.36
N ALA D 586 -20.60 -23.52 47.03
CA ALA D 586 -22.01 -23.43 47.40
C ALA D 586 -22.24 -22.26 48.36
N ARG D 587 -21.35 -22.07 49.33
CA ARG D 587 -21.50 -20.98 50.29
C ARG D 587 -21.39 -19.62 49.61
N LEU D 588 -20.43 -19.47 48.68
CA LEU D 588 -20.15 -18.16 48.10
C LEU D 588 -21.33 -17.64 47.29
N CYS D 589 -21.99 -18.51 46.54
CA CYS D 589 -23.10 -18.10 45.68
C CYS D 589 -24.39 -18.69 46.22
N PRO D 590 -25.24 -17.91 46.87
CA PRO D 590 -26.48 -18.44 47.43
C PRO D 590 -27.45 -18.90 46.35
N GLY D 591 -28.27 -19.88 46.70
CA GLY D 591 -29.26 -20.43 45.80
C GLY D 591 -28.78 -21.56 44.92
N LEU D 592 -27.54 -21.99 45.05
CA LEU D 592 -27.02 -23.08 44.25
C LEU D 592 -27.65 -24.41 44.67
N THR D 593 -27.95 -25.25 43.68
CA THR D 593 -28.62 -26.51 43.90
C THR D 593 -27.68 -27.67 43.55
N ARG D 594 -28.11 -28.88 43.93
CA ARG D 594 -27.31 -30.08 43.69
C ARG D 594 -27.29 -30.47 42.22
N LEU D 595 -28.40 -30.26 41.51
CA LEU D 595 -28.41 -30.46 40.06
C LEU D 595 -27.35 -29.61 39.39
N ASP D 596 -27.09 -28.42 39.93
CA ASP D 596 -26.00 -27.59 39.41
C ASP D 596 -24.65 -28.27 39.60
N LEU D 597 -24.46 -28.95 40.74
CA LEU D 597 -23.22 -29.68 40.95
C LEU D 597 -23.07 -30.81 39.94
N LEU D 598 -24.17 -31.53 39.67
CA LEU D 598 -24.11 -32.58 38.66
C LEU D 598 -23.81 -32.01 37.29
N HIS D 599 -24.39 -30.85 36.97
CA HIS D 599 -24.09 -30.17 35.71
C HIS D 599 -22.61 -29.79 35.62
N LEU D 600 -22.04 -29.34 36.74
CA LEU D 600 -20.63 -28.98 36.81
C LEU D 600 -19.77 -30.20 36.50
N GLN D 601 -20.12 -31.33 37.10
CA GLN D 601 -19.37 -32.56 36.86
C GLN D 601 -19.47 -32.98 35.40
N ARG D 602 -20.66 -32.88 34.81
CA ARG D 602 -20.83 -33.24 33.41
C ARG D 602 -20.01 -32.33 32.51
N HIS D 603 -20.00 -31.03 32.80
CA HIS D 603 -19.20 -30.09 32.03
C HIS D 603 -17.72 -30.43 32.12
N ALA D 604 -17.25 -30.75 33.33
CA ALA D 604 -15.86 -31.12 33.54
C ALA D 604 -15.52 -32.37 32.72
N LEU D 605 -16.42 -33.33 32.69
CA LEU D 605 -16.21 -34.52 31.87
C LEU D 605 -16.14 -34.18 30.39
N GLU D 606 -17.07 -33.34 29.92
CA GLU D 606 -17.11 -33.02 28.50
C GLU D 606 -15.92 -32.18 28.04
N THR D 607 -15.26 -31.45 28.96
CA THR D 607 -14.17 -30.58 28.56
C THR D 607 -12.80 -31.25 28.66
N ALA D 608 -12.72 -32.45 29.22
CA ALA D 608 -11.44 -33.11 29.44
C ALA D 608 -10.72 -33.41 28.13
N PHE D 609 -9.45 -33.80 28.25
CA PHE D 609 -8.57 -34.02 27.12
C PHE D 609 -8.40 -35.50 26.78
N CYS D 610 -9.35 -36.33 27.15
CA CYS D 610 -9.25 -37.76 26.90
C CYS D 610 -9.79 -38.10 25.51
N THR D 611 -9.89 -39.39 25.22
CA THR D 611 -10.40 -39.88 23.95
C THR D 611 -11.87 -40.28 24.07
N ALA D 612 -12.48 -40.57 22.92
CA ALA D 612 -13.90 -40.85 22.88
C ALA D 612 -14.26 -42.11 23.66
N THR D 613 -13.45 -43.17 23.51
CA THR D 613 -13.70 -44.41 24.25
C THR D 613 -13.60 -44.16 25.75
N GLN D 614 -12.54 -43.48 26.18
CA GLN D 614 -12.40 -43.13 27.58
C GLN D 614 -13.51 -42.19 28.02
N ARG D 615 -13.95 -41.30 27.13
CA ARG D 615 -15.06 -40.41 27.45
C ARG D 615 -16.32 -41.19 27.78
N LEU D 616 -16.66 -42.18 26.94
CA LEU D 616 -17.86 -42.98 27.18
C LEU D 616 -17.72 -43.84 28.42
N THR D 617 -16.53 -44.41 28.64
CA THR D 617 -16.33 -45.21 29.85
C THR D 617 -16.49 -44.36 31.11
N LEU D 618 -15.90 -43.16 31.12
CA LEU D 618 -16.05 -42.27 32.25
C LEU D 618 -17.50 -41.83 32.43
N LEU D 619 -18.20 -41.59 31.34
CA LEU D 619 -19.61 -41.22 31.42
C LEU D 619 -20.42 -42.34 32.08
N ARG D 620 -20.18 -43.57 31.67
CA ARG D 620 -20.89 -44.70 32.28
C ARG D 620 -20.58 -44.80 33.77
N ARG D 621 -19.30 -44.67 34.13
CA ARG D 621 -18.91 -44.79 35.53
C ARG D 621 -19.54 -43.68 36.36
N ILE D 622 -19.52 -42.44 35.86
CA ILE D 622 -20.10 -41.32 36.59
C ILE D 622 -21.60 -41.50 36.75
N SER D 623 -22.27 -41.93 35.68
CA SER D 623 -23.72 -42.11 35.74
C SER D 623 -24.08 -43.20 36.75
N SER D 624 -23.31 -44.29 36.79
CA SER D 624 -23.61 -45.37 37.71
C SER D 624 -23.24 -45.04 39.15
N GLY D 625 -22.30 -44.12 39.36
CA GLY D 625 -21.79 -43.87 40.70
C GLY D 625 -22.56 -42.92 41.59
N ILE D 626 -23.67 -42.35 41.13
CA ILE D 626 -24.36 -41.32 41.89
C ILE D 626 -25.16 -41.94 43.04
N PRO D 627 -24.91 -41.52 44.29
CA PRO D 627 -25.64 -42.10 45.42
C PRO D 627 -26.94 -41.36 45.70
N ARG D 628 -27.94 -42.10 46.19
CA ARG D 628 -29.22 -41.51 46.55
C ARG D 628 -29.24 -41.09 48.02
N PRO D 629 -29.96 -40.00 48.35
CA PRO D 629 -30.08 -39.51 49.73
C PRO D 629 -30.87 -40.47 50.62
N LEU E 221 57.25 -20.37 2.51
CA LEU E 221 57.13 -20.90 3.87
C LEU E 221 56.13 -20.19 4.80
N PRO E 222 55.90 -18.88 4.67
CA PRO E 222 54.86 -18.25 5.51
C PRO E 222 53.45 -18.68 5.16
N GLU E 223 53.24 -19.30 4.01
CA GLU E 223 51.93 -19.76 3.56
C GLU E 223 51.75 -21.26 3.80
N LEU E 224 52.52 -21.81 4.74
CA LEU E 224 52.45 -23.23 5.04
C LEU E 224 51.11 -23.57 5.71
N PRO E 225 50.52 -24.71 5.35
CA PRO E 225 49.25 -25.10 5.96
C PRO E 225 49.37 -25.57 7.40
N PHE E 226 50.59 -25.79 7.90
CA PHE E 226 50.79 -26.25 9.26
C PHE E 226 52.09 -25.66 9.78
N ALA E 227 52.47 -26.06 11.00
CA ALA E 227 53.68 -25.58 11.64
C ALA E 227 54.77 -26.63 11.78
N ASP E 228 54.38 -27.91 11.89
CA ASP E 228 55.38 -28.97 12.00
C ASP E 228 56.19 -29.11 10.71
N LEU E 229 55.62 -28.68 9.58
CA LEU E 229 56.31 -28.79 8.31
C LEU E 229 57.51 -27.86 8.21
N ALA E 230 57.66 -26.92 9.14
CA ALA E 230 58.80 -26.01 9.10
C ALA E 230 60.12 -26.75 9.23
N THR E 231 60.18 -27.74 10.14
CA THR E 231 61.40 -28.53 10.35
C THR E 231 61.38 -29.75 9.43
N TRP E 232 61.44 -29.47 8.13
CA TRP E 232 61.44 -30.49 7.10
C TRP E 232 62.61 -30.25 6.15
N SER E 233 63.10 -31.34 5.56
CA SER E 233 64.21 -31.24 4.62
C SER E 233 63.80 -30.48 3.38
N GLU E 234 64.76 -29.76 2.81
CA GLU E 234 64.49 -28.96 1.61
C GLU E 234 64.07 -29.86 0.45
N GLY E 235 64.72 -31.01 0.30
CA GLY E 235 64.29 -31.97 -0.70
C GLY E 235 62.87 -32.46 -0.43
N GLU E 236 62.54 -32.68 0.84
CA GLU E 236 61.18 -33.09 1.19
C GLU E 236 60.17 -32.02 0.79
N LEU E 237 60.48 -30.75 1.06
CA LEU E 237 59.58 -29.67 0.67
C LEU E 237 59.43 -29.58 -0.83
N ALA E 238 60.54 -29.72 -1.56
CA ALA E 238 60.49 -29.70 -3.02
C ALA E 238 59.62 -30.84 -3.54
N TRP E 239 59.77 -32.03 -2.96
CA TRP E 239 58.93 -33.16 -3.34
C TRP E 239 57.47 -32.87 -3.05
N LEU E 240 57.19 -32.24 -1.90
CA LEU E 240 55.82 -31.85 -1.57
C LEU E 240 55.26 -30.88 -2.59
N ARG E 241 56.09 -30.01 -3.15
CA ARG E 241 55.63 -29.05 -4.15
C ARG E 241 55.36 -29.69 -5.50
N GLU E 242 55.91 -30.87 -5.78
CA GLU E 242 55.73 -31.49 -7.09
C GLU E 242 54.27 -31.90 -7.29
N PRO E 243 53.82 -31.97 -8.55
CA PRO E 243 52.48 -32.50 -8.81
C PRO E 243 52.37 -33.95 -8.39
N LEU E 244 51.16 -34.35 -7.99
CA LEU E 244 50.92 -35.68 -7.47
C LEU E 244 50.69 -36.67 -8.60
N ASP E 245 51.33 -37.84 -8.50
CA ASP E 245 51.15 -38.92 -9.47
C ASP E 245 50.13 -39.90 -8.91
N PRO E 246 48.95 -40.04 -9.51
CA PRO E 246 47.92 -40.90 -8.91
C PRO E 246 48.15 -42.39 -9.09
N ARG E 247 48.94 -42.79 -10.08
CA ARG E 247 49.14 -44.21 -10.39
C ARG E 247 50.44 -44.76 -9.83
N ALA E 248 51.13 -44.00 -8.98
CA ALA E 248 52.35 -44.46 -8.36
C ALA E 248 52.06 -45.17 -7.05
N PRO E 249 52.58 -46.39 -6.86
CA PRO E 249 52.32 -47.11 -5.61
C PRO E 249 52.80 -46.37 -4.37
N ALA E 250 53.93 -45.68 -4.46
CA ALA E 250 54.44 -44.94 -3.31
C ALA E 250 53.48 -43.84 -2.88
N ASP E 251 52.89 -43.14 -3.86
CA ASP E 251 51.91 -42.12 -3.54
C ASP E 251 50.67 -42.73 -2.89
N GLN E 252 50.27 -43.92 -3.33
CA GLN E 252 49.15 -44.62 -2.70
C GLN E 252 49.48 -44.96 -1.25
N ARG E 253 50.70 -45.43 -1.00
CA ARG E 253 51.12 -45.70 0.37
C ARG E 253 51.08 -44.42 1.21
N TRP E 254 51.54 -43.31 0.63
CA TRP E 254 51.58 -42.05 1.37
C TRP E 254 50.17 -41.58 1.72
N VAL E 255 49.25 -41.61 0.75
CA VAL E 255 47.91 -41.11 1.00
C VAL E 255 47.16 -42.05 1.95
N ALA E 256 47.50 -43.34 1.91
CA ALA E 256 46.85 -44.29 2.80
C ALA E 256 47.17 -43.98 4.27
N GLY E 257 48.41 -43.59 4.55
CA GLY E 257 48.83 -43.37 5.92
C GLY E 257 48.50 -42.00 6.50
N LEU E 258 47.84 -41.16 5.71
CA LEU E 258 47.53 -39.81 6.18
C LEU E 258 46.40 -39.85 7.21
N PRO E 259 46.46 -39.00 8.23
CA PRO E 259 45.29 -38.83 9.11
C PRO E 259 44.21 -38.04 8.37
N LYS E 260 42.97 -38.53 8.45
CA LYS E 260 41.89 -37.99 7.65
C LYS E 260 40.72 -37.55 8.52
N ILE E 261 39.88 -36.70 7.93
CA ILE E 261 38.67 -36.19 8.57
C ILE E 261 37.52 -36.34 7.59
N GLU E 262 36.40 -36.87 8.07
CA GLU E 262 35.24 -37.16 7.23
C GLU E 262 34.05 -36.36 7.71
N LEU E 263 33.32 -35.74 6.78
CA LEU E 263 32.19 -34.89 7.12
C LEU E 263 30.90 -35.24 6.39
N HIS E 264 30.91 -36.24 5.50
CA HIS E 264 29.73 -36.60 4.70
C HIS E 264 29.69 -38.12 4.59
N CYS E 265 28.94 -38.76 5.49
CA CYS E 265 28.79 -40.21 5.48
C CYS E 265 27.37 -40.56 5.91
N HIS E 266 26.79 -41.55 5.25
CA HIS E 266 25.43 -41.99 5.52
C HIS E 266 25.45 -43.39 6.12
N LEU E 267 24.65 -43.60 7.18
CA LEU E 267 24.58 -44.90 7.81
C LEU E 267 23.79 -45.90 6.99
N GLY E 268 22.86 -45.42 6.17
CA GLY E 268 21.99 -46.30 5.40
C GLY E 268 22.56 -46.81 4.10
N GLY E 269 23.82 -46.52 3.79
CA GLY E 269 24.42 -46.97 2.55
C GLY E 269 25.81 -47.52 2.74
N PHE E 270 26.06 -48.16 3.89
CA PHE E 270 27.41 -48.64 4.21
C PHE E 270 27.71 -49.96 3.52
N ALA E 271 26.86 -50.97 3.74
CA ALA E 271 27.09 -52.32 3.24
C ALA E 271 25.88 -52.78 2.45
N THR E 272 25.88 -52.52 1.14
CA THR E 272 24.78 -52.90 0.27
C THR E 272 25.12 -54.06 -0.64
N HIS E 273 26.33 -54.60 -0.57
CA HIS E 273 26.74 -55.69 -1.44
C HIS E 273 27.86 -56.48 -0.76
N GLY E 274 27.99 -57.75 -1.11
CA GLY E 274 29.12 -58.56 -0.71
C GLY E 274 28.94 -59.27 0.62
N GLU E 275 30.07 -59.69 1.18
CA GLU E 275 30.07 -60.46 2.43
C GLU E 275 29.52 -59.65 3.58
N LEU E 276 29.72 -58.33 3.56
CA LEU E 276 29.20 -57.48 4.64
C LEU E 276 27.68 -57.58 4.72
N LEU E 277 27.02 -57.65 3.56
CA LEU E 277 25.57 -57.82 3.55
C LEU E 277 25.17 -59.13 4.22
N ARG E 278 25.89 -60.21 3.93
CA ARG E 278 25.60 -61.49 4.56
C ARG E 278 25.79 -61.42 6.07
N ARG E 279 26.89 -60.80 6.50
CA ARG E 279 27.18 -60.70 7.93
C ARG E 279 26.11 -59.88 8.65
N VAL E 280 25.67 -58.79 8.03
CA VAL E 280 24.61 -57.98 8.64
C VAL E 280 23.31 -58.76 8.68
N ARG E 281 23.00 -59.47 7.59
CA ARG E 281 21.74 -60.21 7.50
C ARG E 281 21.64 -61.32 8.54
N ASN E 282 22.72 -62.09 8.74
CA ASN E 282 22.64 -63.24 9.61
C ASN E 282 22.53 -62.84 11.08
N ALA E 283 23.04 -61.66 11.43
CA ALA E 283 23.11 -61.23 12.82
C ALA E 283 21.77 -60.68 13.32
N ALA E 284 20.71 -60.89 12.54
CA ALA E 284 19.39 -60.43 12.95
C ALA E 284 18.91 -61.19 14.18
N GLU E 285 18.26 -60.48 15.11
CA GLU E 285 17.71 -61.13 16.29
C GLU E 285 16.62 -62.12 15.92
N ASN E 286 15.74 -61.74 15.00
CA ASN E 286 14.59 -62.55 14.59
C ASN E 286 14.64 -62.74 13.09
N PRO E 287 15.27 -63.81 12.60
CA PRO E 287 15.43 -63.99 11.16
C PRO E 287 14.15 -64.33 10.42
N GLY E 288 13.04 -64.46 11.15
CA GLY E 288 11.79 -64.88 10.53
C GLY E 288 11.23 -63.94 9.50
N LYS E 289 11.45 -62.64 9.65
CA LYS E 289 10.89 -61.64 8.75
C LYS E 289 11.94 -60.96 7.88
N LEU E 290 13.12 -61.55 7.72
CA LEU E 290 14.12 -60.99 6.83
C LEU E 290 13.65 -61.08 5.39
N PRO E 291 13.65 -59.99 4.64
CA PRO E 291 13.24 -60.04 3.23
C PRO E 291 14.15 -60.96 2.44
N PRO E 292 13.65 -61.53 1.34
CA PRO E 292 14.48 -62.44 0.54
C PRO E 292 15.72 -61.75 0.01
N LEU E 293 16.83 -62.49 0.00
CA LEU E 293 18.12 -61.93 -0.36
C LEU E 293 18.19 -61.76 -1.87
N GLU E 294 18.46 -60.52 -2.31
CA GLU E 294 18.65 -60.23 -3.72
C GLU E 294 19.58 -59.03 -3.85
N GLU E 295 20.75 -59.25 -4.42
CA GLU E 295 21.71 -58.18 -4.62
C GLU E 295 21.48 -57.52 -5.97
N PRO E 296 21.16 -56.23 -6.02
CA PRO E 296 20.93 -55.57 -7.32
C PRO E 296 22.19 -55.61 -8.17
N ARG E 297 21.98 -55.72 -9.48
CA ARG E 297 23.09 -55.80 -10.42
C ARG E 297 23.64 -54.40 -10.67
N LEU E 298 24.95 -54.23 -10.49
CA LEU E 298 25.58 -52.95 -10.75
C LEU E 298 25.76 -52.75 -12.26
N PRO E 299 25.74 -51.49 -12.71
CA PRO E 299 26.00 -51.22 -14.13
C PRO E 299 27.42 -51.57 -14.54
N GLU E 300 27.73 -51.44 -15.82
CA GLU E 300 29.07 -51.76 -16.31
C GLU E 300 30.11 -50.82 -15.70
N GLY E 301 31.23 -51.41 -15.29
CA GLY E 301 32.33 -50.67 -14.67
C GLY E 301 31.89 -49.66 -13.64
N TRP E 302 31.14 -50.11 -12.63
CA TRP E 302 30.51 -49.18 -11.71
C TRP E 302 31.48 -48.27 -10.96
N PRO E 303 32.72 -48.67 -10.65
CA PRO E 303 33.67 -47.70 -10.08
C PRO E 303 33.83 -46.45 -10.94
N LEU E 304 33.88 -46.63 -12.26
CA LEU E 304 34.02 -45.52 -13.21
C LEU E 304 33.05 -45.72 -14.37
N PRO E 305 31.75 -45.49 -14.15
CA PRO E 305 30.77 -45.70 -15.22
C PRO E 305 31.04 -44.79 -16.41
N ALA E 306 30.80 -45.32 -17.61
CA ALA E 306 31.05 -44.55 -18.82
C ALA E 306 30.07 -43.41 -18.98
N GLN E 307 28.80 -43.63 -18.63
CA GLN E 307 27.79 -42.61 -18.87
C GLN E 307 27.09 -42.22 -17.58
N PRO E 308 26.65 -40.96 -17.47
CA PRO E 308 25.93 -40.53 -16.26
C PRO E 308 24.58 -41.20 -16.15
N ILE E 309 24.12 -41.36 -14.90
CA ILE E 309 22.79 -41.89 -14.63
C ILE E 309 22.11 -40.95 -13.64
N PRO E 310 20.78 -40.88 -13.68
CA PRO E 310 20.06 -40.03 -12.72
C PRO E 310 20.17 -40.56 -11.30
N LEU E 311 19.84 -39.68 -10.36
CA LEU E 311 20.04 -40.01 -8.94
C LEU E 311 19.09 -41.11 -8.47
N ALA E 312 17.95 -41.27 -9.13
CA ALA E 312 16.97 -42.26 -8.68
C ALA E 312 17.54 -43.68 -8.78
N GLU E 313 18.16 -44.01 -9.92
CA GLU E 313 18.77 -45.33 -10.06
C GLU E 313 19.93 -45.49 -9.09
N TYR E 314 20.70 -44.43 -8.88
CA TYR E 314 21.77 -44.47 -7.89
C TYR E 314 21.23 -44.81 -6.52
N MET E 315 20.04 -44.31 -6.20
CA MET E 315 19.43 -44.62 -4.90
C MET E 315 18.93 -46.05 -4.86
N LYS E 316 18.28 -46.52 -5.93
CA LYS E 316 17.77 -47.89 -5.92
C LYS E 316 18.90 -48.93 -5.95
N LEU E 317 20.10 -48.52 -6.34
CA LEU E 317 21.22 -49.46 -6.39
C LEU E 317 21.57 -50.01 -5.01
N GLY E 318 21.11 -49.37 -3.95
CA GLY E 318 21.37 -49.85 -2.61
C GLY E 318 20.12 -50.24 -1.86
N ASN E 319 19.18 -50.88 -2.54
CA ASN E 319 17.88 -51.21 -1.98
C ASN E 319 17.92 -52.46 -1.09
N ALA E 320 19.04 -53.18 -1.05
CA ALA E 320 19.13 -54.39 -0.24
C ALA E 320 19.55 -54.12 1.20
N ASN E 321 19.98 -52.90 1.52
CA ASN E 321 20.37 -52.52 2.87
C ASN E 321 19.81 -51.13 3.14
N GLY E 322 18.98 -51.01 4.18
CA GLY E 322 18.31 -49.77 4.47
C GLY E 322 17.13 -49.95 5.39
N THR E 323 15.99 -49.40 4.98
CA THR E 323 14.75 -49.51 5.76
C THR E 323 14.41 -50.96 6.04
N ALA E 324 14.56 -51.84 5.04
CA ALA E 324 14.19 -53.24 5.17
C ALA E 324 15.00 -53.97 6.23
N LEU E 325 16.33 -53.80 6.21
CA LEU E 325 17.19 -54.61 7.07
C LEU E 325 17.39 -53.99 8.46
N LEU E 326 17.18 -52.69 8.60
CA LEU E 326 17.55 -52.00 9.84
C LEU E 326 16.41 -51.92 10.85
N ARG E 327 15.27 -52.53 10.58
CA ARG E 327 14.15 -52.48 11.52
C ARG E 327 14.30 -53.58 12.57
N ASP E 328 15.47 -54.22 12.62
CA ASP E 328 15.81 -55.19 13.64
C ASP E 328 16.98 -54.66 14.43
N PRO E 329 16.86 -54.54 15.77
CA PRO E 329 17.94 -53.88 16.54
C PRO E 329 19.30 -54.51 16.37
N GLY E 330 19.37 -55.84 16.27
CA GLY E 330 20.66 -56.50 16.10
C GLY E 330 21.35 -56.08 14.82
N CYS E 331 20.61 -55.97 13.73
CA CYS E 331 21.18 -55.51 12.47
C CYS E 331 21.72 -54.09 12.60
N LEU E 332 20.97 -53.22 13.28
CA LEU E 332 21.42 -51.84 13.47
C LEU E 332 22.73 -51.79 14.26
N ARG E 333 22.80 -52.54 15.36
CA ARG E 333 24.00 -52.54 16.18
C ARG E 333 25.19 -53.12 15.41
N GLU E 334 24.97 -54.20 14.67
CA GLU E 334 26.05 -54.80 13.89
C GLU E 334 26.53 -53.86 12.80
N GLN E 335 25.62 -53.15 12.13
CA GLN E 335 26.03 -52.20 11.10
C GLN E 335 26.83 -51.06 11.70
N CYS E 336 26.40 -50.55 12.87
CA CYS E 336 27.17 -49.51 13.53
C CYS E 336 28.58 -49.98 13.88
N ARG E 337 28.68 -51.19 14.43
CA ARG E 337 30.00 -51.73 14.78
C ARG E 337 30.88 -51.88 13.54
N LEU E 338 30.31 -52.41 12.45
CA LEU E 338 31.09 -52.61 11.23
C LEU E 338 31.54 -51.28 10.64
N LEU E 339 30.67 -50.27 10.64
CA LEU E 339 31.05 -48.97 10.13
C LEU E 339 32.16 -48.36 10.96
N TYR E 340 32.07 -48.47 12.29
CA TYR E 340 33.15 -47.96 13.14
C TYR E 340 34.46 -48.68 12.85
N ARG E 341 34.41 -49.99 12.69
CA ARG E 341 35.63 -50.75 12.39
C ARG E 341 36.22 -50.34 11.06
N HIS E 342 35.38 -50.16 10.04
CA HIS E 342 35.89 -49.73 8.74
C HIS E 342 36.52 -48.34 8.82
N LEU E 343 35.88 -47.43 9.54
CA LEU E 343 36.42 -46.08 9.68
C LEU E 343 37.77 -46.11 10.39
N VAL E 344 37.88 -46.88 11.48
CA VAL E 344 39.15 -46.92 12.19
C VAL E 344 40.21 -47.63 11.36
N ASP E 345 39.80 -48.54 10.47
CA ASP E 345 40.75 -49.12 9.53
C ASP E 345 41.26 -48.08 8.54
N GLN E 346 40.36 -47.23 8.04
CA GLN E 346 40.78 -46.20 7.09
C GLN E 346 41.69 -45.16 7.73
N GLY E 347 41.67 -45.02 9.04
CA GLY E 347 42.55 -44.10 9.74
C GLY E 347 41.98 -42.73 10.01
N VAL E 348 40.67 -42.52 9.80
CA VAL E 348 40.07 -41.22 10.09
C VAL E 348 40.08 -40.98 11.58
N CYS E 349 40.31 -39.72 11.96
CA CYS E 349 40.37 -39.36 13.37
C CYS E 349 39.10 -38.72 13.90
N TYR E 350 38.21 -38.26 13.02
CA TYR E 350 36.98 -37.60 13.44
C TYR E 350 36.00 -37.62 12.28
N ALA E 351 34.82 -38.21 12.48
CA ALA E 351 33.82 -38.34 11.44
C ALA E 351 32.46 -37.95 11.99
N GLU E 352 31.59 -37.49 11.08
CA GLU E 352 30.23 -37.09 11.42
C GLU E 352 29.26 -37.90 10.56
N VAL E 353 28.50 -38.78 11.19
CA VAL E 353 27.59 -39.69 10.49
C VAL E 353 26.20 -39.07 10.48
N ARG E 354 25.54 -39.13 9.32
CA ARG E 354 24.16 -38.67 9.18
C ARG E 354 23.22 -39.87 9.24
N CYS E 355 22.12 -39.71 9.96
CA CYS E 355 21.14 -40.77 10.08
C CYS E 355 19.75 -40.17 10.29
N SER E 356 18.72 -40.92 9.90
CA SER E 356 17.33 -40.52 10.05
C SER E 356 16.62 -41.55 10.92
N PRO E 357 16.46 -41.28 12.22
CA PRO E 357 15.88 -42.28 13.12
C PRO E 357 14.45 -42.66 12.78
N ALA E 358 13.74 -41.76 12.08
CA ALA E 358 12.32 -41.99 11.80
C ALA E 358 12.10 -43.19 10.90
N ASN E 359 12.91 -43.32 9.85
CA ASN E 359 12.69 -44.35 8.83
C ASN E 359 12.95 -45.75 9.35
N TYR E 360 13.68 -45.87 10.46
CA TYR E 360 13.99 -47.17 11.02
C TYR E 360 13.12 -47.46 12.24
N ALA E 361 11.89 -46.94 12.23
CA ALA E 361 11.00 -47.12 13.37
C ALA E 361 9.60 -47.37 12.86
N GLU E 362 9.10 -48.58 13.05
CA GLU E 362 7.73 -48.94 12.72
C GLU E 362 6.89 -49.29 13.94
N VAL E 363 7.40 -50.13 14.83
CA VAL E 363 6.73 -50.42 16.09
C VAL E 363 7.35 -49.66 17.25
N ARG E 364 8.67 -49.46 17.26
CA ARG E 364 9.34 -48.69 18.28
C ARG E 364 9.19 -47.20 18.00
N SER E 365 9.70 -46.38 18.90
CA SER E 365 9.66 -44.94 18.77
C SER E 365 11.00 -44.42 18.27
N PRO E 366 11.01 -43.23 17.65
CA PRO E 366 12.30 -42.65 17.21
C PRO E 366 13.31 -42.51 18.33
N TRP E 367 12.85 -42.19 19.54
CA TRP E 367 13.77 -42.04 20.66
C TRP E 367 14.52 -43.34 20.94
N ASP E 368 13.83 -44.47 20.87
CA ASP E 368 14.49 -45.75 21.09
C ASP E 368 15.57 -46.02 20.05
N VAL E 369 15.27 -45.71 18.78
CA VAL E 369 16.25 -45.93 17.71
C VAL E 369 17.48 -45.05 17.93
N LEU E 370 17.25 -43.77 18.25
CA LEU E 370 18.36 -42.86 18.48
C LEU E 370 19.19 -43.32 19.67
N ALA E 371 18.53 -43.76 20.75
CA ALA E 371 19.25 -44.24 21.92
C ALA E 371 20.09 -45.47 21.58
N ASP E 372 19.54 -46.38 20.77
CA ASP E 372 20.27 -47.57 20.38
C ASP E 372 21.51 -47.21 19.58
N ILE E 373 21.37 -46.29 18.62
CA ILE E 373 22.49 -45.87 17.79
C ILE E 373 23.58 -45.25 18.65
N ARG E 374 23.17 -44.33 19.53
CA ARG E 374 24.14 -43.64 20.38
C ARG E 374 24.84 -44.63 21.31
N ALA E 375 24.09 -45.56 21.88
CA ALA E 375 24.69 -46.54 22.79
C ALA E 375 25.69 -47.42 22.05
N ALA E 376 25.35 -47.86 20.85
CA ALA E 376 26.27 -48.70 20.08
C ALA E 376 27.57 -47.96 19.79
N PHE E 377 27.45 -46.72 19.28
CA PHE E 377 28.67 -45.97 18.95
C PHE E 377 29.50 -45.66 20.18
N GLN E 378 28.84 -45.32 21.30
CA GLN E 378 29.60 -45.01 22.51
C GLN E 378 30.26 -46.25 23.09
N GLU E 379 29.61 -47.41 22.97
CA GLU E 379 30.24 -48.65 23.40
C GLU E 379 31.47 -48.97 22.57
N CYS E 380 31.38 -48.75 21.25
CA CYS E 380 32.55 -48.94 20.40
C CYS E 380 33.67 -47.98 20.80
N MET E 381 33.31 -46.72 21.06
CA MET E 381 34.27 -45.75 21.58
C MET E 381 34.99 -46.30 22.82
N GLU E 382 34.24 -46.58 23.87
CA GLU E 382 34.82 -47.00 25.14
C GLU E 382 35.48 -48.36 25.06
N GLY E 383 35.25 -49.11 23.98
CA GLY E 383 35.97 -50.35 23.76
C GLY E 383 37.31 -50.15 23.11
N ALA E 384 37.37 -49.31 22.07
CA ALA E 384 38.64 -49.10 21.35
C ALA E 384 39.72 -48.51 22.25
N ARG E 385 39.52 -47.25 22.67
CA ARG E 385 40.39 -46.57 23.63
C ARG E 385 41.88 -46.75 23.35
N THR E 386 42.37 -46.18 22.25
CA THR E 386 43.80 -46.21 21.96
C THR E 386 44.54 -45.23 22.86
N ALA E 387 45.82 -44.98 22.60
CA ALA E 387 46.66 -44.18 23.50
C ALA E 387 47.31 -43.02 22.77
N PRO E 388 46.54 -42.02 22.38
CA PRO E 388 47.10 -40.68 22.12
C PRO E 388 47.07 -39.75 23.34
N GLY E 389 46.89 -40.30 24.53
CA GLY E 389 46.63 -39.53 25.72
C GLY E 389 45.41 -40.06 26.44
N GLY E 390 44.99 -41.29 26.06
CA GLY E 390 43.82 -41.91 26.61
C GLY E 390 42.56 -41.77 25.77
N LEU E 391 42.59 -40.92 24.74
CA LEU E 391 41.43 -40.70 23.90
C LEU E 391 41.19 -41.90 22.99
N PRO E 392 39.97 -42.07 22.50
CA PRO E 392 39.69 -43.13 21.54
C PRO E 392 40.33 -42.83 20.19
N ALA E 393 40.35 -43.85 19.33
CA ALA E 393 41.02 -43.72 18.04
C ALA E 393 40.30 -42.74 17.12
N CYS E 394 38.99 -42.87 16.98
CA CYS E 394 38.21 -42.03 16.06
C CYS E 394 36.99 -41.50 16.79
N HIS E 395 36.82 -40.17 16.78
CA HIS E 395 35.63 -39.57 17.35
C HIS E 395 34.50 -39.56 16.34
N VAL E 396 33.29 -39.83 16.81
CA VAL E 396 32.10 -39.93 15.98
C VAL E 396 31.00 -39.08 16.59
N ASN E 397 30.35 -38.27 15.76
CA ASN E 397 29.20 -37.46 16.16
C ASN E 397 28.02 -37.82 15.29
N LEU E 398 26.90 -37.12 15.50
CA LEU E 398 25.66 -37.44 14.81
C LEU E 398 25.01 -36.18 14.26
N ILE E 399 24.45 -36.30 13.06
CA ILE E 399 23.67 -35.25 12.41
C ILE E 399 22.35 -35.87 11.95
N LEU E 400 21.24 -35.25 12.33
CA LEU E 400 19.92 -35.79 12.03
C LEU E 400 19.44 -35.22 10.70
N ILE E 401 19.21 -36.11 9.73
CA ILE E 401 18.76 -35.72 8.40
C ILE E 401 17.27 -36.03 8.29
N ALA E 402 16.53 -35.15 7.61
CA ALA E 402 15.09 -35.27 7.49
C ALA E 402 14.70 -36.59 6.80
N THR E 403 13.47 -37.03 7.07
CA THR E 403 12.94 -38.27 6.55
C THR E 403 12.52 -38.12 5.09
N ARG E 404 12.38 -39.26 4.41
CA ARG E 404 12.09 -39.30 2.98
C ARG E 404 10.62 -39.48 2.65
N ARG E 405 9.84 -40.09 3.54
CA ARG E 405 8.43 -40.39 3.23
C ARG E 405 7.63 -39.09 3.29
N ALA E 406 7.58 -38.40 2.16
CA ALA E 406 6.83 -37.15 2.04
C ALA E 406 5.39 -37.40 1.59
N SER E 407 4.70 -38.30 2.30
CA SER E 407 3.31 -38.63 2.00
C SER E 407 2.34 -37.90 2.90
N GLY E 408 2.57 -37.91 4.21
CA GLY E 408 1.74 -37.19 5.14
C GLY E 408 2.07 -35.72 5.18
N ASP E 409 1.46 -35.03 6.14
CA ASP E 409 1.70 -33.60 6.32
C ASP E 409 3.16 -33.35 6.68
N TYR E 410 3.86 -32.63 5.79
CA TYR E 410 5.28 -32.39 6.00
C TYR E 410 5.55 -31.50 7.22
N ARG E 411 4.58 -30.66 7.59
CA ARG E 411 4.76 -29.83 8.78
C ARG E 411 4.99 -30.68 10.02
N ALA E 412 4.18 -31.72 10.20
CA ALA E 412 4.36 -32.60 11.35
C ALA E 412 5.71 -33.30 11.30
N ALA E 413 6.14 -33.74 10.11
CA ALA E 413 7.40 -34.44 9.99
C ALA E 413 8.57 -33.54 10.39
N ILE E 414 8.61 -32.32 9.84
CA ILE E 414 9.72 -31.42 10.14
C ILE E 414 9.67 -30.99 11.61
N ALA E 415 8.46 -30.82 12.16
CA ALA E 415 8.35 -30.44 13.57
C ALA E 415 8.87 -31.55 14.47
N ARG E 416 8.48 -32.79 14.20
CA ARG E 416 8.97 -33.92 15.00
C ARG E 416 10.48 -34.06 14.88
N HIS E 417 11.01 -33.91 13.67
CA HIS E 417 12.45 -34.01 13.47
C HIS E 417 13.20 -32.95 14.26
N LEU E 418 12.74 -31.69 14.17
CA LEU E 418 13.41 -30.61 14.88
C LEU E 418 13.32 -30.78 16.38
N ALA E 419 12.14 -31.17 16.88
CA ALA E 419 11.97 -31.37 18.32
C ALA E 419 12.86 -32.50 18.82
N LEU E 420 12.94 -33.59 18.06
CA LEU E 420 13.82 -34.70 18.44
C LEU E 420 15.28 -34.24 18.48
N ALA E 421 15.70 -33.45 17.49
CA ALA E 421 17.07 -32.95 17.48
C ALA E 421 17.36 -32.10 18.71
N VAL E 422 16.43 -31.19 19.03
CA VAL E 422 16.65 -30.30 20.18
C VAL E 422 16.70 -31.09 21.48
N THR E 423 15.76 -32.03 21.66
CA THR E 423 15.74 -32.81 22.89
C THR E 423 16.99 -33.68 23.02
N ALA E 424 17.44 -34.28 21.91
CA ALA E 424 18.65 -35.09 21.96
C ALA E 424 19.86 -34.23 22.29
N ALA E 425 19.93 -33.02 21.73
CA ALA E 425 21.03 -32.12 22.07
C ALA E 425 21.01 -31.78 23.55
N GLU E 426 19.83 -31.53 24.11
CA GLU E 426 19.73 -31.21 25.53
C GLU E 426 20.11 -32.38 26.41
N HIS E 427 19.71 -33.60 26.06
CA HIS E 427 19.87 -34.73 26.97
C HIS E 427 21.34 -35.06 27.20
N TRP E 428 22.11 -35.21 26.13
CA TRP E 428 23.51 -35.59 26.21
C TRP E 428 24.38 -34.34 26.14
N ARG E 429 25.00 -33.98 27.26
CA ARG E 429 25.82 -32.78 27.34
C ARG E 429 27.30 -33.06 27.57
N ASP E 430 27.71 -34.32 27.73
CA ASP E 430 29.10 -34.63 27.94
C ASP E 430 29.91 -34.31 26.68
N GLU E 431 31.10 -33.73 26.87
CA GLU E 431 31.92 -33.25 25.77
C GLU E 431 32.92 -34.28 25.27
N ASN E 432 32.87 -35.50 25.80
CA ASN E 432 33.79 -36.57 25.40
C ASN E 432 33.01 -37.84 25.08
N ALA E 433 31.91 -37.71 24.37
CA ALA E 433 31.07 -38.85 24.00
C ALA E 433 30.25 -38.48 22.78
N CYS E 434 29.60 -39.48 22.21
CA CYS E 434 28.73 -39.26 21.06
C CYS E 434 27.58 -38.33 21.44
N ARG E 435 27.32 -37.33 20.60
CA ARG E 435 26.23 -36.40 20.83
C ARG E 435 25.79 -35.81 19.50
N VAL E 436 24.50 -35.48 19.42
CA VAL E 436 23.97 -34.84 18.23
C VAL E 436 24.54 -33.42 18.16
N VAL E 437 25.16 -33.10 17.02
CA VAL E 437 25.88 -31.84 16.90
C VAL E 437 25.24 -30.86 15.92
N GLY E 438 24.31 -31.30 15.09
CA GLY E 438 23.70 -30.40 14.14
C GLY E 438 22.57 -31.08 13.39
N VAL E 439 21.73 -30.25 12.78
CA VAL E 439 20.60 -30.74 11.99
C VAL E 439 20.91 -30.50 10.52
N ASP E 440 20.14 -31.13 9.64
CA ASP E 440 20.37 -31.02 8.20
C ASP E 440 19.04 -30.63 7.55
N LEU E 441 19.02 -29.46 6.92
CA LEU E 441 17.86 -29.02 6.14
C LEU E 441 17.94 -29.70 4.78
N ALA E 442 17.28 -30.84 4.67
CA ALA E 442 17.39 -31.70 3.49
C ALA E 442 16.54 -31.18 2.34
N GLY E 443 16.38 -32.01 1.31
CA GLY E 443 15.71 -31.60 0.08
C GLY E 443 14.28 -31.16 0.26
N TYR E 444 13.55 -31.80 1.17
CA TYR E 444 12.18 -31.40 1.45
C TYR E 444 12.16 -30.15 2.33
N GLU E 445 12.73 -29.07 1.83
CA GLU E 445 12.78 -27.79 2.53
C GLU E 445 11.61 -26.88 2.19
N ASP E 446 10.66 -27.38 1.40
CA ASP E 446 9.50 -26.60 0.94
C ASP E 446 9.93 -25.34 0.21
N GLU E 447 11.01 -25.43 -0.57
CA GLU E 447 11.46 -24.29 -1.36
C GLU E 447 10.44 -23.90 -2.41
N LYS E 448 9.58 -24.83 -2.82
CA LYS E 448 8.51 -24.50 -3.75
C LYS E 448 7.53 -23.52 -3.13
N THR E 449 7.17 -23.73 -1.86
CA THR E 449 6.18 -22.89 -1.21
C THR E 449 6.83 -21.64 -0.63
N ARG E 450 6.60 -20.49 -1.27
CA ARG E 450 6.97 -19.17 -0.76
C ARG E 450 8.39 -19.10 -0.21
N ALA E 451 9.36 -19.59 -0.99
CA ALA E 451 10.78 -19.53 -0.62
C ALA E 451 11.01 -20.12 0.77
N HIS E 452 10.72 -21.42 0.89
CA HIS E 452 10.72 -22.14 2.16
C HIS E 452 9.66 -21.56 3.10
N TYR E 453 10.02 -21.41 4.37
CA TYR E 453 9.09 -20.92 5.38
C TYR E 453 9.81 -19.94 6.30
N PHE E 454 10.55 -19.02 5.69
CA PHE E 454 11.28 -17.96 6.38
C PHE E 454 12.25 -18.56 7.39
N ARG E 455 12.24 -18.05 8.62
CA ARG E 455 13.14 -18.52 9.67
C ARG E 455 12.40 -18.89 10.95
N GLU E 456 11.07 -18.97 10.91
CA GLU E 456 10.22 -19.19 12.08
C GLU E 456 10.74 -20.27 13.02
N GLU E 457 10.97 -21.48 12.50
CA GLU E 457 11.38 -22.59 13.34
C GLU E 457 12.85 -22.49 13.74
N PHE E 458 13.72 -22.09 12.81
CA PHE E 458 15.14 -22.04 13.11
C PHE E 458 15.50 -21.02 14.18
N THR E 459 14.66 -20.00 14.36
CA THR E 459 14.93 -18.99 15.39
C THR E 459 15.09 -19.63 16.76
N ALA E 460 14.39 -20.73 17.00
CA ALA E 460 14.58 -21.51 18.22
C ALA E 460 15.86 -22.32 18.15
N VAL E 461 16.13 -22.93 16.99
CA VAL E 461 17.21 -23.89 16.82
C VAL E 461 18.57 -23.24 17.09
N HIS E 462 18.77 -22.03 16.55
CA HIS E 462 20.05 -21.36 16.67
C HIS E 462 20.38 -21.07 18.13
N ARG E 463 19.38 -20.67 18.92
CA ARG E 463 19.63 -20.31 20.30
C ARG E 463 19.96 -21.55 21.14
N CYS E 464 19.38 -22.70 20.78
CA CYS E 464 19.64 -23.92 21.55
C CYS E 464 21.08 -24.38 21.41
N GLY E 465 21.73 -24.04 20.29
CA GLY E 465 23.12 -24.39 20.12
C GLY E 465 23.36 -25.47 19.09
N LEU E 466 22.54 -25.49 18.04
CA LEU E 466 22.66 -26.49 16.99
C LEU E 466 23.21 -25.83 15.73
N ALA E 467 23.73 -26.67 14.84
CA ALA E 467 24.30 -26.22 13.58
C ALA E 467 23.42 -26.64 12.41
N VAL E 468 23.51 -25.87 11.32
CA VAL E 468 22.69 -26.08 10.13
C VAL E 468 23.62 -26.27 8.94
N THR E 469 23.38 -27.31 8.16
CA THR E 469 24.18 -27.63 6.98
C THR E 469 23.25 -27.92 5.80
N VAL E 470 22.94 -26.87 5.03
CA VAL E 470 22.06 -27.02 3.89
C VAL E 470 22.74 -27.84 2.80
N HIS E 471 21.94 -28.64 2.10
CA HIS E 471 22.42 -29.50 1.01
C HIS E 471 21.80 -29.01 -0.29
N ALA E 472 22.61 -28.42 -1.16
CA ALA E 472 22.13 -28.00 -2.45
C ALA E 472 21.86 -29.21 -3.33
N GLY E 473 20.68 -29.24 -3.94
CA GLY E 473 20.23 -30.36 -4.74
C GLY E 473 20.41 -30.12 -6.23
N GLU E 474 19.36 -30.46 -6.99
CA GLU E 474 19.38 -30.28 -8.44
C GLU E 474 19.27 -28.80 -8.79
N ASN E 475 19.33 -28.53 -10.10
CA ASN E 475 19.18 -27.18 -10.64
C ASN E 475 20.29 -26.25 -10.16
N ASP E 476 20.38 -26.05 -8.84
CA ASP E 476 21.47 -25.30 -8.21
C ASP E 476 21.49 -23.85 -8.71
N ASP E 477 20.38 -23.16 -8.49
CA ASP E 477 20.29 -21.75 -8.82
C ASP E 477 20.98 -20.91 -7.74
N ALA E 478 21.51 -19.76 -8.16
CA ALA E 478 22.23 -18.90 -7.22
C ALA E 478 21.32 -18.33 -6.15
N GLU E 479 20.03 -18.13 -6.46
CA GLU E 479 19.11 -17.57 -5.48
C GLU E 479 18.96 -18.49 -4.27
N GLY E 480 18.91 -19.80 -4.51
CA GLY E 480 18.82 -20.74 -3.40
C GLY E 480 20.02 -20.66 -2.48
N ILE E 481 21.22 -20.56 -3.05
CA ILE E 481 22.42 -20.45 -2.23
C ILE E 481 22.43 -19.14 -1.47
N TRP E 482 22.02 -18.04 -2.12
CA TRP E 482 21.92 -16.76 -1.44
C TRP E 482 21.01 -16.86 -0.23
N ARG E 483 19.81 -17.44 -0.42
CA ARG E 483 18.86 -17.54 0.67
C ARG E 483 19.38 -18.46 1.77
N ALA E 484 20.01 -19.58 1.40
CA ALA E 484 20.55 -20.49 2.40
C ALA E 484 21.64 -19.82 3.23
N VAL E 485 22.50 -19.03 2.58
CA VAL E 485 23.59 -18.38 3.30
C VAL E 485 23.05 -17.28 4.22
N PHE E 486 22.15 -16.44 3.71
CA PHE E 486 21.78 -15.21 4.40
C PHE E 486 20.43 -15.28 5.10
N ASP E 487 19.68 -16.36 4.95
CA ASP E 487 18.42 -16.49 5.69
C ASP E 487 18.39 -17.71 6.59
N LEU E 488 18.98 -18.83 6.17
CA LEU E 488 19.11 -20.00 7.01
C LEU E 488 20.29 -19.91 7.97
N ASN E 489 21.22 -18.99 7.73
CA ASN E 489 22.42 -18.85 8.55
C ASN E 489 23.20 -20.16 8.60
N ALA E 490 23.32 -20.81 7.44
CA ALA E 490 24.02 -22.09 7.36
C ALA E 490 25.52 -21.88 7.51
N ARG E 491 26.22 -22.99 7.79
CA ARG E 491 27.66 -22.98 7.95
C ARG E 491 28.39 -23.92 7.00
N ARG E 492 27.67 -24.79 6.30
CA ARG E 492 28.27 -25.69 5.32
C ARG E 492 27.28 -25.92 4.20
N LEU E 493 27.79 -26.03 2.98
CA LEU E 493 26.97 -26.24 1.80
C LEU E 493 27.25 -27.61 1.19
N GLY E 494 26.19 -28.27 0.72
CA GLY E 494 26.33 -29.59 0.13
C GLY E 494 26.52 -29.50 -1.38
N HIS E 495 27.59 -30.14 -1.86
CA HIS E 495 27.90 -30.17 -3.29
C HIS E 495 28.08 -28.76 -3.85
N ALA E 496 27.04 -28.24 -4.48
CA ALA E 496 27.04 -26.88 -5.03
C ALA E 496 28.20 -26.68 -6.01
N LEU E 497 28.14 -27.44 -7.10
CA LEU E 497 29.21 -27.44 -8.11
C LEU E 497 29.20 -26.22 -9.01
N SER E 498 28.13 -25.42 -8.99
CA SER E 498 28.01 -24.26 -9.88
C SER E 498 28.07 -23.00 -9.04
N LEU E 499 29.29 -22.50 -8.82
CA LEU E 499 29.50 -21.26 -8.09
C LEU E 499 30.41 -20.28 -8.80
N GLY E 500 31.07 -20.67 -9.88
CA GLY E 500 31.97 -19.79 -10.60
C GLY E 500 31.32 -18.86 -11.58
N GLN E 501 30.02 -19.00 -11.84
CA GLN E 501 29.32 -18.13 -12.77
C GLN E 501 28.88 -16.81 -12.14
N SER E 502 28.97 -16.68 -10.81
CA SER E 502 28.58 -15.47 -10.10
C SER E 502 29.74 -15.04 -9.22
N ARG E 503 30.42 -13.96 -9.61
CA ARG E 503 31.58 -13.50 -8.86
C ARG E 503 31.20 -13.04 -7.46
N GLU E 504 30.07 -12.33 -7.33
CA GLU E 504 29.67 -11.78 -6.03
C GLU E 504 29.42 -12.89 -5.02
N LEU E 505 28.70 -13.94 -5.43
CA LEU E 505 28.41 -15.04 -4.52
C LEU E 505 29.69 -15.76 -4.10
N LEU E 506 30.58 -16.00 -5.05
CA LEU E 506 31.85 -16.64 -4.73
C LEU E 506 32.66 -15.81 -3.74
N ARG E 507 32.74 -14.49 -3.97
CA ARG E 507 33.48 -13.63 -3.07
C ARG E 507 32.86 -13.62 -1.68
N SER E 508 31.53 -13.54 -1.60
CA SER E 508 30.86 -13.52 -0.31
C SER E 508 31.09 -14.83 0.45
N VAL E 509 30.96 -15.97 -0.25
CA VAL E 509 31.15 -17.26 0.40
C VAL E 509 32.58 -17.40 0.90
N ALA E 510 33.55 -16.99 0.08
CA ALA E 510 34.94 -17.06 0.50
C ALA E 510 35.22 -16.15 1.69
N ASP E 511 34.63 -14.95 1.70
CA ASP E 511 34.91 -13.99 2.75
C ASP E 511 34.31 -14.42 4.08
N ARG E 512 33.04 -14.83 4.08
CA ARG E 512 32.38 -15.19 5.34
C ARG E 512 33.03 -16.43 5.96
N GLY E 513 33.40 -17.40 5.14
CA GLY E 513 34.10 -18.58 5.64
C GLY E 513 33.26 -19.84 5.67
N ILE E 514 32.30 -19.94 4.75
CA ILE E 514 31.41 -21.10 4.70
C ILE E 514 32.09 -22.21 3.93
N GLY E 515 32.15 -23.40 4.53
CA GLY E 515 32.78 -24.53 3.87
C GLY E 515 31.90 -25.15 2.81
N VAL E 516 32.54 -25.87 1.89
CA VAL E 516 31.87 -26.55 0.80
C VAL E 516 32.28 -28.01 0.81
N GLU E 517 31.30 -28.91 0.71
CA GLU E 517 31.54 -30.35 0.74
C GLU E 517 31.42 -30.90 -0.68
N LEU E 518 32.41 -31.69 -1.09
CA LEU E 518 32.43 -32.26 -2.43
C LEU E 518 32.72 -33.74 -2.38
N CYS E 519 32.06 -34.50 -3.22
CA CYS E 519 32.28 -35.95 -3.35
C CYS E 519 32.64 -36.29 -4.78
N PRO E 520 33.89 -36.66 -5.06
CA PRO E 520 34.29 -36.88 -6.47
C PRO E 520 33.60 -38.06 -7.12
N TYR E 521 33.61 -39.22 -6.46
CA TYR E 521 33.04 -40.42 -7.08
C TYR E 521 31.55 -40.25 -7.35
N ALA E 522 30.81 -39.70 -6.39
CA ALA E 522 29.38 -39.50 -6.58
C ALA E 522 29.10 -38.50 -7.69
N ASN E 523 29.86 -37.41 -7.75
CA ASN E 523 29.67 -36.42 -8.81
C ASN E 523 29.94 -37.04 -10.17
N LEU E 524 31.00 -37.84 -10.29
CA LEU E 524 31.30 -38.48 -11.56
C LEU E 524 30.22 -39.48 -11.95
N GLN E 525 29.72 -40.25 -10.99
CA GLN E 525 28.73 -41.28 -11.30
C GLN E 525 27.37 -40.69 -11.65
N ILE E 526 26.98 -39.60 -10.99
CA ILE E 526 25.64 -39.04 -11.21
C ILE E 526 25.70 -37.97 -12.29
N LYS E 527 26.46 -36.91 -12.05
CA LYS E 527 26.51 -35.80 -13.00
C LYS E 527 27.29 -36.18 -14.24
N GLY E 528 28.46 -36.80 -14.06
CA GLY E 528 29.33 -37.10 -15.18
C GLY E 528 30.28 -35.97 -15.50
N PHE E 529 31.57 -36.30 -15.63
CA PHE E 529 32.59 -35.30 -15.88
C PHE E 529 33.70 -35.91 -16.73
N ARG E 530 34.48 -35.04 -17.36
CA ARG E 530 35.66 -35.49 -18.07
C ARG E 530 36.69 -36.02 -17.09
N LEU E 531 37.53 -36.94 -17.55
CA LEU E 531 38.50 -37.61 -16.69
C LEU E 531 39.87 -37.62 -17.35
N ASP E 532 40.90 -37.32 -16.54
CA ASP E 532 42.29 -37.39 -16.98
C ASP E 532 42.56 -36.52 -18.20
N GLY E 533 41.94 -35.34 -18.23
CA GLY E 533 42.12 -34.41 -19.32
C GLY E 533 41.31 -34.70 -20.56
N SER E 534 40.47 -35.73 -20.53
CA SER E 534 39.66 -36.08 -21.69
C SER E 534 38.19 -36.18 -21.31
N ALA E 548 27.32 -30.11 -22.07
CA ALA E 548 28.65 -30.61 -21.75
C ALA E 548 29.19 -29.96 -20.49
N PRO E 549 29.46 -30.76 -19.46
CA PRO E 549 30.00 -30.20 -18.22
C PRO E 549 31.40 -29.64 -18.42
N GLY E 550 31.71 -28.61 -17.64
CA GLY E 550 33.02 -28.01 -17.67
C GLY E 550 34.01 -28.77 -16.82
N PRO E 551 35.20 -28.21 -16.64
CA PRO E 551 36.19 -28.87 -15.77
C PRO E 551 35.73 -28.86 -14.33
N TYR E 552 36.26 -29.82 -13.57
CA TYR E 552 35.86 -29.96 -12.16
C TYR E 552 36.21 -28.69 -11.40
N PRO E 553 35.25 -28.07 -10.71
CA PRO E 553 35.50 -26.80 -10.01
C PRO E 553 36.14 -27.00 -8.64
N LEU E 554 37.31 -27.61 -8.62
CA LEU E 554 38.06 -27.83 -7.38
C LEU E 554 39.30 -26.96 -7.29
N LEU E 555 40.11 -26.92 -8.35
CA LEU E 555 41.31 -26.07 -8.33
C LEU E 555 40.93 -24.60 -8.27
N ASP E 556 39.89 -24.20 -9.00
CA ASP E 556 39.45 -22.80 -8.96
C ASP E 556 38.99 -22.41 -7.56
N TYR E 557 38.23 -23.29 -6.90
CA TYR E 557 37.79 -23.01 -5.55
C TYR E 557 38.98 -22.85 -4.61
N LEU E 558 39.98 -23.73 -4.74
CA LEU E 558 41.16 -23.65 -3.88
C LEU E 558 41.93 -22.35 -4.13
N ARG E 559 42.08 -21.96 -5.39
CA ARG E 559 42.80 -20.72 -5.71
C ARG E 559 42.06 -19.50 -5.19
N GLU E 560 40.74 -19.47 -5.33
CA GLU E 560 39.98 -18.30 -4.90
C GLU E 560 39.89 -18.19 -3.38
N GLY E 561 40.23 -19.24 -2.65
CA GLY E 561 40.17 -19.23 -1.20
C GLY E 561 38.97 -19.90 -0.57
N VAL E 562 38.08 -20.49 -1.36
CA VAL E 562 36.94 -21.20 -0.81
C VAL E 562 37.43 -22.43 -0.06
N ARG E 563 36.73 -22.77 1.02
CA ARG E 563 37.13 -23.88 1.89
C ARG E 563 36.43 -25.14 1.41
N VAL E 564 37.13 -25.92 0.59
CA VAL E 564 36.57 -27.12 -0.02
C VAL E 564 37.05 -28.35 0.75
N THR E 565 36.26 -29.41 0.69
CA THR E 565 36.59 -30.66 1.36
C THR E 565 36.28 -31.82 0.42
N VAL E 566 36.90 -32.96 0.69
CA VAL E 566 36.70 -34.18 -0.08
C VAL E 566 36.12 -35.23 0.84
N ASN E 567 34.99 -35.82 0.44
CA ASN E 567 34.30 -36.80 1.26
C ASN E 567 33.97 -38.04 0.43
N THR E 568 33.19 -38.97 1.00
CA THR E 568 32.86 -40.22 0.33
C THR E 568 31.39 -40.39 0.03
N ASP E 569 30.52 -39.57 0.62
CA ASP E 569 29.08 -39.67 0.41
C ASP E 569 28.57 -41.05 0.84
N ASN E 570 28.31 -41.92 -0.14
CA ASN E 570 27.84 -43.27 0.11
C ASN E 570 28.98 -44.25 -0.14
N ILE E 571 29.38 -44.98 0.90
CA ILE E 571 30.49 -45.91 0.78
C ILE E 571 30.12 -47.15 -0.03
N GLY E 572 28.97 -47.75 0.22
CA GLY E 572 28.61 -49.00 -0.42
C GLY E 572 28.02 -48.82 -1.81
N ILE E 573 27.16 -47.81 -1.97
CA ILE E 573 26.51 -47.60 -3.25
C ILE E 573 27.53 -47.21 -4.32
N SER E 574 28.43 -46.28 -3.99
CA SER E 574 29.44 -45.84 -4.94
C SER E 574 30.66 -46.75 -5.00
N ALA E 575 30.79 -47.68 -4.06
CA ALA E 575 31.89 -48.65 -4.02
C ALA E 575 33.25 -47.95 -4.06
N ALA E 576 33.47 -47.12 -3.05
CA ALA E 576 34.74 -46.40 -2.94
C ALA E 576 34.94 -45.95 -1.50
N SER E 577 36.20 -45.69 -1.16
CA SER E 577 36.58 -45.22 0.16
C SER E 577 37.13 -43.80 0.06
N LEU E 578 37.59 -43.28 1.20
CA LEU E 578 38.15 -41.93 1.23
C LEU E 578 39.44 -41.84 0.41
N THR E 579 40.31 -42.84 0.53
CA THR E 579 41.56 -42.82 -0.22
C THR E 579 41.32 -42.86 -1.72
N ASP E 580 40.42 -43.73 -2.16
CA ASP E 580 40.09 -43.80 -3.57
C ASP E 580 39.44 -42.51 -4.05
N ASN E 581 38.63 -41.88 -3.19
CA ASN E 581 38.03 -40.61 -3.55
C ASN E 581 39.09 -39.52 -3.73
N LEU E 582 40.08 -39.49 -2.84
CA LEU E 582 41.16 -38.50 -2.99
C LEU E 582 41.97 -38.76 -4.24
N LEU E 583 42.27 -40.03 -4.54
CA LEU E 583 43.02 -40.33 -5.75
C LEU E 583 42.23 -39.96 -7.01
N LEU E 584 40.94 -40.24 -7.02
CA LEU E 584 40.11 -39.85 -8.16
C LEU E 584 40.01 -38.34 -8.29
N ALA E 585 39.96 -37.63 -7.16
CA ALA E 585 39.97 -36.17 -7.21
C ALA E 585 41.28 -35.66 -7.80
N ALA E 586 42.40 -36.29 -7.44
CA ALA E 586 43.68 -35.93 -8.03
C ALA E 586 43.67 -36.17 -9.54
N ARG E 587 43.08 -37.29 -9.97
CA ARG E 587 43.01 -37.58 -11.41
C ARG E 587 42.11 -36.58 -12.14
N LEU E 588 41.00 -36.18 -11.50
CA LEU E 588 40.02 -35.34 -12.18
C LEU E 588 40.60 -33.98 -12.56
N CYS E 589 41.36 -33.37 -11.65
CA CYS E 589 41.94 -32.07 -11.91
C CYS E 589 43.44 -32.21 -12.09
N PRO E 590 43.95 -32.14 -13.32
CA PRO E 590 45.39 -32.30 -13.53
C PRO E 590 46.17 -31.16 -12.88
N GLY E 591 47.40 -31.49 -12.46
CA GLY E 591 48.26 -30.53 -11.81
C GLY E 591 48.03 -30.36 -10.33
N LEU E 592 47.24 -31.23 -9.70
CA LEU E 592 46.98 -31.12 -8.28
C LEU E 592 48.20 -31.59 -7.49
N THR E 593 48.71 -30.73 -6.60
CA THR E 593 49.92 -31.02 -5.86
C THR E 593 49.59 -31.77 -4.57
N ARG E 594 50.65 -32.23 -3.89
CA ARG E 594 50.48 -32.93 -2.62
C ARG E 594 50.19 -31.96 -1.47
N LEU E 595 50.66 -30.72 -1.58
CA LEU E 595 50.39 -29.73 -0.53
C LEU E 595 48.90 -29.45 -0.41
N ASP E 596 48.19 -29.44 -1.54
CA ASP E 596 46.76 -29.16 -1.52
C ASP E 596 45.98 -30.21 -0.75
N LEU E 597 46.48 -31.44 -0.65
CA LEU E 597 45.83 -32.43 0.20
C LEU E 597 45.85 -31.98 1.66
N LEU E 598 47.00 -31.49 2.12
CA LEU E 598 47.08 -30.96 3.47
C LEU E 598 46.22 -29.70 3.63
N HIS E 599 46.14 -28.88 2.58
CA HIS E 599 45.24 -27.74 2.63
C HIS E 599 43.79 -28.18 2.81
N LEU E 600 43.39 -29.23 2.07
CA LEU E 600 42.03 -29.76 2.21
C LEU E 600 41.79 -30.31 3.60
N GLN E 601 42.78 -31.01 4.16
CA GLN E 601 42.63 -31.54 5.52
C GLN E 601 42.49 -30.40 6.53
N ARG E 602 43.27 -29.33 6.38
CA ARG E 602 43.13 -28.18 7.26
C ARG E 602 41.75 -27.55 7.13
N HIS E 603 41.26 -27.40 5.90
CA HIS E 603 39.94 -26.83 5.69
C HIS E 603 38.86 -27.70 6.33
N ALA E 604 38.99 -29.02 6.19
CA ALA E 604 38.03 -29.92 6.81
C ALA E 604 38.07 -29.82 8.34
N LEU E 605 39.28 -29.71 8.91
CA LEU E 605 39.40 -29.59 10.35
C LEU E 605 38.77 -28.29 10.86
N GLU E 606 38.99 -27.19 10.15
CA GLU E 606 38.55 -25.90 10.66
C GLU E 606 37.03 -25.77 10.66
N THR E 607 36.35 -26.38 9.69
CA THR E 607 34.91 -26.21 9.52
C THR E 607 34.10 -27.32 10.17
N ALA E 608 34.69 -28.09 11.07
CA ALA E 608 33.96 -29.16 11.74
C ALA E 608 33.02 -28.57 12.80
N PHE E 609 32.33 -29.45 13.52
CA PHE E 609 31.34 -29.04 14.51
C PHE E 609 31.77 -29.42 15.93
N CYS E 610 33.07 -29.45 16.19
CA CYS E 610 33.59 -29.78 17.51
C CYS E 610 33.83 -28.50 18.30
N THR E 611 34.46 -28.62 19.47
CA THR E 611 34.76 -27.49 20.33
C THR E 611 36.22 -27.08 20.19
N ALA E 612 36.57 -25.99 20.85
CA ALA E 612 37.91 -25.41 20.71
C ALA E 612 38.98 -26.37 21.24
N THR E 613 38.73 -26.98 22.40
CA THR E 613 39.69 -27.93 22.94
C THR E 613 39.86 -29.13 22.02
N GLN E 614 38.74 -29.67 21.53
CA GLN E 614 38.81 -30.77 20.57
C GLN E 614 39.52 -30.32 19.29
N ARG E 615 39.26 -29.09 18.86
CA ARG E 615 39.91 -28.57 17.66
C ARG E 615 41.43 -28.54 17.84
N LEU E 616 41.89 -28.04 18.99
CA LEU E 616 43.33 -27.98 19.25
C LEU E 616 43.94 -29.37 19.33
N THR E 617 43.26 -30.30 20.01
CA THR E 617 43.77 -31.66 20.10
C THR E 617 43.89 -32.30 18.72
N LEU E 618 42.86 -32.16 17.90
CA LEU E 618 42.90 -32.72 16.55
C LEU E 618 43.98 -32.05 15.71
N LEU E 619 44.15 -30.74 15.87
CA LEU E 619 45.19 -30.04 15.11
C LEU E 619 46.57 -30.55 15.47
N ARG E 620 46.84 -30.72 16.77
CA ARG E 620 48.14 -31.26 17.16
C ARG E 620 48.31 -32.69 16.66
N ARG E 621 47.25 -33.50 16.72
CA ARG E 621 47.35 -34.88 16.26
C ARG E 621 47.67 -34.94 14.77
N ILE E 622 46.98 -34.16 13.96
CA ILE E 622 47.22 -34.18 12.51
C ILE E 622 48.59 -33.60 12.19
N SER E 623 49.01 -32.57 12.93
CA SER E 623 50.33 -32.00 12.71
C SER E 623 51.43 -33.00 13.00
N SER E 624 51.28 -33.78 14.06
CA SER E 624 52.29 -34.76 14.44
C SER E 624 52.13 -36.10 13.72
N GLY E 625 51.06 -36.29 12.95
CA GLY E 625 50.84 -37.56 12.29
C GLY E 625 51.21 -37.63 10.82
N ILE E 626 51.79 -36.56 10.28
CA ILE E 626 52.11 -36.52 8.84
C ILE E 626 53.37 -37.33 8.56
N PRO E 627 53.31 -38.34 7.70
CA PRO E 627 54.51 -39.10 7.36
C PRO E 627 55.38 -38.36 6.34
N ARG E 628 56.69 -38.34 6.59
CA ARG E 628 57.62 -37.77 5.64
C ARG E 628 57.84 -38.72 4.47
N PRO E 629 58.26 -38.20 3.30
CA PRO E 629 58.52 -39.07 2.15
C PRO E 629 59.68 -40.03 2.38
N LEU F 221 55.23 -25.20 19.52
CA LEU F 221 55.47 -25.06 18.09
C LEU F 221 54.20 -25.15 17.23
N PRO F 222 53.39 -26.21 17.38
CA PRO F 222 52.19 -26.31 16.53
C PRO F 222 51.17 -25.22 16.78
N GLU F 223 51.20 -24.56 17.94
CA GLU F 223 50.24 -23.52 18.29
C GLU F 223 50.84 -22.12 18.16
N LEU F 224 51.90 -21.99 17.35
CA LEU F 224 52.53 -20.69 17.16
C LEU F 224 51.71 -19.85 16.18
N PRO F 225 51.37 -18.61 16.52
CA PRO F 225 50.55 -17.81 15.61
C PRO F 225 51.16 -17.59 14.24
N PHE F 226 52.48 -17.44 14.17
CA PHE F 226 53.19 -17.25 12.91
C PHE F 226 54.14 -18.40 12.66
N ALA F 227 54.56 -18.55 11.39
CA ALA F 227 55.42 -19.64 10.99
C ALA F 227 56.90 -19.27 11.05
N ASP F 228 57.24 -17.99 10.93
CA ASP F 228 58.65 -17.58 10.98
C ASP F 228 59.24 -17.82 12.36
N LEU F 229 58.43 -17.70 13.41
CA LEU F 229 58.93 -17.83 14.77
C LEU F 229 59.50 -19.22 15.04
N ALA F 230 59.18 -20.21 14.21
CA ALA F 230 59.77 -21.54 14.35
C ALA F 230 61.26 -21.54 14.12
N THR F 231 61.83 -20.50 13.51
CA THR F 231 63.26 -20.41 13.28
C THR F 231 63.99 -19.72 14.42
N TRP F 232 63.29 -19.31 15.47
CA TRP F 232 63.92 -18.67 16.61
C TRP F 232 64.56 -19.71 17.53
N SER F 233 65.49 -19.24 18.37
CA SER F 233 66.20 -20.14 19.27
C SER F 233 65.31 -20.52 20.45
N GLU F 234 65.75 -21.56 21.18
CA GLU F 234 65.00 -22.02 22.33
C GLU F 234 64.91 -20.97 23.43
N GLY F 235 66.02 -20.29 23.72
CA GLY F 235 65.98 -19.21 24.69
C GLY F 235 65.09 -18.06 24.29
N GLU F 236 65.05 -17.74 23.00
CA GLU F 236 64.15 -16.70 22.51
C GLU F 236 62.70 -17.10 22.73
N LEU F 237 62.35 -18.38 22.47
CA LEU F 237 61.00 -18.84 22.75
C LEU F 237 60.69 -18.79 24.24
N ALA F 238 61.65 -19.17 25.08
CA ALA F 238 61.43 -19.11 26.53
C ALA F 238 61.19 -17.68 26.97
N TRP F 239 61.94 -16.72 26.42
CA TRP F 239 61.68 -15.32 26.71
C TRP F 239 60.28 -14.91 26.23
N LEU F 240 59.90 -15.36 25.05
CA LEU F 240 58.57 -15.05 24.50
C LEU F 240 57.44 -15.61 25.36
N ARG F 241 57.68 -16.71 26.07
CA ARG F 241 56.66 -17.35 26.89
C ARG F 241 56.68 -16.83 28.33
N GLU F 242 57.13 -15.59 28.53
CA GLU F 242 57.22 -15.02 29.86
C GLU F 242 56.25 -13.85 30.02
N PRO F 243 55.83 -13.56 31.25
CA PRO F 243 54.98 -12.38 31.47
C PRO F 243 55.70 -11.10 31.06
N LEU F 244 54.92 -10.13 30.58
CA LEU F 244 55.47 -8.89 30.05
C LEU F 244 55.46 -7.80 31.12
N ASP F 245 56.61 -7.14 31.29
CA ASP F 245 56.72 -6.04 32.23
C ASP F 245 56.45 -4.74 31.49
N PRO F 246 55.35 -4.04 31.80
CA PRO F 246 55.01 -2.83 31.03
C PRO F 246 55.90 -1.63 31.32
N ARG F 247 56.66 -1.66 32.41
CA ARG F 247 57.50 -0.52 32.81
C ARG F 247 58.97 -0.74 32.50
N ALA F 248 59.30 -1.76 31.71
CA ALA F 248 60.67 -2.03 31.30
C ALA F 248 60.97 -1.29 30.00
N PRO F 249 62.03 -0.48 29.95
CA PRO F 249 62.33 0.24 28.69
C PRO F 249 62.54 -0.67 27.50
N ALA F 250 63.16 -1.83 27.70
CA ALA F 250 63.38 -2.76 26.60
C ALA F 250 62.06 -3.22 26.00
N ASP F 251 61.09 -3.57 26.85
CA ASP F 251 59.78 -3.95 26.37
C ASP F 251 59.10 -2.80 25.65
N GLN F 252 59.26 -1.58 26.15
CA GLN F 252 58.68 -0.41 25.51
C GLN F 252 59.22 -0.26 24.09
N ARG F 253 60.55 -0.34 23.93
CA ARG F 253 61.13 -0.22 22.60
C ARG F 253 60.71 -1.37 21.70
N TRP F 254 60.64 -2.59 22.25
CA TRP F 254 60.21 -3.75 21.49
C TRP F 254 58.81 -3.56 20.92
N VAL F 255 57.88 -3.12 21.77
CA VAL F 255 56.51 -2.89 21.34
C VAL F 255 56.47 -1.76 20.33
N ALA F 256 57.31 -0.75 20.54
CA ALA F 256 57.38 0.36 19.59
C ALA F 256 57.82 -0.10 18.21
N GLY F 257 58.72 -1.08 18.14
CA GLY F 257 59.19 -1.57 16.86
C GLY F 257 58.29 -2.53 16.15
N LEU F 258 57.22 -2.99 16.79
CA LEU F 258 56.34 -3.97 16.19
C LEU F 258 55.47 -3.34 15.10
N PRO F 259 55.35 -3.97 13.93
CA PRO F 259 54.34 -3.53 12.96
C PRO F 259 52.94 -3.90 13.43
N LYS F 260 51.99 -3.00 13.22
CA LYS F 260 50.67 -3.12 13.83
C LYS F 260 49.58 -2.95 12.78
N ILE F 261 48.37 -3.36 13.17
CA ILE F 261 47.18 -3.25 12.36
C ILE F 261 46.11 -2.58 13.20
N GLU F 262 45.45 -1.57 12.65
CA GLU F 262 44.54 -0.72 13.40
C GLU F 262 43.17 -0.75 12.73
N LEU F 263 42.11 -0.92 13.53
CA LEU F 263 40.78 -1.17 12.98
C LEU F 263 39.65 -0.31 13.55
N HIS F 264 39.90 0.52 14.57
CA HIS F 264 38.86 1.35 15.16
C HIS F 264 39.43 2.74 15.41
N CYS F 265 39.29 3.62 14.42
CA CYS F 265 39.81 4.97 14.50
C CYS F 265 38.77 5.94 13.97
N HIS F 266 38.79 7.16 14.49
CA HIS F 266 37.86 8.21 14.09
C HIS F 266 38.65 9.39 13.53
N LEU F 267 38.26 9.86 12.35
CA LEU F 267 38.94 10.98 11.73
C LEU F 267 38.63 12.29 12.46
N GLY F 268 37.47 12.40 13.07
CA GLY F 268 37.05 13.62 13.73
C GLY F 268 37.55 13.81 15.14
N GLY F 269 38.48 12.98 15.60
CA GLY F 269 39.01 13.10 16.95
C GLY F 269 40.51 12.97 17.03
N PHE F 270 41.22 13.40 15.99
CA PHE F 270 42.67 13.22 15.93
C PHE F 270 43.44 14.30 16.69
N ALA F 271 43.24 15.56 16.31
CA ALA F 271 44.00 16.67 16.87
C ALA F 271 43.03 17.63 17.55
N THR F 272 42.86 17.47 18.86
CA THR F 272 41.96 18.31 19.63
C THR F 272 42.68 19.22 20.62
N HIS F 273 43.99 19.10 20.78
CA HIS F 273 44.73 19.91 21.72
C HIS F 273 46.17 20.08 21.22
N GLY F 274 46.83 21.12 21.72
CA GLY F 274 48.24 21.30 21.49
C GLY F 274 48.65 21.90 20.17
N GLU F 275 49.89 21.60 19.75
CA GLU F 275 50.45 22.20 18.54
C GLU F 275 49.68 21.79 17.29
N LEU F 276 49.26 20.53 17.22
CA LEU F 276 48.57 20.04 16.03
C LEU F 276 47.30 20.82 15.75
N LEU F 277 46.62 21.29 16.80
CA LEU F 277 45.46 22.16 16.59
C LEU F 277 45.86 23.44 15.87
N ARG F 278 46.97 24.05 16.28
CA ARG F 278 47.45 25.25 15.61
C ARG F 278 47.81 24.95 14.16
N ARG F 279 48.49 23.82 13.92
CA ARG F 279 48.88 23.47 12.56
C ARG F 279 47.65 23.27 11.67
N VAL F 280 46.61 22.64 12.20
CA VAL F 280 45.39 22.46 11.43
C VAL F 280 44.71 23.80 11.16
N ARG F 281 44.57 24.63 12.20
CA ARG F 281 43.89 25.91 12.06
C ARG F 281 44.65 26.89 11.18
N ASN F 282 45.96 26.71 10.99
CA ASN F 282 46.75 27.64 10.19
C ASN F 282 46.66 27.37 8.69
N ALA F 283 45.92 26.35 8.27
CA ALA F 283 45.85 25.99 6.85
C ALA F 283 44.45 26.17 6.28
N ALA F 284 43.58 26.90 6.98
CA ALA F 284 42.22 27.11 6.49
C ALA F 284 42.21 28.00 5.25
N GLU F 285 41.28 27.70 4.35
CA GLU F 285 41.15 28.49 3.12
C GLU F 285 40.50 29.84 3.38
N ASN F 286 39.64 29.93 4.40
CA ASN F 286 38.90 31.15 4.73
C ASN F 286 39.18 31.49 6.18
N PRO F 287 40.29 32.16 6.47
CA PRO F 287 40.65 32.44 7.88
C PRO F 287 39.64 33.29 8.62
N GLY F 288 38.83 34.09 7.92
CA GLY F 288 37.88 34.95 8.58
C GLY F 288 36.70 34.22 9.21
N LYS F 289 36.44 32.98 8.80
CA LYS F 289 35.33 32.21 9.33
C LYS F 289 35.73 31.24 10.42
N LEU F 290 37.00 31.24 10.83
CA LEU F 290 37.45 30.30 11.85
C LEU F 290 36.86 30.67 13.21
N PRO F 291 36.29 29.72 13.94
CA PRO F 291 35.75 30.01 15.27
C PRO F 291 36.86 30.33 16.25
N PRO F 292 36.57 31.07 17.32
CA PRO F 292 37.62 31.42 18.28
C PRO F 292 38.22 30.19 18.95
N LEU F 293 39.51 30.29 19.27
CA LEU F 293 40.24 29.19 19.88
C LEU F 293 39.81 29.07 21.34
N GLU F 294 39.31 27.90 21.72
CA GLU F 294 38.89 27.62 23.09
C GLU F 294 39.18 26.16 23.37
N GLU F 295 40.32 25.88 23.98
CA GLU F 295 40.69 24.51 24.31
C GLU F 295 40.00 24.08 25.59
N PRO F 296 39.20 23.01 25.57
CA PRO F 296 38.62 22.51 26.82
C PRO F 296 39.69 22.00 27.77
N ARG F 297 39.40 22.09 29.07
CA ARG F 297 40.35 21.71 30.11
C ARG F 297 40.14 20.25 30.46
N LEU F 298 41.21 19.47 30.42
CA LEU F 298 41.11 18.04 30.70
C LEU F 298 40.97 17.80 32.20
N PRO F 299 40.31 16.71 32.60
CA PRO F 299 40.16 16.42 34.04
C PRO F 299 41.47 16.03 34.70
N GLU F 300 41.41 15.70 35.99
CA GLU F 300 42.62 15.41 36.76
C GLU F 300 43.31 14.16 36.24
N GLY F 301 44.57 14.32 35.84
CA GLY F 301 45.35 13.24 35.27
C GLY F 301 44.62 12.50 34.17
N TRP F 302 44.29 13.21 33.10
CA TRP F 302 43.38 12.68 32.07
C TRP F 302 43.82 11.35 31.48
N PRO F 303 45.11 11.09 31.20
CA PRO F 303 45.47 9.75 30.69
C PRO F 303 45.04 8.63 31.61
N LEU F 304 45.08 8.82 32.92
CA LEU F 304 44.63 7.81 33.89
C LEU F 304 43.80 8.47 34.97
N PRO F 305 42.55 8.84 34.65
CA PRO F 305 41.70 9.50 35.64
C PRO F 305 41.34 8.57 36.78
N ALA F 306 41.12 9.17 37.95
CA ALA F 306 40.78 8.40 39.14
C ALA F 306 39.29 8.10 39.25
N GLN F 307 38.46 8.71 38.42
CA GLN F 307 37.02 8.48 38.47
C GLN F 307 36.43 8.43 37.07
N PRO F 308 35.64 7.41 36.75
CA PRO F 308 35.00 7.36 35.43
C PRO F 308 34.04 8.52 35.23
N ILE F 309 33.96 8.99 33.99
CA ILE F 309 33.08 10.11 33.64
C ILE F 309 32.03 9.61 32.65
N PRO F 310 30.86 10.23 32.59
CA PRO F 310 29.86 9.82 31.58
C PRO F 310 30.31 10.20 30.18
N LEU F 311 29.63 9.60 29.21
CA LEU F 311 30.03 9.73 27.81
C LEU F 311 29.87 11.16 27.30
N ALA F 312 28.93 11.92 27.87
CA ALA F 312 28.65 13.26 27.36
C ALA F 312 29.88 14.16 27.46
N GLU F 313 30.49 14.24 28.63
CA GLU F 313 31.69 15.07 28.78
C GLU F 313 32.85 14.51 27.97
N TYR F 314 32.94 13.20 27.82
CA TYR F 314 33.98 12.62 26.98
C TYR F 314 33.86 13.11 25.55
N MET F 315 32.63 13.13 25.00
CA MET F 315 32.43 13.67 23.66
C MET F 315 32.69 15.16 23.63
N LYS F 316 32.26 15.89 24.66
CA LYS F 316 32.45 17.33 24.70
C LYS F 316 33.92 17.73 24.78
N LEU F 317 34.78 16.85 25.29
CA LEU F 317 36.20 17.18 25.43
C LEU F 317 36.87 17.48 24.09
N GLY F 318 36.28 17.04 22.98
CA GLY F 318 36.88 17.27 21.68
C GLY F 318 36.12 18.29 20.85
N ASN F 319 35.66 19.37 21.47
CA ASN F 319 34.86 20.38 20.80
C ASN F 319 35.70 21.38 20.03
N ALA F 320 37.03 21.34 20.15
CA ALA F 320 37.90 22.26 19.45
C ALA F 320 38.25 21.81 18.05
N ASN F 321 37.83 20.60 17.65
CA ASN F 321 38.11 20.09 16.31
C ASN F 321 37.08 19.03 16.00
N GLY F 322 36.30 19.25 14.94
CA GLY F 322 35.23 18.35 14.58
C GLY F 322 34.33 18.97 13.52
N THR F 323 33.02 18.96 13.77
CA THR F 323 32.09 19.61 12.85
C THR F 323 32.38 21.10 12.73
N ALA F 324 32.88 21.72 13.79
CA ALA F 324 33.10 23.16 13.78
C ALA F 324 34.22 23.55 12.83
N LEU F 325 35.31 22.78 12.80
CA LEU F 325 36.50 23.18 12.06
C LEU F 325 36.66 22.48 10.72
N LEU F 326 36.03 21.33 10.51
CA LEU F 326 36.26 20.54 9.31
C LEU F 326 35.31 20.90 8.17
N ARG F 327 34.68 22.07 8.22
CA ARG F 327 33.85 22.53 7.11
C ARG F 327 34.62 23.36 6.10
N ASP F 328 35.89 23.67 6.37
CA ASP F 328 36.78 24.34 5.43
C ASP F 328 37.52 23.32 4.60
N PRO F 329 37.47 23.42 3.27
CA PRO F 329 38.20 22.44 2.44
C PRO F 329 39.69 22.37 2.74
N GLY F 330 40.31 23.48 3.13
CA GLY F 330 41.73 23.47 3.42
C GLY F 330 42.08 22.63 4.64
N CYS F 331 41.25 22.71 5.69
CA CYS F 331 41.56 22.02 6.93
C CYS F 331 41.49 20.51 6.77
N LEU F 332 40.56 20.01 5.95
CA LEU F 332 40.35 18.57 5.84
C LEU F 332 41.59 17.86 5.28
N ARG F 333 42.19 18.42 4.23
CA ARG F 333 43.36 17.80 3.63
C ARG F 333 44.54 17.78 4.61
N GLU F 334 44.74 18.89 5.34
CA GLU F 334 45.82 18.94 6.31
C GLU F 334 45.61 17.94 7.43
N GLN F 335 44.36 17.80 7.90
CA GLN F 335 44.07 16.82 8.93
C GLN F 335 44.36 15.41 8.43
N CYS F 336 43.96 15.11 7.19
CA CYS F 336 44.24 13.79 6.63
C CYS F 336 45.74 13.53 6.53
N ARG F 337 46.50 14.53 6.08
CA ARG F 337 47.95 14.36 5.95
C ARG F 337 48.60 14.15 7.31
N LEU F 338 48.17 14.90 8.32
CA LEU F 338 48.73 14.74 9.65
C LEU F 338 48.41 13.37 10.22
N LEU F 339 47.18 12.90 10.02
CA LEU F 339 46.81 11.56 10.49
C LEU F 339 47.65 10.49 9.80
N TYR F 340 47.86 10.63 8.49
CA TYR F 340 48.68 9.65 7.78
C TYR F 340 50.11 9.67 8.28
N ARG F 341 50.66 10.86 8.54
CA ARG F 341 52.02 10.95 9.06
C ARG F 341 52.12 10.28 10.43
N HIS F 342 51.14 10.51 11.30
CA HIS F 342 51.16 9.88 12.61
C HIS F 342 51.06 8.36 12.49
N LEU F 343 50.20 7.88 11.60
CA LEU F 343 50.06 6.43 11.41
C LEU F 343 51.36 5.82 10.90
N VAL F 344 52.03 6.50 9.97
CA VAL F 344 53.32 6.01 9.47
C VAL F 344 54.35 6.01 10.59
N ASP F 345 54.36 7.05 11.42
CA ASP F 345 55.32 7.11 12.52
C ASP F 345 55.11 5.97 13.51
N GLN F 346 53.85 5.65 13.81
CA GLN F 346 53.59 4.55 14.75
C GLN F 346 54.03 3.21 14.19
N GLY F 347 54.16 3.09 12.87
CA GLY F 347 54.53 1.84 12.25
C GLY F 347 53.38 0.97 11.81
N VAL F 348 52.16 1.49 11.77
CA VAL F 348 51.01 0.71 11.32
C VAL F 348 51.15 0.38 9.84
N CYS F 349 50.72 -0.82 9.47
CA CYS F 349 50.79 -1.26 8.08
C CYS F 349 49.42 -1.36 7.41
N TYR F 350 48.34 -1.20 8.16
CA TYR F 350 47.00 -1.26 7.59
C TYR F 350 46.03 -0.62 8.58
N ALA F 351 45.24 0.34 8.11
CA ALA F 351 44.29 1.05 8.96
C ALA F 351 42.99 1.23 8.21
N GLU F 352 41.91 1.41 8.97
CA GLU F 352 40.57 1.61 8.43
C GLU F 352 39.93 2.78 9.17
N VAL F 353 40.12 3.99 8.63
CA VAL F 353 39.56 5.18 9.25
C VAL F 353 38.05 5.22 9.02
N ARG F 354 37.32 5.69 10.03
CA ARG F 354 35.87 5.80 9.97
C ARG F 354 35.46 7.26 10.00
N CYS F 355 34.63 7.67 9.03
CA CYS F 355 34.22 9.06 8.93
C CYS F 355 32.77 9.15 8.51
N SER F 356 32.15 10.28 8.82
CA SER F 356 30.78 10.58 8.43
C SER F 356 30.78 11.80 7.53
N PRO F 357 30.75 11.62 6.22
CA PRO F 357 30.89 12.78 5.31
C PRO F 357 29.78 13.80 5.45
N ALA F 358 28.56 13.39 5.80
CA ALA F 358 27.44 14.32 5.82
C ALA F 358 27.58 15.37 6.91
N ASN F 359 28.30 15.07 7.98
CA ASN F 359 28.46 16.03 9.07
C ASN F 359 29.19 17.28 8.60
N TYR F 360 30.27 17.11 7.84
CA TYR F 360 31.06 18.24 7.35
C TYR F 360 30.60 18.71 5.98
N ALA F 361 29.31 18.98 5.83
CA ALA F 361 28.75 19.36 4.55
C ALA F 361 27.55 20.26 4.78
N GLU F 362 27.73 21.57 4.60
CA GLU F 362 26.63 22.53 4.70
C GLU F 362 26.34 23.19 3.36
N VAL F 363 27.33 23.81 2.74
CA VAL F 363 27.14 24.38 1.41
C VAL F 363 27.53 23.41 0.30
N ARG F 364 28.36 22.43 0.60
CA ARG F 364 28.74 21.40 -0.35
C ARG F 364 27.86 20.17 -0.16
N SER F 365 28.09 19.17 -0.97
CA SER F 365 27.36 17.92 -0.85
C SER F 365 28.25 16.86 -0.20
N PRO F 366 27.65 15.85 0.44
CA PRO F 366 28.48 14.81 1.06
C PRO F 366 29.39 14.10 0.07
N TRP F 367 28.97 13.97 -1.20
CA TRP F 367 29.82 13.35 -2.20
C TRP F 367 31.11 14.12 -2.39
N ASP F 368 31.04 15.46 -2.37
CA ASP F 368 32.25 16.26 -2.51
C ASP F 368 33.20 16.02 -1.34
N VAL F 369 32.66 15.94 -0.12
CA VAL F 369 33.49 15.67 1.05
C VAL F 369 34.16 14.31 0.95
N LEU F 370 33.40 13.29 0.55
CA LEU F 370 33.96 11.95 0.40
C LEU F 370 35.06 11.94 -0.67
N ALA F 371 34.82 12.62 -1.79
CA ALA F 371 35.82 12.69 -2.85
C ALA F 371 37.09 13.39 -2.38
N ASP F 372 36.94 14.47 -1.62
CA ASP F 372 38.10 15.18 -1.10
C ASP F 372 38.91 14.29 -0.16
N ILE F 373 38.23 13.58 0.74
CA ILE F 373 38.93 12.70 1.68
C ILE F 373 39.68 11.61 0.93
N ARG F 374 39.01 10.97 -0.04
CA ARG F 374 39.64 9.90 -0.79
C ARG F 374 40.83 10.42 -1.58
N ALA F 375 40.68 11.59 -2.22
CA ALA F 375 41.78 12.14 -3.00
C ALA F 375 42.99 12.44 -2.12
N ALA F 376 42.76 13.05 -0.95
CA ALA F 376 43.87 13.36 -0.06
C ALA F 376 44.58 12.09 0.40
N PHE F 377 43.82 11.08 0.82
CA PHE F 377 44.44 9.86 1.30
C PHE F 377 45.20 9.15 0.19
N GLN F 378 44.63 9.10 -1.02
CA GLN F 378 45.32 8.43 -2.12
C GLN F 378 46.57 9.20 -2.54
N GLU F 379 46.53 10.52 -2.51
CA GLU F 379 47.72 11.31 -2.81
C GLU F 379 48.82 11.02 -1.81
N CYS F 380 48.48 10.97 -0.52
CA CYS F 380 49.49 10.63 0.48
C CYS F 380 50.04 9.22 0.27
N MET F 381 49.15 8.27 -0.04
CA MET F 381 49.57 6.89 -0.24
C MET F 381 50.54 6.76 -1.41
N GLU F 382 50.24 7.43 -2.52
CA GLU F 382 51.17 7.40 -3.65
C GLU F 382 52.45 8.15 -3.34
N GLY F 383 52.37 9.23 -2.55
CA GLY F 383 53.55 9.98 -2.21
C GLY F 383 54.54 9.21 -1.35
N ALA F 384 54.04 8.39 -0.43
CA ALA F 384 54.95 7.68 0.48
C ALA F 384 55.74 6.61 -0.26
N ARG F 385 55.04 5.58 -0.75
CA ARG F 385 55.60 4.55 -1.62
C ARG F 385 56.96 4.04 -1.15
N THR F 386 56.99 3.34 -0.02
CA THR F 386 58.22 2.69 0.43
C THR F 386 58.44 1.42 -0.40
N ALA F 387 59.38 0.58 0.02
CA ALA F 387 59.78 -0.59 -0.77
C ALA F 387 59.68 -1.87 0.06
N PRO F 388 58.45 -2.33 0.35
CA PRO F 388 58.26 -3.73 0.76
C PRO F 388 58.09 -4.61 -0.48
N GLY F 389 58.45 -4.07 -1.64
CA GLY F 389 58.16 -4.67 -2.92
C GLY F 389 57.43 -3.71 -3.83
N GLY F 390 57.62 -2.41 -3.59
CA GLY F 390 56.99 -1.37 -4.38
C GLY F 390 55.69 -0.84 -3.82
N LEU F 391 55.11 -1.52 -2.84
CA LEU F 391 53.83 -1.13 -2.28
C LEU F 391 54.00 0.09 -1.37
N PRO F 392 52.93 0.84 -1.13
CA PRO F 392 53.01 1.98 -0.21
C PRO F 392 53.22 1.53 1.22
N ALA F 393 53.70 2.47 2.04
CA ALA F 393 54.04 2.14 3.42
C ALA F 393 52.82 1.72 4.22
N CYS F 394 51.70 2.42 4.06
CA CYS F 394 50.50 2.15 4.86
C CYS F 394 49.28 2.23 3.97
N HIS F 395 48.53 1.13 3.88
CA HIS F 395 47.28 1.11 3.15
C HIS F 395 46.13 1.57 4.04
N VAL F 396 45.24 2.40 3.48
CA VAL F 396 44.14 2.99 4.22
C VAL F 396 42.85 2.75 3.45
N ASN F 397 41.81 2.34 4.17
CA ASN F 397 40.47 2.15 3.61
C ASN F 397 39.49 3.04 4.37
N LEU F 398 38.21 2.91 4.05
CA LEU F 398 37.21 3.82 4.62
C LEU F 398 35.95 3.05 5.02
N ILE F 399 35.33 3.54 6.09
CA ILE F 399 34.08 3.00 6.62
C ILE F 399 33.16 4.18 6.93
N LEU F 400 31.87 4.05 6.61
CA LEU F 400 30.92 5.14 6.74
C LEU F 400 30.05 4.92 7.97
N ILE F 401 30.22 5.78 8.97
CA ILE F 401 29.38 5.77 10.17
C ILE F 401 28.11 6.54 9.89
N ALA F 402 27.13 6.41 10.78
CA ALA F 402 25.89 7.18 10.68
C ALA F 402 26.15 8.64 11.06
N THR F 403 25.08 9.44 11.06
CA THR F 403 25.17 10.85 11.37
C THR F 403 24.54 11.13 12.74
N ARG F 404 24.84 12.31 13.26
CA ARG F 404 24.36 12.72 14.58
C ARG F 404 23.11 13.58 14.53
N ARG F 405 22.89 14.31 13.42
CA ARG F 405 21.73 15.17 13.28
C ARG F 405 20.52 14.28 12.97
N ALA F 406 20.06 13.55 13.99
CA ALA F 406 18.85 12.74 13.87
C ALA F 406 17.66 13.47 14.51
N SER F 407 17.40 14.68 14.01
CA SER F 407 16.27 15.48 14.47
C SER F 407 15.01 15.25 13.64
N GLY F 408 15.14 15.23 12.33
CA GLY F 408 14.03 14.92 11.45
C GLY F 408 13.84 13.43 11.29
N ASP F 409 13.25 13.05 10.16
CA ASP F 409 13.02 11.64 9.87
C ASP F 409 14.35 10.90 9.73
N TYR F 410 14.63 10.02 10.70
CA TYR F 410 15.83 9.19 10.63
C TYR F 410 15.80 8.23 9.45
N ARG F 411 14.61 7.94 8.91
CA ARG F 411 14.51 7.08 7.74
C ARG F 411 15.27 7.68 6.56
N ALA F 412 15.08 8.98 6.32
CA ALA F 412 15.76 9.64 5.21
C ALA F 412 17.26 9.65 5.41
N ALA F 413 17.71 9.91 6.64
CA ALA F 413 19.14 9.94 6.91
C ALA F 413 19.77 8.57 6.68
N ILE F 414 19.13 7.51 7.18
CA ILE F 414 19.70 6.18 7.01
C ILE F 414 19.68 5.76 5.56
N ALA F 415 18.62 6.14 4.81
CA ALA F 415 18.55 5.80 3.40
C ALA F 415 19.63 6.51 2.61
N ARG F 416 19.84 7.79 2.87
CA ARG F 416 20.88 8.54 2.18
C ARG F 416 22.26 7.98 2.51
N HIS F 417 22.48 7.62 3.78
CA HIS F 417 23.75 7.02 4.19
C HIS F 417 24.03 5.73 3.42
N LEU F 418 23.05 4.82 3.39
CA LEU F 418 23.25 3.55 2.71
C LEU F 418 23.43 3.72 1.21
N ALA F 419 22.63 4.62 0.61
CA ALA F 419 22.76 4.86 -0.84
C ALA F 419 24.12 5.44 -1.18
N LEU F 420 24.60 6.40 -0.38
CA LEU F 420 25.93 6.95 -0.62
C LEU F 420 26.99 5.87 -0.48
N ALA F 421 26.86 5.00 0.51
CA ALA F 421 27.84 3.93 0.69
C ALA F 421 27.87 3.01 -0.52
N VAL F 422 26.69 2.62 -1.02
CA VAL F 422 26.62 1.70 -2.15
C VAL F 422 27.21 2.34 -3.40
N THR F 423 26.85 3.60 -3.66
CA THR F 423 27.36 4.29 -4.84
C THR F 423 28.87 4.46 -4.77
N ALA F 424 29.39 4.82 -3.59
CA ALA F 424 30.83 4.97 -3.44
C ALA F 424 31.55 3.64 -3.63
N ALA F 425 30.96 2.56 -3.13
CA ALA F 425 31.55 1.24 -3.33
C ALA F 425 31.60 0.89 -4.81
N GLU F 426 30.55 1.21 -5.55
CA GLU F 426 30.54 0.90 -6.98
C GLU F 426 31.50 1.79 -7.77
N HIS F 427 31.69 3.03 -7.34
CA HIS F 427 32.46 3.98 -8.15
C HIS F 427 33.95 3.63 -8.15
N TRP F 428 34.49 3.23 -7.00
CA TRP F 428 35.91 2.91 -6.88
C TRP F 428 36.08 1.39 -6.80
N ARG F 429 36.87 0.83 -7.71
CA ARG F 429 37.07 -0.60 -7.77
C ARG F 429 38.53 -1.04 -7.85
N ASP F 430 39.47 -0.14 -8.11
CA ASP F 430 40.88 -0.51 -8.16
C ASP F 430 41.31 -1.07 -6.81
N GLU F 431 41.98 -2.21 -6.83
CA GLU F 431 42.27 -2.97 -5.62
C GLU F 431 43.48 -2.46 -4.86
N ASN F 432 44.20 -1.46 -5.39
CA ASN F 432 45.37 -0.90 -4.74
C ASN F 432 45.18 0.58 -4.46
N ALA F 433 44.01 0.94 -3.94
CA ALA F 433 43.69 2.32 -3.64
C ALA F 433 42.60 2.33 -2.57
N CYS F 434 42.32 3.54 -2.06
CA CYS F 434 41.27 3.68 -1.05
C CYS F 434 39.93 3.24 -1.62
N ARG F 435 39.22 2.41 -0.87
CA ARG F 435 37.89 1.94 -1.24
C ARG F 435 37.01 1.95 -0.01
N VAL F 436 35.76 2.36 -0.19
CA VAL F 436 34.79 2.29 0.89
C VAL F 436 34.46 0.82 1.10
N VAL F 437 35.01 0.22 2.15
CA VAL F 437 34.97 -1.23 2.27
C VAL F 437 33.75 -1.75 3.01
N GLY F 438 33.10 -0.93 3.85
CA GLY F 438 31.94 -1.40 4.56
C GLY F 438 31.27 -0.26 5.29
N VAL F 439 30.02 -0.50 5.67
CA VAL F 439 29.23 0.49 6.40
C VAL F 439 29.34 0.19 7.88
N ASP F 440 29.22 1.23 8.69
CA ASP F 440 29.18 1.09 10.13
C ASP F 440 27.74 1.27 10.60
N LEU F 441 27.38 0.53 11.65
CA LEU F 441 26.04 0.60 12.24
C LEU F 441 26.17 1.20 13.63
N ALA F 442 26.02 2.53 13.70
CA ALA F 442 25.89 3.16 15.00
C ALA F 442 24.64 2.66 15.72
N GLY F 443 23.67 2.14 14.98
CA GLY F 443 22.48 1.56 15.57
C GLY F 443 21.54 2.63 16.09
N TYR F 444 21.93 3.27 17.20
CA TYR F 444 21.13 4.29 17.85
C TYR F 444 19.73 3.77 18.12
N GLU F 445 19.64 2.51 18.58
CA GLU F 445 18.39 1.78 18.61
C GLU F 445 17.46 2.30 19.71
N ASP F 446 16.90 3.49 19.49
CA ASP F 446 15.90 4.01 20.43
C ASP F 446 14.64 3.16 20.41
N GLU F 447 14.28 2.64 19.23
CA GLU F 447 13.09 1.81 19.08
C GLU F 447 13.30 0.81 17.96
N LYS F 448 12.52 -0.26 17.97
CA LYS F 448 12.63 -1.40 17.07
C LYS F 448 12.44 -0.97 15.62
N THR F 449 11.83 0.21 15.41
CA THR F 449 11.56 0.67 14.04
C THR F 449 12.81 0.71 13.19
N ARG F 450 13.92 1.23 13.73
CA ARG F 450 15.17 1.24 12.99
C ARG F 450 15.63 -0.18 12.67
N ALA F 451 15.43 -1.11 13.61
CA ALA F 451 15.83 -2.49 13.36
C ALA F 451 15.15 -3.04 12.11
N HIS F 452 13.82 -2.86 12.02
CA HIS F 452 13.07 -3.31 10.84
C HIS F 452 13.57 -2.60 9.58
N TYR F 453 13.69 -1.28 9.65
CA TYR F 453 14.02 -0.51 8.46
C TYR F 453 15.38 -0.91 7.90
N PHE F 454 16.42 -0.87 8.73
CA PHE F 454 17.71 -1.24 8.15
C PHE F 454 17.89 -2.75 8.03
N ARG F 455 17.01 -3.57 8.62
CA ARG F 455 16.99 -4.98 8.27
C ARG F 455 16.62 -5.15 6.80
N GLU F 456 15.57 -4.45 6.36
CA GLU F 456 15.23 -4.47 4.94
C GLU F 456 16.36 -3.86 4.11
N GLU F 457 16.93 -2.76 4.59
CA GLU F 457 18.05 -2.15 3.88
C GLU F 457 19.23 -3.11 3.73
N PHE F 458 19.45 -3.98 4.71
CA PHE F 458 20.54 -4.93 4.59
C PHE F 458 20.19 -6.11 3.70
N THR F 459 18.93 -6.53 3.70
CA THR F 459 18.49 -7.46 2.65
C THR F 459 18.79 -6.88 1.28
N ALA F 460 18.73 -5.55 1.15
CA ALA F 460 19.13 -4.89 -0.09
C ALA F 460 20.65 -4.85 -0.26
N VAL F 461 21.39 -4.55 0.80
CA VAL F 461 22.80 -4.18 0.68
C VAL F 461 23.77 -5.36 0.73
N HIS F 462 23.36 -6.52 1.26
CA HIS F 462 24.27 -7.65 1.34
C HIS F 462 24.69 -8.14 -0.04
N ARG F 463 23.88 -7.90 -1.07
CA ARG F 463 24.17 -8.40 -2.40
C ARG F 463 25.23 -7.57 -3.12
N CYS F 464 25.52 -6.36 -2.65
CA CYS F 464 26.46 -5.48 -3.32
C CYS F 464 27.90 -5.66 -2.84
N GLY F 465 28.14 -6.58 -1.91
CA GLY F 465 29.48 -6.84 -1.44
C GLY F 465 30.02 -5.80 -0.47
N LEU F 466 29.28 -5.56 0.61
CA LEU F 466 29.69 -4.62 1.64
C LEU F 466 29.64 -5.32 3.00
N ALA F 467 30.65 -5.06 3.82
CA ALA F 467 30.69 -5.63 5.16
C ALA F 467 29.92 -4.73 6.12
N VAL F 468 29.51 -5.33 7.25
CA VAL F 468 28.69 -4.65 8.24
C VAL F 468 29.34 -4.82 9.61
N THR F 469 29.51 -3.70 10.33
CA THR F 469 30.00 -3.72 11.70
C THR F 469 28.98 -2.99 12.58
N VAL F 470 28.68 -3.57 13.73
CA VAL F 470 27.65 -3.07 14.64
C VAL F 470 28.31 -2.63 15.94
N HIS F 471 28.02 -1.41 16.36
CA HIS F 471 28.53 -0.88 17.62
C HIS F 471 27.55 -1.22 18.73
N ALA F 472 28.00 -2.04 19.67
CA ALA F 472 27.21 -2.40 20.85
C ALA F 472 27.63 -1.45 21.97
N GLY F 473 26.83 -0.42 22.20
CA GLY F 473 27.20 0.63 23.13
C GLY F 473 26.68 0.42 24.53
N GLU F 474 25.78 1.30 24.96
CA GLU F 474 25.32 1.29 26.34
C GLU F 474 24.38 0.10 26.60
N ASN F 475 24.39 -0.34 27.86
CA ASN F 475 23.43 -1.29 28.43
C ASN F 475 23.70 -2.70 27.91
N ASP F 476 24.54 -2.81 26.87
CA ASP F 476 25.11 -4.06 26.35
C ASP F 476 24.19 -5.26 26.50
N ASP F 477 22.93 -5.13 26.09
CA ASP F 477 21.96 -6.20 26.31
C ASP F 477 22.26 -7.39 25.41
N ALA F 478 22.03 -8.59 25.94
CA ALA F 478 22.28 -9.81 25.17
C ALA F 478 21.34 -9.95 24.00
N GLU F 479 20.08 -9.51 24.15
CA GLU F 479 19.13 -9.60 23.05
C GLU F 479 19.59 -8.76 21.86
N GLY F 480 20.16 -7.59 22.13
CA GLY F 480 20.68 -6.77 21.04
C GLY F 480 21.79 -7.46 20.27
N ILE F 481 22.70 -8.13 20.99
CA ILE F 481 23.78 -8.84 20.33
C ILE F 481 23.24 -10.02 19.53
N TRP F 482 22.27 -10.74 20.10
CA TRP F 482 21.65 -11.84 19.36
C TRP F 482 21.03 -11.36 18.07
N ARG F 483 20.27 -10.26 18.13
CA ARG F 483 19.64 -9.70 16.94
C ARG F 483 20.68 -9.24 15.93
N ALA F 484 21.74 -8.57 16.41
CA ALA F 484 22.76 -8.08 15.49
C ALA F 484 23.48 -9.22 14.78
N VAL F 485 23.80 -10.29 15.52
CA VAL F 485 24.54 -11.40 14.93
C VAL F 485 23.67 -12.18 13.96
N PHE F 486 22.45 -12.54 14.38
CA PHE F 486 21.64 -13.49 13.63
C PHE F 486 20.60 -12.84 12.74
N ASP F 487 20.46 -11.53 12.75
CA ASP F 487 19.50 -10.90 11.84
C ASP F 487 20.13 -9.85 10.96
N LEU F 488 21.09 -9.09 11.47
CA LEU F 488 21.82 -8.11 10.67
C LEU F 488 23.04 -8.71 9.98
N ASN F 489 23.41 -9.94 10.32
CA ASN F 489 24.53 -10.65 9.70
C ASN F 489 25.82 -9.84 9.79
N ALA F 490 26.08 -9.32 10.98
CA ALA F 490 27.29 -8.55 11.20
C ALA F 490 28.52 -9.46 11.20
N ARG F 491 29.68 -8.84 10.96
CA ARG F 491 30.95 -9.56 10.98
C ARG F 491 31.92 -9.05 12.04
N ARG F 492 31.62 -7.93 12.69
CA ARG F 492 32.43 -7.42 13.78
C ARG F 492 31.52 -6.72 14.78
N LEU F 493 31.96 -6.66 16.03
CA LEU F 493 31.20 -6.02 17.10
C LEU F 493 32.07 -4.98 17.80
N GLY F 494 31.43 -3.88 18.21
CA GLY F 494 32.13 -2.79 18.86
C GLY F 494 31.99 -2.89 20.37
N HIS F 495 33.14 -2.85 21.05
CA HIS F 495 33.18 -2.93 22.51
C HIS F 495 32.51 -4.19 23.02
N ALA F 496 31.30 -4.05 23.57
CA ALA F 496 30.50 -5.18 24.05
C ALA F 496 31.29 -6.06 25.02
N LEU F 497 31.62 -5.44 26.16
CA LEU F 497 32.49 -6.07 27.15
C LEU F 497 31.77 -7.08 28.02
N SER F 498 30.46 -7.20 27.93
CA SER F 498 29.68 -8.11 28.77
C SER F 498 29.22 -9.29 27.90
N LEU F 499 30.06 -10.31 27.82
CA LEU F 499 29.75 -11.51 27.05
C LEU F 499 29.90 -12.80 27.83
N GLY F 500 30.57 -12.79 28.98
CA GLY F 500 30.74 -13.99 29.77
C GLY F 500 29.56 -14.34 30.66
N GLN F 501 28.51 -13.53 30.65
CA GLN F 501 27.32 -13.77 31.44
C GLN F 501 26.32 -14.69 30.75
N SER F 502 26.65 -15.18 29.56
CA SER F 502 25.77 -16.08 28.82
C SER F 502 26.66 -17.02 28.00
N ARG F 503 26.74 -18.28 28.44
CA ARG F 503 27.65 -19.22 27.81
C ARG F 503 27.25 -19.51 26.36
N GLU F 504 25.95 -19.59 26.08
CA GLU F 504 25.50 -19.89 24.73
C GLU F 504 25.95 -18.80 23.75
N LEU F 505 25.76 -17.53 24.12
CA LEU F 505 26.16 -16.44 23.23
C LEU F 505 27.67 -16.42 23.03
N LEU F 506 28.44 -16.62 24.11
CA LEU F 506 29.89 -16.64 23.99
C LEU F 506 30.34 -17.77 23.07
N ARG F 507 29.76 -18.96 23.24
CA ARG F 507 30.15 -20.10 22.40
C ARG F 507 29.81 -19.84 20.94
N SER F 508 28.62 -19.30 20.68
CA SER F 508 28.23 -19.02 19.30
C SER F 508 29.15 -17.99 18.67
N VAL F 509 29.44 -16.91 19.39
CA VAL F 509 30.32 -15.89 18.86
C VAL F 509 31.71 -16.47 18.59
N ALA F 510 32.19 -17.31 19.50
CA ALA F 510 33.51 -17.92 19.32
C ALA F 510 33.55 -18.82 18.08
N ASP F 511 32.51 -19.64 17.89
CA ASP F 511 32.60 -20.62 16.81
C ASP F 511 32.32 -20.00 15.44
N ARG F 512 31.40 -19.03 15.36
CA ARG F 512 31.08 -18.46 14.05
C ARG F 512 32.26 -17.71 13.46
N GLY F 513 33.03 -17.01 14.29
CA GLY F 513 34.19 -16.28 13.83
C GLY F 513 34.07 -14.77 13.86
N ILE F 514 33.07 -14.22 14.53
CA ILE F 514 32.91 -12.78 14.59
C ILE F 514 33.95 -12.18 15.52
N GLY F 515 34.64 -11.15 15.04
CA GLY F 515 35.63 -10.47 15.84
C GLY F 515 35.02 -9.50 16.85
N VAL F 516 35.81 -9.17 17.87
CA VAL F 516 35.41 -8.25 18.92
C VAL F 516 36.50 -7.20 19.08
N GLU F 517 36.10 -5.93 19.13
CA GLU F 517 37.04 -4.82 19.23
C GLU F 517 36.98 -4.23 20.63
N LEU F 518 38.15 -4.02 21.23
CA LEU F 518 38.25 -3.46 22.57
C LEU F 518 39.24 -2.30 22.57
N CYS F 519 38.89 -1.24 23.30
CA CYS F 519 39.75 -0.07 23.45
C CYS F 519 40.09 0.13 24.91
N PRO F 520 41.33 -0.19 25.33
CA PRO F 520 41.65 -0.15 26.76
C PRO F 520 41.46 1.20 27.42
N TYR F 521 42.10 2.24 26.87
CA TYR F 521 42.07 3.56 27.50
C TYR F 521 40.66 4.11 27.55
N ALA F 522 39.92 3.99 26.45
CA ALA F 522 38.55 4.52 26.41
C ALA F 522 37.65 3.78 27.39
N ASN F 523 37.76 2.45 27.45
CA ASN F 523 36.96 1.68 28.40
C ASN F 523 37.29 2.04 29.83
N LEU F 524 38.57 2.24 30.13
CA LEU F 524 38.96 2.63 31.48
C LEU F 524 38.43 4.02 31.83
N GLN F 525 38.48 4.96 30.88
CA GLN F 525 38.07 6.32 31.18
C GLN F 525 36.56 6.47 31.24
N ILE F 526 35.81 5.65 30.51
CA ILE F 526 34.35 5.78 30.48
C ILE F 526 33.72 4.93 31.57
N LYS F 527 33.96 3.62 31.53
CA LYS F 527 33.30 2.72 32.45
C LYS F 527 34.04 2.58 33.78
N GLY F 528 35.35 2.79 33.77
CA GLY F 528 36.13 2.60 34.98
C GLY F 528 36.47 1.14 35.21
N PHE F 529 37.72 0.85 35.56
CA PHE F 529 38.13 -0.54 35.73
C PHE F 529 39.27 -0.59 36.73
N ARG F 530 39.45 -1.76 37.34
CA ARG F 530 40.56 -1.96 38.27
C ARG F 530 41.87 -1.96 37.52
N LEU F 531 42.91 -1.39 38.14
CA LEU F 531 44.21 -1.25 37.51
C LEU F 531 45.28 -1.88 38.38
N ASP F 532 46.24 -2.54 37.73
CA ASP F 532 47.39 -3.14 38.40
C ASP F 532 46.98 -4.16 39.45
N GLY F 533 45.84 -4.82 39.25
CA GLY F 533 45.35 -5.81 40.17
C GLY F 533 44.64 -5.26 41.39
N SER F 534 44.50 -3.94 41.51
CA SER F 534 43.85 -3.34 42.65
C SER F 534 42.71 -2.42 42.21
N ALA F 548 31.31 -1.44 41.92
CA ALA F 548 32.58 -2.15 41.85
C ALA F 548 32.79 -2.77 40.47
N PRO F 549 33.69 -2.17 39.69
CA PRO F 549 33.96 -2.72 38.35
C PRO F 549 34.64 -4.08 38.44
N GLY F 550 34.36 -4.92 37.45
CA GLY F 550 34.95 -6.23 37.38
C GLY F 550 36.29 -6.22 36.68
N PRO F 551 36.92 -7.37 36.57
CA PRO F 551 38.19 -7.46 35.83
C PRO F 551 37.97 -7.25 34.34
N TYR F 552 39.01 -6.81 33.66
CA TYR F 552 38.92 -6.59 32.22
C TYR F 552 38.77 -7.93 31.51
N PRO F 553 37.75 -8.11 30.68
CA PRO F 553 37.48 -9.42 30.07
C PRO F 553 38.27 -9.64 28.78
N LEU F 554 39.59 -9.46 28.86
CA LEU F 554 40.46 -9.69 27.71
C LEU F 554 41.12 -11.06 27.76
N LEU F 555 41.68 -11.44 28.91
CA LEU F 555 42.31 -12.75 29.04
C LEU F 555 41.28 -13.87 28.91
N ASP F 556 40.07 -13.66 29.44
CA ASP F 556 39.03 -14.68 29.34
C ASP F 556 38.65 -14.93 27.89
N TYR F 557 38.51 -13.85 27.11
CA TYR F 557 38.16 -14.02 25.70
C TYR F 557 39.26 -14.75 24.94
N LEU F 558 40.52 -14.41 25.22
CA LEU F 558 41.63 -15.08 24.55
C LEU F 558 41.68 -16.56 24.91
N ARG F 559 41.43 -16.89 26.18
CA ARG F 559 41.42 -18.29 26.60
C ARG F 559 40.26 -19.05 25.95
N GLU F 560 39.09 -18.42 25.84
CA GLU F 560 37.95 -19.12 25.27
C GLU F 560 38.07 -19.31 23.76
N GLY F 561 38.85 -18.46 23.10
CA GLY F 561 39.07 -18.58 21.67
C GLY F 561 38.44 -17.50 20.82
N VAL F 562 37.81 -16.49 21.42
CA VAL F 562 37.24 -15.40 20.64
C VAL F 562 38.34 -14.58 20.00
N ARG F 563 38.01 -13.89 18.91
CA ARG F 563 38.96 -13.05 18.20
C ARG F 563 38.84 -11.63 18.73
N VAL F 564 39.81 -11.21 19.54
CA VAL F 564 39.80 -9.89 20.16
C VAL F 564 40.93 -9.06 19.59
N THR F 565 40.74 -7.74 19.59
CA THR F 565 41.72 -6.80 19.06
C THR F 565 41.84 -5.63 20.03
N VAL F 566 42.93 -4.88 19.86
CA VAL F 566 43.20 -3.68 20.65
C VAL F 566 43.33 -2.51 19.70
N ASN F 567 42.53 -1.46 19.94
CA ASN F 567 42.49 -0.30 19.07
C ASN F 567 42.58 0.98 19.90
N THR F 568 42.69 2.10 19.20
CA THR F 568 42.90 3.40 19.85
C THR F 568 41.62 4.19 20.05
N ASP F 569 40.53 3.84 19.35
CA ASP F 569 39.28 4.59 19.40
C ASP F 569 39.52 6.05 18.98
N ASN F 570 39.71 6.92 19.96
CA ASN F 570 39.98 8.33 19.72
C ASN F 570 41.40 8.66 20.15
N ILE F 571 42.18 9.23 19.24
CA ILE F 571 43.57 9.55 19.54
C ILE F 571 43.71 10.87 20.27
N GLY F 572 42.98 11.90 19.87
CA GLY F 572 43.10 13.20 20.49
C GLY F 572 42.41 13.32 21.83
N ILE F 573 41.21 12.74 21.95
CA ILE F 573 40.47 12.84 23.20
C ILE F 573 41.13 12.03 24.29
N SER F 574 41.53 10.78 23.98
CA SER F 574 42.13 9.91 24.97
C SER F 574 43.62 10.18 25.17
N ALA F 575 44.26 10.90 24.25
CA ALA F 575 45.67 11.27 24.35
C ALA F 575 46.56 10.04 24.58
N ALA F 576 46.40 9.04 23.71
CA ALA F 576 47.19 7.83 23.81
C ALA F 576 47.25 7.15 22.45
N SER F 577 48.45 6.68 22.08
CA SER F 577 48.66 6.00 20.82
C SER F 577 48.41 4.50 20.97
N LEU F 578 48.66 3.77 19.89
CA LEU F 578 48.46 2.32 19.91
C LEU F 578 49.42 1.63 20.87
N THR F 579 50.68 2.07 20.90
CA THR F 579 51.67 1.47 21.80
C THR F 579 51.25 1.65 23.26
N ASP F 580 50.81 2.85 23.61
CA ASP F 580 50.33 3.08 24.97
C ASP F 580 49.12 2.22 25.28
N ASN F 581 48.24 2.03 24.29
CA ASN F 581 47.08 1.17 24.49
C ASN F 581 47.49 -0.27 24.77
N LEU F 582 48.47 -0.78 24.02
CA LEU F 582 48.94 -2.16 24.25
C LEU F 582 49.58 -2.29 25.62
N LEU F 583 50.42 -1.33 26.01
CA LEU F 583 51.05 -1.41 27.33
C LEU F 583 50.02 -1.32 28.44
N LEU F 584 49.04 -0.43 28.30
CA LEU F 584 47.99 -0.34 29.32
C LEU F 584 47.18 -1.62 29.38
N ALA F 585 46.85 -2.20 28.22
CA ALA F 585 46.12 -3.47 28.22
C ALA F 585 46.92 -4.55 28.92
N ALA F 586 48.24 -4.53 28.76
CA ALA F 586 49.09 -5.42 29.55
C ALA F 586 48.94 -5.13 31.03
N ARG F 587 48.85 -3.85 31.40
CA ARG F 587 48.71 -3.50 32.82
C ARG F 587 47.38 -4.01 33.40
N LEU F 588 46.28 -3.86 32.67
CA LEU F 588 44.98 -4.22 33.21
C LEU F 588 44.89 -5.71 33.53
N CYS F 589 45.35 -6.56 32.62
CA CYS F 589 45.26 -8.00 32.81
C CYS F 589 46.63 -8.53 33.19
N PRO F 590 46.87 -8.90 34.44
CA PRO F 590 48.19 -9.43 34.83
C PRO F 590 48.44 -10.79 34.19
N GLY F 591 49.71 -11.08 33.94
CA GLY F 591 50.10 -12.34 33.35
C GLY F 591 50.04 -12.41 31.84
N LEU F 592 49.68 -11.32 31.18
CA LEU F 592 49.64 -11.32 29.72
C LEU F 592 51.05 -11.48 29.17
N THR F 593 51.25 -12.52 28.35
CA THR F 593 52.56 -12.84 27.81
C THR F 593 52.79 -12.08 26.50
N ARG F 594 54.05 -12.09 26.06
CA ARG F 594 54.40 -11.39 24.83
C ARG F 594 53.83 -12.08 23.60
N LEU F 595 53.57 -13.39 23.69
CA LEU F 595 52.95 -14.12 22.59
C LEU F 595 51.53 -13.63 22.31
N ASP F 596 50.84 -13.14 23.35
CA ASP F 596 49.46 -12.72 23.18
C ASP F 596 49.35 -11.48 22.29
N LEU F 597 50.38 -10.63 22.28
CA LEU F 597 50.36 -9.49 21.36
C LEU F 597 50.36 -9.96 19.90
N LEU F 598 51.20 -10.94 19.58
CA LEU F 598 51.21 -11.49 18.23
C LEU F 598 49.90 -12.21 17.93
N HIS F 599 49.31 -12.86 18.94
CA HIS F 599 48.00 -13.47 18.74
C HIS F 599 46.96 -12.42 18.40
N LEU F 600 47.00 -11.28 19.10
CA LEU F 600 46.07 -10.19 18.79
C LEU F 600 46.28 -9.66 17.38
N GLN F 601 47.54 -9.51 16.97
CA GLN F 601 47.80 -9.07 15.60
C GLN F 601 47.27 -10.08 14.58
N ARG F 602 47.44 -11.37 14.85
CA ARG F 602 46.91 -12.39 13.95
C ARG F 602 45.39 -12.32 13.86
N HIS F 603 44.73 -12.13 15.00
CA HIS F 603 43.27 -12.01 14.99
C HIS F 603 42.83 -10.79 14.20
N ALA F 604 43.52 -9.66 14.39
CA ALA F 604 43.19 -8.46 13.63
C ALA F 604 43.38 -8.67 12.14
N LEU F 605 44.45 -9.36 11.75
CA LEU F 605 44.66 -9.66 10.34
C LEU F 605 43.55 -10.54 9.79
N GLU F 606 43.14 -11.56 10.55
CA GLU F 606 42.09 -12.45 10.07
C GLU F 606 40.71 -11.82 10.08
N THR F 607 40.50 -10.74 10.83
CA THR F 607 39.19 -10.12 10.93
C THR F 607 39.05 -8.87 10.08
N ALA F 608 40.04 -8.54 9.26
CA ALA F 608 40.00 -7.33 8.46
C ALA F 608 38.99 -7.46 7.32
N PHE F 609 38.87 -6.39 6.53
CA PHE F 609 37.92 -6.31 5.43
C PHE F 609 38.61 -6.21 4.07
N CYS F 610 39.82 -6.73 3.97
CA CYS F 610 40.58 -6.68 2.73
C CYS F 610 40.28 -7.94 1.90
N THR F 611 41.06 -8.16 0.85
CA THR F 611 40.92 -9.30 -0.03
C THR F 611 42.02 -10.32 0.25
N ALA F 612 41.90 -11.48 -0.40
CA ALA F 612 42.82 -12.59 -0.14
C ALA F 612 44.25 -12.22 -0.51
N THR F 613 44.43 -11.54 -1.65
CA THR F 613 45.77 -11.13 -2.05
C THR F 613 46.39 -10.19 -1.02
N GLN F 614 45.61 -9.21 -0.55
CA GLN F 614 46.11 -8.31 0.48
C GLN F 614 46.33 -9.05 1.79
N ARG F 615 45.51 -10.06 2.08
CA ARG F 615 45.71 -10.84 3.29
C ARG F 615 47.04 -11.58 3.27
N LEU F 616 47.36 -12.23 2.14
CA LEU F 616 48.66 -12.89 2.01
C LEU F 616 49.80 -11.88 2.07
N THR F 617 49.62 -10.74 1.41
CA THR F 617 50.62 -9.67 1.49
C THR F 617 50.89 -9.26 2.94
N LEU F 618 49.84 -9.00 3.71
CA LEU F 618 50.02 -8.54 5.08
C LEU F 618 50.60 -9.64 5.96
N LEU F 619 50.23 -10.89 5.68
CA LEU F 619 50.80 -12.01 6.41
C LEU F 619 52.31 -12.09 6.18
N ARG F 620 52.74 -11.93 4.93
CA ARG F 620 54.17 -11.99 4.64
C ARG F 620 54.88 -10.82 5.32
N ARG F 621 54.25 -9.65 5.30
CA ARG F 621 54.88 -8.47 5.89
C ARG F 621 55.03 -8.60 7.40
N ILE F 622 53.97 -9.03 8.09
CA ILE F 622 54.00 -9.09 9.54
C ILE F 622 54.87 -10.25 10.01
N SER F 623 54.91 -11.34 9.22
CA SER F 623 55.67 -12.51 9.64
C SER F 623 57.18 -12.23 9.64
N SER F 624 57.65 -11.36 8.76
CA SER F 624 59.08 -11.10 8.61
C SER F 624 59.50 -9.76 9.20
N GLY F 625 58.68 -9.16 10.05
CA GLY F 625 59.01 -7.86 10.60
C GLY F 625 59.21 -7.85 12.11
N ILE F 626 58.95 -8.98 12.77
CA ILE F 626 59.02 -9.07 14.22
C ILE F 626 60.48 -8.96 14.66
N PRO F 627 60.81 -7.98 15.51
CA PRO F 627 62.21 -7.84 15.96
C PRO F 627 62.53 -8.83 17.05
N ARG F 628 63.71 -9.44 16.96
CA ARG F 628 64.18 -10.37 17.97
C ARG F 628 64.71 -9.61 19.19
N PRO F 629 64.68 -10.24 20.38
CA PRO F 629 65.22 -9.61 21.58
C PRO F 629 66.73 -9.41 21.53
#